data_1JJK
#
_entry.id   1JJK
#
_cell.length_a   115.5
_cell.length_b   149.0
_cell.length_c   115.6
_cell.angle_alpha   90
_cell.angle_beta   115.3
_cell.angle_gamma   90
#
_symmetry.space_group_name_H-M   'P 1 21 1'
#
loop_
_entity.id
_entity.type
_entity.pdbx_description
1 polymer "OROTIDINE 5'-PHOSPHATE DECARBOXYLASE"
2 non-polymer "6-HYDROXYURIDINE-5'-PHOSPHATE"
#
_entity_poly.entity_id   1
_entity_poly.type   'polypeptide(L)'
_entity_poly.pdbx_seq_one_letter_code
;(MSE)TLTASSSSRAVTNSPVVVALDYHNRDDALAFVDKIDPRDCRLKVGKE(MSE)FTLFGPQFVRELQQRGFDIFLDL
KFHDIPNTAAHAVAAAADLGVW(MSE)VNVHASGGAR(MSE)(MSE)TAAREALVPFGKDAPLLIAVTVLTS(MSE)EAS
DLVDLG(MSE)TLSPADYAERLAALTQKCGLDGVVCSAQEAVRFKQVFGQEFKLVTPGIRPQGSEAGDQRRI(MSE)TPE
QALSAGVDY(MSE)VIGRPVTQSVDPAQTLKAINASLQRSA
;
_entity_poly.pdbx_strand_id   A,B,C,D,E,F,G,H,I,J,K,L,M,N,O,P
#
loop_
_chem_comp.id
_chem_comp.type
_chem_comp.name
_chem_comp.formula
BMP RNA linking 6-HYDROXYURIDINE-5'-PHOSPHATE 'C9 H13 N2 O10 P'
#
# COMPACT_ATOMS: atom_id res chain seq x y z
N VAL A 12 -40.43 -7.36 -38.90
CA VAL A 12 -40.69 -8.83 -39.05
C VAL A 12 -40.50 -9.34 -40.49
N THR A 13 -39.97 -10.55 -40.60
CA THR A 13 -39.72 -11.20 -41.87
C THR A 13 -40.65 -12.39 -41.94
N ASN A 14 -40.60 -13.14 -43.03
CA ASN A 14 -41.45 -14.32 -43.20
C ASN A 14 -40.65 -15.56 -43.48
N SER A 15 -39.46 -15.37 -44.03
CA SER A 15 -38.60 -16.49 -44.35
C SER A 15 -38.20 -17.22 -43.09
N PRO A 16 -38.18 -18.56 -43.16
CA PRO A 16 -37.79 -19.38 -42.00
C PRO A 16 -36.27 -19.41 -41.98
N VAL A 17 -35.68 -18.47 -42.73
CA VAL A 17 -34.25 -18.41 -42.87
C VAL A 17 -33.49 -17.47 -41.97
N VAL A 18 -32.46 -18.06 -41.36
CA VAL A 18 -31.55 -17.37 -40.48
C VAL A 18 -30.22 -17.67 -41.14
N VAL A 19 -29.51 -16.62 -41.53
CA VAL A 19 -28.21 -16.80 -42.16
C VAL A 19 -27.13 -16.72 -41.11
N ALA A 20 -26.29 -17.75 -41.07
CA ALA A 20 -25.19 -17.79 -40.14
C ALA A 20 -24.08 -16.83 -40.58
N LEU A 21 -23.95 -15.71 -39.88
CA LEU A 21 -22.91 -14.74 -40.18
C LEU A 21 -21.58 -15.19 -39.57
N ASP A 22 -20.85 -16.09 -40.21
CA ASP A 22 -19.57 -16.56 -39.67
C ASP A 22 -18.32 -15.99 -40.37
N TYR A 23 -18.23 -14.66 -40.43
CA TYR A 23 -17.11 -13.96 -41.05
C TYR A 23 -15.99 -13.65 -40.03
N HIS A 24 -14.74 -13.62 -40.49
CA HIS A 24 -13.61 -13.31 -39.62
C HIS A 24 -13.28 -11.84 -39.78
N ASN A 25 -14.18 -11.09 -40.39
CA ASN A 25 -13.98 -9.67 -40.63
C ASN A 25 -15.30 -8.91 -40.55
N ARG A 26 -15.32 -7.84 -39.78
CA ARG A 26 -16.54 -7.07 -39.59
C ARG A 26 -17.11 -6.47 -40.87
N ASP A 27 -16.24 -5.82 -41.66
CA ASP A 27 -16.67 -5.20 -42.91
C ASP A 27 -17.21 -6.24 -43.87
N ASP A 28 -16.38 -7.26 -44.12
CA ASP A 28 -16.75 -8.37 -44.98
C ASP A 28 -18.20 -8.72 -44.69
N ALA A 29 -18.52 -8.88 -43.41
CA ALA A 29 -19.86 -9.23 -43.00
C ALA A 29 -20.86 -8.11 -43.21
N LEU A 30 -20.53 -6.93 -42.69
CA LEU A 30 -21.45 -5.81 -42.85
C LEU A 30 -21.78 -5.56 -44.31
N ALA A 31 -20.87 -5.96 -45.21
CA ALA A 31 -21.09 -5.81 -46.65
C ALA A 31 -22.36 -6.58 -46.95
N PHE A 32 -22.28 -7.89 -46.81
CA PHE A 32 -23.41 -8.76 -47.05
C PHE A 32 -24.69 -8.23 -46.42
N VAL A 33 -24.62 -7.85 -45.15
CA VAL A 33 -25.82 -7.38 -44.46
C VAL A 33 -26.53 -6.25 -45.18
N ASP A 34 -25.79 -5.22 -45.57
CA ASP A 34 -26.39 -4.07 -46.28
C ASP A 34 -27.06 -4.48 -47.58
N LYS A 35 -26.53 -5.50 -48.24
CA LYS A 35 -27.09 -6.00 -49.49
C LYS A 35 -28.49 -6.58 -49.26
N ILE A 36 -28.73 -7.13 -48.07
CA ILE A 36 -30.05 -7.70 -47.78
C ILE A 36 -30.91 -6.78 -46.91
N ASP A 37 -32.06 -7.29 -46.47
CA ASP A 37 -32.99 -6.51 -45.65
C ASP A 37 -33.82 -7.48 -44.78
N PRO A 38 -34.07 -7.09 -43.51
CA PRO A 38 -34.84 -7.89 -42.55
C PRO A 38 -35.87 -8.81 -43.18
N ARG A 39 -36.81 -8.19 -43.89
CA ARG A 39 -37.88 -8.90 -44.58
C ARG A 39 -37.40 -10.20 -45.26
N ASP A 40 -36.14 -10.20 -45.67
CA ASP A 40 -35.53 -11.35 -46.35
C ASP A 40 -35.14 -12.52 -45.43
N CYS A 41 -34.59 -12.20 -44.26
CA CYS A 41 -34.16 -13.24 -43.32
C CYS A 41 -33.75 -12.68 -41.96
N ARG A 42 -33.38 -13.59 -41.06
CA ARG A 42 -32.90 -13.23 -39.74
C ARG A 42 -31.40 -13.55 -39.68
N LEU A 43 -30.68 -12.85 -38.82
CA LEU A 43 -29.25 -13.09 -38.69
C LEU A 43 -28.88 -13.88 -37.43
N LYS A 44 -27.83 -14.70 -37.54
CA LYS A 44 -27.37 -15.51 -36.41
C LYS A 44 -25.89 -15.28 -36.10
N VAL A 45 -25.60 -14.56 -35.01
CA VAL A 45 -24.21 -14.33 -34.58
C VAL A 45 -23.81 -15.49 -33.69
N GLY A 46 -22.58 -15.98 -33.84
CA GLY A 46 -22.15 -17.11 -33.05
C GLY A 46 -20.77 -17.00 -32.44
N LYS A 47 -20.23 -18.13 -32.00
CA LYS A 47 -18.95 -18.11 -31.35
C LYS A 47 -17.87 -17.31 -32.06
N GLU A 48 -17.60 -17.63 -33.31
CA GLU A 48 -16.56 -16.90 -34.05
C GLU A 48 -16.72 -15.39 -34.01
N MSE A 49 -17.78 -14.89 -34.63
CA MSE A 49 -17.98 -13.46 -34.68
C MSE A 49 -18.18 -12.78 -33.36
O MSE A 49 -17.84 -11.61 -33.22
CB MSE A 49 -19.13 -13.12 -35.62
CG MSE A 49 -18.76 -13.22 -37.09
SE MSE A 49 -19.86 -12.13 -38.23
CE MSE A 49 -18.87 -10.46 -38.11
N PHE A 50 -18.72 -13.50 -32.36
CA PHE A 50 -18.92 -12.86 -31.06
C PHE A 50 -17.58 -12.75 -30.33
N THR A 51 -16.76 -13.77 -30.41
CA THR A 51 -15.46 -13.74 -29.75
C THR A 51 -14.62 -12.61 -30.33
N LEU A 52 -15.03 -12.12 -31.50
CA LEU A 52 -14.28 -11.06 -32.18
C LEU A 52 -14.83 -9.67 -31.98
N PHE A 53 -16.15 -9.52 -31.98
CA PHE A 53 -16.69 -8.18 -31.87
C PHE A 53 -17.68 -7.96 -30.74
N GLY A 54 -17.85 -8.98 -29.90
CA GLY A 54 -18.74 -8.87 -28.75
C GLY A 54 -20.16 -8.46 -29.02
N PRO A 55 -20.91 -8.09 -27.99
CA PRO A 55 -22.31 -7.69 -28.16
C PRO A 55 -22.42 -6.37 -28.91
N GLN A 56 -21.30 -5.67 -29.03
CA GLN A 56 -21.33 -4.39 -29.73
C GLN A 56 -21.83 -4.61 -31.16
N PHE A 57 -21.26 -5.62 -31.82
CA PHE A 57 -21.62 -5.97 -33.18
C PHE A 57 -23.07 -6.42 -33.24
N VAL A 58 -23.58 -6.99 -32.16
CA VAL A 58 -24.97 -7.43 -32.16
C VAL A 58 -25.88 -6.20 -32.16
N ARG A 59 -25.41 -5.13 -31.53
CA ARG A 59 -26.21 -3.92 -31.47
C ARG A 59 -26.32 -3.32 -32.87
N GLU A 60 -25.21 -3.36 -33.61
CA GLU A 60 -25.18 -2.84 -34.96
C GLU A 60 -26.19 -3.56 -35.85
N LEU A 61 -26.18 -4.89 -35.82
CA LEU A 61 -27.10 -5.67 -36.64
C LEU A 61 -28.54 -5.36 -36.23
N GLN A 62 -28.73 -5.04 -34.95
CA GLN A 62 -30.07 -4.72 -34.46
C GLN A 62 -30.44 -3.30 -34.84
N GLN A 63 -29.44 -2.42 -34.91
CA GLN A 63 -29.64 -1.02 -35.27
C GLN A 63 -30.21 -0.99 -36.68
N ARG A 64 -29.81 -1.98 -37.50
CA ARG A 64 -30.29 -2.08 -38.86
C ARG A 64 -31.64 -2.79 -38.91
N GLY A 65 -32.20 -3.13 -37.75
CA GLY A 65 -33.52 -3.75 -37.72
C GLY A 65 -33.69 -5.26 -37.71
N PHE A 66 -32.65 -6.03 -38.00
CA PHE A 66 -32.80 -7.49 -38.01
C PHE A 66 -32.98 -8.13 -36.64
N ASP A 67 -33.48 -9.36 -36.65
CA ASP A 67 -33.66 -10.16 -35.45
C ASP A 67 -32.41 -10.98 -35.32
N ILE A 68 -31.73 -10.90 -34.18
CA ILE A 68 -30.52 -11.67 -34.01
C ILE A 68 -30.73 -12.90 -33.16
N PHE A 69 -30.00 -13.95 -33.51
CA PHE A 69 -30.03 -15.22 -32.79
C PHE A 69 -28.62 -15.36 -32.26
N LEU A 70 -28.44 -15.09 -30.96
CA LEU A 70 -27.14 -15.19 -30.36
C LEU A 70 -26.90 -16.67 -30.14
N ASP A 71 -25.99 -17.22 -30.94
CA ASP A 71 -25.69 -18.65 -30.91
C ASP A 71 -24.36 -18.90 -30.22
N LEU A 72 -24.44 -19.00 -28.90
CA LEU A 72 -23.28 -19.21 -28.06
C LEU A 72 -23.33 -20.57 -27.37
N LYS A 73 -24.44 -21.27 -27.57
CA LYS A 73 -24.66 -22.61 -27.01
C LYS A 73 -24.09 -22.78 -25.61
N PHE A 74 -24.58 -21.95 -24.68
CA PHE A 74 -24.14 -22.01 -23.30
C PHE A 74 -24.20 -23.47 -22.81
N HIS A 75 -23.16 -23.89 -22.11
CA HIS A 75 -23.06 -25.26 -21.60
C HIS A 75 -22.11 -25.17 -20.39
N ASP A 76 -22.66 -24.70 -19.27
CA ASP A 76 -21.88 -24.49 -18.04
C ASP A 76 -22.63 -25.02 -16.82
N ILE A 77 -22.19 -24.56 -15.64
CA ILE A 77 -22.86 -24.95 -14.40
C ILE A 77 -24.15 -24.11 -14.37
N PRO A 78 -25.20 -24.65 -13.76
CA PRO A 78 -26.49 -23.95 -13.69
C PRO A 78 -26.37 -22.45 -13.42
N ASN A 79 -25.56 -22.09 -12.43
CA ASN A 79 -25.42 -20.69 -12.09
C ASN A 79 -24.97 -19.88 -13.30
N THR A 80 -23.86 -20.29 -13.92
CA THR A 80 -23.33 -19.55 -15.08
C THR A 80 -24.37 -19.45 -16.19
N ALA A 81 -24.98 -20.58 -16.53
CA ALA A 81 -25.98 -20.64 -17.57
C ALA A 81 -27.00 -19.53 -17.41
N ALA A 82 -27.68 -19.54 -16.27
CA ALA A 82 -28.71 -18.55 -16.00
C ALA A 82 -28.19 -17.12 -16.13
N HIS A 83 -27.01 -16.85 -15.62
CA HIS A 83 -26.49 -15.50 -15.70
C HIS A 83 -26.24 -15.13 -17.14
N ALA A 84 -25.68 -16.08 -17.88
CA ALA A 84 -25.38 -15.89 -19.29
C ALA A 84 -26.65 -15.58 -20.05
N VAL A 85 -27.64 -16.45 -19.90
CA VAL A 85 -28.91 -16.28 -20.59
C VAL A 85 -29.47 -14.91 -20.38
N ALA A 86 -29.46 -14.45 -19.13
CA ALA A 86 -29.97 -13.13 -18.82
C ALA A 86 -29.15 -12.02 -19.45
N ALA A 87 -27.84 -12.21 -19.58
CA ALA A 87 -26.99 -11.20 -20.20
C ALA A 87 -27.45 -11.04 -21.64
N ALA A 88 -27.92 -12.15 -22.21
CA ALA A 88 -28.40 -12.15 -23.57
C ALA A 88 -29.74 -11.43 -23.58
N ALA A 89 -30.60 -11.75 -22.61
CA ALA A 89 -31.90 -11.10 -22.51
C ALA A 89 -31.70 -9.58 -22.39
N ASP A 90 -30.56 -9.17 -21.85
CA ASP A 90 -30.25 -7.74 -21.73
C ASP A 90 -29.88 -7.13 -23.09
N LEU A 91 -29.15 -7.90 -23.91
CA LEU A 91 -28.73 -7.45 -25.24
C LEU A 91 -29.95 -7.19 -26.12
N GLY A 92 -31.06 -7.85 -25.80
CA GLY A 92 -32.29 -7.68 -26.54
C GLY A 92 -32.49 -8.68 -27.66
N VAL A 93 -31.53 -9.59 -27.83
CA VAL A 93 -31.60 -10.59 -28.88
C VAL A 93 -32.94 -11.30 -28.93
N TRP A 94 -33.26 -11.70 -30.16
CA TRP A 94 -34.49 -12.37 -30.52
C TRP A 94 -34.57 -13.82 -29.99
N MSE A 95 -33.45 -14.53 -30.10
CA MSE A 95 -33.36 -15.92 -29.68
C MSE A 95 -31.96 -16.22 -29.15
O MSE A 95 -30.97 -15.68 -29.65
CB MSE A 95 -33.68 -16.81 -30.89
CG MSE A 95 -33.14 -18.24 -30.81
SE MSE A 95 -33.85 -19.43 -32.19
CE MSE A 95 -32.83 -18.84 -33.67
N VAL A 96 -31.90 -17.07 -28.12
CA VAL A 96 -30.62 -17.43 -27.51
C VAL A 96 -30.48 -18.94 -27.35
N ASN A 97 -29.23 -19.38 -27.41
CA ASN A 97 -28.80 -20.76 -27.37
C ASN A 97 -28.35 -21.37 -26.03
N VAL A 98 -28.57 -22.67 -25.89
CA VAL A 98 -28.16 -23.43 -24.71
C VAL A 98 -28.02 -24.91 -25.12
N HIS A 99 -27.07 -25.64 -24.52
CA HIS A 99 -26.84 -27.05 -24.85
C HIS A 99 -27.70 -27.98 -23.98
N ALA A 100 -28.54 -28.82 -24.59
CA ALA A 100 -29.36 -29.74 -23.79
C ALA A 100 -28.48 -30.72 -23.00
N SER A 101 -27.36 -31.11 -23.57
CA SER A 101 -26.43 -32.05 -22.92
C SER A 101 -25.94 -31.50 -21.57
N GLY A 102 -26.37 -30.29 -21.25
CA GLY A 102 -25.97 -29.65 -20.01
C GLY A 102 -26.83 -30.01 -18.82
N GLY A 103 -27.88 -30.79 -19.05
CA GLY A 103 -28.73 -31.22 -17.96
C GLY A 103 -29.97 -30.41 -17.64
N ALA A 104 -30.90 -31.08 -16.97
CA ALA A 104 -32.17 -30.50 -16.57
C ALA A 104 -32.01 -29.32 -15.64
N ARG A 105 -31.23 -29.52 -14.57
CA ARG A 105 -31.02 -28.46 -13.61
C ARG A 105 -30.59 -27.20 -14.31
N MSE A 106 -29.56 -27.33 -15.15
CA MSE A 106 -29.04 -26.18 -15.88
C MSE A 106 -30.11 -25.52 -16.74
O MSE A 106 -30.28 -24.31 -16.68
CB MSE A 106 -27.89 -26.59 -16.78
CG MSE A 106 -27.29 -25.42 -17.51
SE MSE A 106 -26.28 -25.92 -19.03
CE MSE A 106 -27.73 -26.01 -20.26
N MSE A 107 -30.80 -26.31 -17.55
CA MSE A 107 -31.83 -25.75 -18.40
C MSE A 107 -32.87 -25.01 -17.59
O MSE A 107 -33.17 -23.85 -17.88
CB MSE A 107 -32.49 -26.86 -19.23
CG MSE A 107 -31.61 -27.36 -20.36
SE MSE A 107 -32.53 -28.27 -21.77
CE MSE A 107 -32.11 -30.08 -21.28
N THR A 108 -33.42 -25.67 -16.57
CA THR A 108 -34.43 -25.03 -15.73
C THR A 108 -33.87 -23.72 -15.19
N ALA A 109 -32.59 -23.74 -14.83
CA ALA A 109 -31.97 -22.54 -14.31
C ALA A 109 -32.08 -21.42 -15.34
N ALA A 110 -31.76 -21.74 -16.59
CA ALA A 110 -31.82 -20.77 -17.67
C ALA A 110 -33.23 -20.23 -17.83
N ARG A 111 -34.21 -21.12 -17.94
CA ARG A 111 -35.59 -20.70 -18.10
C ARG A 111 -35.95 -19.64 -17.09
N GLU A 112 -35.78 -19.98 -15.82
CA GLU A 112 -36.09 -19.08 -14.74
C GLU A 112 -35.41 -17.73 -14.88
N ALA A 113 -34.12 -17.74 -15.21
CA ALA A 113 -33.39 -16.48 -15.37
C ALA A 113 -34.09 -15.51 -16.32
N LEU A 114 -35.03 -16.01 -17.12
CA LEU A 114 -35.73 -15.17 -18.09
C LEU A 114 -37.07 -14.61 -17.65
N VAL A 115 -37.72 -15.27 -16.71
CA VAL A 115 -39.01 -14.79 -16.20
C VAL A 115 -38.98 -13.27 -15.92
N PRO A 116 -37.87 -12.77 -15.38
CA PRO A 116 -37.73 -11.34 -15.07
C PRO A 116 -37.89 -10.41 -16.29
N PHE A 117 -37.74 -10.95 -17.49
CA PHE A 117 -37.85 -10.13 -18.70
C PHE A 117 -39.20 -10.32 -19.38
N GLY A 118 -39.93 -11.33 -18.92
CA GLY A 118 -41.27 -11.63 -19.43
C GLY A 118 -41.50 -11.70 -20.93
N LYS A 119 -42.26 -10.75 -21.44
CA LYS A 119 -42.59 -10.69 -22.85
C LYS A 119 -41.39 -10.29 -23.72
N ASP A 120 -40.40 -9.64 -23.11
CA ASP A 120 -39.20 -9.23 -23.84
C ASP A 120 -38.11 -10.30 -23.84
N ALA A 121 -38.44 -11.45 -23.28
CA ALA A 121 -37.47 -12.53 -23.19
C ALA A 121 -37.19 -13.15 -24.55
N PRO A 122 -35.92 -13.43 -24.84
CA PRO A 122 -35.64 -14.05 -26.13
C PRO A 122 -36.14 -15.47 -26.10
N LEU A 123 -36.09 -16.13 -27.25
CA LEU A 123 -36.55 -17.50 -27.31
C LEU A 123 -35.44 -18.38 -26.78
N LEU A 124 -35.80 -19.29 -25.90
CA LEU A 124 -34.81 -20.17 -25.32
C LEU A 124 -34.89 -21.54 -25.96
N ILE A 125 -33.81 -21.89 -26.65
CA ILE A 125 -33.75 -23.17 -27.32
C ILE A 125 -32.47 -23.90 -26.96
N ALA A 126 -32.56 -25.22 -26.93
CA ALA A 126 -31.42 -26.04 -26.58
C ALA A 126 -30.93 -26.88 -27.75
N VAL A 127 -29.62 -26.93 -27.91
CA VAL A 127 -29.00 -27.70 -28.98
C VAL A 127 -28.99 -29.15 -28.54
N THR A 128 -29.50 -30.04 -29.37
CA THR A 128 -29.51 -31.45 -29.03
C THR A 128 -28.17 -32.06 -29.46
N VAL A 129 -28.15 -32.74 -30.60
CA VAL A 129 -26.91 -33.34 -31.12
C VAL A 129 -26.49 -32.43 -32.26
N LEU A 130 -25.21 -32.07 -32.33
CA LEU A 130 -24.75 -31.20 -33.39
C LEU A 130 -24.88 -31.84 -34.77
N THR A 131 -25.39 -31.08 -35.73
CA THR A 131 -25.57 -31.57 -37.08
C THR A 131 -24.31 -32.13 -37.71
N SER A 132 -23.15 -31.74 -37.19
CA SER A 132 -21.91 -32.24 -37.76
C SER A 132 -21.55 -33.62 -37.21
N MSE A 133 -22.49 -34.31 -36.58
CA MSE A 133 -22.18 -35.62 -36.03
C MSE A 133 -22.98 -36.80 -36.53
O MSE A 133 -24.15 -36.67 -36.90
CB MSE A 133 -22.28 -35.57 -34.50
CG MSE A 133 -21.26 -34.66 -33.84
SE MSE A 133 -21.26 -34.83 -31.93
CE MSE A 133 -22.75 -33.66 -31.47
N GLU A 134 -22.31 -37.95 -36.51
CA GLU A 134 -22.87 -39.23 -36.93
C GLU A 134 -22.60 -40.21 -35.78
N ALA A 135 -23.28 -41.34 -35.78
CA ALA A 135 -23.08 -42.32 -34.70
C ALA A 135 -21.61 -42.66 -34.56
N SER A 136 -20.87 -42.51 -35.64
CA SER A 136 -19.45 -42.80 -35.62
C SER A 136 -18.68 -41.83 -34.73
N ASP A 137 -19.23 -40.62 -34.55
CA ASP A 137 -18.58 -39.62 -33.71
C ASP A 137 -19.02 -39.79 -32.26
N LEU A 138 -20.31 -40.07 -32.08
CA LEU A 138 -20.86 -40.27 -30.75
C LEU A 138 -20.23 -41.52 -30.16
N VAL A 139 -19.70 -42.37 -31.03
CA VAL A 139 -19.07 -43.60 -30.57
C VAL A 139 -17.79 -43.33 -29.80
N ASP A 140 -17.00 -42.33 -30.22
CA ASP A 140 -15.76 -42.03 -29.53
C ASP A 140 -16.05 -41.70 -28.07
N LEU A 141 -17.30 -41.35 -27.79
CA LEU A 141 -17.73 -41.05 -26.42
C LEU A 141 -18.49 -42.33 -26.06
N GLY A 142 -18.79 -42.54 -24.79
CA GLY A 142 -19.50 -43.75 -24.40
C GLY A 142 -20.93 -43.81 -24.93
N MSE A 143 -21.12 -43.41 -26.19
CA MSE A 143 -22.44 -43.39 -26.82
C MSE A 143 -22.69 -44.56 -27.77
O MSE A 143 -22.04 -44.68 -28.81
CB MSE A 143 -22.62 -42.08 -27.59
CG MSE A 143 -24.05 -41.77 -28.01
SE MSE A 143 -25.12 -41.18 -26.51
CE MSE A 143 -24.14 -39.56 -26.10
N THR A 144 -23.67 -45.40 -27.42
CA THR A 144 -24.04 -46.54 -28.24
C THR A 144 -25.27 -46.20 -29.07
N LEU A 145 -26.02 -45.22 -28.60
CA LEU A 145 -27.25 -44.74 -29.26
C LEU A 145 -26.99 -44.35 -30.71
N SER A 146 -27.68 -43.34 -31.19
CA SER A 146 -27.49 -42.89 -32.57
C SER A 146 -27.93 -41.45 -32.63
N PRO A 147 -27.49 -40.72 -33.67
CA PRO A 147 -27.88 -39.32 -33.78
C PRO A 147 -29.36 -39.16 -33.46
N ALA A 148 -30.20 -39.38 -34.45
CA ALA A 148 -31.65 -39.25 -34.28
C ALA A 148 -32.15 -39.72 -32.92
N ASP A 149 -31.73 -40.91 -32.49
CA ASP A 149 -32.18 -41.41 -31.19
C ASP A 149 -31.87 -40.42 -30.10
N TYR A 150 -30.57 -40.28 -29.82
CA TYR A 150 -30.06 -39.40 -28.79
C TYR A 150 -30.67 -38.01 -28.82
N ALA A 151 -30.57 -37.34 -29.96
CA ALA A 151 -31.13 -36.01 -30.08
C ALA A 151 -32.54 -35.98 -29.49
N GLU A 152 -33.33 -37.03 -29.78
CA GLU A 152 -34.70 -37.09 -29.27
C GLU A 152 -34.76 -37.08 -27.75
N ARG A 153 -33.92 -37.89 -27.10
CA ARG A 153 -33.92 -37.91 -25.64
C ARG A 153 -33.69 -36.50 -25.11
N LEU A 154 -32.63 -35.85 -25.62
CA LEU A 154 -32.31 -34.48 -25.21
C LEU A 154 -33.53 -33.60 -25.43
N ALA A 155 -34.08 -33.67 -26.65
CA ALA A 155 -35.24 -32.88 -27.01
C ALA A 155 -36.36 -33.04 -25.99
N ALA A 156 -36.58 -34.28 -25.56
CA ALA A 156 -37.64 -34.57 -24.58
C ALA A 156 -37.39 -33.85 -23.27
N LEU A 157 -36.15 -33.96 -22.79
CA LEU A 157 -35.74 -33.34 -21.55
C LEU A 157 -35.88 -31.82 -21.67
N THR A 158 -35.60 -31.31 -22.86
CA THR A 158 -35.71 -29.88 -23.15
C THR A 158 -37.16 -29.44 -23.08
N GLN A 159 -38.05 -30.29 -23.59
CA GLN A 159 -39.48 -30.06 -23.58
C GLN A 159 -39.89 -29.91 -22.12
N LYS A 160 -39.64 -30.97 -21.36
CA LYS A 160 -39.98 -31.01 -19.96
C LYS A 160 -39.58 -29.78 -19.16
N CYS A 161 -38.37 -29.28 -19.39
CA CYS A 161 -37.91 -28.11 -18.65
C CYS A 161 -38.60 -26.81 -19.00
N GLY A 162 -39.45 -26.83 -20.04
CA GLY A 162 -40.18 -25.63 -20.41
C GLY A 162 -39.56 -24.71 -21.44
N LEU A 163 -38.52 -25.18 -22.11
CA LEU A 163 -37.88 -24.35 -23.12
C LEU A 163 -38.82 -24.25 -24.33
N ASP A 164 -38.63 -23.22 -25.15
CA ASP A 164 -39.46 -22.97 -26.31
C ASP A 164 -39.22 -23.89 -27.51
N GLY A 165 -37.96 -24.28 -27.72
CA GLY A 165 -37.65 -25.15 -28.84
C GLY A 165 -36.36 -25.93 -28.66
N VAL A 166 -35.92 -26.55 -29.74
CA VAL A 166 -34.70 -27.35 -29.73
C VAL A 166 -33.94 -27.13 -31.03
N VAL A 167 -32.67 -27.52 -31.08
CA VAL A 167 -31.90 -27.39 -32.32
C VAL A 167 -31.47 -28.77 -32.72
N CYS A 168 -31.74 -29.11 -33.99
CA CYS A 168 -31.40 -30.42 -34.52
C CYS A 168 -31.28 -30.39 -36.04
N SER A 169 -31.00 -31.56 -36.61
CA SER A 169 -30.89 -31.70 -38.05
C SER A 169 -32.32 -31.75 -38.56
N ALA A 170 -32.53 -31.30 -39.78
CA ALA A 170 -33.88 -31.32 -40.34
C ALA A 170 -34.33 -32.78 -40.54
N GLN A 171 -33.40 -33.71 -40.40
CA GLN A 171 -33.70 -35.14 -40.57
C GLN A 171 -34.34 -35.74 -39.33
N GLU A 172 -34.84 -34.87 -38.45
CA GLU A 172 -35.48 -35.32 -37.21
C GLU A 172 -36.72 -34.46 -36.99
N ALA A 173 -36.83 -33.41 -37.80
CA ALA A 173 -37.92 -32.46 -37.73
C ALA A 173 -39.30 -33.08 -37.92
N VAL A 174 -39.33 -34.36 -38.25
CA VAL A 174 -40.61 -35.01 -38.46
C VAL A 174 -40.96 -35.84 -37.24
N ARG A 175 -40.06 -36.74 -36.86
CA ARG A 175 -40.30 -37.58 -35.69
C ARG A 175 -40.51 -36.67 -34.48
N PHE A 176 -39.82 -35.52 -34.47
CA PHE A 176 -39.94 -34.55 -33.38
C PHE A 176 -41.24 -33.78 -33.45
N LYS A 177 -41.39 -32.98 -34.51
CA LYS A 177 -42.59 -32.17 -34.72
C LYS A 177 -43.79 -33.06 -34.42
N GLN A 178 -43.58 -34.35 -34.65
CA GLN A 178 -44.58 -35.38 -34.38
C GLN A 178 -44.75 -35.54 -32.87
N VAL A 179 -43.72 -36.08 -32.22
CA VAL A 179 -43.73 -36.34 -30.78
C VAL A 179 -43.81 -35.10 -29.88
N PHE A 180 -43.55 -33.92 -30.43
CA PHE A 180 -43.58 -32.71 -29.60
C PHE A 180 -44.60 -31.64 -29.99
N GLY A 181 -45.21 -31.81 -31.16
CA GLY A 181 -46.22 -30.85 -31.60
C GLY A 181 -45.72 -29.58 -32.25
N GLN A 182 -46.63 -28.91 -32.97
CA GLN A 182 -46.30 -27.67 -33.67
C GLN A 182 -45.85 -26.58 -32.71
N GLU A 183 -46.04 -26.83 -31.42
CA GLU A 183 -45.64 -25.87 -30.40
C GLU A 183 -44.14 -25.83 -30.23
N PHE A 184 -43.55 -26.99 -29.96
CA PHE A 184 -42.11 -27.09 -29.77
C PHE A 184 -41.40 -26.68 -31.05
N LYS A 185 -40.93 -25.44 -31.09
CA LYS A 185 -40.23 -24.92 -32.25
C LYS A 185 -38.95 -25.68 -32.58
N LEU A 186 -38.67 -25.84 -33.87
CA LEU A 186 -37.49 -26.55 -34.33
C LEU A 186 -36.63 -25.65 -35.21
N VAL A 187 -35.33 -25.63 -34.95
CA VAL A 187 -34.39 -24.84 -35.74
C VAL A 187 -33.34 -25.79 -36.30
N THR A 188 -33.26 -25.86 -37.63
CA THR A 188 -32.34 -26.79 -38.28
C THR A 188 -31.24 -26.19 -39.14
N PRO A 189 -29.99 -26.50 -38.80
CA PRO A 189 -28.82 -26.01 -39.54
C PRO A 189 -28.41 -27.20 -40.40
N GLY A 190 -27.22 -27.13 -41.01
CA GLY A 190 -26.78 -28.23 -41.84
C GLY A 190 -27.70 -28.34 -43.04
N ILE A 191 -27.87 -27.20 -43.69
CA ILE A 191 -28.74 -27.07 -44.86
C ILE A 191 -27.92 -26.84 -46.12
N ARG A 192 -27.75 -27.90 -46.89
CA ARG A 192 -26.98 -27.84 -48.13
C ARG A 192 -27.92 -27.99 -49.32
N PRO A 193 -28.04 -26.94 -50.13
CA PRO A 193 -28.91 -26.97 -51.31
C PRO A 193 -28.20 -27.61 -52.52
N GLN A 194 -28.45 -28.92 -52.72
CA GLN A 194 -27.91 -29.74 -53.81
C GLN A 194 -26.68 -29.23 -54.57
N GLY A 195 -25.66 -30.10 -54.68
CA GLY A 195 -24.45 -29.70 -55.38
C GLY A 195 -23.79 -28.58 -54.60
N SER A 196 -23.86 -28.72 -53.29
CA SER A 196 -23.30 -27.74 -52.35
C SER A 196 -22.36 -28.52 -51.43
N GLU A 197 -21.14 -28.01 -51.29
CA GLU A 197 -20.14 -28.63 -50.45
C GLU A 197 -20.66 -28.81 -49.02
N ALA A 198 -20.53 -30.02 -48.48
CA ALA A 198 -20.99 -30.31 -47.12
C ALA A 198 -19.95 -29.89 -46.07
N GLY A 199 -18.74 -30.42 -46.20
CA GLY A 199 -17.69 -30.10 -45.25
C GLY A 199 -17.84 -30.95 -44.00
N ASP A 200 -17.72 -30.31 -42.85
CA ASP A 200 -17.83 -31.01 -41.57
C ASP A 200 -19.29 -31.38 -41.28
N GLN A 201 -20.18 -30.84 -42.11
CA GLN A 201 -21.61 -31.08 -41.96
C GLN A 201 -21.92 -32.55 -42.26
N ARG A 202 -22.94 -33.10 -41.62
CA ARG A 202 -23.32 -34.50 -41.86
C ARG A 202 -24.83 -34.71 -42.08
N ARG A 203 -25.62 -34.70 -41.01
CA ARG A 203 -27.07 -34.87 -41.14
C ARG A 203 -27.65 -33.67 -41.93
N ILE A 204 -27.40 -33.67 -43.24
CA ILE A 204 -27.84 -32.60 -44.12
C ILE A 204 -29.23 -32.76 -44.73
N MSE A 205 -29.64 -31.74 -45.47
CA MSE A 205 -30.93 -31.71 -46.14
C MSE A 205 -30.95 -30.39 -46.90
O MSE A 205 -30.16 -29.49 -46.62
CB MSE A 205 -32.05 -31.75 -45.12
CG MSE A 205 -33.41 -32.07 -45.68
SE MSE A 205 -34.30 -33.39 -44.57
CE MSE A 205 -33.15 -34.90 -44.97
N THR A 206 -31.84 -30.27 -47.88
CA THR A 206 -31.88 -29.03 -48.66
C THR A 206 -32.99 -28.15 -48.15
N PRO A 207 -32.92 -26.85 -48.46
CA PRO A 207 -33.96 -25.91 -48.02
C PRO A 207 -35.32 -26.53 -48.22
N GLU A 208 -35.54 -27.05 -49.42
CA GLU A 208 -36.80 -27.66 -49.79
C GLU A 208 -37.19 -28.75 -48.79
N GLN A 209 -36.56 -29.92 -48.90
CA GLN A 209 -36.88 -31.02 -47.99
C GLN A 209 -36.89 -30.62 -46.52
N ALA A 210 -36.21 -29.53 -46.19
CA ALA A 210 -36.18 -29.06 -44.81
C ALA A 210 -37.57 -28.51 -44.50
N LEU A 211 -37.99 -27.53 -45.29
CA LEU A 211 -39.30 -26.93 -45.12
C LEU A 211 -40.36 -28.03 -45.11
N SER A 212 -40.03 -29.16 -45.72
CA SER A 212 -40.93 -30.29 -45.79
C SER A 212 -41.21 -30.93 -44.44
N ALA A 213 -40.15 -31.30 -43.73
CA ALA A 213 -40.28 -31.94 -42.42
C ALA A 213 -41.06 -31.10 -41.40
N GLY A 214 -41.11 -29.79 -41.64
CA GLY A 214 -41.86 -28.91 -40.75
C GLY A 214 -41.01 -28.00 -39.89
N VAL A 215 -39.72 -27.92 -40.16
CA VAL A 215 -38.80 -27.08 -39.40
C VAL A 215 -39.32 -25.64 -39.35
N ASP A 216 -39.24 -25.03 -38.17
CA ASP A 216 -39.69 -23.66 -37.97
C ASP A 216 -38.71 -22.66 -38.58
N TYR A 217 -37.42 -22.90 -38.40
CA TYR A 217 -36.41 -22.02 -38.97
C TYR A 217 -35.25 -22.89 -39.39
N MSE A 218 -34.47 -22.40 -40.34
CA MSE A 218 -33.32 -23.14 -40.84
C MSE A 218 -32.11 -22.23 -40.94
O MSE A 218 -32.21 -21.03 -41.24
CB MSE A 218 -33.66 -23.75 -42.20
CG MSE A 218 -34.22 -22.76 -43.22
SE MSE A 218 -34.82 -23.57 -44.88
CE MSE A 218 -33.11 -23.76 -45.71
N VAL A 219 -30.95 -22.79 -40.66
CA VAL A 219 -29.73 -22.02 -40.68
C VAL A 219 -28.89 -22.31 -41.89
N ILE A 220 -28.76 -21.32 -42.77
CA ILE A 220 -27.94 -21.50 -43.93
C ILE A 220 -26.67 -20.70 -43.68
N GLY A 221 -25.54 -21.42 -43.69
CA GLY A 221 -24.26 -20.78 -43.45
C GLY A 221 -23.50 -20.42 -44.71
N ARG A 222 -22.57 -21.28 -45.07
CA ARG A 222 -21.72 -21.06 -46.22
C ARG A 222 -22.43 -20.99 -47.60
N PRO A 223 -23.39 -21.90 -47.86
CA PRO A 223 -24.08 -21.88 -49.14
C PRO A 223 -24.38 -20.47 -49.59
N VAL A 224 -24.77 -19.63 -48.63
CA VAL A 224 -25.10 -18.23 -48.93
C VAL A 224 -23.90 -17.31 -48.82
N THR A 225 -23.02 -17.57 -47.87
CA THR A 225 -21.88 -16.71 -47.65
C THR A 225 -20.63 -17.03 -48.47
N GLN A 226 -20.50 -18.29 -48.88
CA GLN A 226 -19.35 -18.71 -49.68
C GLN A 226 -19.74 -18.91 -51.13
N SER A 227 -20.58 -18.01 -51.62
CA SER A 227 -21.04 -18.07 -53.00
C SER A 227 -21.00 -16.65 -53.53
N VAL A 228 -20.38 -16.48 -54.70
CA VAL A 228 -20.29 -15.17 -55.32
C VAL A 228 -21.68 -14.57 -55.30
N ASP A 229 -21.75 -13.25 -55.11
CA ASP A 229 -23.03 -12.56 -55.00
C ASP A 229 -23.99 -13.40 -54.15
N PRO A 230 -23.81 -13.35 -52.83
CA PRO A 230 -24.62 -14.09 -51.84
C PRO A 230 -26.04 -13.52 -51.75
N ALA A 231 -26.15 -12.19 -51.75
CA ALA A 231 -27.44 -11.52 -51.68
C ALA A 231 -28.38 -12.22 -52.65
N GLN A 232 -27.84 -12.53 -53.82
CA GLN A 232 -28.57 -13.21 -54.87
C GLN A 232 -29.03 -14.58 -54.38
N THR A 233 -28.07 -15.40 -53.97
CA THR A 233 -28.35 -16.74 -53.49
C THR A 233 -29.43 -16.77 -52.42
N LEU A 234 -29.56 -15.69 -51.65
CA LEU A 234 -30.57 -15.64 -50.61
C LEU A 234 -31.93 -15.54 -51.29
N LYS A 235 -32.11 -14.52 -52.12
CA LYS A 235 -33.37 -14.33 -52.85
C LYS A 235 -33.74 -15.63 -53.55
N ALA A 236 -32.71 -16.29 -54.08
CA ALA A 236 -32.90 -17.56 -54.75
C ALA A 236 -33.56 -18.52 -53.78
N ILE A 237 -32.79 -18.95 -52.77
CA ILE A 237 -33.25 -19.90 -51.77
C ILE A 237 -34.63 -19.57 -51.20
N ASN A 238 -34.95 -18.28 -51.16
CA ASN A 238 -36.27 -17.85 -50.65
C ASN A 238 -37.33 -18.34 -51.60
N ALA A 239 -37.30 -17.80 -52.81
CA ALA A 239 -38.25 -18.18 -53.84
C ALA A 239 -38.32 -19.71 -53.85
N SER A 240 -37.15 -20.34 -53.88
CA SER A 240 -37.04 -21.79 -53.89
C SER A 240 -37.99 -22.39 -52.86
N LEU A 241 -38.16 -21.68 -51.76
CA LEU A 241 -39.03 -22.13 -50.67
C LEU A 241 -40.43 -21.53 -50.75
N GLN A 242 -41.05 -21.63 -51.93
CA GLN A 242 -42.38 -21.09 -52.10
C GLN A 242 -43.16 -21.91 -53.12
N VAL B 12 4.25 -12.78 -14.74
CA VAL B 12 3.97 -14.18 -14.27
C VAL B 12 3.67 -14.25 -12.76
N THR B 13 2.76 -15.15 -12.41
CA THR B 13 2.36 -15.37 -11.03
C THR B 13 2.82 -16.78 -10.67
N ASN B 14 2.55 -17.19 -9.44
CA ASN B 14 2.95 -18.52 -8.98
C ASN B 14 1.77 -19.31 -8.46
N SER B 15 0.75 -18.61 -8.01
CA SER B 15 -0.43 -19.26 -7.49
C SER B 15 -1.11 -20.06 -8.57
N PRO B 16 -1.61 -21.25 -8.22
CA PRO B 16 -2.30 -22.11 -9.17
C PRO B 16 -3.74 -21.61 -9.24
N VAL B 17 -3.93 -20.39 -8.74
CA VAL B 17 -5.24 -19.80 -8.67
C VAL B 17 -5.67 -18.88 -9.79
N VAL B 18 -6.85 -19.19 -10.28
CA VAL B 18 -7.50 -18.44 -11.33
C VAL B 18 -8.83 -18.10 -10.68
N VAL B 19 -9.10 -16.81 -10.55
CA VAL B 19 -10.36 -16.38 -9.95
C VAL B 19 -11.39 -16.16 -11.04
N ALA B 20 -12.53 -16.82 -10.88
CA ALA B 20 -13.62 -16.67 -11.83
C ALA B 20 -14.30 -15.31 -11.64
N LEU B 21 -14.06 -14.40 -12.57
CA LEU B 21 -14.68 -13.08 -12.54
C LEU B 21 -16.11 -13.17 -13.09
N ASP B 22 -17.08 -13.59 -12.29
CA ASP B 22 -18.46 -13.68 -12.77
C ASP B 22 -19.40 -12.58 -12.26
N TYR B 23 -19.02 -11.33 -12.49
CA TYR B 23 -19.81 -10.15 -12.09
C TYR B 23 -20.78 -9.71 -13.19
N HIS B 24 -21.92 -9.14 -12.80
CA HIS B 24 -22.91 -8.65 -13.75
C HIS B 24 -22.70 -7.16 -13.93
N ASN B 25 -21.57 -6.66 -13.47
CA ASN B 25 -21.25 -5.24 -13.56
C ASN B 25 -19.75 -5.04 -13.76
N ARG B 26 -19.39 -4.24 -14.75
CA ARG B 26 -17.99 -4.01 -15.06
C ARG B 26 -17.19 -3.37 -13.91
N ASP B 27 -17.74 -2.31 -13.31
CA ASP B 27 -17.07 -1.61 -12.22
C ASP B 27 -16.89 -2.55 -11.03
N ASP B 28 -18.01 -3.12 -10.60
CA ASP B 28 -18.02 -4.07 -9.50
C ASP B 28 -16.80 -4.97 -9.66
N ALA B 29 -16.61 -5.49 -10.85
CA ALA B 29 -15.49 -6.39 -11.12
C ALA B 29 -14.16 -5.67 -11.13
N LEU B 30 -14.07 -4.58 -11.90
CA LEU B 30 -12.81 -3.86 -11.96
C LEU B 30 -12.36 -3.41 -10.58
N ALA B 31 -13.30 -3.27 -9.66
CA ALA B 31 -12.99 -2.89 -8.28
C ALA B 31 -12.05 -3.97 -7.76
N PHE B 32 -12.60 -5.17 -7.61
CA PHE B 32 -11.84 -6.31 -7.15
C PHE B 32 -10.47 -6.40 -7.83
N VAL B 33 -10.46 -6.32 -9.15
CA VAL B 33 -9.21 -6.45 -9.88
C VAL B 33 -8.12 -5.52 -9.40
N ASP B 34 -8.44 -4.23 -9.28
CA ASP B 34 -7.45 -3.25 -8.82
C ASP B 34 -6.90 -3.56 -7.44
N LYS B 35 -7.73 -4.17 -6.59
CA LYS B 35 -7.32 -4.54 -5.24
C LYS B 35 -6.22 -5.60 -5.29
N ILE B 36 -6.23 -6.46 -6.30
CA ILE B 36 -5.22 -7.50 -6.41
C ILE B 36 -4.12 -7.16 -7.43
N ASP B 37 -3.24 -8.12 -7.70
CA ASP B 37 -2.14 -7.93 -8.64
C ASP B 37 -1.74 -9.27 -9.25
N PRO B 38 -1.42 -9.30 -10.55
CA PRO B 38 -1.02 -10.50 -11.29
C PRO B 38 -0.35 -11.56 -10.44
N ARG B 39 0.77 -11.18 -9.85
CA ARG B 39 1.55 -12.05 -8.97
C ARG B 39 0.67 -12.90 -8.04
N ASP B 40 -0.49 -12.38 -7.68
CA ASP B 40 -1.42 -13.05 -6.79
C ASP B 40 -2.23 -14.19 -7.44
N CYS B 41 -2.70 -13.97 -8.67
CA CYS B 41 -3.50 -14.97 -9.38
C CYS B 41 -3.75 -14.61 -10.84
N ARG B 42 -4.44 -15.51 -11.53
CA ARG B 42 -4.83 -15.31 -12.92
C ARG B 42 -6.34 -15.08 -12.96
N LEU B 43 -6.81 -14.39 -13.99
CA LEU B 43 -8.24 -14.13 -14.11
C LEU B 43 -8.91 -14.99 -15.17
N LYS B 44 -10.17 -15.35 -14.94
CA LYS B 44 -10.94 -16.17 -15.88
C LYS B 44 -12.26 -15.52 -16.29
N VAL B 45 -12.32 -15.00 -17.52
CA VAL B 45 -13.55 -14.39 -18.03
C VAL B 45 -14.38 -15.51 -18.67
N GLY B 46 -15.69 -15.49 -18.46
CA GLY B 46 -16.53 -16.55 -19.00
C GLY B 46 -17.81 -16.10 -19.67
N LYS B 47 -18.72 -17.04 -19.86
CA LYS B 47 -19.95 -16.70 -20.55
C LYS B 47 -20.65 -15.45 -20.08
N GLU B 48 -20.96 -15.36 -18.80
CA GLU B 48 -21.64 -14.18 -18.28
C GLU B 48 -20.96 -12.86 -18.65
N MSE B 49 -19.78 -12.65 -18.12
CA MSE B 49 -19.08 -11.41 -18.36
C MSE B 49 -18.72 -11.16 -19.81
O MSE B 49 -18.63 -9.98 -20.21
CB MSE B 49 -17.85 -11.29 -17.49
CG MSE B 49 -18.17 -10.93 -16.04
SE MSE B 49 -16.71 -10.06 -15.14
CE MSE B 49 -17.05 -8.23 -15.66
N PHE B 50 -18.51 -12.21 -20.60
CA PHE B 50 -18.15 -11.99 -22.00
C PHE B 50 -19.38 -11.57 -22.79
N THR B 51 -20.52 -12.21 -22.51
CA THR B 51 -21.75 -11.86 -23.20
C THR B 51 -22.12 -10.41 -22.92
N LEU B 52 -21.51 -9.86 -21.88
CA LEU B 52 -21.82 -8.48 -21.49
C LEU B 52 -20.83 -7.44 -21.95
N PHE B 53 -19.54 -7.78 -21.94
CA PHE B 53 -18.56 -6.77 -22.33
C PHE B 53 -17.61 -7.15 -23.45
N GLY B 54 -17.84 -8.33 -24.02
CA GLY B 54 -17.02 -8.79 -25.13
C GLY B 54 -15.54 -8.87 -24.90
N PRO B 55 -14.75 -9.01 -25.97
CA PRO B 55 -13.30 -9.11 -25.84
C PRO B 55 -12.69 -7.78 -25.39
N GLN B 56 -13.49 -6.72 -25.46
CA GLN B 56 -12.99 -5.42 -25.07
C GLN B 56 -12.54 -5.47 -23.61
N PHE B 57 -13.39 -6.03 -22.76
CA PHE B 57 -13.12 -6.19 -21.34
C PHE B 57 -11.91 -7.09 -21.14
N VAL B 58 -11.69 -8.04 -22.04
CA VAL B 58 -10.53 -8.92 -21.89
C VAL B 58 -9.27 -8.12 -22.12
N ARG B 59 -9.35 -7.13 -23.00
CA ARG B 59 -8.18 -6.31 -23.28
C ARG B 59 -7.81 -5.49 -22.06
N GLU B 60 -8.83 -4.98 -21.37
CA GLU B 60 -8.62 -4.19 -20.17
C GLU B 60 -7.89 -5.01 -19.10
N LEU B 61 -8.38 -6.22 -18.83
CA LEU B 61 -7.74 -7.07 -17.83
C LEU B 61 -6.31 -7.38 -18.25
N GLN B 62 -6.07 -7.44 -19.55
CA GLN B 62 -4.72 -7.72 -20.05
C GLN B 62 -3.86 -6.48 -19.98
N GLN B 63 -4.49 -5.32 -20.15
CA GLN B 63 -3.80 -4.03 -20.10
C GLN B 63 -3.19 -3.89 -18.70
N ARG B 64 -3.88 -4.47 -17.71
CA ARG B 64 -3.41 -4.43 -16.33
C ARG B 64 -2.38 -5.53 -16.08
N GLY B 65 -2.03 -6.31 -17.12
CA GLY B 65 -1.02 -7.33 -16.95
C GLY B 65 -1.38 -8.78 -16.62
N PHE B 66 -2.61 -9.04 -16.22
CA PHE B 66 -2.98 -10.42 -15.88
C PHE B 66 -3.10 -11.37 -17.06
N ASP B 67 -3.06 -12.66 -16.76
CA ASP B 67 -3.22 -13.71 -17.74
C ASP B 67 -4.69 -14.06 -17.75
N ILE B 68 -5.34 -13.99 -18.89
CA ILE B 68 -6.75 -14.31 -18.94
C ILE B 68 -7.01 -15.69 -19.48
N PHE B 69 -8.05 -16.32 -18.95
CA PHE B 69 -8.50 -17.64 -19.36
C PHE B 69 -9.90 -17.39 -19.90
N LEU B 70 -10.02 -17.36 -21.22
CA LEU B 70 -11.30 -17.13 -21.86
C LEU B 70 -12.05 -18.44 -21.73
N ASP B 71 -13.07 -18.46 -20.88
CA ASP B 71 -13.84 -19.66 -20.60
C ASP B 71 -15.21 -19.58 -21.27
N LEU B 72 -15.22 -19.98 -22.54
CA LEU B 72 -16.42 -19.96 -23.35
C LEU B 72 -16.86 -21.35 -23.72
N LYS B 73 -16.07 -22.34 -23.33
CA LYS B 73 -16.36 -23.76 -23.58
C LYS B 73 -17.01 -24.02 -24.92
N PHE B 74 -16.30 -23.65 -25.98
CA PHE B 74 -16.79 -23.84 -27.33
C PHE B 74 -17.26 -25.30 -27.48
N HIS B 75 -18.41 -25.48 -28.12
CA HIS B 75 -19.02 -26.81 -28.32
C HIS B 75 -19.91 -26.67 -29.55
N ASP B 76 -19.29 -26.67 -30.73
CA ASP B 76 -19.99 -26.47 -32.01
C ASP B 76 -19.53 -27.48 -33.05
N ILE B 77 -19.83 -27.18 -34.31
CA ILE B 77 -19.40 -28.03 -35.42
C ILE B 77 -17.91 -27.74 -35.57
N PRO B 78 -17.14 -28.73 -36.01
CA PRO B 78 -15.68 -28.56 -36.19
C PRO B 78 -15.29 -27.21 -36.79
N ASN B 79 -15.96 -26.82 -37.86
CA ASN B 79 -15.60 -25.56 -38.51
C ASN B 79 -15.69 -24.41 -37.53
N THR B 80 -16.85 -24.25 -36.87
CA THR B 80 -17.04 -23.14 -35.92
C THR B 80 -15.98 -23.16 -34.82
N ALA B 81 -15.79 -24.32 -34.22
CA ALA B 81 -14.83 -24.50 -33.15
C ALA B 81 -13.50 -23.90 -33.51
N ALA B 82 -12.92 -24.39 -34.60
CA ALA B 82 -11.62 -23.91 -35.05
C ALA B 82 -11.59 -22.40 -35.25
N HIS B 83 -12.63 -21.85 -35.85
CA HIS B 83 -12.64 -20.42 -36.09
C HIS B 83 -12.68 -19.68 -34.77
N ALA B 84 -13.50 -20.19 -33.87
CA ALA B 84 -13.66 -19.58 -32.55
C ALA B 84 -12.33 -19.60 -31.84
N VAL B 85 -11.72 -20.77 -31.74
CA VAL B 85 -10.43 -20.90 -31.05
C VAL B 85 -9.44 -19.89 -31.55
N ALA B 86 -9.36 -19.74 -32.86
CA ALA B 86 -8.41 -18.79 -33.44
C ALA B 86 -8.77 -17.35 -33.10
N ALA B 87 -10.06 -17.05 -32.98
CA ALA B 87 -10.48 -15.68 -32.64
C ALA B 87 -9.93 -15.39 -31.25
N ALA B 88 -9.85 -16.44 -30.43
CA ALA B 88 -9.34 -16.31 -29.08
C ALA B 88 -7.84 -16.11 -29.19
N ALA B 89 -7.19 -16.92 -30.03
CA ALA B 89 -5.74 -16.80 -30.23
C ALA B 89 -5.41 -15.38 -30.68
N ASP B 90 -6.36 -14.71 -31.33
CA ASP B 90 -6.15 -13.34 -31.78
C ASP B 90 -6.22 -12.36 -30.61
N LEU B 91 -7.15 -12.62 -29.67
CA LEU B 91 -7.32 -11.78 -28.48
C LEU B 91 -6.06 -11.76 -27.64
N GLY B 92 -5.26 -12.84 -27.77
CA GLY B 92 -4.02 -12.94 -27.04
C GLY B 92 -4.13 -13.68 -25.71
N VAL B 93 -5.34 -14.13 -25.39
CA VAL B 93 -5.58 -14.84 -24.15
C VAL B 93 -4.57 -15.93 -23.88
N TRP B 94 -4.36 -16.15 -22.59
CA TRP B 94 -3.43 -17.11 -22.03
C TRP B 94 -3.88 -18.57 -22.23
N MSE B 95 -5.18 -18.80 -22.01
CA MSE B 95 -5.77 -20.13 -22.11
C MSE B 95 -7.20 -20.03 -22.62
O MSE B 95 -7.92 -19.08 -22.28
CB MSE B 95 -5.71 -20.79 -20.72
CG MSE B 95 -6.72 -21.92 -20.50
SE MSE B 95 -6.42 -22.95 -18.88
CE MSE B 95 -7.11 -21.73 -17.60
N VAL B 96 -7.60 -21.00 -23.43
CA VAL B 96 -8.94 -21.03 -24.00
C VAL B 96 -9.61 -22.38 -23.83
N ASN B 97 -10.93 -22.33 -23.72
CA ASN B 97 -11.82 -23.46 -23.47
C ASN B 97 -12.50 -24.15 -24.65
N VAL B 98 -12.77 -25.44 -24.50
CA VAL B 98 -13.47 -26.24 -25.49
C VAL B 98 -14.09 -27.45 -24.78
N HIS B 99 -15.26 -27.91 -25.24
CA HIS B 99 -15.96 -29.05 -24.62
C HIS B 99 -15.53 -30.38 -25.21
N ALA B 100 -15.00 -31.30 -24.41
CA ALA B 100 -14.59 -32.61 -24.94
C ALA B 100 -15.78 -33.37 -25.54
N SER B 101 -16.95 -33.20 -24.94
CA SER B 101 -18.17 -33.87 -25.40
C SER B 101 -18.49 -33.51 -26.86
N GLY B 102 -17.69 -32.61 -27.42
CA GLY B 102 -17.89 -32.17 -28.79
C GLY B 102 -17.26 -33.06 -29.84
N GLY B 103 -16.55 -34.09 -29.39
CA GLY B 103 -15.94 -35.03 -30.32
C GLY B 103 -14.52 -34.79 -30.78
N ALA B 104 -13.90 -35.88 -31.24
CA ALA B 104 -12.53 -35.87 -31.72
C ALA B 104 -12.31 -34.94 -32.90
N ARG B 105 -13.15 -35.09 -33.91
CA ARG B 105 -13.01 -34.27 -35.09
C ARG B 105 -12.95 -32.81 -34.70
N MSE B 106 -13.92 -32.38 -33.90
CA MSE B 106 -13.98 -30.99 -33.46
C MSE B 106 -12.71 -30.58 -32.73
O MSE B 106 -12.12 -29.55 -33.05
CB MSE B 106 -15.16 -30.77 -32.54
CG MSE B 106 -15.28 -29.33 -32.11
SE MSE B 106 -16.33 -29.09 -30.55
CE MSE B 106 -14.95 -29.41 -29.27
N MSE B 107 -12.30 -31.37 -31.74
CA MSE B 107 -11.11 -31.03 -30.99
C MSE B 107 -9.91 -30.90 -31.91
O MSE B 107 -9.21 -29.88 -31.87
CB MSE B 107 -10.84 -32.08 -29.91
CG MSE B 107 -11.80 -31.98 -28.73
SE MSE B 107 -11.18 -32.83 -27.12
CE MSE B 107 -12.24 -34.43 -27.22
N THR B 108 -9.68 -31.91 -32.73
CA THR B 108 -8.54 -31.87 -33.65
C THR B 108 -8.63 -30.60 -34.49
N ALA B 109 -9.84 -30.25 -34.88
CA ALA B 109 -10.03 -29.05 -35.69
C ALA B 109 -9.49 -27.85 -34.92
N ALA B 110 -9.85 -27.75 -33.64
CA ALA B 110 -9.41 -26.65 -32.81
C ALA B 110 -7.89 -26.61 -32.71
N ARG B 111 -7.29 -27.74 -32.37
CA ARG B 111 -5.84 -27.82 -32.25
C ARG B 111 -5.17 -27.20 -33.45
N GLU B 112 -5.50 -27.73 -34.62
CA GLU B 112 -4.93 -27.25 -35.86
C GLU B 112 -5.11 -25.75 -36.05
N ALA B 113 -6.30 -25.23 -35.79
CA ALA B 113 -6.53 -23.80 -35.94
C ALA B 113 -5.50 -22.95 -35.20
N LEU B 114 -4.77 -23.57 -34.27
CA LEU B 114 -3.78 -22.83 -33.48
C LEU B 114 -2.35 -22.88 -33.98
N VAL B 115 -2.00 -23.92 -34.74
CA VAL B 115 -0.65 -24.04 -35.28
C VAL B 115 -0.16 -22.72 -35.89
N PRO B 116 -1.04 -21.99 -36.58
CA PRO B 116 -0.68 -20.70 -37.20
C PRO B 116 -0.17 -19.64 -36.21
N PHE B 117 -0.44 -19.82 -34.92
CA PHE B 117 0.00 -18.84 -33.92
C PHE B 117 1.23 -19.33 -33.17
N GLY B 118 1.54 -20.61 -33.36
CA GLY B 118 2.70 -21.24 -32.75
C GLY B 118 2.96 -21.06 -31.26
N LYS B 119 4.02 -20.34 -30.95
CA LYS B 119 4.42 -20.09 -29.56
C LYS B 119 3.47 -19.13 -28.86
N ASP B 120 2.74 -18.33 -29.63
CA ASP B 120 1.81 -17.36 -29.06
C ASP B 120 0.41 -17.95 -28.87
N ALA B 121 0.28 -19.25 -29.15
CA ALA B 121 -1.01 -19.91 -29.02
C ALA B 121 -1.42 -20.08 -27.57
N PRO B 122 -2.70 -19.84 -27.28
CA PRO B 122 -3.13 -20.00 -25.90
C PRO B 122 -3.15 -21.48 -25.59
N LEU B 123 -3.38 -21.82 -24.33
CA LEU B 123 -3.44 -23.21 -23.95
C LEU B 123 -4.79 -23.73 -24.31
N LEU B 124 -4.81 -24.88 -24.96
CA LEU B 124 -6.07 -25.47 -25.37
C LEU B 124 -6.45 -26.60 -24.44
N ILE B 125 -7.56 -26.39 -23.73
CA ILE B 125 -8.03 -27.39 -22.79
C ILE B 125 -9.50 -27.68 -23.03
N ALA B 126 -9.88 -28.93 -22.77
CA ALA B 126 -11.24 -29.35 -22.97
C ALA B 126 -11.94 -29.68 -21.67
N VAL B 127 -13.19 -29.24 -21.55
CA VAL B 127 -13.98 -29.49 -20.37
C VAL B 127 -14.53 -30.89 -20.47
N THR B 128 -14.31 -31.70 -19.44
CA THR B 128 -14.82 -33.07 -19.46
C THR B 128 -16.26 -33.05 -18.96
N VAL B 129 -16.48 -33.41 -17.70
CA VAL B 129 -17.82 -33.41 -17.11
C VAL B 129 -17.85 -32.18 -16.21
N LEU B 130 -18.92 -31.41 -16.28
CA LEU B 130 -18.99 -30.21 -15.45
C LEU B 130 -19.05 -30.53 -13.96
N THR B 131 -18.26 -29.80 -13.17
CA THR B 131 -18.20 -30.03 -11.73
C THR B 131 -19.56 -29.95 -11.06
N SER B 132 -20.53 -29.31 -11.69
CA SER B 132 -21.84 -29.21 -11.07
C SER B 132 -22.68 -30.45 -11.31
N MSE B 133 -22.06 -31.54 -11.74
CA MSE B 133 -22.84 -32.74 -12.01
C MSE B 133 -22.48 -33.99 -11.22
O MSE B 133 -21.33 -34.20 -10.84
CB MSE B 133 -22.79 -33.08 -13.50
CG MSE B 133 -23.46 -32.04 -14.38
SE MSE B 133 -23.59 -32.62 -16.21
CE MSE B 133 -21.81 -32.17 -16.85
N GLU B 134 -23.51 -34.82 -11.00
CA GLU B 134 -23.42 -36.09 -10.30
C GLU B 134 -24.06 -37.13 -11.22
N ALA B 135 -23.83 -38.41 -10.95
CA ALA B 135 -24.39 -39.47 -11.78
C ALA B 135 -25.90 -39.29 -11.91
N SER B 136 -26.50 -38.66 -10.91
CA SER B 136 -27.94 -38.43 -10.91
C SER B 136 -28.33 -37.47 -12.03
N ASP B 137 -27.42 -36.61 -12.45
CA ASP B 137 -27.71 -35.64 -13.51
C ASP B 137 -27.42 -36.27 -14.87
N LEU B 138 -26.32 -37.02 -14.94
CA LEU B 138 -25.92 -37.70 -16.17
C LEU B 138 -26.97 -38.74 -16.50
N VAL B 139 -27.74 -39.13 -15.49
CA VAL B 139 -28.77 -40.13 -15.68
C VAL B 139 -29.91 -39.61 -16.54
N ASP B 140 -30.28 -38.34 -16.37
CA ASP B 140 -31.37 -37.77 -17.16
C ASP B 140 -31.05 -37.89 -18.65
N LEU B 141 -29.76 -38.08 -18.96
CA LEU B 141 -29.31 -38.26 -20.33
C LEU B 141 -29.06 -39.76 -20.38
N GLY B 142 -28.91 -40.34 -21.57
CA GLY B 142 -28.68 -41.78 -21.64
C GLY B 142 -27.35 -42.22 -21.05
N MSE B 143 -26.98 -41.64 -19.91
CA MSE B 143 -25.71 -41.95 -19.24
C MSE B 143 -25.84 -42.89 -18.05
O MSE B 143 -26.45 -42.55 -17.04
CB MSE B 143 -25.05 -40.65 -18.78
CG MSE B 143 -23.59 -40.78 -18.38
SE MSE B 143 -22.44 -40.94 -19.95
CE MSE B 143 -22.81 -39.21 -20.73
N THR B 144 -25.23 -44.07 -18.17
CA THR B 144 -25.25 -45.07 -17.11
C THR B 144 -23.94 -45.01 -16.32
N LEU B 145 -22.91 -44.47 -16.97
CA LEU B 145 -21.57 -44.32 -16.38
C LEU B 145 -21.62 -43.56 -15.07
N SER B 146 -20.60 -42.76 -14.80
CA SER B 146 -20.56 -41.99 -13.57
C SER B 146 -19.64 -40.81 -13.80
N PRO B 147 -19.76 -39.78 -12.97
CA PRO B 147 -18.89 -38.61 -13.16
C PRO B 147 -17.47 -39.06 -13.46
N ALA B 148 -16.71 -39.33 -12.40
CA ALA B 148 -15.33 -39.75 -12.54
C ALA B 148 -15.08 -40.66 -13.75
N ASP B 149 -15.91 -41.69 -13.92
CA ASP B 149 -15.71 -42.59 -15.04
C ASP B 149 -15.70 -41.82 -16.35
N TYR B 150 -16.87 -41.30 -16.70
CA TYR B 150 -17.10 -40.55 -17.91
C TYR B 150 -16.03 -39.49 -18.18
N ALA B 151 -15.85 -38.59 -17.22
CA ALA B 151 -14.85 -37.55 -17.37
C ALA B 151 -13.54 -38.15 -17.89
N GLU B 152 -13.17 -39.31 -17.35
CA GLU B 152 -11.93 -39.96 -17.78
C GLU B 152 -11.93 -40.31 -19.27
N ARG B 153 -13.02 -40.89 -19.75
CA ARG B 153 -13.10 -41.23 -21.17
C ARG B 153 -12.85 -39.97 -22.01
N LEU B 154 -13.59 -38.91 -21.70
CA LEU B 154 -13.42 -37.66 -22.40
C LEU B 154 -11.96 -37.22 -22.33
N ALA B 155 -11.42 -37.21 -21.13
CA ALA B 155 -10.05 -36.81 -20.91
C ALA B 155 -9.09 -37.59 -21.80
N ALA B 156 -9.35 -38.89 -21.96
CA ALA B 156 -8.48 -39.73 -22.79
C ALA B 156 -8.54 -39.27 -24.24
N LEU B 157 -9.75 -39.05 -24.73
CA LEU B 157 -9.98 -38.61 -26.10
C LEU B 157 -9.29 -37.26 -26.30
N THR B 158 -9.33 -36.43 -25.27
CA THR B 158 -8.72 -35.10 -25.29
C THR B 158 -7.21 -35.22 -25.41
N GLN B 159 -6.66 -36.19 -24.69
CA GLN B 159 -5.23 -36.48 -24.69
C GLN B 159 -4.86 -36.82 -26.14
N LYS B 160 -5.49 -37.86 -26.65
CA LYS B 160 -5.25 -38.33 -28.01
C LYS B 160 -5.24 -37.25 -29.06
N CYS B 161 -6.18 -36.31 -29.00
CA CYS B 161 -6.24 -35.26 -30.00
C CYS B 161 -5.11 -34.22 -29.91
N GLY B 162 -4.29 -34.32 -28.87
CA GLY B 162 -3.16 -33.41 -28.73
C GLY B 162 -3.38 -32.12 -27.96
N LEU B 163 -4.49 -32.03 -27.24
CA LEU B 163 -4.76 -30.83 -26.47
C LEU B 163 -3.80 -30.80 -25.28
N ASP B 164 -3.58 -29.62 -24.72
CA ASP B 164 -2.65 -29.42 -23.59
C ASP B 164 -3.17 -29.91 -22.24
N GLY B 165 -4.46 -29.78 -22.00
CA GLY B 165 -5.01 -30.22 -20.73
C GLY B 165 -6.49 -30.51 -20.78
N VAL B 166 -7.08 -30.69 -19.60
CA VAL B 166 -8.50 -31.00 -19.49
C VAL B 166 -9.08 -30.23 -18.30
N VAL B 167 -10.40 -30.13 -18.21
CA VAL B 167 -11.02 -29.48 -17.07
C VAL B 167 -11.89 -30.50 -16.38
N CYS B 168 -11.71 -30.62 -15.06
CA CYS B 168 -12.46 -31.58 -14.26
C CYS B 168 -12.49 -31.18 -12.80
N SER B 169 -13.15 -32.02 -12.00
CA SER B 169 -13.24 -31.79 -10.56
C SER B 169 -11.90 -32.23 -9.99
N ALA B 170 -11.48 -31.62 -8.90
CA ALA B 170 -10.20 -31.99 -8.30
C ALA B 170 -10.28 -33.42 -7.77
N GLN B 171 -11.49 -33.98 -7.73
CA GLN B 171 -11.69 -35.35 -7.24
C GLN B 171 -11.36 -36.39 -8.30
N GLU B 172 -10.63 -35.98 -9.32
CA GLU B 172 -10.24 -36.88 -10.40
C GLU B 172 -8.79 -36.57 -10.76
N ALA B 173 -8.29 -35.48 -10.20
CA ALA B 173 -6.93 -35.01 -10.43
C ALA B 173 -5.85 -36.02 -10.06
N VAL B 174 -6.26 -37.12 -9.46
CA VAL B 174 -5.27 -38.12 -9.06
C VAL B 174 -5.29 -39.26 -10.06
N ARG B 175 -6.46 -39.85 -10.26
CA ARG B 175 -6.57 -40.96 -11.21
C ARG B 175 -6.11 -40.47 -12.58
N PHE B 176 -6.36 -39.19 -12.86
CA PHE B 176 -5.96 -38.58 -14.14
C PHE B 176 -4.47 -38.31 -14.19
N LYS B 177 -4.00 -37.41 -13.33
CA LYS B 177 -2.59 -37.05 -13.26
C LYS B 177 -1.80 -38.35 -13.31
N GLN B 178 -2.43 -39.40 -12.82
CA GLN B 178 -1.87 -40.74 -12.80
C GLN B 178 -1.81 -41.28 -14.23
N VAL B 179 -2.99 -41.56 -14.78
CA VAL B 179 -3.15 -42.11 -16.14
C VAL B 179 -2.68 -41.20 -17.28
N PHE B 180 -2.48 -39.92 -17.02
CA PHE B 180 -2.08 -39.01 -18.09
C PHE B 180 -0.73 -38.31 -17.90
N GLY B 181 -0.16 -38.42 -16.70
CA GLY B 181 1.14 -37.81 -16.46
C GLY B 181 1.15 -36.33 -16.11
N GLN B 182 2.26 -35.88 -15.53
CA GLN B 182 2.41 -34.49 -15.14
C GLN B 182 2.33 -33.55 -16.32
N GLU B 183 2.36 -34.12 -17.52
CA GLU B 183 2.29 -33.33 -18.74
C GLU B 183 0.89 -32.79 -18.97
N PHE B 184 -0.08 -33.71 -19.00
CA PHE B 184 -1.46 -33.34 -19.22
C PHE B 184 -1.94 -32.44 -18.09
N LYS B 185 -1.95 -31.14 -18.34
CA LYS B 185 -2.38 -30.16 -17.35
C LYS B 185 -3.82 -30.34 -16.92
N LEU B 186 -4.08 -30.10 -15.63
CA LEU B 186 -5.42 -30.22 -15.08
C LEU B 186 -5.87 -28.93 -14.45
N VAL B 187 -7.09 -28.50 -14.76
CA VAL B 187 -7.65 -27.28 -14.19
C VAL B 187 -8.95 -27.66 -13.48
N THR B 188 -8.99 -27.40 -12.18
CA THR B 188 -10.15 -27.78 -11.36
C THR B 188 -10.93 -26.65 -10.71
N PRO B 189 -12.23 -26.57 -11.01
CA PRO B 189 -13.12 -25.55 -10.45
C PRO B 189 -13.89 -26.30 -9.36
N GLY B 190 -14.95 -25.70 -8.83
CA GLY B 190 -15.71 -26.36 -7.79
C GLY B 190 -14.84 -26.52 -6.57
N ILE B 191 -14.25 -25.39 -6.17
CA ILE B 191 -13.34 -25.33 -5.03
C ILE B 191 -13.97 -24.56 -3.89
N ARG B 192 -14.48 -25.29 -2.91
CA ARG B 192 -15.11 -24.69 -1.75
C ARG B 192 -14.24 -24.89 -0.51
N PRO B 193 -13.72 -23.79 0.05
CA PRO B 193 -12.88 -23.87 1.24
C PRO B 193 -13.71 -23.94 2.54
N GLN B 194 -13.91 -25.16 3.03
CA GLN B 194 -14.67 -25.50 4.25
C GLN B 194 -15.61 -24.44 4.82
N GLY B 195 -16.86 -24.84 5.09
CA GLY B 195 -17.83 -23.91 5.63
C GLY B 195 -18.08 -22.83 4.61
N SER B 196 -18.12 -23.26 3.36
CA SER B 196 -18.35 -22.38 2.21
C SER B 196 -19.53 -22.96 1.44
N GLU B 197 -20.50 -22.09 1.15
CA GLU B 197 -21.70 -22.50 0.42
C GLU B 197 -21.33 -23.16 -0.90
N ALA B 198 -21.90 -24.33 -1.17
CA ALA B 198 -21.64 -25.06 -2.41
C ALA B 198 -22.49 -24.55 -3.57
N GLY B 199 -23.81 -24.58 -3.37
CA GLY B 199 -24.71 -24.13 -4.41
C GLY B 199 -24.94 -25.23 -5.42
N ASP B 200 -24.87 -24.86 -6.70
CA ASP B 200 -25.06 -25.82 -7.78
C ASP B 200 -23.85 -26.72 -7.92
N GLN B 201 -22.78 -26.37 -7.21
CA GLN B 201 -21.54 -27.12 -7.24
C GLN B 201 -21.75 -28.49 -6.62
N ARG B 202 -21.02 -29.50 -7.08
CA ARG B 202 -21.14 -30.85 -6.52
C ARG B 202 -19.79 -31.52 -6.20
N ARG B 203 -19.09 -32.03 -7.22
CA ARG B 203 -17.79 -32.65 -7.00
C ARG B 203 -16.79 -31.60 -6.47
N ILE B 204 -16.97 -31.22 -5.21
CA ILE B 204 -16.14 -30.20 -4.56
C ILE B 204 -14.87 -30.71 -3.88
N MSE B 205 -14.09 -29.77 -3.37
CA MSE B 205 -12.85 -30.03 -2.68
C MSE B 205 -12.34 -28.67 -2.22
O MSE B 205 -12.77 -27.64 -2.74
CB MSE B 205 -11.86 -30.69 -3.63
CG MSE B 205 -10.69 -31.33 -2.94
SE MSE B 205 -10.36 -33.08 -3.70
CE MSE B 205 -11.95 -33.97 -3.02
N THR B 206 -11.42 -28.65 -1.27
CA THR B 206 -10.92 -27.38 -0.78
C THR B 206 -9.59 -27.07 -1.42
N PRO B 207 -9.19 -25.80 -1.41
CA PRO B 207 -7.92 -25.40 -2.01
C PRO B 207 -6.84 -26.40 -1.63
N GLU B 208 -6.77 -26.67 -0.34
CA GLU B 208 -5.80 -27.61 0.22
C GLU B 208 -5.85 -28.95 -0.51
N GLN B 209 -6.84 -29.76 -0.17
CA GLN B 209 -6.97 -31.07 -0.79
C GLN B 209 -6.88 -31.04 -2.32
N ALA B 210 -7.15 -29.89 -2.91
CA ALA B 210 -7.07 -29.75 -4.37
C ALA B 210 -5.59 -29.80 -4.74
N LEU B 211 -4.82 -28.88 -4.16
CA LEU B 211 -3.39 -28.84 -4.40
C LEU B 211 -2.78 -30.21 -4.13
N SER B 212 -3.47 -30.99 -3.30
CA SER B 212 -3.01 -32.32 -2.94
C SER B 212 -3.04 -33.29 -4.11
N ALA B 213 -4.19 -33.41 -4.77
CA ALA B 213 -4.34 -34.33 -5.90
C ALA B 213 -3.36 -34.06 -7.03
N GLY B 214 -2.85 -32.84 -7.09
CA GLY B 214 -1.89 -32.49 -8.13
C GLY B 214 -2.39 -31.55 -9.21
N VAL B 215 -3.57 -30.98 -9.00
CA VAL B 215 -4.15 -30.06 -9.97
C VAL B 215 -3.17 -28.94 -10.32
N ASP B 216 -3.08 -28.61 -11.60
CA ASP B 216 -2.19 -27.55 -12.07
C ASP B 216 -2.73 -26.18 -11.74
N TYR B 217 -4.03 -25.98 -11.92
CA TYR B 217 -4.65 -24.71 -11.60
C TYR B 217 -6.01 -25.01 -11.04
N MSE B 218 -6.53 -24.07 -10.24
CA MSE B 218 -7.84 -24.23 -9.64
C MSE B 218 -8.66 -22.95 -9.79
O MSE B 218 -8.13 -21.83 -9.76
CB MSE B 218 -7.68 -24.61 -8.17
CG MSE B 218 -6.76 -23.67 -7.37
SE MSE B 218 -6.42 -24.27 -5.54
CE MSE B 218 -8.06 -23.66 -4.76
N VAL B 219 -9.95 -23.13 -9.98
CA VAL B 219 -10.83 -21.98 -10.18
C VAL B 219 -11.66 -21.69 -8.97
N ILE B 220 -11.40 -20.55 -8.34
CA ILE B 220 -12.18 -20.18 -7.19
C ILE B 220 -13.11 -19.06 -7.66
N GLY B 221 -14.41 -19.31 -7.55
CA GLY B 221 -15.38 -18.34 -7.97
C GLY B 221 -15.91 -17.46 -6.85
N ARG B 222 -17.08 -17.85 -6.35
CA ARG B 222 -17.74 -17.09 -5.29
C ARG B 222 -17.00 -16.97 -3.94
N PRO B 223 -16.41 -18.08 -3.45
CA PRO B 223 -15.70 -18.03 -2.18
C PRO B 223 -14.91 -16.74 -2.05
N VAL B 224 -14.29 -16.33 -3.14
CA VAL B 224 -13.49 -15.11 -3.16
C VAL B 224 -14.29 -13.86 -3.50
N THR B 225 -15.24 -14.01 -4.42
CA THR B 225 -16.02 -12.86 -4.86
C THR B 225 -17.27 -12.54 -4.04
N GLN B 226 -17.81 -13.56 -3.37
CA GLN B 226 -19.00 -13.37 -2.54
C GLN B 226 -18.64 -13.36 -1.07
N SER B 227 -17.52 -12.73 -0.75
CA SER B 227 -17.04 -12.64 0.62
C SER B 227 -16.57 -11.21 0.82
N VAL B 228 -17.05 -10.60 1.90
CA VAL B 228 -16.65 -9.22 2.22
C VAL B 228 -15.13 -9.17 2.10
N ASP B 229 -14.62 -8.03 1.63
CA ASP B 229 -13.17 -7.87 1.43
C ASP B 229 -12.61 -9.17 0.82
N PRO B 230 -12.83 -9.35 -0.49
CA PRO B 230 -12.36 -10.52 -1.25
C PRO B 230 -10.84 -10.53 -1.42
N ALA B 231 -10.27 -9.36 -1.69
CA ALA B 231 -8.83 -9.20 -1.86
C ALA B 231 -8.15 -9.96 -0.74
N GLN B 232 -8.71 -9.80 0.45
CA GLN B 232 -8.22 -10.44 1.65
C GLN B 232 -8.29 -11.96 1.50
N THR B 233 -9.49 -12.45 1.24
CA THR B 233 -9.73 -13.89 1.09
C THR B 233 -8.78 -14.53 0.07
N LEU B 234 -8.31 -13.75 -0.89
CA LEU B 234 -7.38 -14.29 -1.88
C LEU B 234 -6.06 -14.53 -1.20
N LYS B 235 -5.49 -13.48 -0.60
CA LYS B 235 -4.22 -13.58 0.13
C LYS B 235 -4.29 -14.74 1.09
N ALA B 236 -5.46 -14.87 1.73
CA ALA B 236 -5.70 -15.94 2.67
C ALA B 236 -5.46 -17.26 1.96
N ILE B 237 -6.37 -17.61 1.05
CA ILE B 237 -6.32 -18.85 0.28
C ILE B 237 -4.94 -19.15 -0.29
N ASN B 238 -4.18 -18.11 -0.61
CA ASN B 238 -2.83 -18.29 -1.13
C ASN B 238 -1.96 -18.90 -0.06
N ALA B 239 -1.74 -18.13 1.00
CA ALA B 239 -0.95 -18.59 2.12
C ALA B 239 -1.42 -19.99 2.47
N SER B 240 -2.73 -20.15 2.59
CA SER B 240 -3.34 -21.44 2.92
C SER B 240 -2.70 -22.55 2.09
N LEU B 241 -2.34 -22.20 0.86
CA LEU B 241 -1.73 -23.15 -0.08
C LEU B 241 -0.22 -23.08 -0.06
N GLN B 242 0.38 -23.11 1.13
CA GLN B 242 1.83 -23.05 1.24
C GLN B 242 2.31 -23.85 2.42
N VAL C 12 -27.77 3.62 20.78
CA VAL C 12 -28.01 2.14 20.59
C VAL C 12 -27.82 1.68 19.13
N THR C 13 -27.27 0.48 18.98
CA THR C 13 -27.02 -0.13 17.69
C THR C 13 -27.95 -1.33 17.59
N ASN C 14 -27.87 -2.03 16.46
CA ASN C 14 -28.72 -3.22 16.26
C ASN C 14 -27.91 -4.45 15.94
N SER C 15 -26.72 -4.23 15.39
CA SER C 15 -25.85 -5.33 15.05
C SER C 15 -25.45 -6.11 16.28
N PRO C 16 -25.41 -7.43 16.18
CA PRO C 16 -25.02 -8.29 17.30
C PRO C 16 -23.49 -8.30 17.32
N VAL C 17 -22.92 -7.34 16.62
CA VAL C 17 -21.49 -7.26 16.47
C VAL C 17 -20.73 -6.34 17.41
N VAL C 18 -19.71 -6.95 18.00
CA VAL C 18 -18.81 -6.28 18.89
C VAL C 18 -17.47 -6.54 18.24
N VAL C 19 -16.77 -5.47 17.88
CA VAL C 19 -15.46 -5.62 17.25
C VAL C 19 -14.38 -5.56 18.30
N ALA C 20 -13.54 -6.58 18.32
CA ALA C 20 -12.43 -6.64 19.24
C ALA C 20 -11.33 -5.67 18.84
N LEU C 21 -11.22 -4.56 19.57
CA LEU C 21 -10.18 -3.57 19.31
C LEU C 21 -8.85 -4.03 19.91
N ASP C 22 -8.10 -4.90 19.23
CA ASP C 22 -6.83 -5.38 19.77
C ASP C 22 -5.59 -4.79 19.09
N TYR C 23 -5.51 -3.46 19.06
CA TYR C 23 -4.39 -2.72 18.47
C TYR C 23 -3.27 -2.44 19.50
N HIS C 24 -2.02 -2.37 19.05
CA HIS C 24 -0.90 -2.08 19.93
C HIS C 24 -0.57 -0.61 19.81
N ASN C 25 -1.49 0.15 19.23
CA ASN C 25 -1.29 1.59 19.04
C ASN C 25 -2.63 2.32 19.14
N ARG C 26 -2.65 3.37 19.94
CA ARG C 26 -3.88 4.12 20.16
C ARG C 26 -4.45 4.76 18.89
N ASP C 27 -3.59 5.44 18.13
CA ASP C 27 -4.02 6.10 16.89
C ASP C 27 -4.55 5.08 15.90
N ASP C 28 -3.72 4.08 15.62
CA ASP C 28 -4.07 3.00 14.72
C ASP C 28 -5.52 2.63 15.00
N ALA C 29 -5.84 2.42 16.27
CA ALA C 29 -7.17 2.04 16.67
C ALA C 29 -8.17 3.17 16.50
N LEU C 30 -7.86 4.34 17.04
CA LEU C 30 -8.80 5.45 16.93
C LEU C 30 -9.12 5.74 15.46
N ALA C 31 -8.21 5.37 14.56
CA ALA C 31 -8.43 5.57 13.14
C ALA C 31 -9.70 4.81 12.79
N PHE C 32 -9.59 3.49 12.90
CA PHE C 32 -10.72 2.61 12.64
C PHE C 32 -12.00 3.12 13.28
N VAL C 33 -11.94 3.45 14.55
CA VAL C 33 -13.14 3.89 15.26
C VAL C 33 -13.86 5.04 14.56
N ASP C 34 -13.13 6.09 14.21
CA ASP C 34 -13.73 7.24 13.54
C ASP C 34 -14.41 6.89 12.22
N LYS C 35 -13.86 5.88 11.54
CA LYS C 35 -14.42 5.43 10.27
C LYS C 35 -15.81 4.83 10.48
N ILE C 36 -16.06 4.23 11.64
CA ILE C 36 -17.37 3.64 11.92
C ILE C 36 -18.24 4.52 12.82
N ASP C 37 -19.39 4.00 13.23
CA ASP C 37 -20.33 4.73 14.08
C ASP C 37 -21.14 3.75 14.92
N PRO C 38 -21.40 4.07 16.20
CA PRO C 38 -22.17 3.25 17.13
C PRO C 38 -23.18 2.34 16.47
N ARG C 39 -24.13 2.96 15.78
CA ARG C 39 -25.20 2.27 15.06
C ARG C 39 -24.69 1.00 14.35
N ASP C 40 -23.44 1.02 13.93
CA ASP C 40 -22.82 -0.10 13.21
C ASP C 40 -22.43 -1.28 14.10
N CYS C 41 -21.87 -1.01 15.28
CA CYS C 41 -21.44 -2.07 16.19
C CYS C 41 -21.03 -1.55 17.57
N ARG C 42 -20.66 -2.49 18.43
CA ARG C 42 -20.18 -2.17 19.78
C ARG C 42 -18.68 -2.48 19.82
N LEU C 43 -17.96 -1.81 20.71
CA LEU C 43 -16.53 -2.02 20.83
C LEU C 43 -16.16 -2.85 22.06
N LYS C 44 -15.11 -3.66 21.94
CA LYS C 44 -14.64 -4.50 23.04
C LYS C 44 -13.16 -4.27 23.37
N VAL C 45 -12.88 -3.58 24.48
CA VAL C 45 -11.50 -3.35 24.91
C VAL C 45 -11.08 -4.54 25.77
N GLY C 46 -9.85 -5.01 25.60
CA GLY C 46 -9.41 -6.16 26.36
C GLY C 46 -8.03 -6.07 26.97
N LYS C 47 -7.50 -7.20 27.38
CA LYS C 47 -6.20 -7.19 28.03
C LYS C 47 -5.13 -6.37 27.35
N GLU C 48 -4.86 -6.63 26.09
CA GLU C 48 -3.82 -5.87 25.38
C GLU C 48 -4.01 -4.36 25.47
N MSE C 49 -5.06 -3.87 24.86
CA MSE C 49 -5.27 -2.44 24.85
C MSE C 49 -5.48 -1.80 26.21
O MSE C 49 -5.15 -0.62 26.37
CB MSE C 49 -6.42 -2.06 23.93
CG MSE C 49 -6.04 -2.13 22.44
SE MSE C 49 -7.16 -1.00 21.35
CE MSE C 49 -6.19 0.67 21.53
N PHE C 50 -6.02 -2.54 27.17
CA PHE C 50 -6.22 -1.95 28.50
C PHE C 50 -4.89 -1.85 29.23
N THR C 51 -4.06 -2.87 29.12
CA THR C 51 -2.76 -2.84 29.77
C THR C 51 -1.93 -1.69 29.23
N LEU C 52 -2.34 -1.17 28.08
CA LEU C 52 -1.60 -0.08 27.44
C LEU C 52 -2.16 1.31 27.68
N PHE C 53 -3.49 1.44 27.67
CA PHE C 53 -4.04 2.77 27.84
C PHE C 53 -5.02 2.95 28.97
N GLY C 54 -5.19 1.90 29.78
CA GLY C 54 -6.08 1.97 30.92
C GLY C 54 -7.51 2.37 30.66
N PRO C 55 -8.27 2.70 31.71
CA PRO C 55 -9.66 3.10 31.55
C PRO C 55 -9.79 4.43 30.84
N GLN C 56 -8.67 5.15 30.74
CA GLN C 56 -8.71 6.45 30.08
C GLN C 56 -9.21 6.27 28.64
N PHE C 57 -8.62 5.30 27.94
CA PHE C 57 -8.98 4.98 26.59
C PHE C 57 -10.44 4.52 26.51
N VAL C 58 -10.94 3.91 27.57
CA VAL C 58 -12.32 3.46 27.55
C VAL C 58 -13.23 4.68 27.59
N ARG C 59 -12.79 5.72 28.25
CA ARG C 59 -13.60 6.93 28.34
C ARG C 59 -13.70 7.59 26.97
N GLU C 60 -12.60 7.56 26.24
CA GLU C 60 -12.57 8.14 24.90
C GLU C 60 -13.57 7.43 23.98
N LEU C 61 -13.54 6.10 23.97
CA LEU C 61 -14.45 5.35 23.13
C LEU C 61 -15.89 5.63 23.54
N GLN C 62 -16.10 5.91 24.82
CA GLN C 62 -17.44 6.19 25.31
C GLN C 62 -17.82 7.63 24.99
N GLN C 63 -16.83 8.51 24.96
CA GLN C 63 -17.04 9.92 24.63
C GLN C 63 -17.61 9.99 23.22
N ARG C 64 -17.20 9.04 22.38
CA ARG C 64 -17.67 8.97 21.00
C ARG C 64 -19.03 8.26 20.93
N GLY C 65 -19.57 7.87 22.08
CA GLY C 65 -20.88 7.24 22.09
C GLY C 65 -21.05 5.73 22.05
N PHE C 66 -20.00 4.98 21.75
CA PHE C 66 -20.14 3.52 21.68
C PHE C 66 -20.31 2.83 23.03
N ASP C 67 -20.80 1.60 22.97
CA ASP C 67 -20.98 0.77 24.15
C ASP C 67 -19.72 -0.06 24.26
N ILE C 68 -19.04 0.00 25.40
CA ILE C 68 -17.82 -0.77 25.55
C ILE C 68 -18.03 -2.03 26.36
N PHE C 69 -17.29 -3.06 25.99
CA PHE C 69 -17.31 -4.35 26.65
C PHE C 69 -15.90 -4.50 27.19
N LEU C 70 -15.74 -4.26 28.49
CA LEU C 70 -14.42 -4.37 29.10
C LEU C 70 -14.17 -5.86 29.26
N ASP C 71 -13.25 -6.38 28.45
CA ASP C 71 -12.95 -7.80 28.44
C ASP C 71 -11.61 -8.07 29.13
N LEU C 72 -11.70 -8.20 30.44
CA LEU C 72 -10.54 -8.44 31.28
C LEU C 72 -10.58 -9.80 31.93
N LYS C 73 -11.68 -10.52 31.70
CA LYS C 73 -11.89 -11.88 32.22
C LYS C 73 -11.33 -12.08 33.62
N PHE C 74 -11.82 -11.30 34.56
CA PHE C 74 -11.39 -11.38 35.94
C PHE C 74 -11.44 -12.85 36.38
N HIS C 75 -10.39 -13.30 37.08
CA HIS C 75 -10.27 -14.68 37.54
C HIS C 75 -9.33 -14.62 38.76
N ASP C 76 -9.88 -14.20 39.89
CA ASP C 76 -9.12 -14.01 41.12
C ASP C 76 -9.86 -14.58 42.33
N ILE C 77 -9.43 -14.17 43.52
CA ILE C 77 -10.09 -14.59 44.75
C ILE C 77 -11.38 -13.78 44.80
N PRO C 78 -12.43 -14.35 45.39
CA PRO C 78 -13.72 -13.65 45.48
C PRO C 78 -13.62 -12.17 45.81
N ASN C 79 -12.82 -11.82 46.81
CA ASN C 79 -12.70 -10.44 47.19
C ASN C 79 -12.26 -9.58 46.01
N THR C 80 -11.14 -9.96 45.37
CA THR C 80 -10.62 -9.20 44.24
C THR C 80 -11.65 -9.05 43.13
N ALA C 81 -12.24 -10.18 42.75
CA ALA C 81 -13.25 -10.22 41.70
C ALA C 81 -14.27 -9.12 41.90
N ALA C 82 -14.96 -9.17 43.05
CA ALA C 82 -15.99 -8.20 43.35
C ALA C 82 -15.49 -6.77 43.25
N HIS C 83 -14.31 -6.51 43.78
CA HIS C 83 -13.79 -5.15 43.73
C HIS C 83 -13.55 -4.73 42.32
N ALA C 84 -12.99 -5.65 41.55
CA ALA C 84 -12.68 -5.41 40.15
C ALA C 84 -13.96 -5.09 39.39
N VAL C 85 -14.94 -5.97 39.51
CA VAL C 85 -16.21 -5.79 38.82
C VAL C 85 -16.77 -4.42 39.08
N ALA C 86 -16.77 -4.01 40.34
CA ALA C 86 -17.30 -2.70 40.69
C ALA C 86 -16.49 -1.57 40.09
N ALA C 87 -15.17 -1.76 39.96
CA ALA C 87 -14.33 -0.70 39.38
C ALA C 87 -14.79 -0.51 37.94
N ALA C 88 -15.25 -1.60 37.34
CA ALA C 88 -15.72 -1.56 35.97
C ALA C 88 -17.07 -0.85 35.99
N ALA C 89 -17.93 -1.22 36.94
CA ALA C 89 -19.24 -0.57 37.07
C ALA C 89 -19.05 0.94 37.23
N ASP C 90 -17.91 1.36 37.79
CA ASP C 90 -17.62 2.77 37.94
C ASP C 90 -17.26 3.42 36.61
N LEU C 91 -16.51 2.69 35.77
CA LEU C 91 -16.10 3.19 34.46
C LEU C 91 -17.31 3.47 33.59
N GLY C 92 -18.41 2.78 33.88
CA GLY C 92 -19.65 2.97 33.15
C GLY C 92 -19.84 2.00 31.99
N VAL C 93 -18.88 1.11 31.80
CA VAL C 93 -18.93 0.14 30.72
C VAL C 93 -20.26 -0.58 30.63
N TRP C 94 -20.57 -0.94 29.40
CA TRP C 94 -21.80 -1.62 29.00
C TRP C 94 -21.87 -3.08 29.50
N MSE C 95 -20.75 -3.78 29.36
CA MSE C 95 -20.63 -5.17 29.74
C MSE C 95 -19.24 -5.48 30.27
O MSE C 95 -18.25 -4.92 29.78
CB MSE C 95 -20.95 -6.03 28.51
CG MSE C 95 -20.40 -7.46 28.53
SE MSE C 95 -21.09 -8.61 27.12
CE MSE C 95 -20.08 -7.97 25.66
N VAL C 96 -19.18 -6.36 31.26
CA VAL C 96 -17.90 -6.73 31.87
C VAL C 96 -17.74 -8.24 31.98
N ASN C 97 -16.49 -8.66 31.90
CA ASN C 97 -16.05 -10.06 31.90
C ASN C 97 -15.60 -10.70 33.22
N VAL C 98 -15.81 -12.01 33.32
CA VAL C 98 -15.39 -12.80 34.48
C VAL C 98 -15.24 -14.26 34.03
N HIS C 99 -14.29 -15.00 34.61
CA HIS C 99 -14.04 -16.40 34.23
C HIS C 99 -14.88 -17.37 35.06
N ALA C 100 -15.72 -18.19 34.43
CA ALA C 100 -16.53 -19.15 35.19
C ALA C 100 -15.65 -20.15 35.96
N SER C 101 -14.52 -20.51 35.38
CA SER C 101 -13.58 -21.44 36.00
C SER C 101 -13.10 -20.94 37.36
N GLY C 102 -13.54 -19.74 37.72
CA GLY C 102 -13.14 -19.14 38.98
C GLY C 102 -14.00 -19.55 40.16
N GLY C 103 -15.05 -20.34 39.90
CA GLY C 103 -15.91 -20.81 40.96
C GLY C 103 -17.14 -20.01 41.32
N ALA C 104 -18.07 -20.72 41.97
CA ALA C 104 -19.35 -20.15 42.39
C ALA C 104 -19.19 -19.00 43.36
N ARG C 105 -18.43 -19.23 44.41
CA ARG C 105 -18.23 -18.21 45.41
C ARG C 105 -17.81 -16.91 44.75
N MSE C 106 -16.77 -17.00 43.91
CA MSE C 106 -16.26 -15.84 43.21
C MSE C 106 -17.33 -15.16 42.38
O MSE C 106 -17.52 -13.95 42.47
CB MSE C 106 -15.10 -16.21 42.31
CG MSE C 106 -14.51 -15.01 41.62
SE MSE C 106 -13.49 -15.45 40.08
CE MSE C 106 -14.94 -15.51 38.84
N MSE C 107 -18.01 -15.93 41.54
CA MSE C 107 -19.05 -15.36 40.71
C MSE C 107 -20.10 -14.64 41.54
O MSE C 107 -20.40 -13.47 41.28
CB MSE C 107 -19.70 -16.43 39.83
CG MSE C 107 -18.81 -16.90 38.69
SE MSE C 107 -19.72 -17.77 37.25
CE MSE C 107 -19.28 -19.59 37.68
N THR C 108 -20.64 -15.33 42.54
CA THR C 108 -21.66 -14.74 43.39
C THR C 108 -21.11 -13.45 43.97
N ALA C 109 -19.84 -13.45 44.33
CA ALA C 109 -19.22 -12.27 44.89
C ALA C 109 -19.34 -11.12 43.90
N ALA C 110 -19.02 -11.40 42.64
CA ALA C 110 -19.08 -10.40 41.60
C ALA C 110 -20.50 -9.86 41.45
N ARG C 111 -21.46 -10.75 41.31
CA ARG C 111 -22.85 -10.34 41.15
C ARG C 111 -23.22 -9.32 42.20
N GLU C 112 -23.05 -9.71 43.45
CA GLU C 112 -23.38 -8.84 44.56
C GLU C 112 -22.70 -7.47 44.46
N ALA C 113 -21.41 -7.46 44.14
CA ALA C 113 -20.70 -6.19 44.03
C ALA C 113 -21.40 -5.20 43.10
N LEU C 114 -22.33 -5.69 42.28
CA LEU C 114 -23.03 -4.82 41.34
C LEU C 114 -24.38 -4.28 41.80
N VAL C 115 -25.03 -4.97 42.72
CA VAL C 115 -26.33 -4.52 43.24
C VAL C 115 -26.32 -3.03 43.57
N PRO C 116 -25.21 -2.52 44.13
CA PRO C 116 -25.08 -1.10 44.47
C PRO C 116 -25.24 -0.14 43.30
N PHE C 117 -25.08 -0.64 42.07
CA PHE C 117 -25.21 0.23 40.89
C PHE C 117 -26.55 0.05 40.20
N GLY C 118 -27.28 -0.98 40.62
CA GLY C 118 -28.61 -1.28 40.10
C GLY C 118 -28.83 -1.31 38.60
N LYS C 119 -29.60 -0.34 38.12
CA LYS C 119 -29.94 -0.25 36.70
C LYS C 119 -28.74 0.19 35.86
N ASP C 120 -27.74 0.82 36.49
CA ASP C 120 -26.56 1.28 35.77
C ASP C 120 -25.46 0.21 35.75
N ALA C 121 -25.77 -0.96 36.27
CA ALA C 121 -24.80 -2.03 36.32
C ALA C 121 -24.51 -2.60 34.94
N PRO C 122 -23.23 -2.88 34.65
CA PRO C 122 -22.94 -3.44 33.33
C PRO C 122 -23.43 -4.87 33.32
N LEU C 123 -23.38 -5.49 32.16
CA LEU C 123 -23.82 -6.87 32.05
C LEU C 123 -22.70 -7.74 32.55
N LEU C 124 -23.06 -8.69 33.41
CA LEU C 124 -22.06 -9.57 33.96
C LEU C 124 -22.12 -10.92 33.28
N ILE C 125 -21.04 -11.25 32.58
CA ILE C 125 -20.97 -12.50 31.86
C ILE C 125 -19.69 -13.23 32.20
N ALA C 126 -19.77 -14.56 32.21
CA ALA C 126 -18.62 -15.38 32.52
C ALA C 126 -18.12 -16.17 31.32
N VAL C 127 -16.81 -16.20 31.17
CA VAL C 127 -16.18 -16.94 30.08
C VAL C 127 -16.16 -18.40 30.47
N THR C 128 -16.66 -19.27 29.61
CA THR C 128 -16.66 -20.69 29.90
C THR C 128 -15.31 -21.27 29.45
N VAL C 129 -15.28 -21.92 28.30
CA VAL C 129 -14.04 -22.49 27.76
C VAL C 129 -13.62 -21.54 26.65
N LEU C 130 -12.35 -21.17 26.60
CA LEU C 130 -11.90 -20.25 25.57
C LEU C 130 -12.01 -20.85 24.17
N THR C 131 -12.53 -20.06 23.23
CA THR C 131 -12.71 -20.52 21.85
C THR C 131 -11.43 -21.05 21.23
N SER C 132 -10.28 -20.67 21.75
CA SER C 132 -9.03 -21.14 21.17
C SER C 132 -8.66 -22.53 21.68
N MSE C 133 -9.60 -23.24 22.28
CA MSE C 133 -9.27 -24.55 22.80
C MSE C 133 -10.06 -25.74 22.25
O MSE C 133 -11.23 -25.61 21.88
CB MSE C 133 -9.38 -24.57 24.32
CG MSE C 133 -8.37 -23.68 25.01
SE MSE C 133 -8.38 -23.89 26.93
CE MSE C 133 -9.88 -22.76 27.41
N GLU C 134 -9.39 -26.89 22.23
CA GLU C 134 -9.94 -28.16 21.78
C GLU C 134 -9.66 -29.16 22.90
N ALA C 135 -10.32 -30.31 22.86
CA ALA C 135 -10.13 -31.31 23.90
C ALA C 135 -8.65 -31.65 24.05
N SER C 136 -7.91 -31.46 22.96
CA SER C 136 -6.48 -31.74 22.97
C SER C 136 -5.73 -30.79 23.90
N ASP C 137 -6.28 -29.59 24.12
CA ASP C 137 -5.65 -28.61 24.99
C ASP C 137 -6.09 -28.83 26.43
N LEU C 138 -7.37 -29.13 26.60
CA LEU C 138 -7.93 -29.38 27.93
C LEU C 138 -7.30 -30.64 28.48
N VAL C 139 -6.75 -31.44 27.59
CA VAL C 139 -6.12 -32.68 28.00
C VAL C 139 -4.82 -32.44 28.78
N ASP C 140 -4.06 -31.42 28.39
CA ASP C 140 -2.81 -31.12 29.10
C ASP C 140 -3.10 -30.84 30.57
N LEU C 141 -4.36 -30.52 30.86
CA LEU C 141 -4.81 -30.26 32.23
C LEU C 141 -5.55 -31.56 32.55
N GLY C 142 -5.85 -31.81 33.82
CA GLY C 142 -6.55 -33.04 34.16
C GLY C 142 -7.98 -33.11 33.62
N MSE C 143 -8.17 -32.65 32.38
CA MSE C 143 -9.49 -32.63 31.75
C MSE C 143 -9.73 -33.77 30.76
O MSE C 143 -9.07 -33.86 29.72
CB MSE C 143 -9.68 -31.30 31.01
CG MSE C 143 -11.11 -30.99 30.61
SE MSE C 143 -12.19 -30.46 32.13
CE MSE C 143 -11.22 -28.85 32.58
N THR C 144 -10.69 -34.62 31.09
CA THR C 144 -11.06 -35.75 30.22
C THR C 144 -12.29 -35.39 29.41
N LEU C 145 -13.06 -34.42 29.90
CA LEU C 145 -14.28 -33.94 29.26
C LEU C 145 -14.02 -33.51 27.82
N SER C 146 -14.72 -32.48 27.37
CA SER C 146 -14.53 -31.99 26.02
C SER C 146 -14.98 -30.55 25.99
N PRO C 147 -14.54 -29.78 24.98
CA PRO C 147 -14.95 -28.39 24.91
C PRO C 147 -16.43 -28.25 25.23
N ALA C 148 -17.27 -28.44 24.23
CA ALA C 148 -18.71 -28.33 24.40
C ALA C 148 -19.22 -28.86 25.75
N ASP C 149 -18.79 -30.05 26.14
CA ASP C 149 -19.23 -30.60 27.42
C ASP C 149 -18.93 -29.64 28.55
N TYR C 150 -17.64 -29.50 28.83
CA TYR C 150 -17.14 -28.64 29.89
C TYR C 150 -17.76 -27.26 29.91
N ALA C 151 -17.66 -26.55 28.79
CA ALA C 151 -18.24 -25.22 28.70
C ALA C 151 -19.65 -25.23 29.29
N GLU C 152 -20.43 -26.27 28.97
CA GLU C 152 -21.79 -26.35 29.47
C GLU C 152 -21.86 -26.39 31.00
N ARG C 153 -21.01 -27.21 31.62
CA ARG C 153 -21.02 -27.29 33.07
C ARG C 153 -20.80 -25.89 33.65
N LEU C 154 -19.75 -25.22 33.17
CA LEU C 154 -19.45 -23.87 33.62
C LEU C 154 -20.66 -22.98 33.42
N ALA C 155 -21.21 -23.02 32.21
CA ALA C 155 -22.37 -22.22 31.87
C ALA C 155 -23.50 -22.44 32.88
N ALA C 156 -23.70 -23.69 33.28
CA ALA C 156 -24.77 -24.01 34.23
C ALA C 156 -24.52 -23.34 35.57
N LEU C 157 -23.28 -23.46 36.04
CA LEU C 157 -22.88 -22.87 37.31
C LEU C 157 -23.04 -21.35 37.23
N THR C 158 -22.76 -20.80 36.06
CA THR C 158 -22.89 -19.36 35.81
C THR C 158 -24.34 -18.93 35.90
N GLN C 159 -25.21 -19.77 35.36
CA GLN C 159 -26.65 -19.54 35.37
C GLN C 159 -27.07 -19.46 36.83
N LYS C 160 -26.81 -20.54 37.56
CA LYS C 160 -27.15 -20.63 38.97
C LYS C 160 -26.76 -19.43 39.80
N CYS C 161 -25.55 -18.90 39.59
CA CYS C 161 -25.10 -17.76 40.37
C CYS C 161 -25.82 -16.44 40.06
N GLY C 162 -26.65 -16.44 39.02
CA GLY C 162 -27.41 -15.24 38.68
C GLY C 162 -26.78 -14.28 37.69
N LEU C 163 -25.74 -14.72 37.00
CA LEU C 163 -25.10 -13.85 36.01
C LEU C 163 -26.04 -13.73 34.81
N ASP C 164 -25.85 -12.66 34.03
CA ASP C 164 -26.70 -12.38 32.86
C ASP C 164 -26.43 -13.27 31.64
N GLY C 165 -25.17 -13.64 31.42
CA GLY C 165 -24.85 -14.46 30.28
C GLY C 165 -23.56 -15.24 30.43
N VAL C 166 -23.11 -15.83 29.34
CA VAL C 166 -21.89 -16.62 29.33
C VAL C 166 -21.11 -16.34 28.02
N VAL C 167 -19.85 -16.71 27.97
CA VAL C 167 -19.08 -16.54 26.74
C VAL C 167 -18.64 -17.91 26.28
N CYS C 168 -18.90 -18.21 25.02
CA CYS C 168 -18.54 -19.50 24.44
C CYS C 168 -18.43 -19.43 22.92
N SER C 169 -18.12 -20.58 22.32
CA SER C 169 -18.02 -20.66 20.87
C SER C 169 -19.43 -20.71 20.36
N ALA C 170 -19.67 -20.22 19.15
CA ALA C 170 -21.01 -20.24 18.60
C ALA C 170 -21.45 -21.69 18.35
N GLN C 171 -20.50 -22.62 18.45
CA GLN C 171 -20.80 -24.04 18.25
C GLN C 171 -21.43 -24.69 19.47
N GLU C 172 -21.95 -23.86 20.37
CA GLU C 172 -22.58 -24.35 21.59
C GLU C 172 -23.83 -23.50 21.84
N ALA C 173 -23.93 -22.43 21.05
CA ALA C 173 -25.04 -21.48 21.15
C ALA C 173 -26.41 -22.11 20.94
N VAL C 174 -26.43 -23.39 20.57
CA VAL C 174 -27.70 -24.04 20.34
C VAL C 174 -28.05 -24.91 21.53
N ARG C 175 -27.14 -25.82 21.89
CA ARG C 175 -27.39 -26.68 23.03
C ARG C 175 -27.61 -25.82 24.27
N PHE C 176 -26.92 -24.68 24.32
CA PHE C 176 -27.04 -23.74 25.44
C PHE C 176 -28.36 -22.97 25.38
N LYS C 177 -28.51 -22.15 24.34
CA LYS C 177 -29.71 -21.34 24.17
C LYS C 177 -30.91 -22.25 24.43
N GLN C 178 -30.70 -23.53 24.17
CA GLN C 178 -31.68 -24.58 24.39
C GLN C 178 -31.86 -24.79 25.90
N VAL C 179 -30.83 -25.34 26.54
CA VAL C 179 -30.84 -25.64 27.96
C VAL C 179 -30.92 -24.44 28.90
N PHE C 180 -30.68 -23.23 28.40
CA PHE C 180 -30.71 -22.05 29.26
C PHE C 180 -31.74 -20.98 28.90
N GLY C 181 -32.35 -21.11 27.73
CA GLY C 181 -33.37 -20.15 27.32
C GLY C 181 -32.88 -18.86 26.71
N GLN C 182 -33.79 -18.18 26.01
CA GLN C 182 -33.47 -16.91 25.35
C GLN C 182 -33.03 -15.85 26.34
N GLU C 183 -33.21 -16.14 27.62
CA GLU C 183 -32.83 -15.20 28.67
C GLU C 183 -31.33 -15.15 28.85
N PHE C 184 -30.74 -16.32 29.09
CA PHE C 184 -29.29 -16.41 29.27
C PHE C 184 -28.58 -15.96 28.01
N LYS C 185 -28.12 -14.72 28.01
CA LYS C 185 -27.42 -14.15 26.87
C LYS C 185 -26.14 -14.89 26.52
N LEU C 186 -25.86 -15.01 25.23
CA LEU C 186 -24.66 -15.69 24.75
C LEU C 186 -23.82 -14.77 23.89
N VAL C 187 -22.51 -14.74 24.16
CA VAL C 187 -21.58 -13.91 23.40
C VAL C 187 -20.52 -14.84 22.81
N THR C 188 -20.43 -14.86 21.48
CA THR C 188 -19.51 -15.76 20.79
C THR C 188 -18.41 -15.11 19.97
N PRO C 189 -17.16 -15.43 20.30
CA PRO C 189 -16.00 -14.91 19.58
C PRO C 189 -15.57 -16.07 18.68
N GLY C 190 -14.38 -15.98 18.07
CA GLY C 190 -13.92 -17.04 17.20
C GLY C 190 -14.85 -17.12 16.01
N ILE C 191 -15.03 -15.96 15.39
CA ILE C 191 -15.89 -15.80 14.22
C ILE C 191 -15.08 -15.53 12.98
N ARG C 192 -14.89 -16.56 12.17
CA ARG C 192 -14.12 -16.45 10.94
C ARG C 192 -15.05 -16.58 9.73
N PRO C 193 -15.19 -15.49 8.96
CA PRO C 193 -16.05 -15.50 7.78
C PRO C 193 -15.34 -16.09 6.55
N GLN C 194 -15.58 -17.39 6.31
CA GLN C 194 -15.02 -18.19 5.20
C GLN C 194 -13.79 -17.64 4.45
N GLY C 195 -12.77 -18.49 4.32
CA GLY C 195 -11.56 -18.06 3.63
C GLY C 195 -10.91 -16.96 4.44
N SER C 196 -10.98 -17.14 5.76
CA SER C 196 -10.43 -16.19 6.72
C SER C 196 -9.49 -16.98 7.62
N GLU C 197 -8.27 -16.46 7.78
CA GLU C 197 -7.27 -17.11 8.60
C GLU C 197 -7.79 -17.33 10.02
N ALA C 198 -7.65 -18.56 10.52
CA ALA C 198 -8.10 -18.90 11.88
C ALA C 198 -7.08 -18.51 12.94
N GLY C 199 -5.87 -19.02 12.80
CA GLY C 199 -4.83 -18.72 13.76
C GLY C 199 -4.96 -19.61 14.98
N ASP C 200 -4.85 -19.00 16.16
CA ASP C 200 -4.96 -19.75 17.40
C ASP C 200 -6.41 -20.14 17.68
N GLN C 201 -7.31 -19.58 16.88
CA GLN C 201 -8.73 -19.84 17.01
C GLN C 201 -9.02 -21.30 16.67
N ARG C 202 -10.05 -21.88 17.28
CA ARG C 202 -10.41 -23.28 17.00
C ARG C 202 -11.92 -23.49 16.77
N ARG C 203 -12.71 -23.52 17.84
CA ARG C 203 -14.16 -23.69 17.69
C ARG C 203 -14.75 -22.49 16.95
N ILE C 204 -14.50 -22.44 15.64
CA ILE C 204 -14.95 -21.34 14.79
C ILE C 204 -16.33 -21.50 14.17
N MSE C 205 -16.76 -20.46 13.47
CA MSE C 205 -18.04 -20.42 12.79
C MSE C 205 -18.07 -19.06 12.07
O MSE C 205 -17.29 -18.18 12.39
CB MSE C 205 -19.17 -20.49 13.81
CG MSE C 205 -20.51 -20.81 13.23
SE MSE C 205 -21.40 -22.17 14.30
CE MSE C 205 -20.23 -23.66 13.85
N THR C 206 -18.96 -18.92 11.10
CA THR C 206 -19.01 -17.68 10.36
C THR C 206 -20.13 -16.82 10.89
N PRO C 207 -20.07 -15.50 10.62
CA PRO C 207 -21.11 -14.59 11.09
C PRO C 207 -22.48 -15.20 10.87
N GLU C 208 -22.69 -15.68 9.65
CA GLU C 208 -23.93 -16.31 9.26
C GLU C 208 -24.33 -17.43 10.22
N GLN C 209 -23.69 -18.58 10.08
CA GLN C 209 -23.99 -19.71 10.95
C GLN C 209 -24.01 -19.37 12.43
N ALA C 210 -23.34 -18.28 12.80
CA ALA C 210 -23.31 -17.86 14.21
C ALA C 210 -24.70 -17.33 14.52
N LEU C 211 -25.14 -16.33 13.76
CA LEU C 211 -26.47 -15.75 13.94
C LEU C 211 -27.51 -16.85 13.92
N SER C 212 -27.16 -17.96 13.27
CA SER C 212 -28.06 -19.10 13.16
C SER C 212 -28.33 -19.78 14.49
N ALA C 213 -27.26 -20.16 15.20
CA ALA C 213 -27.40 -20.85 16.49
C ALA C 213 -28.19 -20.04 17.52
N GLY C 214 -28.25 -18.73 17.32
CA GLY C 214 -29.00 -17.89 18.25
C GLY C 214 -28.16 -16.99 19.14
N VAL C 215 -26.86 -16.90 18.86
CA VAL C 215 -25.98 -16.08 19.65
C VAL C 215 -26.50 -14.64 19.76
N ASP C 216 -26.42 -14.06 20.95
CA ASP C 216 -26.89 -12.70 21.18
C ASP C 216 -25.91 -11.67 20.62
N TYR C 217 -24.62 -11.92 20.80
CA TYR C 217 -23.62 -11.01 20.26
C TYR C 217 -22.46 -11.86 19.80
N MSE C 218 -21.67 -11.33 18.87
CA MSE C 218 -20.52 -12.03 18.35
C MSE C 218 -19.31 -11.11 18.28
O MSE C 218 -19.43 -9.91 18.02
CB MSE C 218 -20.85 -12.61 16.98
CG MSE C 218 -21.43 -11.59 15.99
SE MSE C 218 -22.01 -12.36 14.30
CE MSE C 218 -20.28 -12.51 13.48
N VAL C 219 -18.14 -11.68 18.55
CA VAL C 219 -16.93 -10.89 18.56
C VAL C 219 -16.09 -11.14 17.33
N ILE C 220 -15.97 -10.12 16.50
CA ILE C 220 -15.14 -10.25 15.33
C ILE C 220 -13.87 -9.46 15.61
N GLY C 221 -12.75 -10.16 15.58
CA GLY C 221 -11.48 -9.52 15.84
C GLY C 221 -10.72 -9.11 14.60
N ARG C 222 -9.77 -9.95 14.22
CA ARG C 222 -8.93 -9.69 13.06
C ARG C 222 -9.63 -9.58 11.69
N PRO C 223 -10.58 -10.49 11.39
CA PRO C 223 -11.28 -10.45 10.11
C PRO C 223 -11.58 -9.01 9.73
N VAL C 224 -11.99 -8.21 10.70
CA VAL C 224 -12.32 -6.82 10.44
C VAL C 224 -11.13 -5.88 10.58
N THR C 225 -10.25 -6.17 11.53
CA THR C 225 -9.12 -5.29 11.78
C THR C 225 -7.86 -5.58 10.95
N GLN C 226 -7.73 -6.83 10.50
CA GLN C 226 -6.56 -7.21 9.69
C GLN C 226 -6.95 -7.37 8.23
N SER C 227 -7.81 -6.45 7.77
CA SER C 227 -8.27 -6.48 6.39
C SER C 227 -8.23 -5.05 5.90
N VAL C 228 -7.61 -4.83 4.74
CA VAL C 228 -7.52 -3.50 4.16
C VAL C 228 -8.92 -2.91 4.21
N ASP C 229 -9.01 -1.60 4.44
CA ASP C 229 -10.29 -0.92 4.56
C ASP C 229 -11.25 -1.80 5.38
N PRO C 230 -11.06 -1.80 6.72
CA PRO C 230 -11.87 -2.56 7.66
C PRO C 230 -13.30 -2.02 7.77
N ALA C 231 -13.42 -0.70 7.81
CA ALA C 231 -14.73 -0.03 7.90
C ALA C 231 -15.65 -0.70 6.91
N GLN C 232 -15.10 -0.98 5.74
CA GLN C 232 -15.83 -1.63 4.66
C GLN C 232 -16.27 -3.02 5.10
N THR C 233 -15.31 -3.84 5.48
CA THR C 233 -15.58 -5.20 5.92
C THR C 233 -16.65 -5.28 7.00
N LEU C 234 -16.79 -4.21 7.79
CA LEU C 234 -17.81 -4.21 8.84
C LEU C 234 -19.17 -4.10 8.15
N LYS C 235 -19.36 -3.05 7.35
CA LYS C 235 -20.62 -2.85 6.63
C LYS C 235 -20.97 -4.14 5.89
N ALA C 236 -19.95 -4.76 5.33
CA ALA C 236 -20.11 -6.02 4.63
C ALA C 236 -20.77 -7.02 5.57
N ILE C 237 -20.00 -7.47 6.56
CA ILE C 237 -20.45 -8.45 7.54
C ILE C 237 -21.83 -8.15 8.12
N ASN C 238 -22.17 -6.87 8.20
CA ASN C 238 -23.48 -6.47 8.71
C ASN C 238 -24.55 -6.94 7.74
N ALA C 239 -24.51 -6.35 6.55
CA ALA C 239 -25.47 -6.72 5.51
C ALA C 239 -25.52 -8.24 5.45
N SER C 240 -24.34 -8.85 5.40
CA SER C 240 -24.22 -10.31 5.35
C SER C 240 -25.18 -10.95 6.35
N LEU C 241 -25.35 -10.28 7.48
CA LEU C 241 -26.21 -10.77 8.55
C LEU C 241 -27.63 -10.18 8.48
N GLN C 242 -28.23 -10.24 7.30
CA GLN C 242 -29.57 -9.70 7.13
C GLN C 242 -30.34 -10.50 6.10
N VAL D 12 16.91 -2.08 44.83
CA VAL D 12 16.65 -3.50 45.27
C VAL D 12 16.35 -3.63 46.77
N THR D 13 15.45 -4.54 47.09
CA THR D 13 15.04 -4.81 48.45
C THR D 13 15.51 -6.22 48.78
N ASN D 14 15.25 -6.68 50.00
CA ASN D 14 15.65 -8.02 50.41
C ASN D 14 14.49 -8.84 50.89
N SER D 15 13.46 -8.15 51.37
CA SER D 15 12.28 -8.83 51.87
C SER D 15 11.59 -9.60 50.76
N PRO D 16 11.13 -10.81 51.07
CA PRO D 16 10.43 -11.65 50.10
C PRO D 16 8.99 -11.16 50.04
N VAL D 17 8.80 -9.95 50.57
CA VAL D 17 7.47 -9.38 50.65
C VAL D 17 7.04 -8.43 49.57
N VAL D 18 5.86 -8.74 49.06
CA VAL D 18 5.21 -7.96 48.04
C VAL D 18 3.88 -7.65 48.70
N VAL D 19 3.59 -6.37 48.87
CA VAL D 19 2.34 -5.97 49.48
C VAL D 19 1.30 -5.72 48.40
N ALA D 20 0.17 -6.38 48.54
CA ALA D 20 -0.92 -6.22 47.60
C ALA D 20 -1.62 -4.87 47.81
N LEU D 21 -1.38 -3.93 46.91
CA LEU D 21 -2.02 -2.62 46.99
C LEU D 21 -3.44 -2.70 46.43
N ASP D 22 -4.42 -3.15 47.22
CA ASP D 22 -5.80 -3.25 46.73
C ASP D 22 -6.75 -2.17 47.28
N TYR D 23 -6.37 -0.91 47.08
CA TYR D 23 -7.17 0.25 47.52
C TYR D 23 -8.15 0.72 46.43
N HIS D 24 -9.29 1.27 46.85
CA HIS D 24 -10.28 1.77 45.90
C HIS D 24 -10.09 3.28 45.77
N ASN D 25 -8.95 3.76 46.25
CA ASN D 25 -8.65 5.20 46.20
C ASN D 25 -7.15 5.41 46.01
N ARG D 26 -6.80 6.25 45.05
CA ARG D 26 -5.40 6.50 44.76
C ARG D 26 -4.61 7.10 45.91
N ASP D 27 -5.16 8.15 46.54
CA ASP D 27 -4.50 8.81 47.67
C ASP D 27 -4.32 7.85 48.82
N ASP D 28 -5.43 7.24 49.23
CA ASP D 28 -5.44 6.26 50.30
C ASP D 28 -4.20 5.38 50.13
N ALA D 29 -4.01 4.89 48.91
CA ALA D 29 -2.89 4.02 48.62
C ALA D 29 -1.57 4.75 48.62
N LEU D 30 -1.48 5.86 47.89
CA LEU D 30 -0.22 6.59 47.86
C LEU D 30 0.22 7.00 49.26
N ALA D 31 -0.74 7.11 50.18
CA ALA D 31 -0.42 7.44 51.57
C ALA D 31 0.53 6.35 52.06
N PHE D 32 -0.01 5.15 52.17
CA PHE D 32 0.76 4.00 52.60
C PHE D 32 2.12 3.94 51.92
N VAL D 33 2.14 4.07 50.60
CA VAL D 33 3.39 3.96 49.87
C VAL D 33 4.47 4.90 50.38
N ASP D 34 4.15 6.18 50.55
CA ASP D 34 5.13 7.14 51.03
C ASP D 34 5.68 6.80 52.41
N LYS D 35 4.85 6.17 53.24
CA LYS D 35 5.27 5.75 54.57
C LYS D 35 6.37 4.69 54.49
N ILE D 36 6.37 3.87 53.45
CA ILE D 36 7.38 2.84 53.31
C ILE D 36 8.48 3.22 52.30
N ASP D 37 9.37 2.29 52.00
CA ASP D 37 10.48 2.52 51.07
C ASP D 37 10.89 1.19 50.43
N PRO D 38 11.20 1.21 49.12
CA PRO D 38 11.62 0.04 48.35
C PRO D 38 12.29 -1.04 49.17
N ARG D 39 13.42 -0.67 49.77
CA ARG D 39 14.21 -1.56 50.62
C ARG D 39 13.34 -2.45 51.52
N ASP D 40 12.16 -1.94 51.89
CA ASP D 40 11.23 -2.66 52.76
C ASP D 40 10.44 -3.77 52.08
N CYS D 41 9.97 -3.52 50.85
CA CYS D 41 9.18 -4.50 50.11
C CYS D 41 8.93 -4.11 48.66
N ARG D 42 8.24 -4.99 47.94
CA ARG D 42 7.86 -4.75 46.56
C ARG D 42 6.34 -4.54 46.52
N LEU D 43 5.86 -3.81 45.51
CA LEU D 43 4.44 -3.55 45.40
C LEU D 43 3.77 -4.39 44.30
N LYS D 44 2.51 -4.78 44.53
CA LYS D 44 1.76 -5.58 43.56
C LYS D 44 0.43 -4.92 43.17
N VAL D 45 0.37 -4.36 41.95
CA VAL D 45 -0.87 -3.75 41.46
C VAL D 45 -1.68 -4.85 40.79
N GLY D 46 -3.00 -4.85 41.00
CA GLY D 46 -3.82 -5.90 40.43
C GLY D 46 -5.11 -5.44 39.76
N LYS D 47 -6.00 -6.38 39.53
CA LYS D 47 -7.24 -6.03 38.86
C LYS D 47 -7.95 -4.80 39.37
N GLU D 48 -8.26 -4.75 40.65
CA GLU D 48 -8.95 -3.59 41.19
C GLU D 48 -8.29 -2.27 40.88
N MSE D 49 -7.10 -2.05 41.42
CA MSE D 49 -6.43 -0.80 41.21
C MSE D 49 -6.05 -0.49 39.77
O MSE D 49 -5.98 0.69 39.41
CB MSE D 49 -5.18 -0.70 42.09
CG MSE D 49 -5.52 -0.39 43.55
SE MSE D 49 -4.07 0.46 44.49
CE MSE D 49 -4.43 2.31 44.02
N PHE D 50 -5.84 -1.52 38.96
CA PHE D 50 -5.48 -1.26 37.56
C PHE D 50 -6.72 -0.82 36.78
N THR D 51 -7.84 -1.47 37.03
CA THR D 51 -9.08 -1.12 36.35
C THR D 51 -9.45 0.32 36.68
N LEU D 52 -8.85 0.85 37.75
CA LEU D 52 -9.17 2.20 38.18
C LEU D 52 -8.19 3.26 37.74
N PHE D 53 -6.90 2.95 37.76
CA PHE D 53 -5.93 3.97 37.40
C PHE D 53 -4.98 3.63 36.27
N GLY D 54 -5.20 2.48 35.66
CA GLY D 54 -4.38 2.05 34.53
C GLY D 54 -2.88 1.98 34.77
N PRO D 55 -2.10 1.87 33.69
CA PRO D 55 -0.63 1.79 33.82
C PRO D 55 -0.06 3.11 34.32
N GLN D 56 -0.86 4.17 34.27
CA GLN D 56 -0.37 5.46 34.71
C GLN D 56 0.09 5.36 36.18
N PHE D 57 -0.78 4.76 37.00
CA PHE D 57 -0.49 4.57 38.41
C PHE D 57 0.72 3.66 38.59
N VAL D 58 0.95 2.75 37.67
CA VAL D 58 2.11 1.88 37.79
C VAL D 58 3.38 2.70 37.58
N ARG D 59 3.28 3.72 36.74
CA ARG D 59 4.45 4.55 36.48
C ARG D 59 4.81 5.33 37.73
N GLU D 60 3.78 5.81 38.42
CA GLU D 60 3.98 6.56 39.66
C GLU D 60 4.71 5.72 40.70
N LEU D 61 4.25 4.49 40.93
CA LEU D 61 4.88 3.62 41.90
C LEU D 61 6.32 3.33 41.48
N GLN D 62 6.56 3.31 40.18
CA GLN D 62 7.91 3.06 39.68
C GLN D 62 8.76 4.31 39.78
N GLN D 63 8.12 5.47 39.65
CA GLN D 63 8.80 6.76 39.74
C GLN D 63 9.40 6.86 41.14
N ARG D 64 8.72 6.24 42.11
CA ARG D 64 9.18 6.24 43.49
C ARG D 64 10.23 5.14 43.72
N GLY D 65 10.58 4.42 42.66
CA GLY D 65 11.60 3.38 42.79
C GLY D 65 11.25 1.94 43.06
N PHE D 66 10.02 1.64 43.47
CA PHE D 66 9.66 0.24 43.76
C PHE D 66 9.56 -0.67 42.55
N ASP D 67 9.60 -1.97 42.81
CA ASP D 67 9.45 -2.99 41.78
C ASP D 67 8.00 -3.34 41.78
N ILE D 68 7.35 -3.24 40.63
CA ILE D 68 5.94 -3.57 40.57
C ILE D 68 5.69 -4.94 39.98
N PHE D 69 4.65 -5.60 40.49
CA PHE D 69 4.21 -6.91 40.04
C PHE D 69 2.82 -6.65 39.50
N LEU D 70 2.71 -6.58 38.18
CA LEU D 70 1.42 -6.35 37.56
C LEU D 70 0.67 -7.67 37.63
N ASP D 71 -0.34 -7.71 38.48
CA ASP D 71 -1.11 -8.93 38.72
C ASP D 71 -2.48 -8.83 38.06
N LEU D 72 -2.47 -9.20 36.78
CA LEU D 72 -3.68 -9.16 35.96
C LEU D 72 -4.11 -10.55 35.54
N LYS D 73 -3.31 -11.55 35.91
CA LYS D 73 -3.58 -12.96 35.61
C LYS D 73 -4.22 -13.18 34.26
N PHE D 74 -3.53 -12.77 33.21
CA PHE D 74 -4.00 -12.93 31.85
C PHE D 74 -4.46 -14.39 31.66
N HIS D 75 -5.61 -14.55 31.02
CA HIS D 75 -6.20 -15.87 30.77
C HIS D 75 -7.10 -15.70 29.54
N ASP D 76 -6.47 -15.66 28.36
CA ASP D 76 -7.17 -15.43 27.10
C ASP D 76 -6.71 -16.41 26.03
N ILE D 77 -7.01 -16.06 24.77
CA ILE D 77 -6.57 -16.87 23.64
C ILE D 77 -5.07 -16.56 23.50
N PRO D 78 -4.29 -17.53 23.03
CA PRO D 78 -2.84 -17.33 22.86
C PRO D 78 -2.45 -15.97 22.30
N ASN D 79 -3.13 -15.55 21.24
CA ASN D 79 -2.78 -14.27 20.64
C ASN D 79 -2.88 -13.15 21.65
N THR D 80 -4.05 -13.02 22.31
CA THR D 80 -4.24 -11.95 23.29
C THR D 80 -3.18 -11.99 24.40
N ALA D 81 -2.99 -13.18 24.96
CA ALA D 81 -2.03 -13.38 26.03
C ALA D 81 -0.70 -12.75 25.68
N ALA D 82 -0.12 -13.20 24.58
CA ALA D 82 1.18 -12.70 24.16
C ALA D 82 1.19 -11.18 24.00
N HIS D 83 0.15 -10.62 23.41
CA HIS D 83 0.13 -9.19 23.22
C HIS D 83 0.08 -8.49 24.56
N ALA D 84 -0.74 -9.04 25.45
CA ALA D 84 -0.90 -8.47 26.78
C ALA D 84 0.43 -8.49 27.50
N VAL D 85 1.06 -9.67 27.55
CA VAL D 85 2.33 -9.81 28.24
C VAL D 85 3.31 -8.77 27.78
N ALA D 86 3.41 -8.59 26.48
CA ALA D 86 4.33 -7.61 25.93
C ALA D 86 3.96 -6.18 26.32
N ALA D 87 2.67 -5.90 26.44
CA ALA D 87 2.25 -4.55 26.82
C ALA D 87 2.79 -4.29 28.23
N ALA D 88 2.87 -5.36 29.00
CA ALA D 88 3.38 -5.27 30.36
C ALA D 88 4.89 -5.06 30.26
N ALA D 89 5.54 -5.83 29.40
CA ALA D 89 6.98 -5.70 29.21
C ALA D 89 7.31 -4.26 28.80
N ASP D 90 6.36 -3.59 28.16
CA ASP D 90 6.55 -2.18 27.77
C ASP D 90 6.47 -1.25 28.97
N LEU D 91 5.54 -1.55 29.90
CA LEU D 91 5.36 -0.74 31.12
C LEU D 91 6.63 -0.75 31.95
N GLY D 92 7.43 -1.81 31.80
CA GLY D 92 8.67 -1.93 32.52
C GLY D 92 8.57 -2.71 33.82
N VAL D 93 7.37 -3.19 34.13
CA VAL D 93 7.12 -3.93 35.36
C VAL D 93 8.14 -5.02 35.59
N TRP D 94 8.35 -5.27 36.87
CA TRP D 94 9.29 -6.24 37.40
C TRP D 94 8.85 -7.70 37.15
N MSE D 95 7.56 -7.95 37.36
CA MSE D 95 6.98 -9.28 37.22
C MSE D 95 5.54 -9.17 36.71
O MSE D 95 4.82 -8.25 37.07
CB MSE D 95 7.03 -9.98 38.58
CG MSE D 95 6.02 -11.12 38.77
SE MSE D 95 6.34 -12.20 40.36
CE MSE D 95 5.64 -11.03 41.67
N VAL D 96 5.15 -10.13 35.87
CA VAL D 96 3.81 -10.14 35.30
C VAL D 96 3.15 -11.51 35.42
N ASN D 97 1.83 -11.47 35.53
CA ASN D 97 0.95 -12.61 35.74
C ASN D 97 0.28 -13.27 34.53
N VAL D 98 0.03 -14.57 34.65
CA VAL D 98 -0.66 -15.35 33.63
C VAL D 98 -1.28 -16.59 34.30
N HIS D 99 -2.43 -17.04 33.82
CA HIS D 99 -3.13 -18.20 34.41
C HIS D 99 -2.68 -19.51 33.77
N ALA D 100 -2.16 -20.45 34.54
CA ALA D 100 -1.73 -21.74 33.97
C ALA D 100 -2.92 -22.50 33.35
N SER D 101 -4.09 -22.36 33.95
CA SER D 101 -5.31 -23.01 33.46
C SER D 101 -5.62 -22.60 32.02
N GLY D 102 -4.82 -21.70 31.49
CA GLY D 102 -5.03 -21.21 30.14
C GLY D 102 -4.39 -22.06 29.06
N GLY D 103 -3.67 -23.10 29.48
CA GLY D 103 -3.05 -23.99 28.51
C GLY D 103 -1.63 -23.73 28.07
N ALA D 104 -1.01 -24.79 27.57
CA ALA D 104 0.36 -24.76 27.10
C ALA D 104 0.58 -23.80 25.95
N ARG D 105 -0.25 -23.92 24.93
CA ARG D 105 -0.13 -23.06 23.77
C ARG D 105 -0.07 -21.62 24.22
N MSE D 106 -1.05 -21.22 25.03
CA MSE D 106 -1.12 -19.85 25.51
C MSE D 106 0.14 -19.44 26.25
O MSE D 106 0.72 -18.40 25.98
CB MSE D 106 -2.31 -19.67 26.44
CG MSE D 106 -2.44 -18.24 26.91
SE MSE D 106 -3.50 -18.06 28.47
CE MSE D 106 -2.12 -18.42 29.74
N MSE D 107 0.56 -20.26 27.22
CA MSE D 107 1.74 -19.94 27.98
C MSE D 107 2.94 -19.76 27.07
O MSE D 107 3.63 -18.74 27.14
CB MSE D 107 2.02 -21.02 29.03
CG MSE D 107 1.06 -20.97 30.21
SE MSE D 107 1.67 -21.86 31.80
CE MSE D 107 0.63 -23.47 31.64
N THR D 108 3.19 -20.75 26.22
CA THR D 108 4.33 -20.67 25.31
C THR D 108 4.22 -19.38 24.50
N ALA D 109 3.01 -19.03 24.12
CA ALA D 109 2.81 -17.80 23.36
C ALA D 109 3.34 -16.62 24.16
N ALA D 110 2.98 -16.57 25.44
CA ALA D 110 3.41 -15.49 26.32
C ALA D 110 4.93 -15.43 26.41
N ARG D 111 5.54 -16.58 26.71
CA ARG D 111 6.99 -16.64 26.83
C ARG D 111 7.65 -15.98 25.65
N GLU D 112 7.32 -16.48 24.47
CA GLU D 112 7.89 -15.95 23.24
C GLU D 112 7.71 -14.45 23.10
N ALA D 113 6.52 -13.96 23.39
CA ALA D 113 6.26 -12.52 23.28
C ALA D 113 7.29 -11.69 24.05
N LEU D 114 8.03 -12.32 24.96
CA LEU D 114 9.01 -11.60 25.77
C LEU D 114 10.44 -11.62 25.27
N VAL D 115 10.80 -12.64 24.48
CA VAL D 115 12.15 -12.73 23.94
C VAL D 115 12.63 -11.38 23.38
N PRO D 116 11.74 -10.64 22.71
CA PRO D 116 12.09 -9.33 22.13
C PRO D 116 12.60 -8.30 23.15
N PHE D 117 12.32 -8.52 24.43
CA PHE D 117 12.76 -7.57 25.46
C PHE D 117 13.98 -8.08 26.21
N GLY D 118 14.31 -9.35 25.97
CA GLY D 118 15.48 -9.98 26.56
C GLY D 118 15.72 -9.84 28.06
N LYS D 119 16.78 -9.13 28.40
CA LYS D 119 17.17 -8.93 29.79
C LYS D 119 16.22 -7.99 30.52
N ASP D 120 15.48 -7.17 29.77
CA ASP D 120 14.53 -6.23 30.37
C ASP D 120 13.14 -6.84 30.54
N ALA D 121 13.03 -8.13 30.22
CA ALA D 121 11.75 -8.80 30.32
C ALA D 121 11.33 -9.02 31.77
N PRO D 122 10.05 -8.79 32.07
CA PRO D 122 9.61 -9.00 33.45
C PRO D 122 9.61 -10.50 33.70
N LEU D 123 9.38 -10.88 34.95
CA LEU D 123 9.35 -12.28 35.29
C LEU D 123 7.98 -12.80 34.91
N LEU D 124 7.98 -13.94 34.22
CA LEU D 124 6.72 -14.51 33.79
C LEU D 124 6.35 -15.67 34.68
N ILE D 125 5.24 -15.51 35.39
CA ILE D 125 4.78 -16.53 36.31
C ILE D 125 3.32 -16.83 36.05
N ALA D 126 2.94 -18.09 36.27
CA ALA D 126 1.57 -18.51 36.05
C ALA D 126 0.87 -18.90 37.35
N VAL D 127 -0.37 -18.46 37.48
CA VAL D 127 -1.16 -18.76 38.65
C VAL D 127 -1.70 -20.16 38.49
N THR D 128 -1.47 -21.00 39.50
CA THR D 128 -1.97 -22.38 39.43
C THR D 128 -3.42 -22.39 39.93
N VAL D 129 -3.63 -22.80 41.18
CA VAL D 129 -4.98 -22.82 41.77
C VAL D 129 -5.01 -21.62 42.70
N LEU D 130 -6.09 -20.85 42.66
CA LEU D 130 -6.18 -19.68 43.52
C LEU D 130 -6.23 -20.05 45.00
N THR D 131 -5.45 -19.35 45.82
CA THR D 131 -5.40 -19.61 47.24
C THR D 131 -6.75 -19.58 47.93
N SER D 132 -7.72 -18.92 47.31
CA SER D 132 -9.04 -18.85 47.93
C SER D 132 -9.88 -20.09 47.64
N MSE D 133 -9.24 -21.16 47.19
CA MSE D 133 -10.01 -22.36 46.87
C MSE D 133 -9.64 -23.63 47.63
O MSE D 133 -8.49 -23.84 48.00
CB MSE D 133 -9.96 -22.65 45.38
CG MSE D 133 -10.62 -21.58 44.53
SE MSE D 133 -10.76 -22.10 42.67
CE MSE D 133 -8.97 -21.62 42.06
N GLU D 134 -10.66 -24.47 47.82
CA GLU D 134 -10.56 -25.77 48.48
C GLU D 134 -11.19 -26.78 47.53
N ALA D 135 -10.94 -28.06 47.76
CA ALA D 135 -11.50 -29.09 46.89
C ALA D 135 -13.00 -28.94 46.77
N SER D 136 -13.61 -28.34 47.79
CA SER D 136 -15.05 -28.12 47.78
C SER D 136 -15.46 -27.13 46.70
N ASP D 137 -14.55 -26.24 46.30
CA ASP D 137 -14.85 -25.25 45.27
C ASP D 137 -14.55 -25.84 43.90
N LEU D 138 -13.44 -26.57 43.80
CA LEU D 138 -13.04 -27.21 42.54
C LEU D 138 -14.08 -28.24 42.19
N VAL D 139 -14.84 -28.67 43.19
CA VAL D 139 -15.86 -29.67 42.96
C VAL D 139 -17.01 -29.14 42.12
N ASP D 140 -17.39 -27.87 42.32
CA ASP D 140 -18.49 -27.29 41.55
C ASP D 140 -18.15 -27.35 40.06
N LEU D 141 -16.88 -27.53 39.75
CA LEU D 141 -16.42 -27.66 38.37
C LEU D 141 -16.15 -29.16 38.28
N GLY D 142 -16.00 -29.70 37.07
CA GLY D 142 -15.76 -31.13 36.96
C GLY D 142 -14.42 -31.58 37.53
N MSE D 143 -14.05 -31.03 38.69
CA MSE D 143 -12.78 -31.35 39.34
C MSE D 143 -12.90 -32.33 40.50
O MSE D 143 -13.52 -32.03 41.52
CB MSE D 143 -12.13 -30.06 39.86
CG MSE D 143 -10.66 -30.19 40.25
SE MSE D 143 -9.52 -30.30 38.69
CE MSE D 143 -9.90 -28.55 37.95
N THR D 144 -12.29 -33.50 40.35
CA THR D 144 -12.30 -34.53 41.38
C THR D 144 -10.99 -34.49 42.17
N LEU D 145 -9.97 -33.92 41.53
CA LEU D 145 -8.63 -33.78 42.13
C LEU D 145 -8.68 -33.06 43.48
N SER D 146 -7.67 -32.27 43.76
CA SER D 146 -7.64 -31.53 45.03
C SER D 146 -6.73 -30.34 44.83
N PRO D 147 -6.86 -29.33 45.70
CA PRO D 147 -6.00 -28.16 45.55
C PRO D 147 -4.58 -28.58 45.25
N ALA D 148 -3.82 -28.88 46.28
CA ALA D 148 -2.43 -29.28 46.14
C ALA D 148 -2.17 -30.16 44.91
N ASP D 149 -2.99 -31.18 44.70
CA ASP D 149 -2.79 -32.04 43.54
C ASP D 149 -2.78 -31.24 42.26
N TYR D 150 -3.96 -30.71 41.93
CA TYR D 150 -4.19 -29.92 40.73
C TYR D 150 -3.13 -28.85 40.50
N ALA D 151 -2.96 -27.98 41.50
CA ALA D 151 -1.96 -26.93 41.38
C ALA D 151 -0.66 -27.50 40.84
N GLU D 152 -0.26 -28.67 41.34
CA GLU D 152 0.98 -29.29 40.90
C GLU D 152 0.98 -29.59 39.41
N ARG D 153 -0.11 -30.17 38.90
CA ARG D 153 -0.17 -30.47 37.47
C ARG D 153 0.06 -29.18 36.68
N LEU D 154 -0.68 -28.14 37.01
CA LEU D 154 -0.53 -26.85 36.34
C LEU D 154 0.92 -26.41 36.43
N ALA D 155 1.46 -26.44 37.65
CA ALA D 155 2.84 -26.03 37.88
C ALA D 155 3.79 -26.76 36.96
N ALA D 156 3.56 -28.05 36.77
CA ALA D 156 4.42 -28.87 35.90
C ALA D 156 4.38 -28.37 34.47
N LEU D 157 3.16 -28.15 33.99
CA LEU D 157 2.94 -27.66 32.64
C LEU D 157 3.61 -26.30 32.47
N THR D 158 3.56 -25.50 33.53
CA THR D 158 4.16 -24.17 33.56
C THR D 158 5.67 -24.27 33.44
N GLN D 159 6.22 -25.26 34.13
CA GLN D 159 7.66 -25.54 34.11
C GLN D 159 8.03 -25.82 32.67
N LYS D 160 7.41 -26.86 32.11
CA LYS D 160 7.66 -27.29 30.74
C LYS D 160 7.67 -26.16 29.72
N CYS D 161 6.71 -25.24 29.81
CA CYS D 161 6.65 -24.15 28.85
C CYS D 161 7.77 -23.12 28.96
N GLY D 162 8.59 -23.23 30.01
CA GLY D 162 9.71 -22.32 30.18
C GLY D 162 9.48 -21.06 30.98
N LEU D 163 8.36 -21.00 31.70
CA LEU D 163 8.09 -19.83 32.52
C LEU D 163 9.05 -19.83 33.72
N ASP D 164 9.25 -18.66 34.32
CA ASP D 164 10.17 -18.49 35.44
C ASP D 164 9.66 -19.03 36.78
N GLY D 165 8.37 -18.92 37.03
CA GLY D 165 7.82 -19.40 38.28
C GLY D 165 6.34 -19.72 38.22
N VAL D 166 5.75 -19.93 39.38
CA VAL D 166 4.34 -20.26 39.49
C VAL D 166 3.74 -19.54 40.71
N VAL D 167 2.42 -19.45 40.78
CA VAL D 167 1.79 -18.83 41.95
C VAL D 167 0.93 -19.88 42.60
N CYS D 168 1.12 -20.05 43.91
CA CYS D 168 0.37 -21.03 44.68
C CYS D 168 0.32 -20.69 46.16
N SER D 169 -0.32 -21.55 46.93
CA SER D 169 -0.42 -21.36 48.38
C SER D 169 0.93 -21.81 48.93
N ALA D 170 1.34 -21.23 50.05
CA ALA D 170 2.62 -21.62 50.63
C ALA D 170 2.55 -23.06 51.12
N GLN D 171 1.34 -23.64 51.14
CA GLN D 171 1.15 -25.02 51.58
C GLN D 171 1.50 -26.02 50.50
N GLU D 172 2.23 -25.57 49.48
CA GLU D 172 2.63 -26.43 48.38
C GLU D 172 4.08 -26.11 48.03
N ALA D 173 4.56 -25.02 48.63
CA ALA D 173 5.92 -24.54 48.41
C ALA D 173 7.01 -25.54 48.75
N VAL D 174 6.62 -26.67 49.33
CA VAL D 174 7.60 -27.67 49.68
C VAL D 174 7.60 -28.78 48.65
N ARG D 175 6.43 -29.37 48.43
CA ARG D 175 6.33 -30.45 47.45
C ARG D 175 6.79 -29.92 46.10
N PHE D 176 6.53 -28.62 45.85
CA PHE D 176 6.92 -27.98 44.59
C PHE D 176 8.42 -27.70 44.56
N LYS D 177 8.87 -26.82 45.45
CA LYS D 177 10.28 -26.44 45.53
C LYS D 177 11.08 -27.74 45.44
N GLN D 178 10.46 -28.81 45.90
CA GLN D 178 11.03 -30.15 45.88
C GLN D 178 11.09 -30.64 44.43
N VAL D 179 9.92 -30.91 43.86
CA VAL D 179 9.78 -31.41 42.50
C VAL D 179 10.24 -30.47 41.38
N PHE D 180 10.42 -29.19 41.68
CA PHE D 180 10.82 -28.25 40.64
C PHE D 180 12.17 -27.54 40.85
N GLY D 181 12.73 -27.68 42.05
CA GLY D 181 14.02 -27.07 42.32
C GLY D 181 14.01 -25.61 42.71
N GLN D 182 15.13 -25.16 43.31
CA GLN D 182 15.27 -23.78 43.75
C GLN D 182 15.17 -22.81 42.59
N GLU D 183 15.21 -23.34 41.38
CA GLU D 183 15.14 -22.51 40.17
C GLU D 183 13.73 -21.99 39.96
N PHE D 184 12.78 -22.91 39.90
CA PHE D 184 11.39 -22.54 39.70
C PHE D 184 10.90 -21.67 40.85
N LYS D 185 10.88 -20.37 40.64
CA LYS D 185 10.45 -19.43 41.65
C LYS D 185 9.00 -19.63 42.08
N LEU D 186 8.74 -19.44 43.38
CA LEU D 186 7.40 -19.59 43.92
C LEU D 186 6.94 -18.31 44.59
N VAL D 187 5.72 -17.89 44.30
CA VAL D 187 5.14 -16.70 44.90
C VAL D 187 3.85 -17.10 45.59
N THR D 188 3.80 -16.89 46.91
CA THR D 188 2.64 -17.30 47.71
C THR D 188 1.85 -16.21 48.39
N PRO D 189 0.55 -16.13 48.09
CA PRO D 189 -0.35 -15.14 48.68
C PRO D 189 -1.12 -15.93 49.75
N GLY D 190 -2.18 -15.35 50.29
CA GLY D 190 -2.94 -16.05 51.31
C GLY D 190 -2.06 -16.24 52.54
N ILE D 191 -1.48 -15.13 52.96
CA ILE D 191 -0.58 -15.08 54.11
C ILE D 191 -1.22 -14.35 55.27
N ARG D 192 -1.72 -15.12 56.22
CA ARG D 192 -2.37 -14.57 57.41
C ARG D 192 -1.49 -14.80 58.64
N PRO D 193 -0.98 -13.72 59.23
CA PRO D 193 -0.13 -13.83 60.42
C PRO D 193 -0.97 -13.94 61.71
N GLN D 194 -1.17 -15.19 62.17
CA GLN D 194 -1.93 -15.56 63.37
C GLN D 194 -2.88 -14.53 63.98
N GLY D 195 -4.12 -14.94 64.23
CA GLY D 195 -5.11 -14.05 64.81
C GLY D 195 -5.36 -12.93 63.81
N SER D 196 -5.40 -13.32 62.54
CA SER D 196 -5.63 -12.42 61.43
C SER D 196 -6.81 -12.98 60.64
N GLU D 197 -7.78 -12.12 60.37
CA GLU D 197 -8.98 -12.50 59.64
C GLU D 197 -8.60 -13.12 58.29
N ALA D 198 -9.16 -14.28 57.99
CA ALA D 198 -8.88 -14.98 56.72
C ALA D 198 -9.75 -14.44 55.58
N GLY D 199 -11.06 -14.48 55.77
CA GLY D 199 -11.97 -14.01 54.75
C GLY D 199 -12.18 -15.08 53.68
N ASP D 200 -12.11 -14.66 52.43
CA ASP D 200 -12.30 -15.58 51.32
C ASP D 200 -11.07 -16.48 51.14
N GLN D 201 -10.01 -16.14 51.88
CA GLN D 201 -8.76 -16.88 51.81
C GLN D 201 -8.97 -18.27 52.40
N ARG D 202 -8.22 -19.26 51.91
CA ARG D 202 -8.33 -20.63 52.42
C ARG D 202 -6.98 -21.29 52.73
N ARG D 203 -6.27 -21.76 51.70
CA ARG D 203 -4.96 -22.39 51.90
C ARG D 203 -3.98 -21.34 52.46
N ILE D 204 -4.16 -21.00 53.73
CA ILE D 204 -3.34 -19.99 54.41
C ILE D 204 -2.07 -20.52 55.08
N MSE D 205 -1.30 -19.58 55.63
CA MSE D 205 -0.05 -19.85 56.31
C MSE D 205 0.44 -18.51 56.81
O MSE D 205 0.00 -17.45 56.33
CB MSE D 205 0.94 -20.47 55.35
CG MSE D 205 2.12 -21.13 56.01
SE MSE D 205 2.46 -22.85 55.20
CE MSE D 205 0.88 -23.78 55.84
N THR D 206 1.35 -18.51 57.77
CA THR D 206 1.84 -17.24 58.30
C THR D 206 3.17 -16.91 57.67
N PRO D 207 3.56 -15.63 57.72
CA PRO D 207 4.84 -15.21 57.14
C PRO D 207 5.92 -16.20 57.49
N GLU D 208 5.99 -16.52 58.77
CA GLU D 208 6.97 -17.46 59.29
C GLU D 208 6.94 -18.78 58.53
N GLN D 209 5.95 -19.62 58.84
CA GLN D 209 5.83 -20.91 58.18
C GLN D 209 5.92 -20.83 56.65
N ALA D 210 5.64 -19.66 56.10
CA ALA D 210 5.72 -19.48 54.64
C ALA D 210 7.20 -19.50 54.28
N LEU D 211 7.96 -18.60 54.88
CA LEU D 211 9.40 -18.53 54.64
C LEU D 211 10.02 -19.90 54.87
N SER D 212 9.34 -20.71 55.67
CA SER D 212 9.80 -22.06 55.99
C SER D 212 9.79 -22.99 54.79
N ALA D 213 8.63 -23.10 54.13
CA ALA D 213 8.49 -23.99 52.98
C ALA D 213 9.47 -23.67 51.85
N GLY D 214 9.98 -22.44 51.82
CA GLY D 214 10.94 -22.06 50.81
C GLY D 214 10.44 -21.09 49.75
N VAL D 215 9.25 -20.52 49.98
CA VAL D 215 8.66 -19.58 49.04
C VAL D 215 9.63 -18.43 48.73
N ASP D 216 9.71 -18.07 47.46
CA ASP D 216 10.60 -17.00 47.02
C ASP D 216 10.05 -15.63 47.40
N TYR D 217 8.74 -15.44 47.22
CA TYR D 217 8.12 -14.18 47.57
C TYR D 217 6.75 -14.51 48.13
N MSE D 218 6.22 -13.61 48.95
CA MSE D 218 4.92 -13.79 49.55
C MSE D 218 4.09 -12.52 49.43
O MSE D 218 4.61 -11.41 49.50
CB MSE D 218 5.08 -14.22 51.00
CG MSE D 218 5.98 -13.30 51.82
SE MSE D 218 6.33 -13.95 53.64
CE MSE D 218 4.68 -13.38 54.43
N VAL D 219 2.79 -12.70 49.23
CA VAL D 219 1.91 -11.56 49.06
C VAL D 219 1.07 -11.32 50.29
N ILE D 220 1.32 -10.20 50.96
CA ILE D 220 0.53 -9.86 52.11
C ILE D 220 -0.40 -8.74 51.68
N GLY D 221 -1.70 -9.00 51.78
CA GLY D 221 -2.68 -8.03 51.39
C GLY D 221 -3.22 -7.20 52.53
N ARG D 222 -4.38 -7.60 53.02
CA ARG D 222 -5.06 -6.89 54.09
C ARG D 222 -4.32 -6.80 55.45
N PRO D 223 -3.73 -7.92 55.91
CA PRO D 223 -3.01 -7.90 57.18
C PRO D 223 -2.23 -6.62 57.35
N VAL D 224 -1.61 -6.16 56.27
CA VAL D 224 -0.82 -4.93 56.31
C VAL D 224 -1.63 -3.69 55.99
N THR D 225 -2.58 -3.81 55.08
CA THR D 225 -3.37 -2.66 54.66
C THR D 225 -4.62 -2.38 55.50
N GLN D 226 -5.16 -3.41 56.14
CA GLN D 226 -6.35 -3.26 56.96
C GLN D 226 -6.00 -3.30 58.44
N SER D 227 -4.87 -2.67 58.78
CA SER D 227 -4.41 -2.62 60.15
C SER D 227 -3.94 -1.20 60.40
N VAL D 228 -4.42 -0.62 61.50
CA VAL D 228 -4.04 0.74 61.85
C VAL D 228 -2.52 0.82 61.75
N ASP D 229 -2.02 1.97 61.32
CA ASP D 229 -0.58 2.15 61.12
C ASP D 229 0.00 0.88 60.47
N PRO D 230 -0.21 0.73 59.15
CA PRO D 230 0.26 -0.39 58.35
C PRO D 230 1.78 -0.39 58.19
N ALA D 231 2.34 0.80 57.96
CA ALA D 231 3.79 0.96 57.79
C ALA D 231 4.47 0.18 58.90
N GLN D 232 3.90 0.30 60.09
CA GLN D 232 4.39 -0.38 61.27
C GLN D 232 4.34 -1.89 61.07
N THR D 233 3.13 -2.39 60.80
CA THR D 233 2.92 -3.81 60.59
C THR D 233 3.88 -4.42 59.56
N LEU D 234 4.34 -3.60 58.62
CA LEU D 234 5.27 -4.10 57.62
C LEU D 234 6.60 -4.35 58.30
N LYS D 235 7.16 -3.32 58.93
CA LYS D 235 8.43 -3.43 59.65
C LYS D 235 8.36 -4.63 60.59
N ALA D 236 7.20 -4.78 61.21
CA ALA D 236 6.96 -5.89 62.12
C ALA D 236 7.22 -7.18 61.36
N ILE D 237 6.30 -7.49 60.44
CA ILE D 237 6.38 -8.72 59.65
C ILE D 237 7.75 -9.00 59.06
N ASN D 238 8.51 -7.94 58.78
CA ASN D 238 9.86 -8.08 58.24
C ASN D 238 10.74 -8.72 59.30
N ALA D 239 10.93 -7.98 60.38
CA ALA D 239 11.74 -8.47 61.50
C ALA D 239 11.28 -9.89 61.79
N SER D 240 9.97 -10.06 61.92
CA SER D 240 9.37 -11.37 62.20
C SER D 240 10.02 -12.44 61.34
N LEU D 241 10.38 -12.05 60.12
CA LEU D 241 11.00 -12.97 59.16
C LEU D 241 12.51 -12.89 59.17
N GLN D 242 13.11 -12.95 60.35
CA GLN D 242 14.55 -12.88 60.47
C GLN D 242 15.05 -13.71 61.64
N VAL E 12 -3.43 -19.22 -60.11
CA VAL E 12 -2.14 -18.68 -60.64
C VAL E 12 -2.20 -18.30 -62.13
N THR E 13 -1.51 -17.23 -62.47
CA THR E 13 -1.45 -16.71 -63.84
C THR E 13 -0.02 -16.90 -64.31
N ASN E 14 0.26 -16.50 -65.54
CA ASN E 14 1.61 -16.62 -66.09
C ASN E 14 2.16 -15.30 -66.58
N SER E 15 1.25 -14.40 -66.93
CA SER E 15 1.65 -13.10 -67.40
C SER E 15 2.39 -12.34 -66.32
N PRO E 16 3.46 -11.63 -66.71
CA PRO E 16 4.26 -10.85 -65.77
C PRO E 16 3.51 -9.53 -65.57
N VAL E 17 2.25 -9.53 -65.99
CA VAL E 17 1.44 -8.33 -65.93
C VAL E 17 0.53 -8.14 -64.75
N VAL E 18 0.68 -6.95 -64.19
CA VAL E 18 -0.10 -6.50 -63.07
C VAL E 18 -0.70 -5.22 -63.61
N VAL E 19 -2.03 -5.16 -63.64
CA VAL E 19 -2.71 -3.98 -64.14
C VAL E 19 -3.03 -3.06 -62.98
N ALA E 20 -2.60 -1.82 -63.10
CA ALA E 20 -2.87 -0.82 -62.07
C ALA E 20 -4.32 -0.37 -62.13
N LEU E 21 -5.12 -0.82 -61.17
CA LEU E 21 -6.52 -0.45 -61.09
C LEU E 21 -6.65 0.95 -60.45
N ASP E 22 -6.46 2.02 -61.22
CA ASP E 22 -6.57 3.37 -60.65
C ASP E 22 -7.84 4.13 -61.04
N TYR E 23 -8.99 3.52 -60.75
CA TYR E 23 -10.31 4.11 -61.04
C TYR E 23 -10.85 4.93 -59.85
N HIS E 24 -11.62 5.97 -60.13
CA HIS E 24 -12.20 6.80 -59.09
C HIS E 24 -13.63 6.34 -58.84
N ASN E 25 -13.95 5.15 -59.35
CA ASN E 25 -15.29 4.58 -59.20
C ASN E 25 -15.21 3.06 -59.08
N ARG E 26 -15.87 2.52 -58.08
CA ARG E 26 -15.84 1.09 -57.85
C ARG E 26 -16.40 0.25 -59.00
N ASP E 27 -17.58 0.64 -59.50
CA ASP E 27 -18.23 -0.08 -60.60
C ASP E 27 -17.35 -0.03 -61.85
N ASP E 28 -17.01 1.19 -62.24
CA ASP E 28 -16.16 1.43 -63.39
C ASP E 28 -15.05 0.37 -63.37
N ALA E 29 -14.42 0.21 -62.21
CA ALA E 29 -13.34 -0.74 -62.07
C ALA E 29 -13.82 -2.18 -62.10
N LEU E 30 -14.81 -2.50 -61.28
CA LEU E 30 -15.31 -3.86 -61.26
C LEU E 30 -15.75 -4.31 -62.65
N ALA E 31 -16.13 -3.35 -63.49
CA ALA E 31 -16.53 -3.66 -64.86
C ALA E 31 -15.35 -4.37 -65.50
N PHE E 32 -14.27 -3.61 -65.68
CA PHE E 32 -13.05 -4.13 -66.26
C PHE E 32 -12.68 -5.49 -65.67
N VAL E 33 -12.67 -5.59 -64.36
CA VAL E 33 -12.27 -6.84 -63.71
C VAL E 33 -13.04 -8.05 -64.22
N ASP E 34 -14.37 -7.96 -64.25
CA ASP E 34 -15.19 -9.07 -64.71
C ASP E 34 -14.89 -9.49 -66.14
N LYS E 35 -14.49 -8.52 -66.96
CA LYS E 35 -14.14 -8.79 -68.36
C LYS E 35 -12.91 -9.68 -68.44
N ILE E 36 -12.00 -9.57 -67.48
CA ILE E 36 -10.79 -10.39 -67.49
C ILE E 36 -10.88 -11.58 -66.53
N ASP E 37 -9.76 -12.30 -66.37
CA ASP E 37 -9.70 -13.46 -65.50
C ASP E 37 -8.27 -13.66 -64.99
N PRO E 38 -8.10 -14.03 -63.71
CA PRO E 38 -6.81 -14.26 -63.07
C PRO E 38 -5.70 -14.69 -64.03
N ARG E 39 -5.93 -15.82 -64.68
CA ARG E 39 -4.99 -16.39 -65.64
C ARG E 39 -4.37 -15.33 -66.56
N ASP E 40 -5.11 -14.25 -66.81
CA ASP E 40 -4.66 -13.17 -67.68
C ASP E 40 -3.65 -12.21 -67.04
N CYS E 41 -3.86 -11.86 -65.77
CA CYS E 41 -2.97 -10.94 -65.07
C CYS E 41 -3.25 -10.83 -63.58
N ARG E 42 -2.45 -10.02 -62.90
CA ARG E 42 -2.62 -9.76 -61.48
C ARG E 42 -3.09 -8.32 -61.33
N LEU E 43 -3.79 -8.02 -60.24
CA LEU E 43 -4.28 -6.67 -60.00
C LEU E 43 -3.48 -5.92 -58.95
N LYS E 44 -3.35 -4.61 -59.12
CA LYS E 44 -2.62 -3.76 -58.18
C LYS E 44 -3.46 -2.61 -57.65
N VAL E 45 -3.89 -2.70 -56.39
CA VAL E 45 -4.67 -1.62 -55.77
C VAL E 45 -3.67 -0.64 -55.14
N GLY E 46 -3.93 0.65 -55.27
CA GLY E 46 -2.99 1.63 -54.73
C GLY E 46 -3.61 2.78 -53.96
N LYS E 47 -2.83 3.82 -53.75
CA LYS E 47 -3.32 4.94 -52.97
C LYS E 47 -4.71 5.43 -53.32
N GLU E 48 -4.94 5.78 -54.58
CA GLU E 48 -6.25 6.27 -54.97
C GLU E 48 -7.39 5.36 -54.58
N MSE E 49 -7.44 4.19 -55.18
CA MSE E 49 -8.52 3.28 -54.89
C MSE E 49 -8.62 2.80 -53.47
O MSE E 49 -9.73 2.49 -53.02
CB MSE E 49 -8.49 2.09 -55.84
CG MSE E 49 -9.00 2.42 -57.25
SE MSE E 49 -9.66 0.88 -58.20
CE MSE E 49 -11.49 0.88 -57.54
N PHE E 50 -7.50 2.72 -52.77
CA PHE E 50 -7.56 2.26 -51.38
C PHE E 50 -8.12 3.37 -50.49
N THR E 51 -7.71 4.60 -50.73
CA THR E 51 -8.21 5.72 -49.93
C THR E 51 -9.72 5.83 -50.11
N LEU E 52 -10.24 5.20 -51.16
CA LEU E 52 -11.66 5.27 -51.45
C LEU E 52 -12.48 4.09 -50.99
N PHE E 53 -11.94 2.89 -51.11
CA PHE E 53 -12.74 1.74 -50.72
C PHE E 53 -12.12 0.81 -49.70
N GLY E 54 -10.96 1.21 -49.17
CA GLY E 54 -10.29 0.43 -48.14
C GLY E 54 -9.99 -1.01 -48.48
N PRO E 55 -9.63 -1.82 -47.47
CA PRO E 55 -9.30 -3.22 -47.70
C PRO E 55 -10.53 -4.02 -48.11
N GLN E 56 -11.70 -3.43 -47.93
CA GLN E 56 -12.93 -4.13 -48.27
C GLN E 56 -12.89 -4.48 -49.77
N PHE E 57 -12.54 -3.49 -50.59
CA PHE E 57 -12.44 -3.66 -52.03
C PHE E 57 -11.36 -4.68 -52.37
N VAL E 58 -10.33 -4.78 -51.53
CA VAL E 58 -9.28 -5.75 -51.81
C VAL E 58 -9.83 -7.16 -51.61
N ARG E 59 -10.77 -7.30 -50.68
CA ARG E 59 -11.33 -8.60 -50.43
C ARG E 59 -12.16 -9.04 -51.62
N GLU E 60 -12.89 -8.09 -52.21
CA GLU E 60 -13.71 -8.37 -53.38
C GLU E 60 -12.85 -8.88 -54.54
N LEU E 61 -11.76 -8.19 -54.84
CA LEU E 61 -10.88 -8.60 -55.93
C LEU E 61 -10.30 -9.98 -55.63
N GLN E 62 -10.12 -10.28 -54.34
CA GLN E 62 -9.58 -11.58 -53.95
C GLN E 62 -10.66 -12.64 -54.00
N GLN E 63 -11.89 -12.23 -53.73
CA GLN E 63 -13.04 -13.13 -53.75
C GLN E 63 -13.16 -13.67 -55.18
N ARG E 64 -12.79 -12.85 -56.16
CA ARG E 64 -12.83 -13.24 -57.55
C ARG E 64 -11.60 -14.05 -57.93
N GLY E 65 -10.71 -14.31 -56.97
CA GLY E 65 -9.53 -15.11 -57.25
C GLY E 65 -8.20 -14.49 -57.64
N PHE E 66 -8.18 -13.21 -57.98
CA PHE E 66 -6.91 -12.59 -58.38
C PHE E 66 -5.92 -12.38 -57.24
N ASP E 67 -4.66 -12.16 -57.61
CA ASP E 67 -3.58 -11.88 -56.68
C ASP E 67 -3.50 -10.38 -56.61
N ILE E 68 -3.60 -9.81 -55.41
CA ILE E 68 -3.53 -8.37 -55.30
C ILE E 68 -2.18 -7.90 -54.81
N PHE E 69 -1.77 -6.74 -55.32
CA PHE E 69 -0.52 -6.09 -54.95
C PHE E 69 -0.97 -4.79 -54.31
N LEU E 70 -0.93 -4.75 -52.98
CA LEU E 70 -1.33 -3.56 -52.26
C LEU E 70 -0.18 -2.59 -52.40
N ASP E 71 -0.41 -1.55 -53.19
CA ASP E 71 0.63 -0.55 -53.49
C ASP E 71 0.36 0.73 -52.73
N LEU E 72 0.84 0.75 -51.49
CA LEU E 72 0.66 1.88 -50.60
C LEU E 72 1.99 2.54 -50.27
N LYS E 73 3.08 1.96 -50.78
CA LYS E 73 4.43 2.48 -50.60
C LYS E 73 4.66 3.09 -49.22
N PHE E 74 4.49 2.28 -48.19
CA PHE E 74 4.70 2.71 -46.82
C PHE E 74 6.06 3.42 -46.72
N HIS E 75 6.08 4.55 -46.03
CA HIS E 75 7.29 5.36 -45.87
C HIS E 75 7.08 6.16 -44.57
N ASP E 76 7.27 5.47 -43.44
CA ASP E 76 7.04 6.06 -42.12
C ASP E 76 8.18 5.73 -41.16
N ILE E 77 7.92 5.91 -39.86
CA ILE E 77 8.90 5.56 -38.84
C ILE E 77 8.87 4.04 -38.77
N PRO E 78 10.01 3.43 -38.43
CA PRO E 78 10.10 1.97 -38.34
C PRO E 78 8.89 1.30 -37.69
N ASN E 79 8.46 1.84 -36.56
CA ASN E 79 7.34 1.25 -35.87
C ASN E 79 6.12 1.18 -36.77
N THR E 80 5.72 2.32 -37.34
CA THR E 80 4.54 2.36 -38.21
C THR E 80 4.66 1.39 -39.39
N ALA E 81 5.80 1.45 -40.06
CA ALA E 81 6.07 0.59 -41.20
C ALA E 81 5.73 -0.85 -40.88
N ALA E 82 6.39 -1.40 -39.87
CA ALA E 82 6.16 -2.78 -39.48
C ALA E 82 4.70 -3.08 -39.19
N HIS E 83 4.02 -2.19 -38.49
CA HIS E 83 2.63 -2.43 -38.18
C HIS E 83 1.80 -2.45 -39.44
N ALA E 84 2.11 -1.51 -40.32
CA ALA E 84 1.39 -1.40 -41.58
C ALA E 84 1.58 -2.67 -42.39
N VAL E 85 2.83 -3.06 -42.59
CA VAL E 85 3.14 -4.25 -43.36
C VAL E 85 2.34 -5.44 -42.87
N ALA E 86 2.31 -5.62 -41.56
CA ALA E 86 1.58 -6.73 -41.00
C ALA E 86 0.07 -6.62 -41.23
N ALA E 87 -0.46 -5.39 -41.25
CA ALA E 87 -1.89 -5.21 -41.49
C ALA E 87 -2.18 -5.72 -42.89
N ALA E 88 -1.19 -5.58 -43.77
CA ALA E 88 -1.33 -6.02 -45.14
C ALA E 88 -1.25 -7.54 -45.12
N ALA E 89 -0.29 -8.09 -44.37
CA ALA E 89 -0.14 -9.54 -44.26
C ALA E 89 -1.45 -10.14 -43.75
N ASP E 90 -2.22 -9.36 -43.00
CA ASP E 90 -3.51 -9.83 -42.49
C ASP E 90 -4.56 -9.86 -43.60
N LEU E 91 -4.53 -8.87 -44.49
CA LEU E 91 -5.47 -8.77 -45.61
C LEU E 91 -5.32 -9.97 -46.53
N GLY E 92 -4.13 -10.57 -46.52
CA GLY E 92 -3.85 -11.73 -47.33
C GLY E 92 -3.24 -11.43 -48.69
N VAL E 93 -3.02 -10.15 -48.96
CA VAL E 93 -2.45 -9.71 -50.22
C VAL E 93 -1.23 -10.49 -50.62
N TRP E 94 -1.06 -10.60 -51.93
CA TRP E 94 0.00 -11.31 -52.60
C TRP E 94 1.37 -10.62 -52.45
N MSE E 95 1.37 -9.30 -52.60
CA MSE E 95 2.58 -8.49 -52.54
C MSE E 95 2.26 -7.13 -51.93
O MSE E 95 1.18 -6.57 -52.16
CB MSE E 95 3.14 -8.35 -53.96
CG MSE E 95 4.06 -7.15 -54.18
SE MSE E 95 5.01 -7.17 -55.87
CE MSE E 95 3.61 -6.65 -57.03
N VAL E 96 3.22 -6.61 -51.15
CA VAL E 96 3.04 -5.32 -50.50
C VAL E 96 4.25 -4.41 -50.71
N ASN E 97 3.96 -3.12 -50.72
CA ASN E 97 4.90 -2.04 -50.98
C ASN E 97 5.54 -1.31 -49.79
N VAL E 98 6.75 -0.82 -50.00
CA VAL E 98 7.50 -0.03 -49.01
C VAL E 98 8.53 0.82 -49.75
N HIS E 99 8.81 2.03 -49.25
CA HIS E 99 9.76 2.95 -49.88
C HIS E 99 11.19 2.72 -49.39
N ALA E 100 12.13 2.41 -50.28
CA ALA E 100 13.52 2.22 -49.84
C ALA E 100 14.11 3.48 -49.22
N SER E 101 13.71 4.65 -49.73
CA SER E 101 14.18 5.94 -49.23
C SER E 101 13.87 6.10 -47.74
N GLY E 102 13.17 5.12 -47.18
CA GLY E 102 12.79 5.17 -45.78
C GLY E 102 13.84 4.65 -44.82
N GLY E 103 14.95 4.16 -45.37
CA GLY E 103 16.03 3.68 -44.54
C GLY E 103 16.07 2.21 -44.17
N ALA E 104 17.27 1.77 -43.80
CA ALA E 104 17.54 0.39 -43.42
C ALA E 104 16.74 -0.05 -42.21
N ARG E 105 16.81 0.74 -41.15
CA ARG E 105 16.11 0.41 -39.93
C ARG E 105 14.66 0.10 -40.25
N MSE E 106 14.02 1.03 -40.95
CA MSE E 106 12.62 0.87 -41.31
C MSE E 106 12.37 -0.41 -42.10
O MSE E 106 11.48 -1.19 -41.76
CB MSE E 106 12.14 2.04 -42.15
CG MSE E 106 10.66 1.93 -42.47
SE MSE E 106 10.15 3.01 -43.95
CE MSE E 106 10.62 1.78 -45.33
N MSE E 107 13.15 -0.62 -43.16
CA MSE E 107 12.97 -1.81 -43.96
C MSE E 107 13.10 -3.07 -43.12
O MSE E 107 12.22 -3.93 -43.14
CB MSE E 107 13.98 -1.84 -45.11
CG MSE E 107 13.64 -0.85 -46.22
SE MSE E 107 14.47 -1.21 -47.91
CE MSE E 107 15.87 0.11 -47.84
N THR E 108 14.20 -3.17 -42.37
CA THR E 108 14.42 -4.34 -41.52
C THR E 108 13.22 -4.52 -40.61
N ALA E 109 12.69 -3.41 -40.12
CA ALA E 109 11.53 -3.47 -39.25
C ALA E 109 10.39 -4.17 -39.97
N ALA E 110 10.14 -3.76 -41.21
CA ALA E 110 9.08 -4.35 -42.01
C ALA E 110 9.30 -5.85 -42.20
N ARG E 111 10.50 -6.22 -42.64
CA ARG E 111 10.80 -7.63 -42.86
C ARG E 111 10.39 -8.46 -41.67
N GLU E 112 10.94 -8.09 -40.52
CA GLU E 112 10.65 -8.81 -39.29
C GLU E 112 9.15 -8.92 -39.01
N ALA E 113 8.43 -7.83 -39.17
CA ALA E 113 6.98 -7.85 -38.92
C ALA E 113 6.28 -8.97 -39.68
N LEU E 114 6.94 -9.53 -40.69
CA LEU E 114 6.33 -10.59 -41.49
C LEU E 114 6.66 -12.01 -41.09
N VAL E 115 7.80 -12.21 -40.42
CA VAL E 115 8.18 -13.55 -39.97
C VAL E 115 7.01 -14.30 -39.32
N PRO E 116 6.18 -13.59 -38.54
CA PRO E 116 5.03 -14.21 -37.87
C PRO E 116 4.01 -14.85 -38.82
N PHE E 117 4.04 -14.48 -40.10
CA PHE E 117 3.09 -15.03 -41.07
C PHE E 117 3.74 -16.11 -41.93
N GLY E 118 5.07 -16.20 -41.83
CA GLY E 118 5.84 -17.20 -42.56
C GLY E 118 5.60 -17.40 -44.04
N LYS E 119 5.06 -18.57 -44.38
CA LYS E 119 4.79 -18.92 -45.78
C LYS E 119 3.63 -18.11 -46.36
N ASP E 120 2.77 -17.58 -45.49
CA ASP E 120 1.62 -16.80 -45.94
C ASP E 120 1.95 -15.32 -46.08
N ALA E 121 3.22 -14.98 -45.87
CA ALA E 121 3.64 -13.58 -45.95
C ALA E 121 3.63 -13.07 -47.37
N PRO E 122 3.15 -11.84 -47.57
CA PRO E 122 3.15 -11.31 -48.93
C PRO E 122 4.59 -11.01 -49.31
N LEU E 123 4.80 -10.67 -50.58
CA LEU E 123 6.13 -10.35 -51.03
C LEU E 123 6.43 -8.93 -50.61
N LEU E 124 7.60 -8.75 -50.03
CA LEU E 124 7.99 -7.44 -49.57
C LEU E 124 8.97 -6.82 -50.53
N ILE E 125 8.54 -5.73 -51.16
CA ILE E 125 9.36 -5.03 -52.13
C ILE E 125 9.42 -3.55 -51.80
N ALA E 126 10.56 -2.94 -52.10
CA ALA E 126 10.75 -1.53 -51.85
C ALA E 126 10.87 -0.72 -53.12
N VAL E 127 10.21 0.43 -53.13
CA VAL E 127 10.25 1.32 -54.27
C VAL E 127 11.54 2.10 -54.21
N THR E 128 12.31 2.08 -55.30
CA THR E 128 13.56 2.81 -55.32
C THR E 128 13.26 4.26 -55.72
N VAL E 129 13.50 4.61 -56.98
CA VAL E 129 13.23 5.96 -57.49
C VAL E 129 11.96 5.82 -58.31
N LEU E 130 11.01 6.73 -58.13
CA LEU E 130 9.77 6.64 -58.87
C LEU E 130 9.98 6.83 -60.38
N THR E 131 9.34 5.97 -61.18
CA THR E 131 9.48 6.04 -62.62
C THR E 131 9.13 7.38 -63.21
N SER E 132 8.38 8.20 -62.48
CA SER E 132 8.00 9.50 -63.00
C SER E 132 9.10 10.53 -62.78
N MSE E 133 10.30 10.10 -62.45
CA MSE E 133 11.37 11.05 -62.20
C MSE E 133 12.61 10.97 -63.08
O MSE E 133 12.99 9.89 -63.54
CB MSE E 133 11.81 10.99 -60.75
CG MSE E 133 10.73 11.41 -59.76
SE MSE E 133 11.40 11.54 -57.96
CE MSE E 133 11.31 9.68 -57.41
N GLU E 134 13.22 12.13 -63.28
CA GLU E 134 14.45 12.30 -64.06
C GLU E 134 15.42 13.06 -63.16
N ALA E 135 16.70 13.07 -63.52
CA ALA E 135 17.69 13.76 -62.72
C ALA E 135 17.28 15.20 -62.48
N SER E 136 16.48 15.74 -63.40
CA SER E 136 16.02 17.11 -63.29
C SER E 136 15.07 17.28 -62.09
N ASP E 137 14.41 16.20 -61.69
CA ASP E 137 13.49 16.25 -60.55
C ASP E 137 14.25 16.01 -59.26
N LEU E 138 15.18 15.05 -59.30
CA LEU E 138 15.99 14.72 -58.13
C LEU E 138 16.86 15.91 -57.80
N VAL E 139 17.04 16.79 -58.78
CA VAL E 139 17.86 17.97 -58.59
C VAL E 139 17.21 18.96 -57.62
N ASP E 140 15.89 19.10 -57.68
CA ASP E 140 15.20 20.03 -56.79
C ASP E 140 15.47 19.65 -55.34
N LEU E 141 15.89 18.41 -55.14
CA LEU E 141 16.24 17.92 -53.81
C LEU E 141 17.77 17.94 -53.86
N GLY E 142 18.44 17.84 -52.72
CA GLY E 142 19.90 17.85 -52.75
C GLY E 142 20.52 16.65 -53.44
N MSE E 143 19.94 16.24 -54.57
CA MSE E 143 20.42 15.09 -55.33
C MSE E 143 21.24 15.44 -56.57
O MSE E 143 20.73 16.04 -57.51
CB MSE E 143 19.21 14.24 -55.77
CG MSE E 143 19.57 12.85 -56.26
SE MSE E 143 20.04 11.66 -54.80
CE MSE E 143 18.32 11.68 -53.89
N THR E 144 22.51 15.05 -56.55
CA THR E 144 23.41 15.31 -57.67
C THR E 144 23.53 14.04 -58.53
N LEU E 145 23.21 12.90 -57.92
CA LEU E 145 23.26 11.60 -58.58
C LEU E 145 22.42 11.58 -59.86
N SER E 146 21.79 10.45 -60.13
CA SER E 146 20.96 10.34 -61.32
C SER E 146 19.97 9.22 -61.09
N PRO E 147 18.87 9.20 -61.85
CA PRO E 147 17.89 8.14 -61.66
C PRO E 147 18.59 6.79 -61.48
N ALA E 148 18.92 6.16 -62.59
CA ALA E 148 19.58 4.86 -62.56
C ALA E 148 20.60 4.71 -61.43
N ASP E 149 21.48 5.70 -61.26
CA ASP E 149 22.47 5.61 -60.20
C ASP E 149 21.81 5.39 -58.86
N TYR E 150 21.12 6.43 -58.41
CA TYR E 150 20.43 6.45 -57.13
C TYR E 150 19.58 5.20 -56.88
N ALA E 151 18.67 4.92 -57.80
CA ALA E 151 17.83 3.74 -57.66
C ALA E 151 18.67 2.54 -57.25
N GLU E 152 19.84 2.39 -57.87
CA GLU E 152 20.72 1.27 -57.58
C GLU E 152 21.17 1.25 -56.11
N ARG E 153 21.58 2.41 -55.59
CA ARG E 153 22.00 2.46 -54.19
C ARG E 153 20.87 1.95 -53.31
N LEU E 154 19.68 2.51 -53.50
CA LEU E 154 18.51 2.08 -52.74
C LEU E 154 18.33 0.57 -52.88
N ALA E 155 18.33 0.11 -54.12
CA ALA E 155 18.16 -1.30 -54.40
C ALA E 155 19.15 -2.14 -53.61
N ALA E 156 20.38 -1.69 -53.53
CA ALA E 156 21.42 -2.42 -52.79
C ALA E 156 21.07 -2.53 -51.31
N LEU E 157 20.67 -1.40 -50.74
CA LEU E 157 20.29 -1.34 -49.34
C LEU E 157 19.09 -2.25 -49.10
N THR E 158 18.19 -2.31 -50.08
CA THR E 158 17.00 -3.14 -50.02
C THR E 158 17.39 -4.62 -50.01
N GLN E 159 18.39 -4.94 -50.82
CA GLN E 159 18.91 -6.30 -50.92
C GLN E 159 19.41 -6.68 -49.54
N LYS E 160 20.36 -5.91 -49.04
CA LYS E 160 20.95 -6.13 -47.74
C LYS E 160 19.96 -6.39 -46.62
N CYS E 161 18.88 -5.63 -46.57
CA CYS E 161 17.89 -5.81 -45.50
C CYS E 161 17.07 -7.09 -45.60
N GLY E 162 17.23 -7.83 -46.71
CA GLY E 162 16.52 -9.09 -46.86
C GLY E 162 15.17 -9.06 -47.54
N LEU E 163 14.84 -7.94 -48.18
CA LEU E 163 13.57 -7.84 -48.87
C LEU E 163 13.62 -8.73 -50.12
N ASP E 164 12.45 -9.13 -50.62
CA ASP E 164 12.35 -10.00 -51.78
C ASP E 164 12.65 -9.35 -53.13
N GLY E 165 12.28 -8.08 -53.27
CA GLY E 165 12.53 -7.40 -54.53
C GLY E 165 12.57 -5.89 -54.41
N VAL E 166 12.57 -5.21 -55.54
CA VAL E 166 12.62 -3.76 -55.59
C VAL E 166 11.69 -3.26 -56.70
N VAL E 167 11.35 -1.97 -56.69
CA VAL E 167 10.53 -1.42 -57.74
C VAL E 167 11.33 -0.35 -58.44
N CYS E 168 11.39 -0.44 -59.76
CA CYS E 168 12.15 0.52 -60.57
C CYS E 168 11.66 0.56 -62.00
N SER E 169 12.32 1.40 -62.80
CA SER E 169 11.98 1.51 -64.22
C SER E 169 12.60 0.31 -64.89
N ALA E 170 12.00 -0.15 -65.98
CA ALA E 170 12.55 -1.30 -66.68
C ALA E 170 13.91 -0.94 -67.28
N GLN E 171 14.25 0.34 -67.28
CA GLN E 171 15.52 0.81 -67.83
C GLN E 171 16.68 0.60 -66.86
N GLU E 172 16.46 -0.24 -65.86
CA GLU E 172 17.49 -0.53 -64.86
C GLU E 172 17.47 -2.03 -64.58
N ALA E 173 16.43 -2.68 -65.11
CA ALA E 173 16.22 -4.11 -64.94
C ALA E 173 17.37 -4.97 -65.44
N VAL E 174 18.35 -4.35 -66.08
CA VAL E 174 19.46 -5.11 -66.58
C VAL E 174 20.65 -4.95 -65.66
N ARG E 175 21.05 -3.71 -65.42
CA ARG E 175 22.17 -3.46 -64.52
C ARG E 175 21.87 -4.08 -63.16
N PHE E 176 20.59 -4.07 -62.79
CA PHE E 176 20.14 -4.63 -61.51
C PHE E 176 20.14 -6.15 -61.54
N LYS E 177 19.28 -6.72 -62.38
CA LYS E 177 19.16 -8.17 -62.53
C LYS E 177 20.58 -8.72 -62.59
N GLN E 178 21.46 -7.90 -63.11
CA GLN E 178 22.88 -8.21 -63.23
C GLN E 178 23.51 -8.24 -61.84
N VAL E 179 23.62 -7.06 -61.23
CA VAL E 179 24.22 -6.90 -59.91
C VAL E 179 23.50 -7.58 -58.74
N PHE E 180 22.25 -7.99 -58.94
CA PHE E 180 21.49 -8.60 -57.86
C PHE E 180 21.03 -10.03 -58.09
N GLY E 181 21.15 -10.51 -59.32
CA GLY E 181 20.76 -11.88 -59.62
C GLY E 181 19.29 -12.13 -59.88
N GLN E 182 18.99 -13.26 -60.51
CA GLN E 182 17.62 -13.64 -60.84
C GLN E 182 16.76 -13.79 -59.59
N GLU E 183 17.41 -13.78 -58.43
CA GLU E 183 16.70 -13.91 -57.17
C GLU E 183 15.96 -12.64 -56.81
N PHE E 184 16.69 -11.55 -56.77
CA PHE E 184 16.10 -10.26 -56.45
C PHE E 184 15.06 -9.88 -57.49
N LYS E 185 13.80 -10.11 -57.16
CA LYS E 185 12.70 -9.82 -58.07
C LYS E 185 12.60 -8.34 -58.42
N LEU E 186 12.23 -8.05 -59.66
CA LEU E 186 12.09 -6.68 -60.13
C LEU E 186 10.69 -6.44 -60.67
N VAL E 187 10.09 -5.32 -60.26
CA VAL E 187 8.75 -4.95 -60.71
C VAL E 187 8.85 -3.58 -61.35
N THR E 188 8.50 -3.50 -62.63
CA THR E 188 8.61 -2.26 -63.38
C THR E 188 7.33 -1.65 -63.93
N PRO E 189 7.06 -0.41 -63.53
CA PRO E 189 5.86 0.31 -63.98
C PRO E 189 6.40 1.27 -65.06
N GLY E 190 5.59 2.23 -65.49
CA GLY E 190 6.04 3.15 -66.51
C GLY E 190 6.25 2.38 -67.79
N ILE E 191 5.23 1.63 -68.17
CA ILE E 191 5.24 0.80 -69.35
C ILE E 191 4.29 1.34 -70.40
N ARG E 192 4.86 2.02 -71.39
CA ARG E 192 4.09 2.60 -72.47
C ARG E 192 4.36 1.85 -73.78
N PRO E 193 3.33 1.17 -74.30
CA PRO E 193 3.47 0.41 -75.54
C PRO E 193 3.30 1.32 -76.78
N GLN E 194 4.44 1.77 -77.33
CA GLN E 194 4.55 2.64 -78.52
C GLN E 194 3.31 3.41 -78.97
N GLY E 195 3.47 4.71 -79.18
CA GLY E 195 2.36 5.53 -79.60
C GLY E 195 1.31 5.54 -78.51
N SER E 196 1.82 5.59 -77.28
CA SER E 196 1.00 5.59 -76.08
C SER E 196 1.41 6.81 -75.27
N GLU E 197 0.42 7.59 -74.86
CA GLU E 197 0.66 8.81 -74.08
C GLU E 197 1.46 8.49 -72.82
N ALA E 198 2.54 9.24 -72.59
CA ALA E 198 3.39 9.04 -71.41
C ALA E 198 2.81 9.73 -70.18
N GLY E 199 2.60 11.03 -70.28
CA GLY E 199 2.08 11.79 -69.17
C GLY E 199 3.18 12.15 -68.20
N ASP E 200 2.91 11.96 -66.91
CA ASP E 200 3.89 12.25 -65.88
C ASP E 200 5.01 11.21 -65.86
N GLN E 201 4.79 10.14 -66.63
CA GLN E 201 5.75 9.04 -66.72
C GLN E 201 7.02 9.52 -67.40
N ARG E 202 8.17 8.95 -67.05
CA ARG E 202 9.43 9.35 -67.68
C ARG E 202 10.30 8.15 -68.12
N ARG E 203 10.98 7.49 -67.18
CA ARG E 203 11.81 6.34 -67.52
C ARG E 203 10.90 5.21 -68.05
N ILE E 204 10.42 5.38 -69.27
CA ILE E 204 9.52 4.42 -69.91
C ILE E 204 10.19 3.30 -70.70
N MSE E 205 9.35 2.40 -71.21
CA MSE E 205 9.79 1.26 -71.99
C MSE E 205 8.51 0.54 -72.41
O MSE E 205 7.45 0.77 -71.81
CB MSE E 205 10.66 0.35 -71.16
CG MSE E 205 11.45 -0.66 -71.95
SE MSE E 205 13.28 -0.72 -71.31
CE MSE E 205 13.84 1.04 -71.93
N THR E 206 8.58 -0.31 -73.42
CA THR E 206 7.38 -0.99 -73.86
C THR E 206 7.35 -2.39 -73.29
N PRO E 207 6.16 -3.01 -73.26
CA PRO E 207 6.04 -4.37 -72.72
C PRO E 207 7.17 -5.23 -73.23
N GLU E 208 7.38 -5.17 -74.53
CA GLU E 208 8.42 -5.95 -75.20
C GLU E 208 9.77 -5.70 -74.55
N GLN E 209 10.39 -4.57 -74.87
CA GLN E 209 11.70 -4.24 -74.31
C GLN E 209 11.79 -4.41 -72.80
N ALA E 210 10.64 -4.37 -72.13
CA ALA E 210 10.61 -4.56 -70.67
C ALA E 210 10.95 -6.02 -70.41
N LEU E 211 10.14 -6.91 -70.98
CA LEU E 211 10.35 -8.34 -70.82
C LEU E 211 11.79 -8.68 -71.21
N SER E 212 12.38 -7.83 -72.04
CA SER E 212 13.74 -8.02 -72.50
C SER E 212 14.77 -7.89 -71.40
N ALA E 213 14.74 -6.78 -70.67
CA ALA E 213 15.69 -6.52 -69.59
C ALA E 213 15.67 -7.60 -68.50
N GLY E 214 14.56 -8.33 -68.40
CA GLY E 214 14.46 -9.38 -67.42
C GLY E 214 13.52 -9.12 -66.26
N VAL E 215 12.74 -8.04 -66.35
CA VAL E 215 11.80 -7.69 -65.30
C VAL E 215 10.89 -8.87 -64.96
N ASP E 216 10.66 -9.07 -63.66
CA ASP E 216 9.82 -10.16 -63.18
C ASP E 216 8.34 -9.85 -63.40
N TYR E 217 7.94 -8.62 -63.13
CA TYR E 217 6.57 -8.22 -63.34
C TYR E 217 6.58 -6.79 -63.83
N MSE E 218 5.52 -6.41 -64.53
CA MSE E 218 5.42 -5.06 -65.05
C MSE E 218 4.03 -4.49 -64.77
O MSE E 218 3.02 -5.20 -64.78
CB MSE E 218 5.72 -5.07 -66.55
CG MSE E 218 4.89 -6.09 -67.35
SE MSE E 218 5.41 -6.22 -69.23
CE MSE E 218 4.49 -4.67 -69.86
N VAL E 219 3.99 -3.19 -64.52
CA VAL E 219 2.73 -2.55 -64.19
C VAL E 219 2.22 -1.70 -65.34
N ILE E 220 1.10 -2.13 -65.92
CA ILE E 220 0.52 -1.36 -66.98
C ILE E 220 -0.70 -0.68 -66.39
N GLY E 221 -0.69 0.64 -66.44
CA GLY E 221 -1.78 1.42 -65.90
C GLY E 221 -2.80 1.85 -66.92
N ARG E 222 -2.67 3.09 -67.37
CA ARG E 222 -3.59 3.66 -68.34
C ARG E 222 -3.67 2.99 -69.73
N PRO E 223 -2.51 2.63 -70.32
CA PRO E 223 -2.53 1.99 -71.63
C PRO E 223 -3.67 0.99 -71.73
N VAL E 224 -3.90 0.25 -70.66
CA VAL E 224 -4.95 -0.75 -70.63
C VAL E 224 -6.29 -0.20 -70.15
N THR E 225 -6.25 0.71 -69.20
CA THR E 225 -7.48 1.25 -68.64
C THR E 225 -8.06 2.47 -69.36
N GLN E 226 -7.21 3.21 -70.05
CA GLN E 226 -7.66 4.40 -70.79
C GLN E 226 -7.70 4.12 -72.28
N SER E 227 -8.14 2.92 -72.63
CA SER E 227 -8.24 2.51 -74.02
C SER E 227 -9.57 1.82 -74.17
N VAL E 228 -10.34 2.22 -75.18
CA VAL E 228 -11.64 1.61 -75.44
C VAL E 228 -11.43 0.11 -75.42
N ASP E 229 -12.43 -0.62 -74.93
CA ASP E 229 -12.32 -2.07 -74.81
C ASP E 229 -10.91 -2.44 -74.32
N PRO E 230 -10.68 -2.27 -73.00
CA PRO E 230 -9.41 -2.56 -72.34
C PRO E 230 -9.12 -4.06 -72.28
N ALA E 231 -10.15 -4.85 -71.97
CA ALA E 231 -10.04 -6.30 -71.88
C ALA E 231 -9.26 -6.77 -73.09
N GLN E 232 -9.60 -6.17 -74.23
CA GLN E 232 -8.97 -6.49 -75.51
C GLN E 232 -7.48 -6.15 -75.43
N THR E 233 -7.18 -4.90 -75.12
CA THR E 233 -5.80 -4.43 -75.04
C THR E 233 -4.94 -5.31 -74.13
N LEU E 234 -5.55 -5.96 -73.14
CA LEU E 234 -4.81 -6.83 -72.25
C LEU E 234 -4.38 -8.06 -73.04
N LYS E 235 -5.36 -8.76 -73.60
CA LYS E 235 -5.09 -9.96 -74.42
C LYS E 235 -4.03 -9.62 -75.44
N ALA E 236 -4.14 -8.42 -76.01
CA ALA E 236 -3.19 -7.94 -76.98
C ALA E 236 -1.80 -7.98 -76.37
N ILE E 237 -1.57 -7.08 -75.42
CA ILE E 237 -0.27 -6.96 -74.74
C ILE E 237 0.30 -8.29 -74.27
N ASN E 238 -0.58 -9.23 -73.96
CA ASN E 238 -0.14 -10.56 -73.51
C ASN E 238 0.53 -11.25 -74.68
N ALA E 239 -0.26 -11.54 -75.70
CA ALA E 239 0.26 -12.19 -76.90
C ALA E 239 1.53 -11.46 -77.29
N SER E 240 1.45 -10.13 -77.35
CA SER E 240 2.60 -9.29 -77.70
C SER E 240 3.84 -9.77 -76.98
N LEU E 241 3.65 -10.25 -75.76
CA LEU E 241 4.75 -10.73 -74.93
C LEU E 241 4.95 -12.24 -75.03
N GLN E 242 5.01 -12.74 -76.25
CA GLN E 242 5.18 -14.17 -76.45
C GLN E 242 5.97 -14.44 -77.71
N VAL F 12 -14.80 22.44 -32.88
CA VAL F 12 -13.39 22.94 -32.81
C VAL F 12 -12.76 22.77 -31.41
N THR F 13 -11.47 22.46 -31.40
CA THR F 13 -10.71 22.27 -30.18
C THR F 13 -9.69 23.39 -30.13
N ASN F 14 -8.87 23.42 -29.08
CA ASN F 14 -7.85 24.45 -28.93
C ASN F 14 -6.46 23.87 -28.77
N SER F 15 -6.41 22.64 -28.27
CA SER F 15 -5.14 21.97 -28.08
C SER F 15 -4.43 21.77 -29.39
N PRO F 16 -3.12 21.98 -29.41
CA PRO F 16 -2.32 21.81 -30.62
C PRO F 16 -2.03 20.31 -30.73
N VAL F 17 -2.80 19.54 -29.98
CA VAL F 17 -2.62 18.10 -29.93
C VAL F 17 -3.46 17.23 -30.82
N VAL F 18 -2.73 16.37 -31.51
CA VAL F 18 -3.31 15.40 -32.40
C VAL F 18 -2.75 14.10 -31.85
N VAL F 19 -3.64 13.20 -31.44
CA VAL F 19 -3.20 11.93 -30.90
C VAL F 19 -3.16 10.90 -32.02
N ALA F 20 -2.01 10.26 -32.16
CA ALA F 20 -1.84 9.22 -33.17
C ALA F 20 -2.56 7.95 -32.73
N LEU F 21 -3.69 7.66 -33.38
CA LEU F 21 -4.44 6.45 -33.09
C LEU F 21 -3.81 5.25 -33.81
N ASP F 22 -2.76 4.66 -33.26
CA ASP F 22 -2.12 3.51 -33.90
C ASP F 22 -2.40 2.15 -33.25
N TYR F 23 -3.69 1.82 -33.11
CA TYR F 23 -4.15 0.56 -32.53
C TYR F 23 -4.33 -0.54 -33.60
N HIS F 24 -4.12 -1.80 -33.21
CA HIS F 24 -4.27 -2.91 -34.13
C HIS F 24 -5.67 -3.52 -33.91
N ASN F 25 -6.52 -2.78 -33.21
CA ASN F 25 -7.87 -3.25 -32.90
C ASN F 25 -8.83 -2.07 -32.86
N ARG F 26 -9.94 -2.20 -33.57
CA ARG F 26 -10.92 -1.13 -33.64
C ARG F 26 -11.52 -0.74 -32.29
N ASP F 27 -11.96 -1.74 -31.52
CA ASP F 27 -12.57 -1.49 -30.21
C ASP F 27 -11.56 -0.83 -29.28
N ASP F 28 -10.41 -1.47 -29.14
CA ASP F 28 -9.32 -0.97 -28.33
C ASP F 28 -9.25 0.53 -28.55
N ALA F 29 -9.24 0.94 -29.81
CA ALA F 29 -9.14 2.34 -30.15
C ALA F 29 -10.40 3.11 -29.84
N LEU F 30 -11.55 2.61 -30.29
CA LEU F 30 -12.79 3.31 -30.02
C LEU F 30 -12.99 3.51 -28.52
N ALA F 31 -12.39 2.65 -27.71
CA ALA F 31 -12.48 2.76 -26.26
C ALA F 31 -11.92 4.14 -25.91
N PHE F 32 -10.63 4.29 -26.14
CA PHE F 32 -9.95 5.55 -25.88
C PHE F 32 -10.74 6.74 -26.40
N VAL F 33 -11.18 6.67 -27.64
CA VAL F 33 -11.89 7.79 -28.23
C VAL F 33 -13.08 8.26 -27.41
N ASP F 34 -13.94 7.33 -27.00
CA ASP F 34 -15.11 7.69 -26.21
C ASP F 34 -14.76 8.36 -24.89
N LYS F 35 -13.62 7.98 -24.32
CA LYS F 35 -13.15 8.56 -23.07
C LYS F 35 -12.83 10.05 -23.25
N ILE F 36 -12.41 10.44 -24.45
CA ILE F 36 -12.08 11.85 -24.69
C ILE F 36 -13.20 12.59 -25.44
N ASP F 37 -12.92 13.82 -25.85
CA ASP F 37 -13.90 14.65 -26.56
C ASP F 37 -13.16 15.67 -27.44
N PRO F 38 -13.66 15.91 -28.66
CA PRO F 38 -13.08 16.86 -29.62
C PRO F 38 -12.31 17.99 -28.98
N ARG F 39 -13.02 18.78 -28.19
CA ARG F 39 -12.46 19.92 -27.46
C ARG F 39 -11.07 19.64 -26.90
N ASP F 40 -10.82 18.37 -26.55
CA ASP F 40 -9.54 17.95 -25.98
C ASP F 40 -8.39 17.82 -26.98
N CYS F 41 -8.68 17.27 -28.17
CA CYS F 41 -7.64 17.09 -29.19
C CYS F 41 -8.21 16.66 -30.54
N ARG F 42 -7.31 16.49 -31.50
CA ARG F 42 -7.67 16.03 -32.83
C ARG F 42 -7.11 14.61 -33.00
N LEU F 43 -7.72 13.83 -33.88
CA LEU F 43 -7.25 12.46 -34.10
C LEU F 43 -6.50 12.30 -35.41
N LYS F 44 -5.50 11.42 -35.42
CA LYS F 44 -4.70 11.16 -36.62
C LYS F 44 -4.69 9.67 -37.01
N VAL F 45 -5.43 9.33 -38.08
CA VAL F 45 -5.44 7.94 -38.56
C VAL F 45 -4.28 7.79 -39.55
N GLY F 46 -3.59 6.66 -39.50
CA GLY F 46 -2.44 6.47 -40.38
C GLY F 46 -2.35 5.13 -41.06
N LYS F 47 -1.18 4.83 -41.59
CA LYS F 47 -1.03 3.58 -42.32
C LYS F 47 -1.58 2.35 -41.63
N GLU F 48 -1.14 2.08 -40.41
CA GLU F 48 -1.63 0.90 -39.71
C GLU F 48 -3.15 0.80 -39.65
N MSE F 49 -3.78 1.71 -38.94
CA MSE F 49 -5.20 1.65 -38.80
C MSE F 49 -5.99 1.80 -40.07
O MSE F 49 -7.11 1.26 -40.16
CB MSE F 49 -5.68 2.67 -37.78
CG MSE F 49 -5.42 2.25 -36.33
SE MSE F 49 -6.61 3.08 -35.08
CE MSE F 49 -8.09 1.82 -35.17
N PHE F 50 -5.45 2.50 -41.07
CA PHE F 50 -6.20 2.66 -42.32
C PHE F 50 -6.13 1.35 -43.13
N THR F 51 -4.97 0.73 -43.15
CA THR F 51 -4.82 -0.53 -43.88
C THR F 51 -5.76 -1.59 -43.29
N LEU F 52 -6.23 -1.32 -42.07
CA LEU F 52 -7.10 -2.28 -41.38
C LEU F 52 -8.57 -1.97 -41.47
N PHE F 53 -8.95 -0.70 -41.38
CA PHE F 53 -10.37 -0.39 -41.39
C PHE F 53 -10.83 0.59 -42.44
N GLY F 54 -9.91 0.97 -43.32
CA GLY F 54 -10.25 1.88 -44.40
C GLY F 54 -10.88 3.20 -44.02
N PRO F 55 -11.43 3.93 -44.99
CA PRO F 55 -12.06 5.22 -44.71
C PRO F 55 -13.32 5.06 -43.88
N GLN F 56 -13.81 3.84 -43.79
CA GLN F 56 -15.03 3.60 -43.02
C GLN F 56 -14.80 4.07 -41.57
N PHE F 57 -13.67 3.64 -41.01
CA PHE F 57 -13.30 3.99 -39.65
C PHE F 57 -13.10 5.50 -39.53
N VAL F 58 -12.70 6.15 -40.61
CA VAL F 58 -12.51 7.60 -40.55
C VAL F 58 -13.86 8.27 -40.42
N ARG F 59 -14.89 7.67 -41.02
CA ARG F 59 -16.22 8.24 -40.96
C ARG F 59 -16.73 8.16 -39.53
N GLU F 60 -16.45 7.04 -38.86
CA GLU F 60 -16.87 6.85 -37.49
C GLU F 60 -16.28 7.93 -36.57
N LEU F 61 -14.97 8.15 -36.68
CA LEU F 61 -14.31 9.15 -35.85
C LEU F 61 -14.89 10.53 -36.16
N GLN F 62 -15.31 10.73 -37.40
CA GLN F 62 -15.89 12.01 -37.79
C GLN F 62 -17.34 12.11 -37.31
N GLN F 63 -18.02 10.97 -37.26
CA GLN F 63 -19.40 10.90 -36.81
C GLN F 63 -19.44 11.39 -35.36
N ARG F 64 -18.36 11.13 -34.63
CA ARG F 64 -18.24 11.54 -33.24
C ARG F 64 -17.78 13.00 -33.15
N GLY F 65 -17.61 13.67 -34.30
CA GLY F 65 -17.23 15.07 -34.28
C GLY F 65 -15.77 15.51 -34.36
N PHE F 66 -14.82 14.60 -34.19
CA PHE F 66 -13.41 15.00 -34.24
C PHE F 66 -12.91 15.37 -35.64
N ASP F 67 -11.77 16.07 -35.66
CA ASP F 67 -11.11 16.45 -36.89
C ASP F 67 -10.08 15.37 -37.14
N ILE F 68 -10.14 14.75 -38.32
CA ILE F 68 -9.18 13.70 -38.61
C ILE F 68 -8.06 14.17 -39.50
N PHE F 69 -6.88 13.62 -39.26
CA PHE F 69 -5.68 13.91 -40.05
C PHE F 69 -5.33 12.57 -40.67
N LEU F 70 -5.66 12.42 -41.95
CA LEU F 70 -5.38 11.17 -42.65
C LEU F 70 -3.89 11.21 -42.95
N ASP F 71 -3.13 10.37 -42.25
CA ASP F 71 -1.69 10.33 -42.37
C ASP F 71 -1.25 9.11 -43.16
N LEU F 72 -1.25 9.27 -44.48
CA LEU F 72 -0.90 8.20 -45.40
C LEU F 72 0.36 8.53 -46.16
N LYS F 73 0.89 9.73 -45.93
CA LYS F 73 2.12 10.21 -46.56
C LYS F 73 2.29 9.75 -47.99
N PHE F 74 1.35 10.13 -48.83
CA PHE F 74 1.38 9.79 -50.24
C PHE F 74 2.77 10.12 -50.80
N HIS F 75 3.33 9.21 -51.60
CA HIS F 75 4.66 9.38 -52.18
C HIS F 75 4.65 8.49 -53.44
N ASP F 76 4.02 9.00 -54.50
CA ASP F 76 3.86 8.27 -55.76
C ASP F 76 4.17 9.15 -56.97
N ILE F 77 3.73 8.69 -58.13
CA ILE F 77 3.91 9.48 -59.35
C ILE F 77 2.86 10.60 -59.26
N PRO F 78 3.17 11.77 -59.83
CA PRO F 78 2.25 12.91 -59.80
C PRO F 78 0.78 12.55 -59.98
N ASN F 79 0.51 11.74 -61.00
CA ASN F 79 -0.87 11.37 -61.26
C ASN F 79 -1.52 10.73 -60.04
N THR F 80 -0.88 9.68 -59.51
CA THR F 80 -1.43 8.97 -58.34
C THR F 80 -1.65 9.92 -57.16
N ALA F 81 -0.61 10.69 -56.85
CA ALA F 81 -0.66 11.64 -55.76
C ALA F 81 -1.93 12.46 -55.80
N ALA F 82 -2.11 13.18 -56.90
CA ALA F 82 -3.28 14.03 -57.05
C ALA F 82 -4.59 13.27 -56.87
N HIS F 83 -4.68 12.08 -57.44
CA HIS F 83 -5.91 11.33 -57.30
C HIS F 83 -6.14 10.95 -55.87
N ALA F 84 -5.07 10.53 -55.22
CA ALA F 84 -5.12 10.13 -53.82
C ALA F 84 -5.59 11.28 -52.97
N VAL F 85 -4.91 12.42 -53.11
CA VAL F 85 -5.25 13.61 -52.33
C VAL F 85 -6.72 13.92 -52.43
N ALA F 86 -7.24 13.89 -53.65
CA ALA F 86 -8.65 14.19 -53.85
C ALA F 86 -9.55 13.14 -53.21
N ALA F 87 -9.12 11.88 -53.18
CA ALA F 87 -9.94 10.84 -52.56
C ALA F 87 -10.07 11.19 -51.08
N ALA F 88 -9.03 11.83 -50.55
CA ALA F 88 -9.02 12.23 -49.16
C ALA F 88 -9.96 13.41 -49.03
N ALA F 89 -9.86 14.36 -49.96
CA ALA F 89 -10.73 15.53 -49.95
C ALA F 89 -12.19 15.08 -49.99
N ASP F 90 -12.44 13.91 -50.58
CA ASP F 90 -13.80 13.36 -50.63
C ASP F 90 -14.24 12.82 -49.27
N LEU F 91 -13.31 12.20 -48.55
CA LEU F 91 -13.58 11.65 -47.21
C LEU F 91 -14.00 12.75 -46.26
N GLY F 92 -13.55 13.97 -46.55
CA GLY F 92 -13.89 15.11 -45.72
C GLY F 92 -12.87 15.44 -44.64
N VAL F 93 -11.80 14.64 -44.58
CA VAL F 93 -10.76 14.83 -43.59
C VAL F 93 -10.29 16.27 -43.49
N TRP F 94 -9.87 16.59 -42.27
CA TRP F 94 -9.39 17.90 -41.87
C TRP F 94 -8.03 18.26 -42.48
N MSE F 95 -7.13 17.28 -42.48
CA MSE F 95 -5.77 17.46 -42.98
C MSE F 95 -5.27 16.15 -43.62
O MSE F 95 -5.59 15.07 -43.14
CB MSE F 95 -4.86 17.87 -41.81
CG MSE F 95 -3.38 17.59 -41.99
SE MSE F 95 -2.24 18.43 -40.65
CE MSE F 95 -2.54 17.25 -39.21
N VAL F 96 -4.49 16.30 -44.69
CA VAL F 96 -3.96 15.15 -45.40
C VAL F 96 -2.46 15.28 -45.65
N ASN F 97 -1.81 14.12 -45.69
CA ASN F 97 -0.38 13.94 -45.83
C ASN F 97 0.21 13.68 -47.23
N VAL F 98 1.44 14.13 -47.43
CA VAL F 98 2.18 13.92 -48.67
C VAL F 98 3.68 14.02 -48.36
N HIS F 99 4.52 13.24 -49.05
CA HIS F 99 5.98 13.24 -48.82
C HIS F 99 6.69 14.29 -49.68
N ALA F 100 7.40 15.23 -49.07
CA ALA F 100 8.12 16.24 -49.86
C ALA F 100 9.17 15.60 -50.76
N SER F 101 9.79 14.52 -50.29
CA SER F 101 10.83 13.80 -51.05
C SER F 101 10.29 13.31 -52.38
N GLY F 102 8.99 13.52 -52.61
CA GLY F 102 8.36 13.09 -53.84
C GLY F 102 8.49 14.06 -55.00
N GLY F 103 9.10 15.21 -54.73
CA GLY F 103 9.31 16.18 -55.79
C GLY F 103 8.27 17.27 -56.00
N ALA F 104 8.73 18.34 -56.65
CA ALA F 104 7.90 19.50 -56.94
C ALA F 104 6.70 19.18 -57.81
N ARG F 105 6.97 18.51 -58.93
CA ARG F 105 5.91 18.17 -59.85
C ARG F 105 4.79 17.49 -59.09
N MSE F 106 5.13 16.45 -58.33
CA MSE F 106 4.16 15.71 -57.57
C MSE F 106 3.38 16.59 -56.62
O MSE F 106 2.15 16.56 -56.59
CB MSE F 106 4.82 14.60 -56.77
CG MSE F 106 3.81 13.77 -56.02
SE MSE F 106 4.57 12.78 -54.59
CE MSE F 106 4.50 14.16 -53.27
N MSE F 107 4.08 17.37 -55.81
CA MSE F 107 3.42 18.25 -54.87
C MSE F 107 2.45 19.18 -55.57
O MSE F 107 1.28 19.25 -55.20
CB MSE F 107 4.44 19.05 -54.06
CG MSE F 107 5.17 18.21 -53.01
SE MSE F 107 5.99 19.21 -51.60
CE MSE F 107 7.82 19.13 -52.21
N THR F 108 2.94 19.88 -56.59
CA THR F 108 2.09 20.81 -57.32
C THR F 108 0.87 20.05 -57.83
N ALA F 109 1.07 18.83 -58.26
CA ALA F 109 -0.03 18.02 -58.75
C ALA F 109 -1.09 17.89 -57.66
N ALA F 110 -0.63 17.56 -56.45
CA ALA F 110 -1.53 17.40 -55.32
C ALA F 110 -2.30 18.69 -55.05
N ARG F 111 -1.57 19.79 -54.92
CA ARG F 111 -2.21 21.07 -54.65
C ARG F 111 -3.38 21.30 -55.58
N GLU F 112 -3.09 21.25 -56.87
CA GLU F 112 -4.11 21.45 -57.88
C GLU F 112 -5.31 20.53 -57.70
N ALA F 113 -5.07 19.26 -57.46
CA ALA F 113 -6.17 18.31 -57.28
C ALA F 113 -7.18 18.77 -56.23
N LEU F 114 -6.78 19.74 -55.40
CA LEU F 114 -7.67 20.23 -54.35
C LEU F 114 -8.49 21.47 -54.66
N VAL F 115 -8.01 22.29 -55.61
CA VAL F 115 -8.74 23.49 -56.01
C VAL F 115 -10.23 23.22 -56.20
N PRO F 116 -10.58 22.06 -56.78
CA PRO F 116 -11.99 21.68 -57.02
C PRO F 116 -12.84 21.61 -55.75
N PHE F 117 -12.21 21.51 -54.58
CA PHE F 117 -12.96 21.41 -53.33
C PHE F 117 -12.96 22.73 -52.58
N GLY F 118 -12.13 23.66 -53.05
CA GLY F 118 -12.03 24.99 -52.47
C GLY F 118 -11.90 25.15 -50.97
N LYS F 119 -12.93 25.71 -50.36
CA LYS F 119 -12.95 25.96 -48.92
C LYS F 119 -13.08 24.66 -48.12
N ASP F 120 -13.58 23.61 -48.75
CA ASP F 120 -13.74 22.32 -48.07
C ASP F 120 -12.50 21.44 -48.20
N ALA F 121 -11.46 21.98 -48.80
CA ALA F 121 -10.23 21.23 -49.00
C ALA F 121 -9.49 20.99 -47.71
N PRO F 122 -8.97 19.79 -47.51
CA PRO F 122 -8.24 19.54 -46.27
C PRO F 122 -6.92 20.29 -46.35
N LEU F 123 -6.19 20.31 -45.25
CA LEU F 123 -4.92 21.00 -45.24
C LEU F 123 -3.91 20.08 -45.88
N LEU F 124 -3.13 20.64 -46.79
CA LEU F 124 -2.13 19.86 -47.48
C LEU F 124 -0.76 20.13 -46.91
N ILE F 125 -0.17 19.10 -46.32
CA ILE F 125 1.14 19.23 -45.71
C ILE F 125 2.04 18.12 -46.18
N ALA F 126 3.33 18.45 -46.30
CA ALA F 126 4.31 17.48 -46.76
C ALA F 126 5.29 17.09 -45.66
N VAL F 127 5.58 15.80 -45.59
CA VAL F 127 6.52 15.28 -44.61
C VAL F 127 7.91 15.53 -45.13
N THR F 128 8.75 16.16 -44.31
CA THR F 128 10.12 16.43 -44.74
C THR F 128 10.97 15.19 -44.42
N VAL F 129 11.73 15.24 -43.33
CA VAL F 129 12.55 14.10 -42.91
C VAL F 129 11.81 13.48 -41.75
N LEU F 130 11.69 12.15 -41.75
CA LEU F 130 10.97 11.49 -40.67
C LEU F 130 11.67 11.66 -39.32
N THR F 131 10.90 11.98 -38.28
CA THR F 131 11.45 12.18 -36.95
C THR F 131 12.25 11.00 -36.44
N SER F 132 12.04 9.83 -37.00
CA SER F 132 12.78 8.66 -36.54
C SER F 132 14.16 8.57 -37.19
N MSE F 133 14.62 9.65 -37.80
CA MSE F 133 15.92 9.60 -38.44
C MSE F 133 16.98 10.57 -37.96
O MSE F 133 16.69 11.67 -37.50
CB MSE F 133 15.76 9.77 -39.95
CG MSE F 133 15.00 8.65 -40.62
SE MSE F 133 15.04 8.78 -42.54
CE MSE F 133 13.61 10.05 -42.84
N GLU F 134 18.24 10.12 -38.08
CA GLU F 134 19.43 10.87 -37.71
C GLU F 134 20.36 10.83 -38.92
N ALA F 135 21.36 11.70 -38.95
CA ALA F 135 22.28 11.73 -40.08
C ALA F 135 22.85 10.36 -40.34
N SER F 136 22.91 9.55 -39.30
CA SER F 136 23.45 8.20 -39.41
C SER F 136 22.55 7.33 -40.30
N ASP F 137 21.27 7.66 -40.37
CA ASP F 137 20.33 6.89 -41.19
C ASP F 137 20.33 7.42 -42.62
N LEU F 138 20.37 8.74 -42.74
CA LEU F 138 20.40 9.38 -44.05
C LEU F 138 21.68 9.02 -44.75
N VAL F 139 22.67 8.59 -43.96
CA VAL F 139 23.95 8.22 -44.51
C VAL F 139 23.86 6.95 -45.35
N ASP F 140 23.05 5.99 -44.92
CA ASP F 140 22.91 4.74 -45.66
C ASP F 140 22.43 5.03 -47.08
N LEU F 141 21.87 6.22 -47.27
CA LEU F 141 21.40 6.67 -48.58
C LEU F 141 22.50 7.65 -48.98
N GLY F 142 22.58 8.04 -50.24
CA GLY F 142 23.62 8.98 -50.65
C GLY F 142 23.47 10.37 -50.03
N MSE F 143 23.13 10.42 -48.75
CA MSE F 143 22.92 11.69 -48.04
C MSE F 143 24.09 12.09 -47.14
O MSE F 143 24.40 11.42 -46.15
CB MSE F 143 21.66 11.59 -47.18
CG MSE F 143 21.13 12.93 -46.66
SE MSE F 143 20.28 13.94 -48.06
CE MSE F 143 18.82 12.72 -48.44
N THR F 144 24.72 13.22 -47.47
CA THR F 144 25.84 13.74 -46.70
C THR F 144 25.35 14.85 -45.78
N LEU F 145 24.21 15.44 -46.15
CA LEU F 145 23.58 16.53 -45.39
C LEU F 145 23.34 16.13 -43.93
N SER F 146 22.25 16.61 -43.35
CA SER F 146 21.93 16.27 -41.98
C SER F 146 20.44 16.45 -41.80
N PRO F 147 19.88 15.83 -40.76
CA PRO F 147 18.44 15.97 -40.54
C PRO F 147 18.01 17.41 -40.77
N ALA F 148 18.14 18.23 -39.73
CA ALA F 148 17.75 19.63 -39.81
C ALA F 148 18.04 20.28 -41.16
N ASP F 149 19.25 20.10 -41.68
CA ASP F 149 19.59 20.70 -42.97
C ASP F 149 18.59 20.27 -44.03
N TYR F 150 18.66 18.99 -44.38
CA TYR F 150 17.81 18.38 -45.39
C TYR F 150 16.35 18.74 -45.25
N ALA F 151 15.78 18.46 -44.08
CA ALA F 151 14.39 18.77 -43.84
C ALA F 151 14.08 20.19 -44.34
N GLU F 152 14.98 21.12 -44.07
CA GLU F 152 14.77 22.50 -44.49
C GLU F 152 14.66 22.64 -46.01
N ARG F 153 15.56 21.99 -46.75
CA ARG F 153 15.48 22.07 -48.20
C ARG F 153 14.10 21.62 -48.66
N LEU F 154 13.68 20.44 -48.20
CA LEU F 154 12.37 19.91 -48.55
C LEU F 154 11.30 20.93 -48.19
N ALA F 155 11.35 21.43 -46.96
CA ALA F 155 10.39 22.41 -46.49
C ALA F 155 10.30 23.61 -47.43
N ALA F 156 11.44 24.05 -47.93
CA ALA F 156 11.49 25.19 -48.84
C ALA F 156 10.75 24.89 -50.13
N LEU F 157 11.04 23.71 -50.69
CA LEU F 157 10.41 23.26 -51.91
C LEU F 157 8.90 23.13 -51.70
N THR F 158 8.52 22.71 -50.50
CA THR F 158 7.12 22.54 -50.12
C THR F 158 6.42 23.90 -50.08
N GLN F 159 7.15 24.89 -49.57
CA GLN F 159 6.66 26.26 -49.47
C GLN F 159 6.36 26.71 -50.90
N LYS F 160 7.40 26.69 -51.73
CA LYS F 160 7.29 27.11 -53.11
C LYS F 160 6.10 26.54 -53.86
N CYS F 161 5.83 25.24 -53.68
CA CYS F 161 4.70 24.62 -54.38
C CYS F 161 3.32 25.06 -53.92
N GLY F 162 3.27 25.83 -52.84
CA GLY F 162 2.00 26.34 -52.35
C GLY F 162 1.26 25.51 -51.32
N LEU F 163 1.94 24.53 -50.73
CA LEU F 163 1.31 23.71 -49.71
C LEU F 163 1.13 24.55 -48.45
N ASP F 164 0.20 24.15 -47.59
CA ASP F 164 -0.11 24.86 -46.35
C ASP F 164 0.92 24.72 -45.24
N GLY F 165 1.53 23.54 -45.13
CA GLY F 165 2.50 23.33 -44.07
C GLY F 165 3.48 22.22 -44.37
N VAL F 166 4.25 21.84 -43.36
CA VAL F 166 5.24 20.78 -43.50
C VAL F 166 5.24 19.92 -42.23
N VAL F 167 5.84 18.74 -42.28
CA VAL F 167 5.92 17.91 -41.08
C VAL F 167 7.39 17.71 -40.78
N CYS F 168 7.75 17.96 -39.53
CA CYS F 168 9.13 17.83 -39.08
C CYS F 168 9.23 17.64 -37.58
N SER F 169 10.47 17.53 -37.10
CA SER F 169 10.71 17.38 -35.67
C SER F 169 10.56 18.76 -35.08
N ALA F 170 10.15 18.84 -33.81
CA ALA F 170 9.98 20.14 -33.19
C ALA F 170 11.34 20.82 -33.05
N GLN F 171 12.42 20.07 -33.29
CA GLN F 171 13.77 20.62 -33.18
C GLN F 171 14.17 21.42 -34.41
N GLU F 172 13.18 21.80 -35.22
CA GLU F 172 13.44 22.57 -36.43
C GLU F 172 12.35 23.64 -36.53
N ALA F 173 11.36 23.52 -35.65
CA ALA F 173 10.23 24.43 -35.60
C ALA F 173 10.62 25.89 -35.37
N VAL F 174 11.89 26.14 -35.10
CA VAL F 174 12.33 27.49 -34.86
C VAL F 174 13.00 28.04 -36.11
N ARG F 175 14.01 27.34 -36.59
CA ARG F 175 14.71 27.79 -37.79
C ARG F 175 13.71 27.89 -38.93
N PHE F 176 12.70 27.02 -38.91
CA PHE F 176 11.65 27.01 -39.95
C PHE F 176 10.67 28.14 -39.74
N LYS F 177 9.94 28.10 -38.63
CA LYS F 177 8.94 29.13 -38.30
C LYS F 177 9.60 30.48 -38.58
N GLN F 178 10.92 30.49 -38.45
CA GLN F 178 11.75 31.66 -38.70
C GLN F 178 11.77 31.94 -40.20
N VAL F 179 12.43 31.07 -40.95
CA VAL F 179 12.58 31.19 -42.39
C VAL F 179 11.29 31.08 -43.22
N PHE F 180 10.21 30.59 -42.62
CA PHE F 180 8.97 30.45 -43.38
C PHE F 180 7.78 31.25 -42.86
N GLY F 181 7.90 31.82 -41.67
CA GLY F 181 6.82 32.63 -41.13
C GLY F 181 5.70 31.89 -40.43
N GLN F 182 4.94 32.62 -39.63
CA GLN F 182 3.81 32.05 -38.88
C GLN F 182 2.77 31.47 -39.79
N GLU F 183 2.89 31.74 -41.09
CA GLU F 183 1.94 31.24 -42.07
C GLU F 183 2.14 29.76 -42.33
N PHE F 184 3.37 29.41 -42.69
CA PHE F 184 3.70 28.02 -42.98
C PHE F 184 3.51 27.17 -41.73
N LYS F 185 2.38 26.50 -41.65
CA LYS F 185 2.06 25.65 -40.51
C LYS F 185 3.06 24.52 -40.31
N LEU F 186 3.34 24.21 -39.04
CA LEU F 186 4.26 23.14 -38.70
C LEU F 186 3.61 22.11 -37.81
N VAL F 187 3.78 20.84 -38.16
CA VAL F 187 3.23 19.74 -37.38
C VAL F 187 4.37 18.84 -36.95
N THR F 188 4.55 18.71 -35.63
CA THR F 188 5.66 17.93 -35.08
C THR F 188 5.30 16.69 -34.26
N PRO F 189 5.81 15.54 -34.69
CA PRO F 189 5.57 14.28 -34.00
C PRO F 189 6.88 14.02 -33.23
N GLY F 190 7.06 12.82 -32.70
CA GLY F 190 8.27 12.53 -31.95
C GLY F 190 8.29 13.40 -30.71
N ILE F 191 7.19 13.33 -29.98
CA ILE F 191 6.99 14.11 -28.76
C ILE F 191 6.99 13.20 -27.55
N ARG F 192 8.11 13.17 -26.85
CA ARG F 192 8.26 12.35 -25.65
C ARG F 192 8.33 13.24 -24.42
N PRO F 193 7.32 13.14 -23.54
CA PRO F 193 7.28 13.93 -22.32
C PRO F 193 8.11 13.29 -21.19
N GLN F 194 9.36 13.76 -21.05
CA GLN F 194 10.35 13.30 -20.04
C GLN F 194 10.11 11.97 -19.34
N GLY F 195 11.13 11.12 -19.32
CA GLY F 195 11.00 9.82 -18.68
C GLY F 195 9.96 9.02 -19.43
N SER F 196 9.99 9.18 -20.75
CA SER F 196 9.08 8.50 -21.66
C SER F 196 9.93 7.76 -22.69
N GLU F 197 9.63 6.48 -22.87
CA GLU F 197 10.37 5.64 -23.81
C GLU F 197 10.36 6.26 -25.20
N ALA F 198 11.54 6.37 -25.82
CA ALA F 198 11.65 6.94 -27.16
C ALA F 198 11.34 5.90 -28.24
N GLY F 199 12.09 4.80 -28.22
CA GLY F 199 11.89 3.76 -29.21
C GLY F 199 12.62 4.11 -30.50
N ASP F 200 11.93 3.94 -31.62
CA ASP F 200 12.52 4.24 -32.91
C ASP F 200 12.61 5.75 -33.14
N GLN F 201 11.98 6.50 -32.24
CA GLN F 201 11.96 7.94 -32.31
C GLN F 201 13.37 8.49 -32.08
N ARG F 202 13.70 9.62 -32.68
CA ARG F 202 15.03 10.23 -32.50
C ARG F 202 14.98 11.74 -32.19
N ARG F 203 14.76 12.57 -33.22
CA ARG F 203 14.68 14.02 -33.01
C ARG F 203 13.47 14.34 -32.12
N ILE F 204 13.59 14.03 -30.83
CA ILE F 204 12.52 14.23 -29.86
C ILE F 204 12.48 15.60 -29.18
N MSE F 205 11.46 15.78 -28.36
CA MSE F 205 11.24 17.02 -27.61
C MSE F 205 10.00 16.76 -26.78
O MSE F 205 9.23 15.85 -27.06
CB MSE F 205 11.02 18.18 -28.57
CG MSE F 205 11.15 19.53 -27.94
SE MSE F 205 12.21 20.69 -29.06
CE MSE F 205 13.93 19.80 -28.82
N THR F 206 9.79 17.56 -25.74
CA THR F 206 8.62 17.35 -24.90
C THR F 206 7.53 18.32 -25.28
N PRO F 207 6.29 18.00 -24.91
CA PRO F 207 5.15 18.87 -25.23
C PRO F 207 5.53 20.32 -24.98
N GLU F 208 6.08 20.56 -23.80
CA GLU F 208 6.51 21.89 -23.39
C GLU F 208 7.44 22.51 -24.43
N GLN F 209 8.70 22.10 -24.42
CA GLN F 209 9.67 22.63 -25.36
C GLN F 209 9.19 22.65 -26.81
N ALA F 210 8.21 21.82 -27.12
CA ALA F 210 7.65 21.78 -28.48
C ALA F 210 6.86 23.06 -28.67
N LEU F 211 5.87 23.26 -27.79
CA LEU F 211 5.05 24.46 -27.85
C LEU F 211 5.95 25.69 -27.86
N SER F 212 7.15 25.53 -27.33
CA SER F 212 8.11 26.61 -27.27
C SER F 212 8.61 27.07 -28.63
N ALA F 213 9.09 26.12 -29.43
CA ALA F 213 9.62 26.43 -30.76
C ALA F 213 8.60 27.10 -31.68
N GLY F 214 7.32 26.91 -31.37
CA GLY F 214 6.27 27.53 -32.16
C GLY F 214 5.45 26.59 -33.03
N VAL F 215 5.63 25.29 -32.82
CA VAL F 215 4.90 24.28 -33.59
C VAL F 215 3.40 24.54 -33.53
N ASP F 216 2.73 24.41 -34.67
CA ASP F 216 1.29 24.62 -34.76
C ASP F 216 0.52 23.45 -34.16
N TYR F 217 0.97 22.24 -34.44
CA TYR F 217 0.31 21.06 -33.89
C TYR F 217 1.40 20.06 -33.58
N MSE F 218 1.11 19.15 -32.65
CA MSE F 218 2.06 18.13 -32.26
C MSE F 218 1.38 16.77 -32.19
O MSE F 218 0.21 16.65 -31.82
CB MSE F 218 2.70 18.51 -30.93
CG MSE F 218 1.69 18.83 -29.82
SE MSE F 218 2.51 19.48 -28.17
CE MSE F 218 3.04 17.78 -27.47
N VAL F 219 2.12 15.74 -32.57
CA VAL F 219 1.57 14.40 -32.58
C VAL F 219 2.08 13.56 -31.44
N ILE F 220 1.19 13.22 -30.52
CA ILE F 220 1.59 12.38 -29.42
C ILE F 220 1.01 11.01 -29.71
N GLY F 221 1.89 10.03 -29.81
CA GLY F 221 1.48 8.68 -30.08
C GLY F 221 1.33 7.80 -28.86
N ARG F 222 2.37 7.01 -28.60
CA ARG F 222 2.37 6.09 -27.49
C ARG F 222 2.27 6.70 -26.07
N PRO F 223 3.02 7.78 -25.80
CA PRO F 223 2.97 8.42 -24.48
C PRO F 223 1.56 8.43 -23.95
N VAL F 224 0.61 8.72 -24.83
CA VAL F 224 -0.81 8.77 -24.43
C VAL F 224 -1.52 7.43 -24.55
N THR F 225 -1.17 6.67 -25.58
CA THR F 225 -1.84 5.40 -25.81
C THR F 225 -1.25 4.19 -25.09
N GLN F 226 0.03 4.26 -24.76
CA GLN F 226 0.70 3.17 -24.07
C GLN F 226 0.93 3.51 -22.60
N SER F 227 -0.07 4.16 -22.00
CA SER F 227 -0.01 4.55 -20.61
C SER F 227 -1.35 4.23 -20.00
N VAL F 228 -1.33 3.53 -18.87
CA VAL F 228 -2.57 3.18 -18.18
C VAL F 228 -3.41 4.45 -18.09
N ASP F 229 -4.73 4.29 -18.20
CA ASP F 229 -5.63 5.44 -18.18
C ASP F 229 -5.02 6.57 -19.02
N PRO F 230 -5.13 6.45 -20.36
CA PRO F 230 -4.62 7.42 -21.32
C PRO F 230 -5.41 8.72 -21.30
N ALA F 231 -6.74 8.61 -21.21
CA ALA F 231 -7.63 9.76 -21.17
C ALA F 231 -7.04 10.76 -20.19
N GLN F 232 -6.57 10.22 -19.08
CA GLN F 232 -5.95 11.01 -18.02
C GLN F 232 -4.71 11.73 -18.55
N THR F 233 -3.78 10.94 -19.07
CA THR F 233 -2.53 11.48 -19.61
C THR F 233 -2.76 12.60 -20.62
N LEU F 234 -3.90 12.57 -21.30
CA LEU F 234 -4.19 13.61 -22.28
C LEU F 234 -4.47 14.90 -21.52
N LYS F 235 -5.45 14.85 -20.62
CA LYS F 235 -5.82 16.02 -19.80
C LYS F 235 -4.54 16.58 -19.16
N ALA F 236 -3.69 15.66 -18.72
CA ALA F 236 -2.43 16.03 -18.12
C ALA F 236 -1.67 16.90 -19.10
N ILE F 237 -1.18 16.27 -20.17
CA ILE F 237 -0.39 16.94 -21.20
C ILE F 237 -0.99 18.25 -21.67
N ASN F 238 -2.31 18.37 -21.62
CA ASN F 238 -2.99 19.60 -22.01
C ASN F 238 -2.63 20.69 -21.03
N ALA F 239 -3.08 20.50 -19.79
CA ALA F 239 -2.80 21.45 -18.73
C ALA F 239 -1.31 21.78 -18.81
N SER F 240 -0.49 20.74 -18.87
CA SER F 240 0.96 20.89 -18.97
C SER F 240 1.32 21.98 -19.96
N LEU F 241 0.52 22.09 -21.01
CA LEU F 241 0.73 23.06 -22.07
C LEU F 241 -0.08 24.33 -21.86
N GLN F 242 -0.02 24.89 -20.66
CA GLN F 242 -0.77 26.10 -20.37
C GLN F 242 -0.03 26.96 -19.36
N VAL G 12 9.39 -7.86 -0.53
CA VAL G 12 10.69 -7.32 -1.02
C VAL G 12 10.65 -6.90 -2.51
N THR G 13 11.37 -5.83 -2.81
CA THR G 13 11.45 -5.29 -4.17
C THR G 13 12.90 -5.48 -4.61
N ASN G 14 13.19 -5.06 -5.84
CA ASN G 14 14.55 -5.19 -6.36
C ASN G 14 15.13 -3.86 -6.81
N SER G 15 14.23 -2.94 -7.16
CA SER G 15 14.66 -1.63 -7.59
C SER G 15 15.39 -0.90 -6.49
N PRO G 16 16.48 -0.21 -6.84
CA PRO G 16 17.26 0.54 -5.86
C PRO G 16 16.53 1.87 -5.66
N VAL G 17 15.28 1.89 -6.09
CA VAL G 17 14.48 3.10 -6.02
C VAL G 17 13.56 3.28 -4.84
N VAL G 18 13.71 4.46 -4.26
CA VAL G 18 12.91 4.89 -3.14
C VAL G 18 12.34 6.19 -3.66
N VAL G 19 11.01 6.26 -3.72
CA VAL G 19 10.35 7.46 -4.19
C VAL G 19 10.02 8.36 -3.01
N ALA G 20 10.48 9.60 -3.10
CA ALA G 20 10.20 10.57 -2.07
C ALA G 20 8.75 11.04 -2.14
N LEU G 21 7.94 10.58 -1.19
CA LEU G 21 6.54 10.97 -1.13
C LEU G 21 6.41 12.35 -0.46
N ASP G 22 6.63 13.44 -1.19
CA ASP G 22 6.53 14.77 -0.60
C ASP G 22 5.27 15.56 -1.00
N TYR G 23 4.10 14.95 -0.75
CA TYR G 23 2.80 15.57 -1.03
C TYR G 23 2.26 16.37 0.16
N HIS G 24 1.49 17.42 -0.11
CA HIS G 24 0.91 18.24 0.94
C HIS G 24 -0.53 17.78 1.16
N ASN G 25 -0.86 16.61 0.62
CA ASN G 25 -2.20 16.06 0.74
C ASN G 25 -2.15 14.55 0.81
N ARG G 26 -2.84 13.98 1.80
CA ARG G 26 -2.82 12.55 1.99
C ARG G 26 -3.38 11.75 0.81
N ASP G 27 -4.54 12.15 0.31
CA ASP G 27 -5.17 11.46 -0.82
C ASP G 27 -4.28 11.54 -2.05
N ASP G 28 -3.91 12.76 -2.40
CA ASP G 28 -3.03 13.02 -3.54
C ASP G 28 -1.95 11.94 -3.52
N ALA G 29 -1.33 11.75 -2.36
CA ALA G 29 -0.27 10.78 -2.22
C ALA G 29 -0.77 9.35 -2.29
N LEU G 30 -1.77 9.02 -1.50
CA LEU G 30 -2.29 7.67 -1.52
C LEU G 30 -2.71 7.25 -2.92
N ALA G 31 -3.06 8.23 -3.75
CA ALA G 31 -3.45 7.96 -5.13
C ALA G 31 -2.27 7.26 -5.76
N PHE G 32 -1.17 8.01 -5.91
CA PHE G 32 0.05 7.48 -6.48
C PHE G 32 0.39 6.11 -5.93
N VAL G 33 0.38 5.98 -4.61
CA VAL G 33 0.75 4.71 -4.00
C VAL G 33 -0.02 3.52 -4.53
N ASP G 34 -1.35 3.63 -4.58
CA ASP G 34 -2.18 2.54 -5.08
C ASP G 34 -1.85 2.15 -6.52
N LYS G 35 -1.43 3.13 -7.32
CA LYS G 35 -1.06 2.89 -8.70
C LYS G 35 0.16 1.99 -8.80
N ILE G 36 1.05 2.07 -7.81
CA ILE G 36 2.25 1.22 -7.82
C ILE G 36 2.14 0.02 -6.89
N ASP G 37 3.24 -0.71 -6.73
CA ASP G 37 3.27 -1.91 -5.88
C ASP G 37 4.70 -2.12 -5.36
N PRO G 38 4.84 -2.53 -4.09
CA PRO G 38 6.12 -2.78 -3.43
C PRO G 38 7.23 -3.20 -4.38
N ARG G 39 7.01 -4.33 -5.05
CA ARG G 39 7.94 -4.88 -6.02
C ARG G 39 8.60 -3.81 -6.91
N ASP G 40 7.87 -2.72 -7.14
CA ASP G 40 8.35 -1.62 -7.97
C ASP G 40 9.36 -0.69 -7.30
N CYS G 41 9.14 -0.37 -6.03
CA CYS G 41 10.03 0.53 -5.29
C CYS G 41 9.72 0.60 -3.81
N ARG G 42 10.52 1.39 -3.09
CA ARG G 42 10.33 1.62 -1.67
C ARG G 42 9.87 3.07 -1.49
N LEU G 43 9.17 3.34 -0.40
CA LEU G 43 8.68 4.69 -0.15
C LEU G 43 9.48 5.42 0.95
N LYS G 44 9.62 6.73 0.79
CA LYS G 44 10.35 7.54 1.76
C LYS G 44 9.51 8.70 2.31
N VAL G 45 9.06 8.58 3.56
CA VAL G 45 8.29 9.65 4.20
C VAL G 45 9.29 10.60 4.86
N GLY G 46 9.04 11.90 4.75
CA GLY G 46 9.98 12.86 5.33
C GLY G 46 9.36 13.99 6.12
N LYS G 47 10.15 15.03 6.36
CA LYS G 47 9.66 16.13 7.17
C LYS G 47 8.30 16.64 6.80
N GLU G 48 8.08 17.03 5.55
CA GLU G 48 6.78 17.55 5.14
C GLU G 48 5.62 16.64 5.49
N MSE G 49 5.57 15.48 4.87
CA MSE G 49 4.47 14.57 5.11
C MSE G 49 4.35 14.06 6.52
O MSE G 49 3.24 13.76 6.96
CB MSE G 49 4.51 13.40 4.14
CG MSE G 49 4.03 13.79 2.74
SE MSE G 49 3.36 12.28 1.74
CE MSE G 49 1.53 12.27 2.37
N PHE G 50 5.46 13.96 7.25
CA PHE G 50 5.37 13.47 8.62
C PHE G 50 4.81 14.56 9.53
N THR G 51 5.23 15.80 9.33
CA THR G 51 4.73 16.90 10.14
C THR G 51 3.23 17.04 9.93
N LEU G 52 2.72 16.43 8.86
CA LEU G 52 1.30 16.54 8.55
C LEU G 52 0.47 15.35 8.98
N PHE G 53 0.99 14.15 8.84
CA PHE G 53 0.18 12.99 9.19
C PHE G 53 0.77 12.03 10.20
N GLY G 54 1.91 12.41 10.75
CA GLY G 54 2.56 11.60 11.77
C GLY G 54 2.86 10.16 11.41
N PRO G 55 3.19 9.33 12.40
CA PRO G 55 3.50 7.92 12.14
C PRO G 55 2.27 7.15 11.69
N GLN G 56 1.11 7.75 11.88
CA GLN G 56 -0.12 7.08 11.49
C GLN G 56 -0.07 6.76 9.99
N PHE G 57 0.31 7.76 9.20
CA PHE G 57 0.43 7.62 7.76
C PHE G 57 1.51 6.60 7.42
N VAL G 58 2.52 6.47 8.27
CA VAL G 58 3.57 5.48 7.98
C VAL G 58 3.00 4.09 8.14
N ARG G 59 2.04 3.94 9.05
CA ARG G 59 1.45 2.63 9.27
C ARG G 59 0.63 2.23 8.05
N GLU G 60 -0.07 3.21 7.48
CA GLU G 60 -0.87 2.96 6.28
C GLU G 60 -0.01 2.46 5.13
N LEU G 61 1.10 3.15 4.86
CA LEU G 61 1.99 2.75 3.78
C LEU G 61 2.54 1.36 4.06
N GLN G 62 2.71 1.03 5.34
CA GLN G 62 3.24 -0.28 5.70
C GLN G 62 2.14 -1.33 5.61
N GLN G 63 0.90 -0.91 5.88
CA GLN G 63 -0.26 -1.80 5.82
C GLN G 63 -0.37 -2.31 4.37
N ARG G 64 0.04 -1.47 3.42
CA ARG G 64 0.02 -1.82 2.02
C ARG G 64 1.25 -2.63 1.64
N GLY G 65 2.12 -2.93 2.61
CA GLY G 65 3.28 -3.74 2.32
C GLY G 65 4.63 -3.13 1.97
N PHE G 66 4.68 -1.84 1.66
CA PHE G 66 5.97 -1.22 1.30
C PHE G 66 6.93 -1.05 2.46
N ASP G 67 8.20 -0.85 2.10
CA ASP G 67 9.26 -0.60 3.06
C ASP G 67 9.36 0.91 3.17
N ILE G 68 9.25 1.44 4.37
CA ILE G 68 9.34 2.88 4.53
C ILE G 68 10.69 3.32 5.04
N PHE G 69 11.12 4.49 4.57
CA PHE G 69 12.36 5.12 4.97
C PHE G 69 11.93 6.41 5.64
N LEU G 70 11.94 6.41 6.97
CA LEU G 70 11.55 7.59 7.71
C LEU G 70 12.70 8.56 7.60
N ASP G 71 12.51 9.62 6.84
CA ASP G 71 13.56 10.60 6.59
C ASP G 71 13.29 11.88 7.37
N LEU G 72 13.75 11.86 8.61
CA LEU G 72 13.58 12.98 9.53
C LEU G 72 14.90 13.62 9.89
N LYS G 73 15.99 13.03 9.38
CA LYS G 73 17.35 13.52 9.60
C LYS G 73 17.57 14.10 10.99
N PHE G 74 17.37 13.27 12.01
CA PHE G 74 17.55 13.66 13.38
C PHE G 74 18.92 14.36 13.52
N HIS G 75 18.94 15.47 14.24
CA HIS G 75 20.16 16.26 14.44
C HIS G 75 19.93 17.03 15.75
N ASP G 76 20.10 16.33 16.87
CA ASP G 76 19.86 16.88 18.20
C ASP G 76 20.98 16.53 19.17
N ILE G 77 20.70 16.67 20.47
CA ILE G 77 21.66 16.29 21.50
C ILE G 77 21.62 14.76 21.54
N PRO G 78 22.74 14.14 21.87
CA PRO G 78 22.81 12.67 21.93
C PRO G 78 21.58 12.00 22.55
N ASN G 79 21.14 12.52 23.68
CA ASN G 79 20.00 11.92 24.34
C ASN G 79 18.79 11.89 23.42
N THR G 80 18.42 13.05 22.87
CA THR G 80 17.25 13.13 21.98
C THR G 80 17.39 12.17 20.79
N ALA G 81 18.53 12.23 20.14
CA ALA G 81 18.81 11.40 18.99
C ALA G 81 18.44 9.95 19.26
N ALA G 82 19.08 9.39 20.27
CA ALA G 82 18.83 7.99 20.62
C ALA G 82 17.35 7.70 20.88
N HIS G 83 16.68 8.59 21.59
CA HIS G 83 15.28 8.35 21.87
C HIS G 83 14.48 8.37 20.60
N ALA G 84 14.80 9.33 19.74
CA ALA G 84 14.12 9.48 18.47
C ALA G 84 14.30 8.23 17.64
N VAL G 85 15.56 7.83 17.46
CA VAL G 85 15.85 6.65 16.66
C VAL G 85 15.04 5.46 17.11
N ALA G 86 14.99 5.25 18.41
CA ALA G 86 14.23 4.12 18.94
C ALA G 86 12.73 4.27 18.68
N ALA G 87 12.21 5.50 18.69
CA ALA G 87 10.79 5.71 18.43
C ALA G 87 10.52 5.22 17.01
N ALA G 88 11.52 5.39 16.15
CA ALA G 88 11.41 4.97 14.78
C ALA G 88 11.46 3.45 14.76
N ALA G 89 12.40 2.88 15.51
CA ALA G 89 12.53 1.42 15.58
C ALA G 89 11.20 0.82 16.07
N ASP G 90 10.44 1.59 16.82
CA ASP G 90 9.13 1.13 17.30
C ASP G 90 8.10 1.13 16.17
N LEU G 91 8.16 2.16 15.30
CA LEU G 91 7.23 2.28 14.17
C LEU G 91 7.38 1.10 13.23
N GLY G 92 8.57 0.49 13.25
CA GLY G 92 8.84 -0.66 12.41
C GLY G 92 9.48 -0.33 11.07
N VAL G 93 9.72 0.96 10.84
CA VAL G 93 10.31 1.41 9.59
C VAL G 93 11.54 0.63 9.20
N TRP G 94 11.72 0.55 7.88
CA TRP G 94 12.80 -0.16 7.22
C TRP G 94 14.16 0.50 7.40
N MSE G 95 14.18 1.83 7.29
CA MSE G 95 15.39 2.62 7.38
C MSE G 95 15.09 3.98 8.02
O MSE G 95 14.02 4.56 7.78
CB MSE G 95 15.98 2.80 5.98
CG MSE G 95 16.92 3.99 5.79
SE MSE G 95 17.91 3.99 4.12
CE MSE G 95 16.52 4.55 2.95
N VAL G 96 16.03 4.46 8.82
CA VAL G 96 15.86 5.74 9.50
C VAL G 96 17.09 6.65 9.34
N ASN G 97 16.81 7.94 9.34
CA ASN G 97 17.77 9.02 9.13
C ASN G 97 18.39 9.71 10.34
N VAL G 98 19.62 10.19 10.16
CA VAL G 98 20.35 10.94 11.18
C VAL G 98 21.41 11.80 10.47
N HIS G 99 21.70 12.99 11.01
CA HIS G 99 22.68 13.92 10.42
C HIS G 99 24.10 13.66 10.92
N ALA G 100 25.05 13.36 10.05
CA ALA G 100 26.42 13.13 10.49
C ALA G 100 27.02 14.38 11.16
N SER G 101 26.63 15.55 10.67
CA SER G 101 27.11 16.82 11.21
C SER G 101 26.77 16.96 12.70
N GLY G 102 26.06 15.98 13.22
CA GLY G 102 25.66 16.01 14.61
C GLY G 102 26.68 15.45 15.57
N GLY G 103 27.79 14.95 15.03
CA GLY G 103 28.85 14.44 15.87
C GLY G 103 28.87 12.96 16.21
N ALA G 104 30.06 12.50 16.59
CA ALA G 104 30.31 11.11 16.95
C ALA G 104 29.49 10.66 18.12
N ARG G 105 29.55 11.42 19.21
CA ARG G 105 28.82 11.07 20.41
C ARG G 105 27.37 10.79 20.06
N MSE G 106 26.76 11.74 19.36
CA MSE G 106 25.36 11.60 18.97
C MSE G 106 25.11 10.35 18.16
O MSE G 106 24.21 9.57 18.47
CB MSE G 106 24.90 12.80 18.16
CG MSE G 106 23.43 12.71 17.81
SE MSE G 106 22.96 13.84 16.35
CE MSE G 106 23.43 12.63 14.95
N MSE G 107 25.91 10.15 17.12
CA MSE G 107 25.73 8.98 16.28
C MSE G 107 25.83 7.70 17.09
O MSE G 107 24.93 6.86 17.03
CB MSE G 107 26.75 8.97 15.15
CG MSE G 107 26.45 9.99 14.05
SE MSE G 107 27.29 9.65 12.36
CE MSE G 107 28.72 10.94 12.49
N THR G 108 26.91 7.58 17.86
CA THR G 108 27.11 6.38 18.67
C THR G 108 25.88 6.20 19.56
N ALA G 109 25.36 7.31 20.08
CA ALA G 109 24.19 7.23 20.93
C ALA G 109 23.05 6.56 20.17
N ALA G 110 22.83 7.00 18.94
CA ALA G 110 21.78 6.44 18.11
C ALA G 110 21.97 4.96 17.89
N ARG G 111 23.18 4.57 17.45
CA ARG G 111 23.47 3.17 17.21
C ARG G 111 23.03 2.32 18.37
N GLU G 112 23.56 2.65 19.54
CA GLU G 112 23.24 1.91 20.74
C GLU G 112 21.74 1.82 21.00
N ALA G 113 21.02 2.92 20.86
CA ALA G 113 19.59 2.91 21.08
C ALA G 113 18.88 1.81 20.29
N LEU G 114 19.55 1.27 19.27
CA LEU G 114 18.95 0.23 18.44
C LEU G 114 19.25 -1.21 18.81
N VAL G 115 20.37 -1.44 19.50
CA VAL G 115 20.74 -2.79 19.92
C VAL G 115 19.55 -3.54 20.54
N PRO G 116 18.71 -2.84 21.32
CA PRO G 116 17.53 -3.45 21.95
C PRO G 116 16.53 -4.05 20.97
N PHE G 117 16.59 -3.66 19.70
CA PHE G 117 15.65 -4.18 18.71
C PHE G 117 16.29 -5.25 17.83
N GLY G 118 17.62 -5.36 17.95
CA GLY G 118 18.39 -6.35 17.21
C GLY G 118 18.17 -6.51 15.72
N LYS G 119 17.63 -7.66 15.35
CA LYS G 119 17.37 -7.98 13.94
C LYS G 119 16.24 -7.15 13.36
N ASP G 120 15.36 -6.62 14.22
CA ASP G 120 14.23 -5.81 13.76
C ASP G 120 14.59 -4.33 13.67
N ALA G 121 15.85 -4.02 13.91
CA ALA G 121 16.30 -2.63 13.87
C ALA G 121 16.32 -2.08 12.46
N PRO G 122 15.85 -0.85 12.28
CA PRO G 122 15.88 -0.28 10.93
C PRO G 122 17.32 0.00 10.57
N LEU G 123 17.56 0.38 9.33
CA LEU G 123 18.90 0.69 8.90
C LEU G 123 19.21 2.09 9.36
N LEU G 124 20.38 2.24 9.97
CA LEU G 124 20.77 3.54 10.46
C LEU G 124 21.77 4.18 9.53
N ILE G 125 21.37 5.29 8.93
CA ILE G 125 22.21 5.99 7.98
C ILE G 125 22.28 7.46 8.33
N ALA G 126 23.44 8.06 8.07
CA ALA G 126 23.64 9.46 8.37
C ALA G 126 23.79 10.30 7.11
N VAL G 127 23.15 11.46 7.12
CA VAL G 127 23.21 12.38 6.00
C VAL G 127 24.51 13.14 6.09
N THR G 128 25.29 13.14 5.02
CA THR G 128 26.55 13.86 5.04
C THR G 128 26.29 15.31 4.66
N VAL G 129 26.55 15.69 3.41
CA VAL G 129 26.29 17.05 2.94
C VAL G 129 25.05 16.95 2.09
N LEU G 130 24.10 17.87 2.27
CA LEU G 130 22.87 17.80 1.51
C LEU G 130 23.10 18.03 0.01
N THR G 131 22.47 17.19 -0.81
CA THR G 131 22.63 17.29 -2.26
C THR G 131 22.31 18.66 -2.81
N SER G 132 21.55 19.45 -2.08
CA SER G 132 21.20 20.78 -2.58
C SER G 132 22.31 21.80 -2.32
N MSE G 133 23.50 21.33 -1.98
CA MSE G 133 24.58 22.27 -1.70
C MSE G 133 25.82 22.18 -2.55
O MSE G 133 26.20 21.12 -3.04
CB MSE G 133 24.99 22.17 -0.23
CG MSE G 133 23.90 22.58 0.75
SE MSE G 133 24.54 22.67 2.56
CE MSE G 133 24.41 20.79 3.06
N GLU G 134 26.45 23.35 -2.71
CA GLU G 134 27.69 23.53 -3.46
C GLU G 134 28.66 24.26 -2.54
N ALA G 135 29.95 24.25 -2.88
CA ALA G 135 30.94 24.91 -2.04
C ALA G 135 30.53 26.36 -1.78
N SER G 136 29.77 26.92 -2.70
CA SER G 136 29.31 28.30 -2.56
C SER G 136 28.35 28.45 -1.38
N ASP G 137 27.67 27.37 -1.01
CA ASP G 137 26.73 27.41 0.11
C ASP G 137 27.47 27.13 1.42
N LEU G 138 28.38 26.17 1.36
CA LEU G 138 29.17 25.80 2.54
C LEU G 138 30.05 26.97 2.91
N VAL G 139 30.26 27.86 1.95
CA VAL G 139 31.09 29.03 2.19
C VAL G 139 30.44 30.00 3.16
N ASP G 140 29.11 30.16 3.09
CA ASP G 140 28.41 31.09 3.98
C ASP G 140 28.66 30.67 5.43
N LEU G 141 29.07 29.41 5.62
CA LEU G 141 29.39 28.90 6.94
C LEU G 141 30.92 28.89 6.91
N GLY G 142 31.57 28.76 8.06
CA GLY G 142 33.03 28.76 8.06
C GLY G 142 33.65 27.56 7.34
N MSE G 143 33.08 27.19 6.19
CA MSE G 143 33.55 26.03 5.42
C MSE G 143 34.40 26.42 4.21
O MSE G 143 33.92 27.04 3.26
CB MSE G 143 32.35 25.22 4.94
CG MSE G 143 32.70 23.83 4.42
SE MSE G 143 33.13 22.61 5.87
CE MSE G 143 31.40 22.63 6.75
N THR G 144 35.67 26.00 4.22
CA THR G 144 36.59 26.28 3.13
C THR G 144 36.70 25.04 2.24
N LEU G 145 36.37 23.88 2.82
CA LEU G 145 36.41 22.59 2.14
C LEU G 145 35.59 22.61 0.85
N SER G 146 34.96 21.49 0.53
CA SER G 146 34.13 21.42 -0.67
C SER G 146 33.14 20.32 -0.48
N PRO G 147 32.05 20.33 -1.25
CA PRO G 147 31.05 19.26 -1.10
C PRO G 147 31.74 17.92 -0.95
N ALA G 148 32.07 17.30 -2.07
CA ALA G 148 32.72 15.99 -2.06
C ALA G 148 33.72 15.80 -0.91
N ASP G 149 34.60 16.78 -0.72
CA ASP G 149 35.59 16.64 0.37
C ASP G 149 34.89 16.41 1.69
N TYR G 150 34.21 17.45 2.15
CA TYR G 150 33.49 17.44 3.42
C TYR G 150 32.63 16.20 3.62
N ALA G 151 31.72 15.95 2.69
CA ALA G 151 30.87 14.78 2.79
C ALA G 151 31.70 13.56 3.17
N GLU G 152 32.88 13.42 2.57
CA GLU G 152 33.72 12.28 2.86
C GLU G 152 34.15 12.22 4.33
N ARG G 153 34.57 13.35 4.89
CA ARG G 153 34.97 13.37 6.29
C ARG G 153 33.82 12.86 7.14
N LEU G 154 32.63 13.43 6.95
CA LEU G 154 31.45 13.00 7.68
C LEU G 154 31.26 11.50 7.50
N ALA G 155 31.28 11.07 6.25
CA ALA G 155 31.09 9.67 5.94
C ALA G 155 32.05 8.79 6.72
N ALA G 156 33.30 9.23 6.84
CA ALA G 156 34.31 8.47 7.57
C ALA G 156 33.93 8.33 9.04
N LEU G 157 33.55 9.45 9.63
CA LEU G 157 33.14 9.48 11.03
C LEU G 157 31.92 8.59 11.22
N THR G 158 31.04 8.57 10.23
CA THR G 158 29.84 7.74 10.26
C THR G 158 30.21 6.26 10.24
N GLN G 159 31.21 5.95 9.43
CA GLN G 159 31.73 4.59 9.31
C GLN G 159 32.19 4.17 10.70
N LYS G 160 33.15 4.92 11.23
CA LYS G 160 33.72 4.65 12.54
C LYS G 160 32.70 4.37 13.63
N CYS G 161 31.63 5.16 13.68
CA CYS G 161 30.62 4.96 14.71
C CYS G 161 29.79 3.68 14.58
N GLY G 162 29.95 2.98 13.46
CA GLY G 162 29.24 1.73 13.28
C GLY G 162 27.89 1.79 12.57
N LEU G 163 27.58 2.92 11.95
CA LEU G 163 26.32 3.05 11.24
C LEU G 163 26.40 2.19 9.97
N ASP G 164 25.23 1.83 9.45
CA ASP G 164 25.14 0.98 8.26
C ASP G 164 25.47 1.66 6.93
N GLY G 165 25.11 2.93 6.80
CA GLY G 165 25.39 3.65 5.57
C GLY G 165 25.45 5.14 5.74
N VAL G 166 25.47 5.85 4.61
CA VAL G 166 25.55 7.30 4.60
C VAL G 166 24.63 7.85 3.49
N VAL G 167 24.32 9.13 3.53
CA VAL G 167 23.51 9.71 2.47
C VAL G 167 24.34 10.80 1.81
N CYS G 168 24.43 10.73 0.49
CA CYS G 168 25.21 11.70 -0.29
C CYS G 168 24.74 11.78 -1.73
N SER G 169 25.42 12.62 -2.50
CA SER G 169 25.10 12.78 -3.91
C SER G 169 25.72 11.58 -4.61
N ALA G 170 25.13 11.15 -5.72
CA ALA G 170 25.68 10.01 -6.43
C ALA G 170 27.05 10.37 -7.01
N GLN G 171 27.40 11.65 -6.96
CA GLN G 171 28.69 12.11 -7.48
C GLN G 171 29.83 11.86 -6.50
N GLU G 172 29.59 11.01 -5.52
CA GLU G 172 30.60 10.68 -4.51
C GLU G 172 30.55 9.17 -4.27
N ALA G 173 29.52 8.55 -4.83
CA ALA G 173 29.29 7.12 -4.68
C ALA G 173 30.43 6.26 -5.19
N VAL G 174 31.43 6.88 -5.80
CA VAL G 174 32.55 6.11 -6.32
C VAL G 174 33.72 6.24 -5.37
N ARG G 175 34.13 7.48 -5.08
CA ARG G 175 35.25 7.69 -4.17
C ARG G 175 34.91 7.04 -2.83
N PHE G 176 33.62 7.06 -2.48
CA PHE G 176 33.15 6.47 -1.21
C PHE G 176 33.13 4.95 -1.29
N LYS G 177 32.27 4.42 -2.15
CA LYS G 177 32.14 2.97 -2.33
C LYS G 177 33.55 2.40 -2.39
N GLN G 178 34.46 3.23 -2.87
CA GLN G 178 35.87 2.90 -2.98
C GLN G 178 36.48 2.83 -1.58
N VAL G 179 36.60 4.00 -0.93
CA VAL G 179 37.18 4.12 0.40
C VAL G 179 36.42 3.43 1.54
N PHE G 180 35.17 3.04 1.31
CA PHE G 180 34.39 2.41 2.37
C PHE G 180 33.92 0.98 2.10
N GLY G 181 34.05 0.54 0.85
CA GLY G 181 33.64 -0.82 0.51
C GLY G 181 32.18 -1.05 0.23
N GLN G 182 31.89 -2.17 -0.43
CA GLN G 182 30.51 -2.52 -0.79
C GLN G 182 29.63 -2.68 0.44
N GLU G 183 30.26 -2.70 1.61
CA GLU G 183 29.53 -2.87 2.86
C GLU G 183 28.79 -1.60 3.22
N PHE G 184 29.54 -0.50 3.31
CA PHE G 184 28.97 0.79 3.66
C PHE G 184 27.94 1.20 2.60
N LYS G 185 26.67 0.96 2.90
CA LYS G 185 25.59 1.31 1.99
C LYS G 185 25.52 2.79 1.68
N LEU G 186 25.17 3.11 0.43
CA LEU G 186 25.05 4.48 -0.01
C LEU G 186 23.66 4.76 -0.57
N VAL G 187 23.06 5.87 -0.14
CA VAL G 187 21.74 6.27 -0.60
C VAL G 187 21.87 7.66 -1.21
N THR G 188 21.54 7.77 -2.50
CA THR G 188 21.68 9.03 -3.23
C THR G 188 20.42 9.66 -3.77
N PRO G 189 20.15 10.90 -3.35
CA PRO G 189 18.98 11.64 -3.81
C PRO G 189 19.53 12.61 -4.85
N GLY G 190 18.74 13.60 -5.26
CA GLY G 190 19.22 14.54 -6.26
C GLY G 190 19.45 13.80 -7.57
N ILE G 191 18.42 13.06 -7.96
CA ILE G 191 18.44 12.25 -9.17
C ILE G 191 17.52 12.83 -10.23
N ARG G 192 18.11 13.53 -11.19
CA ARG G 192 17.36 14.15 -12.28
C ARG G 192 17.64 13.41 -13.58
N PRO G 193 16.61 12.76 -14.14
CA PRO G 193 16.77 12.04 -15.40
C PRO G 193 16.64 12.97 -16.63
N GLN G 194 17.79 13.42 -17.13
CA GLN G 194 17.93 14.31 -18.30
C GLN G 194 16.69 15.11 -18.76
N GLY G 195 16.89 16.42 -18.93
CA GLY G 195 15.78 17.26 -19.36
C GLY G 195 14.73 17.25 -18.28
N SER G 196 15.21 17.26 -17.05
CA SER G 196 14.37 17.26 -15.85
C SER G 196 14.79 18.46 -15.01
N GLU G 197 13.80 19.24 -14.60
CA GLU G 197 14.04 20.43 -13.79
C GLU G 197 14.81 20.07 -12.53
N ALA G 198 15.89 20.81 -12.26
CA ALA G 198 16.72 20.56 -11.07
C ALA G 198 16.12 21.23 -9.83
N GLY G 199 15.94 22.55 -9.91
CA GLY G 199 15.40 23.29 -8.78
C GLY G 199 16.50 23.61 -7.79
N ASP G 200 16.21 23.38 -6.51
CA ASP G 200 17.18 23.64 -5.46
C ASP G 200 18.27 22.59 -5.45
N GLN G 201 18.06 21.54 -6.24
CA GLN G 201 19.00 20.44 -6.33
C GLN G 201 20.29 20.92 -6.99
N ARG G 202 21.43 20.33 -6.64
CA ARG G 202 22.70 20.71 -7.23
C ARG G 202 23.56 19.53 -7.69
N ARG G 203 24.23 18.84 -6.75
CA ARG G 203 25.05 17.67 -7.10
C ARG G 203 24.14 16.56 -7.68
N ILE G 204 23.67 16.77 -8.91
CA ILE G 204 22.77 15.85 -9.57
C ILE G 204 23.44 14.73 -10.38
N MSE G 205 22.60 13.85 -10.92
CA MSE G 205 23.04 12.73 -11.73
C MSE G 205 21.75 12.03 -12.17
O MSE G 205 20.69 12.25 -11.60
CB MSE G 205 23.88 11.78 -10.90
CG MSE G 205 24.68 10.79 -11.70
SE MSE G 205 26.50 10.69 -11.03
CE MSE G 205 27.09 12.46 -11.61
N THR G 206 21.83 11.21 -13.21
CA THR G 206 20.64 10.55 -13.68
C THR G 206 20.58 9.13 -13.15
N PRO G 207 19.38 8.53 -13.15
CA PRO G 207 19.23 7.17 -12.64
C PRO G 207 20.36 6.29 -13.16
N GLU G 208 20.59 6.38 -14.46
CA GLU G 208 21.63 5.62 -15.12
C GLU G 208 22.98 5.83 -14.45
N GLN G 209 23.61 6.96 -14.72
CA GLN G 209 24.92 7.26 -14.15
C GLN G 209 24.98 7.05 -12.63
N ALA G 210 23.82 7.09 -11.98
CA ALA G 210 23.77 6.87 -10.53
C ALA G 210 24.08 5.39 -10.29
N LEU G 211 23.27 4.52 -10.89
CA LEU G 211 23.47 3.09 -10.77
C LEU G 211 24.91 2.74 -11.14
N SER G 212 25.52 3.60 -11.94
CA SER G 212 26.89 3.41 -12.39
C SER G 212 27.91 3.50 -11.26
N ALA G 213 27.87 4.60 -10.51
CA ALA G 213 28.81 4.82 -9.41
C ALA G 213 28.76 3.72 -8.34
N GLY G 214 27.63 3.01 -8.28
CA GLY G 214 27.50 1.92 -7.32
C GLY G 214 26.55 2.18 -6.17
N VAL G 215 25.78 3.26 -6.25
CA VAL G 215 24.83 3.61 -5.21
C VAL G 215 23.90 2.43 -4.90
N ASP G 216 23.66 2.19 -3.62
CA ASP G 216 22.79 1.10 -3.19
C ASP G 216 21.33 1.44 -3.42
N TYR G 217 20.94 2.67 -3.12
CA TYR G 217 19.56 3.09 -3.35
C TYR G 217 19.60 4.53 -3.81
N MSE G 218 18.56 4.94 -4.51
CA MSE G 218 18.48 6.31 -5.01
C MSE G 218 17.10 6.88 -4.74
O MSE G 218 16.08 6.18 -4.77
CB MSE G 218 18.80 6.32 -6.50
CG MSE G 218 17.98 5.33 -7.33
SE MSE G 218 18.53 5.23 -9.20
CE MSE G 218 17.63 6.81 -9.81
N VAL G 219 17.06 8.18 -4.45
CA VAL G 219 15.81 8.83 -4.13
C VAL G 219 15.33 9.70 -5.26
N ILE G 220 14.22 9.30 -5.86
CA ILE G 220 13.66 10.11 -6.93
C ILE G 220 12.44 10.79 -6.34
N GLY G 221 12.47 12.11 -6.35
CA GLY G 221 11.38 12.89 -5.82
C GLY G 221 10.38 13.35 -6.85
N ARG G 222 10.53 14.60 -7.27
CA ARG G 222 9.63 15.20 -8.23
C ARG G 222 9.57 14.57 -9.63
N PRO G 223 10.72 14.21 -10.21
CA PRO G 223 10.73 13.59 -11.54
C PRO G 223 9.58 12.62 -11.68
N VAL G 224 9.33 11.85 -10.63
CA VAL G 224 8.26 10.86 -10.65
C VAL G 224 6.91 11.41 -10.18
N THR G 225 6.95 12.30 -9.21
CA THR G 225 5.72 12.85 -8.65
C THR G 225 5.17 14.09 -9.34
N GLN G 226 6.03 14.85 -10.02
CA GLN G 226 5.61 16.04 -10.73
C GLN G 226 5.59 15.80 -12.23
N SER G 227 5.14 14.62 -12.61
CA SER G 227 5.06 14.24 -14.02
C SER G 227 3.72 13.56 -14.20
N VAL G 228 2.97 14.01 -15.21
CA VAL G 228 1.67 13.42 -15.51
C VAL G 228 1.86 11.91 -15.52
N ASP G 229 0.85 11.18 -15.06
CA ASP G 229 0.94 9.72 -14.97
C ASP G 229 2.34 9.33 -14.47
N PRO G 230 2.55 9.47 -13.15
CA PRO G 230 3.81 9.15 -12.46
C PRO G 230 4.07 7.64 -12.44
N ALA G 231 3.03 6.87 -12.16
CA ALA G 231 3.12 5.41 -12.11
C ALA G 231 3.91 4.96 -13.32
N GLN G 232 3.60 5.58 -14.45
CA GLN G 232 4.26 5.30 -15.71
C GLN G 232 5.75 5.60 -15.61
N THR G 233 6.05 6.84 -15.27
CA THR G 233 7.44 7.29 -15.15
C THR G 233 8.28 6.38 -14.25
N LEU G 234 7.63 5.72 -13.28
CA LEU G 234 8.36 4.83 -12.40
C LEU G 234 8.77 3.60 -13.21
N LYS G 235 7.80 2.93 -13.81
CA LYS G 235 8.07 1.75 -14.64
C LYS G 235 9.16 2.09 -15.65
N ALA G 236 9.06 3.31 -16.19
CA ALA G 236 10.03 3.80 -17.14
C ALA G 236 11.41 3.72 -16.50
N ILE G 237 11.64 4.60 -15.53
CA ILE G 237 12.92 4.69 -14.82
C ILE G 237 13.47 3.34 -14.38
N ASN G 238 12.58 2.41 -14.09
CA ASN G 238 12.99 1.06 -13.68
C ASN G 238 13.69 0.38 -14.84
N ALA G 239 12.90 0.13 -15.90
CA ALA G 239 13.43 -0.49 -17.09
C ALA G 239 14.73 0.23 -17.45
N SER G 240 14.66 1.57 -17.47
CA SER G 240 15.81 2.39 -17.79
C SER G 240 17.05 1.88 -17.06
N LEU G 241 16.83 1.37 -15.85
CA LEU G 241 17.90 0.87 -15.01
C LEU G 241 18.09 -0.65 -15.14
N GLN G 242 18.16 -1.12 -16.39
CA GLN G 242 18.33 -2.56 -16.61
C GLN G 242 19.13 -2.81 -17.86
N VAL H 12 -1.92 33.40 27.40
CA VAL H 12 -0.50 33.87 27.51
C VAL H 12 0.10 33.67 28.91
N THR H 13 1.39 33.34 28.93
CA THR H 13 2.13 33.11 30.16
C THR H 13 3.16 34.22 30.25
N ASN H 14 3.96 34.20 31.32
CA ASN H 14 4.99 35.22 31.50
C ASN H 14 6.36 34.62 31.67
N SER H 15 6.39 33.38 32.14
CA SER H 15 7.65 32.70 32.34
C SER H 15 8.37 32.51 31.03
N PRO H 16 9.69 32.70 31.04
CA PRO H 16 10.52 32.55 29.84
C PRO H 16 10.78 31.05 29.70
N VAL H 17 10.00 30.27 30.42
CA VAL H 17 10.16 28.84 30.45
C VAL H 17 9.32 28.00 29.53
N VAL H 18 10.04 27.14 28.82
CA VAL H 18 9.47 26.19 27.90
C VAL H 18 10.01 24.88 28.43
N VAL H 19 9.11 23.98 28.80
CA VAL H 19 9.52 22.70 29.31
C VAL H 19 9.56 21.69 28.18
N ALA H 20 10.71 21.04 28.04
CA ALA H 20 10.88 20.03 27.03
C ALA H 20 10.14 18.75 27.41
N LEU H 21 9.02 18.49 26.74
CA LEU H 21 8.25 17.28 26.99
C LEU H 21 8.87 16.09 26.25
N ASP H 22 9.91 15.47 26.82
CA ASP H 22 10.55 14.33 26.14
C ASP H 22 10.23 12.96 26.76
N TYR H 23 8.94 12.65 26.86
CA TYR H 23 8.46 11.37 27.42
C TYR H 23 8.29 10.30 26.33
N HIS H 24 8.48 9.04 26.68
CA HIS H 24 8.31 7.94 25.74
C HIS H 24 6.93 7.36 25.93
N ASN H 25 6.07 8.08 26.64
CA ASN H 25 4.72 7.62 26.90
C ASN H 25 3.76 8.82 26.95
N ARG H 26 2.66 8.71 26.23
CA ARG H 26 1.69 9.79 26.16
C ARG H 26 1.07 10.16 27.51
N ASP H 27 0.62 9.14 28.25
CA ASP H 27 -0.01 9.37 29.56
C ASP H 27 0.98 10.00 30.51
N ASP H 28 2.13 9.35 30.66
CA ASP H 28 3.20 9.81 31.51
C ASP H 28 3.29 11.33 31.33
N ALA H 29 3.34 11.75 30.07
CA ALA H 29 3.46 13.17 29.76
C ALA H 29 2.19 13.94 30.07
N LEU H 30 1.06 13.47 29.59
CA LEU H 30 -0.18 14.18 29.86
C LEU H 30 -0.42 14.35 31.35
N ALA H 31 0.17 13.45 32.15
CA ALA H 31 0.06 13.55 33.60
C ALA H 31 0.62 14.90 33.99
N PHE H 32 1.92 15.05 33.79
CA PHE H 32 2.61 16.29 34.08
C PHE H 32 1.85 17.50 33.59
N VAL H 33 1.43 17.47 32.33
CA VAL H 33 0.73 18.61 31.76
C VAL H 33 -0.46 19.07 32.57
N ASP H 34 -1.34 18.14 32.94
CA ASP H 34 -2.52 18.49 33.73
C ASP H 34 -2.18 19.13 35.07
N LYS H 35 -1.04 18.73 35.64
CA LYS H 35 -0.59 19.27 36.91
C LYS H 35 -0.26 20.75 36.77
N ILE H 36 0.19 21.18 35.60
CA ILE H 36 0.53 22.59 35.39
C ILE H 36 -0.56 23.35 34.63
N ASP H 37 -0.26 24.59 34.27
CA ASP H 37 -1.22 25.44 33.55
C ASP H 37 -0.45 26.47 32.71
N PRO H 38 -0.93 26.75 31.48
CA PRO H 38 -0.32 27.71 30.55
C PRO H 38 0.46 28.83 31.24
N ARG H 39 -0.26 29.60 32.04
CA ARG H 39 0.30 30.72 32.79
C ARG H 39 1.68 30.41 33.37
N ASP H 40 1.91 29.14 33.69
CA ASP H 40 3.17 28.67 34.28
C ASP H 40 4.33 28.56 33.29
N CYS H 41 4.06 28.05 32.09
CA CYS H 41 5.11 27.87 31.08
C CYS H 41 4.56 27.47 29.72
N ARG H 42 5.48 27.32 28.76
CA ARG H 42 5.13 26.89 27.41
C ARG H 42 5.69 25.47 27.23
N LEU H 43 5.07 24.71 26.33
CA LEU H 43 5.53 23.35 26.08
C LEU H 43 6.30 23.20 24.77
N LYS H 44 7.29 22.31 24.76
CA LYS H 44 8.10 22.07 23.56
C LYS H 44 8.10 20.60 23.14
N VAL H 45 7.39 20.28 22.06
CA VAL H 45 7.36 18.90 21.54
C VAL H 45 8.53 18.77 20.56
N GLY H 46 9.22 17.62 20.61
CA GLY H 46 10.37 17.44 19.74
C GLY H 46 10.45 16.12 19.03
N LYS H 47 11.63 15.81 18.51
CA LYS H 47 11.78 14.59 17.75
C LYS H 47 11.21 13.35 18.40
N GLU H 48 11.62 13.03 19.62
CA GLU H 48 11.11 11.85 20.30
C GLU H 48 9.59 11.76 20.32
N MSE H 49 8.96 12.67 21.05
CA MSE H 49 7.52 12.63 21.16
C MSE H 49 6.76 12.81 19.88
O MSE H 49 5.64 12.28 19.76
CB MSE H 49 7.04 13.63 22.19
CG MSE H 49 7.28 13.17 23.64
SE MSE H 49 6.07 13.99 24.90
CE MSE H 49 4.58 12.76 24.75
N PHE H 50 7.32 13.52 18.91
CA PHE H 50 6.60 13.72 17.66
C PHE H 50 6.66 12.44 16.82
N THR H 51 7.82 11.79 16.80
CA THR H 51 7.96 10.56 16.04
C THR H 51 7.01 9.50 16.59
N LEU H 52 6.52 9.74 17.81
CA LEU H 52 5.63 8.78 18.45
C LEU H 52 4.16 9.11 18.36
N PHE H 53 3.80 10.38 18.47
CA PHE H 53 2.38 10.69 18.45
C PHE H 53 1.95 11.72 17.41
N GLY H 54 2.89 12.11 16.55
CA GLY H 54 2.58 13.04 15.48
C GLY H 54 1.96 14.37 15.89
N PRO H 55 1.42 15.12 14.93
CA PRO H 55 0.81 16.42 15.22
C PRO H 55 -0.46 16.25 16.02
N GLN H 56 -0.97 15.03 16.09
CA GLN H 56 -2.20 14.79 16.83
C GLN H 56 -2.00 15.21 18.29
N PHE H 57 -0.88 14.76 18.87
CA PHE H 57 -0.53 15.09 20.24
C PHE H 57 -0.32 16.58 20.39
N VAL H 58 0.12 17.25 19.34
CA VAL H 58 0.32 18.69 19.44
C VAL H 58 -1.03 19.38 19.55
N ARG H 59 -2.04 18.80 18.92
CA ARG H 59 -3.37 19.39 18.97
C ARG H 59 -3.92 19.29 20.40
N GLU H 60 -3.66 18.16 21.04
CA GLU H 60 -4.10 17.93 22.40
C GLU H 60 -3.51 18.98 23.35
N LEU H 61 -2.20 19.19 23.27
CA LEU H 61 -1.54 20.17 24.13
C LEU H 61 -2.10 21.56 23.85
N GLN H 62 -2.51 21.79 22.61
CA GLN H 62 -3.06 23.09 22.24
C GLN H 62 -4.50 23.20 22.70
N GLN H 63 -5.20 22.06 22.71
CA GLN H 63 -6.59 22.00 23.14
C GLN H 63 -6.64 22.46 24.60
N ARG H 64 -5.58 22.16 25.34
CA ARG H 64 -5.48 22.55 26.74
C ARG H 64 -5.01 24.00 26.86
N GLY H 65 -4.81 24.69 25.73
CA GLY H 65 -4.42 26.09 25.79
C GLY H 65 -2.95 26.50 25.74
N PHE H 66 -2.01 25.58 25.91
CA PHE H 66 -0.60 25.97 25.89
C PHE H 66 -0.07 26.36 24.52
N ASP H 67 1.07 27.04 24.53
CA ASP H 67 1.77 27.44 23.31
C ASP H 67 2.78 26.36 23.05
N ILE H 68 2.74 25.77 21.87
CA ILE H 68 3.69 24.71 21.57
C ILE H 68 4.83 25.19 20.70
N PHE H 69 6.00 24.63 20.94
CA PHE H 69 7.21 24.90 20.19
C PHE H 69 7.56 23.58 19.54
N LEU H 70 7.25 23.46 18.25
CA LEU H 70 7.53 22.24 17.52
C LEU H 70 9.02 22.26 17.25
N ASP H 71 9.75 21.39 17.95
CA ASP H 71 11.21 21.34 17.84
C ASP H 71 11.64 20.13 17.03
N LEU H 72 11.65 20.32 15.73
CA LEU H 72 12.01 19.27 14.79
C LEU H 72 13.30 19.60 14.05
N LYS H 73 13.83 20.79 14.32
CA LYS H 73 15.08 21.26 13.72
C LYS H 73 15.27 20.84 12.28
N PHE H 74 14.34 21.24 11.43
CA PHE H 74 14.39 20.94 10.01
C PHE H 74 15.79 21.27 9.49
N HIS H 75 16.35 20.36 8.68
CA HIS H 75 17.69 20.53 8.11
C HIS H 75 17.69 19.67 6.84
N ASP H 76 17.09 20.22 5.78
CA ASP H 76 16.94 19.51 4.50
C ASP H 76 17.29 20.41 3.33
N ILE H 77 16.86 19.99 2.14
CA ILE H 77 17.05 20.81 0.94
C ILE H 77 16.04 21.93 1.04
N PRO H 78 16.36 23.11 0.50
CA PRO H 78 15.45 24.26 0.56
C PRO H 78 13.99 23.92 0.33
N ASN H 79 13.72 23.13 -0.71
CA ASN H 79 12.34 22.80 -1.00
C ASN H 79 11.67 22.14 0.19
N THR H 80 12.28 21.06 0.71
CA THR H 80 11.70 20.34 1.85
C THR H 80 11.48 21.26 3.05
N ALA H 81 12.52 22.02 3.39
CA ALA H 81 12.46 22.94 4.51
C ALA H 81 11.20 23.77 4.47
N ALA H 82 11.05 24.52 3.38
CA ALA H 82 9.90 25.39 3.23
C ALA H 82 8.57 24.64 3.37
N HIS H 83 8.47 23.46 2.78
CA HIS H 83 7.23 22.73 2.88
C HIS H 83 6.98 22.32 4.29
N ALA H 84 8.04 21.87 4.95
CA ALA H 84 7.96 21.43 6.34
C ALA H 84 7.49 22.58 7.21
N VAL H 85 8.18 23.72 7.11
CA VAL H 85 7.85 24.88 7.91
C VAL H 85 6.38 25.22 7.78
N ALA H 86 5.88 25.22 6.56
CA ALA H 86 4.48 25.53 6.34
C ALA H 86 3.55 24.50 6.95
N ALA H 87 3.96 23.22 6.96
CA ALA H 87 3.13 22.17 7.54
C ALA H 87 2.97 22.50 9.03
N ALA H 88 4.01 23.10 9.59
CA ALA H 88 4.00 23.48 10.99
C ALA H 88 3.07 24.67 11.13
N ALA H 89 3.21 25.64 10.22
CA ALA H 89 2.34 26.83 10.25
C ALA H 89 0.88 26.39 10.17
N ASP H 90 0.63 25.23 9.56
CA ASP H 90 -0.74 24.70 9.46
C ASP H 90 -1.20 24.15 10.81
N LEU H 91 -0.30 23.49 11.53
CA LEU H 91 -0.60 22.90 12.85
C LEU H 91 -1.02 24.00 13.82
N GLY H 92 -0.55 25.21 13.57
CA GLY H 92 -0.89 26.35 14.41
C GLY H 92 0.12 26.63 15.51
N VAL H 93 1.18 25.82 15.57
CA VAL H 93 2.21 25.98 16.58
C VAL H 93 2.69 27.40 16.73
N TRP H 94 3.10 27.70 17.95
CA TRP H 94 3.57 28.99 18.39
C TRP H 94 4.96 29.35 17.82
N MSE H 95 5.85 28.36 17.81
CA MSE H 95 7.21 28.52 17.34
C MSE H 95 7.71 27.23 16.68
O MSE H 95 7.37 26.13 17.12
CB MSE H 95 8.10 28.90 18.53
CG MSE H 95 9.59 28.61 18.36
SE MSE H 95 10.72 29.40 19.74
CE MSE H 95 10.38 28.19 21.16
N VAL H 96 8.51 27.40 15.62
CA VAL H 96 9.04 26.24 14.89
C VAL H 96 10.54 26.37 14.67
N ASN H 97 11.17 25.20 14.61
CA ASN H 97 12.61 25.01 14.49
C ASN H 97 13.21 24.77 13.10
N VAL H 98 14.46 25.21 12.92
CA VAL H 98 15.21 25.01 11.69
C VAL H 98 16.71 25.09 12.03
N HIS H 99 17.55 24.33 11.33
CA HIS H 99 19.00 24.31 11.59
C HIS H 99 19.74 25.36 10.77
N ALA H 100 20.45 26.28 11.40
CA ALA H 100 21.20 27.30 10.65
C ALA H 100 22.27 26.66 9.75
N SER H 101 22.86 25.57 10.21
CA SER H 101 23.89 24.86 9.46
C SER H 101 23.37 24.39 8.10
N GLY H 102 22.09 24.63 7.86
CA GLY H 102 21.48 24.23 6.61
C GLY H 102 21.63 25.22 5.47
N GLY H 103 22.25 26.36 5.77
CA GLY H 103 22.47 27.35 4.74
C GLY H 103 21.46 28.46 4.54
N ALA H 104 21.94 29.54 3.93
CA ALA H 104 21.14 30.72 3.65
C ALA H 104 19.95 30.43 2.75
N ARG H 105 20.22 29.79 1.62
CA ARG H 105 19.18 29.48 0.67
C ARG H 105 18.02 28.80 1.40
N MSE H 106 18.36 27.74 2.14
CA MSE H 106 17.35 26.99 2.87
C MSE H 106 16.57 27.86 3.83
O MSE H 106 15.34 27.84 3.83
CB MSE H 106 17.99 25.86 3.66
CG MSE H 106 16.96 25.02 4.38
SE MSE H 106 17.68 23.99 5.80
CE MSE H 106 17.61 25.35 7.14
N MSE H 107 17.28 28.61 4.67
CA MSE H 107 16.61 29.47 5.61
C MSE H 107 15.66 30.43 4.93
O MSE H 107 14.48 30.51 5.28
CB MSE H 107 17.62 30.24 6.47
CG MSE H 107 18.32 29.37 7.50
SE MSE H 107 19.14 30.33 8.94
CE MSE H 107 20.97 30.24 8.35
N THR H 108 16.17 31.15 3.93
CA THR H 108 15.34 32.10 3.20
C THR H 108 14.12 31.38 2.66
N ALA H 109 14.32 30.15 2.20
CA ALA H 109 13.22 29.38 1.67
C ALA H 109 12.14 29.23 2.74
N ALA H 110 12.57 28.88 3.95
CA ALA H 110 11.65 28.69 5.07
C ALA H 110 10.90 29.98 5.36
N ARG H 111 11.63 31.08 5.52
CA ARG H 111 11.00 32.36 5.80
C ARG H 111 9.85 32.62 4.87
N GLU H 112 10.15 32.60 3.58
CA GLU H 112 9.16 32.83 2.56
C GLU H 112 7.95 31.93 2.69
N ALA H 113 8.17 30.64 2.91
CA ALA H 113 7.06 29.71 3.06
C ALA H 113 6.04 30.16 4.10
N LEU H 114 6.42 31.11 4.95
CA LEU H 114 5.53 31.58 6.01
C LEU H 114 4.73 32.84 5.69
N VAL H 115 5.24 33.67 4.78
CA VAL H 115 4.53 34.89 4.40
C VAL H 115 3.03 34.63 4.17
N PRO H 116 2.68 33.50 3.56
CA PRO H 116 1.27 33.15 3.30
C PRO H 116 0.39 33.06 4.55
N PHE H 117 1.01 32.91 5.72
CA PHE H 117 0.24 32.80 6.96
C PHE H 117 0.24 34.11 7.75
N GLY H 118 1.10 35.04 7.31
CA GLY H 118 1.20 36.35 7.91
C GLY H 118 1.32 36.47 9.42
N LYS H 119 0.27 37.03 10.03
CA LYS H 119 0.23 37.24 11.47
C LYS H 119 0.08 35.94 12.25
N ASP H 120 -0.43 34.90 11.58
CA ASP H 120 -0.62 33.60 12.23
C ASP H 120 0.62 32.71 12.10
N ALA H 121 1.67 33.25 11.52
CA ALA H 121 2.89 32.49 11.33
C ALA H 121 3.62 32.22 12.64
N PRO H 122 4.12 31.00 12.81
CA PRO H 122 4.83 30.71 14.05
C PRO H 122 6.14 31.45 14.01
N LEU H 123 6.87 31.44 15.12
CA LEU H 123 8.15 32.09 15.17
C LEU H 123 9.15 31.19 14.53
N LEU H 124 9.96 31.76 13.64
CA LEU H 124 10.95 30.98 12.95
C LEU H 124 12.32 31.23 13.54
N ILE H 125 12.88 30.18 14.13
CA ILE H 125 14.19 30.28 14.75
C ILE H 125 15.09 29.17 14.27
N ALA H 126 16.38 29.47 14.19
CA ALA H 126 17.36 28.52 13.73
C ALA H 126 18.31 28.09 14.82
N VAL H 127 18.58 26.78 14.87
CA VAL H 127 19.49 26.24 15.85
C VAL H 127 20.90 26.49 15.36
N THR H 128 21.74 27.08 16.21
CA THR H 128 23.12 27.35 15.81
C THR H 128 23.95 26.09 16.11
N VAL H 129 24.68 26.11 17.22
CA VAL H 129 25.49 24.95 17.62
C VAL H 129 24.72 24.30 18.75
N LEU H 130 24.58 22.98 18.72
CA LEU H 130 23.84 22.31 19.78
C LEU H 130 24.52 22.43 21.14
N THR H 131 23.74 22.74 22.16
CA THR H 131 24.27 22.90 23.52
C THR H 131 25.04 21.71 24.01
N SER H 132 24.83 20.55 23.42
CA SER H 132 25.55 19.36 23.87
C SER H 132 26.94 19.27 23.25
N MSE H 133 27.43 20.36 22.67
CA MSE H 133 28.73 20.30 22.03
C MSE H 133 29.80 21.25 22.56
O MSE H 133 29.51 22.35 23.03
CB MSE H 133 28.61 20.51 20.53
CG MSE H 133 27.84 19.41 19.83
SE MSE H 133 27.91 19.57 17.91
CE MSE H 133 26.50 20.88 17.63
N GLU H 134 31.05 20.78 22.45
CA GLU H 134 32.24 21.52 22.86
C GLU H 134 33.19 21.49 21.66
N ALA H 135 34.20 22.35 21.67
CA ALA H 135 35.14 22.40 20.56
C ALA H 135 35.71 21.02 20.28
N SER H 136 35.74 20.18 21.30
CA SER H 136 36.25 18.83 21.16
C SER H 136 35.37 17.99 20.25
N ASP H 137 34.08 18.33 20.15
CA ASP H 137 33.16 17.60 19.30
C ASP H 137 33.19 18.16 17.89
N LEU H 138 33.24 19.49 17.79
CA LEU H 138 33.29 20.17 16.50
C LEU H 138 34.59 19.80 15.82
N VAL H 139 35.55 19.34 16.61
CA VAL H 139 36.84 18.97 16.07
C VAL H 139 36.75 17.71 15.20
N ASP H 140 35.91 16.75 15.60
CA ASP H 140 35.78 15.53 14.82
C ASP H 140 35.34 15.85 13.40
N LEU H 141 34.79 17.05 13.23
CA LEU H 141 34.35 17.54 11.92
C LEU H 141 35.47 18.51 11.58
N GLY H 142 35.57 18.94 10.32
CA GLY H 142 36.63 19.86 9.95
C GLY H 142 36.49 21.25 10.60
N MSE H 143 36.11 21.27 11.88
CA MSE H 143 35.91 22.52 12.61
C MSE H 143 37.07 22.89 13.54
O MSE H 143 37.35 22.20 14.51
CB MSE H 143 34.63 22.42 13.44
CG MSE H 143 34.12 23.75 13.98
SE MSE H 143 33.29 24.82 12.59
CE MSE H 143 31.83 23.62 12.17
N THR H 144 37.72 24.02 13.23
CA THR H 144 38.84 24.51 14.04
C THR H 144 38.34 25.61 14.98
N LEU H 145 37.21 26.22 14.60
CA LEU H 145 36.59 27.29 15.37
C LEU H 145 36.33 26.87 16.82
N SER H 146 35.22 27.35 17.38
CA SER H 146 34.88 26.98 18.75
C SER H 146 33.39 27.17 18.91
N PRO H 147 32.80 26.54 19.94
CA PRO H 147 31.36 26.69 20.14
C PRO H 147 30.95 28.14 19.94
N ALA H 148 31.08 28.93 20.99
CA ALA H 148 30.71 30.34 20.94
C ALA H 148 31.03 31.02 19.60
N ASP H 149 32.25 30.83 19.10
CA ASP H 149 32.61 31.45 17.83
C ASP H 149 31.62 31.06 16.74
N TYR H 150 31.69 29.79 16.37
CA TYR H 150 30.84 29.21 15.33
C TYR H 150 29.37 29.59 15.46
N ALA H 151 28.79 29.29 16.61
CA ALA H 151 27.39 29.61 16.82
C ALA H 151 27.12 31.05 16.36
N GLU H 152 28.03 31.96 16.67
CA GLU H 152 27.84 33.36 16.27
C GLU H 152 27.75 33.53 14.75
N ARG H 153 28.65 32.89 14.01
CA ARG H 153 28.60 32.99 12.56
C ARG H 153 27.22 32.57 12.06
N LEU H 154 26.78 31.39 12.51
CA LEU H 154 25.46 30.89 12.12
C LEU H 154 24.41 31.92 12.48
N ALA H 155 24.45 32.38 13.73
CA ALA H 155 23.49 33.36 14.20
C ALA H 155 23.43 34.57 13.28
N ALA H 156 24.59 35.02 12.81
CA ALA H 156 24.65 36.18 11.93
C ALA H 156 23.92 35.91 10.63
N LEU H 157 24.21 34.75 10.04
CA LEU H 157 23.60 34.33 8.79
C LEU H 157 22.10 34.22 8.98
N THR H 158 21.69 33.77 10.17
CA THR H 158 20.28 33.62 10.52
C THR H 158 19.60 34.99 10.57
N GLN H 159 20.32 35.95 11.13
CA GLN H 159 19.86 37.33 11.24
C GLN H 159 19.58 37.81 9.83
N LYS H 160 20.63 37.80 9.01
CA LYS H 160 20.55 38.25 7.63
C LYS H 160 19.37 37.70 6.85
N CYS H 161 19.07 36.42 7.01
CA CYS H 161 17.96 35.82 6.27
C CYS H 161 16.57 36.27 6.72
N GLY H 162 16.52 37.02 7.81
CA GLY H 162 15.24 37.52 8.30
C GLY H 162 14.47 36.69 9.30
N LEU H 163 15.13 35.69 9.88
CA LEU H 163 14.48 34.84 10.86
C LEU H 163 14.29 35.66 12.15
N ASP H 164 13.34 35.24 12.98
CA ASP H 164 13.01 35.93 14.22
C ASP H 164 14.02 35.75 15.35
N GLY H 165 14.62 34.57 15.45
CA GLY H 165 15.57 34.32 16.51
C GLY H 165 16.54 33.21 16.20
N VAL H 166 17.29 32.79 17.21
CA VAL H 166 18.27 31.73 17.07
C VAL H 166 18.23 30.84 18.33
N VAL H 167 18.82 29.65 18.26
CA VAL H 167 18.88 28.79 19.42
C VAL H 167 20.33 28.56 19.75
N CYS H 168 20.69 28.79 21.02
CA CYS H 168 22.06 28.63 21.48
C CYS H 168 22.13 28.40 22.98
N SER H 169 23.36 28.27 23.48
CA SER H 169 23.58 28.08 24.90
C SER H 169 23.42 29.45 25.53
N ALA H 170 23.00 29.51 26.78
CA ALA H 170 22.84 30.79 27.43
C ALA H 170 24.20 31.46 27.62
N GLN H 171 25.27 30.70 27.38
CA GLN H 171 26.63 31.23 27.51
C GLN H 171 27.06 32.05 26.31
N GLU H 172 26.09 32.47 25.50
CA GLU H 172 26.37 33.26 24.31
C GLU H 172 25.31 34.35 24.21
N ALA H 173 24.29 34.21 25.07
CA ALA H 173 23.17 35.15 25.12
C ALA H 173 23.57 36.58 25.40
N VAL H 174 24.84 36.81 25.69
CA VAL H 174 25.29 38.16 25.97
C VAL H 174 25.99 38.73 24.75
N ARG H 175 27.01 38.02 24.27
CA ARG H 175 27.73 38.48 23.09
C ARG H 175 26.74 38.63 21.94
N PHE H 176 25.72 37.77 21.91
CA PHE H 176 24.70 37.78 20.88
C PHE H 176 23.73 38.94 21.07
N LYS H 177 22.97 38.87 22.17
CA LYS H 177 21.99 39.91 22.52
C LYS H 177 22.66 41.26 22.26
N GLN H 178 23.98 41.25 22.43
CA GLN H 178 24.82 42.41 22.21
C GLN H 178 24.87 42.72 20.72
N VAL H 179 25.54 41.86 19.97
CA VAL H 179 25.72 42.01 18.53
C VAL H 179 24.45 41.94 17.68
N PHE H 180 23.35 41.46 18.25
CA PHE H 180 22.12 41.34 17.47
C PHE H 180 20.91 42.15 17.98
N GLY H 181 21.03 42.69 19.19
CA GLY H 181 19.95 43.49 19.73
C GLY H 181 18.81 42.75 20.40
N GLN H 182 18.04 43.48 21.20
CA GLN H 182 16.91 42.90 21.92
C GLN H 182 15.86 42.35 20.97
N GLU H 183 16.02 42.66 19.70
CA GLU H 183 15.07 42.19 18.68
C GLU H 183 15.26 40.71 18.39
N PHE H 184 16.49 40.36 18.04
CA PHE H 184 16.81 38.97 17.72
C PHE H 184 16.59 38.10 18.96
N LYS H 185 15.44 37.43 19.00
CA LYS H 185 15.10 36.57 20.13
C LYS H 185 16.08 35.42 20.31
N LEU H 186 16.34 35.08 21.57
CA LEU H 186 17.25 33.99 21.90
C LEU H 186 16.55 32.94 22.75
N VAL H 187 16.73 31.67 22.39
CA VAL H 187 16.13 30.57 23.13
C VAL H 187 17.27 29.65 23.57
N THR H 188 17.42 29.48 24.87
CA THR H 188 18.52 28.68 25.43
C THR H 188 18.13 27.43 26.21
N PRO H 189 18.64 26.28 25.77
CA PRO H 189 18.37 25.00 26.42
C PRO H 189 19.66 24.72 27.20
N GLY H 190 19.82 23.50 27.72
CA GLY H 190 21.02 23.19 28.47
C GLY H 190 21.02 24.02 29.74
N ILE H 191 19.90 23.95 30.44
CA ILE H 191 19.70 24.70 31.67
C ILE H 191 19.66 23.77 32.87
N ARG H 192 20.78 23.70 33.58
CA ARG H 192 20.90 22.85 34.77
C ARG H 192 20.94 23.72 36.03
N PRO H 193 19.93 23.61 36.88
CA PRO H 193 19.88 24.37 38.12
C PRO H 193 20.68 23.69 39.24
N GLN H 194 21.94 24.15 39.42
CA GLN H 194 22.91 23.66 40.42
C GLN H 194 22.63 22.31 41.10
N GLY H 195 23.65 21.45 41.10
CA GLY H 195 23.50 20.14 41.71
C GLY H 195 22.46 19.37 40.94
N SER H 196 22.51 19.56 39.62
CA SER H 196 21.60 18.91 38.68
C SER H 196 22.47 18.18 37.65
N GLU H 197 22.15 16.92 37.44
CA GLU H 197 22.89 16.09 36.49
C GLU H 197 22.91 16.74 35.11
N ALA H 198 24.10 16.85 34.52
CA ALA H 198 24.26 17.44 33.19
C ALA H 198 23.95 16.43 32.07
N GLY H 199 24.67 15.32 32.09
CA GLY H 199 24.48 14.31 31.07
C GLY H 199 25.24 14.67 29.81
N ASP H 200 24.57 14.54 28.66
CA ASP H 200 25.17 14.86 27.39
C ASP H 200 25.29 16.38 27.19
N GLN H 201 24.66 17.11 28.10
CA GLN H 201 24.66 18.56 28.06
C GLN H 201 26.06 19.08 28.34
N ARG H 202 26.42 20.23 27.76
CA ARG H 202 27.74 20.81 27.99
C ARG H 202 27.72 22.32 28.31
N ARG H 203 27.53 23.17 27.31
CA ARG H 203 27.47 24.62 27.56
C ARG H 203 26.24 24.93 28.44
N ILE H 204 26.33 24.59 29.71
CA ILE H 204 25.25 24.79 30.66
C ILE H 204 25.22 26.14 31.39
N MSE H 205 24.18 26.32 32.19
CA MSE H 205 23.97 27.52 32.96
C MSE H 205 22.71 27.27 33.77
O MSE H 205 21.93 26.37 33.45
CB MSE H 205 23.78 28.72 32.03
CG MSE H 205 23.91 30.05 32.69
SE MSE H 205 25.01 31.23 31.61
CE MSE H 205 26.70 30.31 31.86
N THR H 206 22.49 28.05 34.82
CA THR H 206 21.31 27.83 35.64
C THR H 206 20.23 28.82 35.26
N PRO H 207 18.98 28.51 35.61
CA PRO H 207 17.86 29.41 35.28
C PRO H 207 18.26 30.84 35.58
N GLU H 208 18.79 31.05 36.77
CA GLU H 208 19.22 32.36 37.22
C GLU H 208 20.17 33.00 36.21
N GLN H 209 21.43 32.57 36.22
CA GLN H 209 22.42 33.12 35.31
C GLN H 209 21.97 33.18 33.86
N ALA H 210 20.98 32.35 33.51
CA ALA H 210 20.45 32.35 32.15
C ALA H 210 19.67 33.65 31.97
N LEU H 211 18.67 33.85 32.83
CA LEU H 211 17.86 35.05 32.79
C LEU H 211 18.77 36.27 32.83
N SER H 212 19.97 36.09 33.37
CA SER H 212 20.95 37.16 33.47
C SER H 212 21.46 37.63 32.12
N ALA H 213 21.97 36.70 31.31
CA ALA H 213 22.51 37.03 30.00
C ALA H 213 21.51 37.75 29.09
N GLY H 214 20.22 37.55 29.37
CA GLY H 214 19.19 38.20 28.57
C GLY H 214 18.38 37.30 27.68
N VAL H 215 18.53 35.99 27.86
CA VAL H 215 17.81 35.01 27.05
C VAL H 215 16.31 35.28 27.09
N ASP H 216 15.66 35.19 25.94
CA ASP H 216 14.22 35.41 25.83
C ASP H 216 13.43 34.25 26.39
N TYR H 217 13.86 33.03 26.09
CA TYR H 217 13.19 31.85 26.60
C TYR H 217 14.26 30.82 26.91
N MSE H 218 13.94 29.90 27.81
CA MSE H 218 14.87 28.86 28.19
C MSE H 218 14.17 27.51 28.22
O MSE H 218 12.99 27.40 28.57
CB MSE H 218 15.49 29.20 29.54
CG MSE H 218 14.47 29.51 30.64
SE MSE H 218 15.27 30.10 32.32
CE MSE H 218 15.77 28.38 32.99
N VAL H 219 14.92 26.48 27.82
CA VAL H 219 14.35 25.15 27.78
C VAL H 219 14.83 24.28 28.91
N ILE H 220 13.92 23.93 29.80
CA ILE H 220 14.29 23.06 30.89
C ILE H 220 13.69 21.70 30.57
N GLY H 221 14.57 20.71 30.46
CA GLY H 221 14.14 19.37 30.14
C GLY H 221 13.97 18.47 31.34
N ARG H 222 14.99 17.66 31.59
CA ARG H 222 14.96 16.71 32.69
C ARG H 222 14.85 17.29 34.12
N PRO H 223 15.61 18.36 34.43
CA PRO H 223 15.54 18.96 35.76
C PRO H 223 14.13 18.98 36.27
N VAL H 224 13.18 19.30 35.38
CA VAL H 224 11.78 19.36 35.76
C VAL H 224 11.04 18.04 35.59
N THR H 225 11.40 17.29 34.56
CA THR H 225 10.72 16.03 34.28
C THR H 225 11.28 14.80 34.98
N GLN H 226 12.56 14.86 35.34
CA GLN H 226 13.20 13.74 36.02
C GLN H 226 13.40 14.05 37.50
N SER H 227 12.41 14.69 38.09
CA SER H 227 12.46 15.05 39.49
C SER H 227 11.10 14.74 40.07
N VAL H 228 11.09 14.01 41.19
CA VAL H 228 9.85 13.66 41.85
C VAL H 228 9.02 14.93 41.95
N ASP H 229 7.70 14.80 41.82
CA ASP H 229 6.80 15.95 41.86
C ASP H 229 7.44 17.10 41.05
N PRO H 230 7.36 17.01 39.71
CA PRO H 230 7.90 17.99 38.77
C PRO H 230 7.11 19.30 38.81
N ALA H 231 5.78 19.20 38.88
CA ALA H 231 4.91 20.37 38.93
C ALA H 231 5.49 21.34 39.94
N GLN H 232 5.94 20.76 41.05
CA GLN H 232 6.54 21.52 42.14
C GLN H 232 7.80 22.24 41.64
N THR H 233 8.74 21.45 41.12
CA THR H 233 10.00 21.98 40.62
C THR H 233 9.80 23.12 39.63
N LEU H 234 8.67 23.12 38.92
CA LEU H 234 8.41 24.19 37.97
C LEU H 234 8.14 25.47 38.75
N LYS H 235 7.13 25.41 39.63
CA LYS H 235 6.78 26.56 40.48
C LYS H 235 8.04 27.09 41.14
N ALA H 236 8.88 26.15 41.58
CA ALA H 236 10.13 26.50 42.21
C ALA H 236 10.93 27.38 41.26
N ILE H 237 11.42 26.77 40.18
CA ILE H 237 12.23 27.45 39.18
C ILE H 237 11.66 28.79 38.74
N ASN H 238 10.33 28.91 38.76
CA ASN H 238 9.67 30.16 38.39
C ASN H 238 10.03 31.22 39.40
N ALA H 239 9.56 31.00 40.63
CA ALA H 239 9.84 31.93 41.71
C ALA H 239 11.33 32.25 41.67
N SER H 240 12.14 31.19 41.59
CA SER H 240 13.59 31.33 41.53
C SER H 240 13.98 32.45 40.57
N LEU H 241 13.20 32.57 39.50
CA LEU H 241 13.45 33.57 38.47
C LEU H 241 12.64 34.86 38.69
N GLN H 242 12.68 35.38 39.91
CA GLN H 242 11.94 36.60 40.21
C GLN H 242 12.68 37.42 41.26
N VAL I 12 -72.49 -9.00 62.82
CA VAL I 12 -72.18 -7.54 62.94
C VAL I 12 -71.35 -7.20 64.19
N THR I 13 -70.44 -6.25 64.04
CA THR I 13 -69.57 -5.79 65.11
C THR I 13 -69.98 -4.36 65.41
N ASN I 14 -69.31 -3.73 66.38
CA ASN I 14 -69.61 -2.35 66.74
C ASN I 14 -68.40 -1.45 66.65
N SER I 15 -67.23 -2.06 66.79
CA SER I 15 -65.99 -1.32 66.72
C SER I 15 -65.82 -0.70 65.35
N PRO I 16 -65.33 0.54 65.32
CA PRO I 16 -65.11 1.26 64.06
C PRO I 16 -63.77 0.77 63.53
N VAL I 17 -63.31 -0.34 64.08
CA VAL I 17 -62.03 -0.90 63.74
C VAL I 17 -61.97 -1.98 62.70
N VAL I 18 -61.08 -1.73 61.74
CA VAL I 18 -60.80 -2.63 60.66
C VAL I 18 -59.31 -2.83 60.80
N VAL I 19 -58.90 -4.09 61.00
CA VAL I 19 -57.49 -4.39 61.14
C VAL I 19 -56.92 -4.77 59.80
N ALA I 20 -55.85 -4.08 59.41
CA ALA I 20 -55.18 -4.36 58.16
C ALA I 20 -54.38 -5.66 58.26
N LEU I 21 -54.87 -6.72 57.64
CA LEU I 21 -54.18 -8.00 57.63
C LEU I 21 -53.07 -7.98 56.58
N ASP I 22 -51.90 -7.42 56.88
CA ASP I 22 -50.81 -7.37 55.90
C ASP I 22 -49.67 -8.35 56.17
N TYR I 23 -50.00 -9.64 56.29
CA TYR I 23 -49.04 -10.72 56.54
C TYR I 23 -48.50 -11.32 55.23
N HIS I 24 -47.26 -11.80 55.25
CA HIS I 24 -46.66 -12.41 54.06
C HIS I 24 -46.80 -13.93 54.20
N ASN I 25 -47.65 -14.36 55.12
CA ASN I 25 -47.85 -15.78 55.37
C ASN I 25 -49.30 -16.04 55.79
N ARG I 26 -49.94 -17.00 55.14
CA ARG I 26 -51.33 -17.30 55.42
C ARG I 26 -51.59 -17.75 56.86
N ASP I 27 -50.78 -18.69 57.35
CA ASP I 27 -50.94 -19.21 58.72
C ASP I 27 -50.74 -18.08 59.73
N ASP I 28 -49.59 -17.43 59.62
CA ASP I 28 -49.24 -16.31 60.48
C ASP I 28 -50.51 -15.47 60.67
N ALA I 29 -51.17 -15.15 59.57
CA ALA I 29 -52.37 -14.34 59.61
C ALA I 29 -53.55 -15.08 60.21
N LEU I 30 -53.84 -16.27 59.70
CA LEU I 30 -54.97 -17.03 60.23
C LEU I 30 -54.83 -17.23 61.73
N ALA I 31 -53.61 -17.21 62.23
CA ALA I 31 -53.36 -17.36 63.66
C ALA I 31 -54.12 -16.23 64.33
N PHE I 32 -53.66 -15.01 64.08
CA PHE I 32 -54.29 -13.82 64.63
C PHE I 32 -55.79 -13.87 64.51
N VAL I 33 -56.29 -14.17 63.32
CA VAL I 33 -57.74 -14.18 63.11
C VAL I 33 -58.49 -15.04 64.10
N ASP I 34 -58.05 -16.28 64.28
CA ASP I 34 -58.72 -17.19 65.22
C ASP I 34 -58.74 -16.66 66.65
N LYS I 35 -57.70 -15.92 67.02
CA LYS I 35 -57.62 -15.33 68.35
C LYS I 35 -58.73 -14.30 68.57
N ILE I 36 -59.17 -13.63 67.50
CA ILE I 36 -60.23 -12.64 67.63
C ILE I 36 -61.59 -13.17 67.16
N ASP I 37 -62.58 -12.28 67.11
CA ASP I 37 -63.93 -12.65 66.70
C ASP I 37 -64.63 -11.42 66.10
N PRO I 38 -65.42 -11.63 65.02
CA PRO I 38 -66.16 -10.57 64.32
C PRO I 38 -66.54 -9.40 65.20
N ARG I 39 -67.33 -9.69 66.22
CA ARG I 39 -67.80 -8.71 67.18
C ARG I 39 -66.71 -7.69 67.58
N ASP I 40 -65.47 -8.14 67.54
CA ASP I 40 -64.32 -7.29 67.90
C ASP I 40 -63.91 -6.29 66.83
N CYS I 41 -63.92 -6.69 65.56
CA CYS I 41 -63.51 -5.82 64.47
C CYS I 41 -63.79 -6.40 63.09
N ARG I 42 -63.47 -5.62 62.06
CA ARG I 42 -63.62 -6.04 60.68
C ARG I 42 -62.22 -6.24 60.11
N LEU I 43 -62.10 -7.09 59.09
CA LEU I 43 -60.81 -7.34 58.48
C LEU I 43 -60.64 -6.66 57.12
N LYS I 44 -59.41 -6.23 56.81
CA LYS I 44 -59.13 -5.57 55.54
C LYS I 44 -58.00 -6.26 54.76
N VAL I 45 -58.36 -6.98 53.69
CA VAL I 45 -57.36 -7.64 52.84
C VAL I 45 -56.92 -6.63 51.78
N GLY I 46 -55.62 -6.59 51.49
CA GLY I 46 -55.13 -5.62 50.52
C GLY I 46 -54.16 -6.15 49.49
N LYS I 47 -53.46 -5.25 48.82
CA LYS I 47 -52.55 -5.67 47.78
C LYS I 47 -51.63 -6.81 48.13
N GLU I 48 -50.87 -6.68 49.20
CA GLU I 48 -49.95 -7.75 49.59
C GLU I 48 -50.61 -9.11 49.70
N MSE I 49 -51.49 -9.26 50.68
CA MSE I 49 -52.13 -10.54 50.88
C MSE I 49 -52.97 -11.04 49.75
O MSE I 49 -53.11 -12.26 49.59
CB MSE I 49 -52.94 -10.53 52.18
CG MSE I 49 -52.07 -10.63 53.43
SE MSE I 49 -53.02 -11.36 54.93
CE MSE I 49 -52.75 -13.25 54.60
N PHE I 50 -53.55 -10.13 48.96
CA PHE I 50 -54.39 -10.59 47.84
C PHE I 50 -53.49 -11.11 46.71
N THR I 51 -52.40 -10.42 46.45
CA THR I 51 -51.48 -10.86 45.39
C THR I 51 -50.93 -12.23 45.72
N LEU I 52 -51.06 -12.61 46.99
CA LEU I 52 -50.52 -13.89 47.44
C LEU I 52 -51.54 -15.01 47.54
N PHE I 53 -52.74 -14.71 48.00
CA PHE I 53 -53.71 -15.79 48.15
C PHE I 53 -55.04 -15.60 47.43
N GLY I 54 -55.13 -14.54 46.64
CA GLY I 54 -56.32 -14.28 45.87
C GLY I 54 -57.63 -14.20 46.64
N PRO I 55 -58.77 -14.24 45.93
CA PRO I 55 -60.07 -14.16 46.59
C PRO I 55 -60.35 -15.40 47.42
N GLN I 56 -59.57 -16.45 47.21
CA GLN I 56 -59.77 -17.67 47.95
C GLN I 56 -59.66 -17.38 49.45
N PHE I 57 -58.59 -16.68 49.82
CA PHE I 57 -58.34 -16.29 51.19
C PHE I 57 -59.45 -15.39 51.71
N VAL I 58 -60.07 -14.61 50.83
CA VAL I 58 -61.14 -13.74 51.27
C VAL I 58 -62.35 -14.58 51.65
N ARG I 59 -62.51 -15.71 50.98
CA ARG I 59 -63.64 -16.58 51.27
C ARG I 59 -63.45 -17.20 52.65
N GLU I 60 -62.22 -17.56 52.96
CA GLU I 60 -61.90 -18.14 54.27
C GLU I 60 -62.25 -17.17 55.39
N LEU I 61 -61.80 -15.92 55.28
CA LEU I 61 -62.09 -14.93 56.30
C LEU I 61 -63.59 -14.72 56.42
N GLN I 62 -64.30 -14.88 55.32
CA GLN I 62 -65.75 -14.71 55.33
C GLN I 62 -66.42 -15.94 55.90
N GLN I 63 -65.81 -17.09 55.68
CA GLN I 63 -66.33 -18.38 56.18
C GLN I 63 -66.36 -18.29 57.71
N ARG I 64 -65.41 -17.55 58.26
CA ARG I 64 -65.33 -17.35 59.70
C ARG I 64 -66.28 -16.25 60.16
N GLY I 65 -67.04 -15.66 59.23
CA GLY I 65 -68.00 -14.65 59.61
C GLY I 65 -67.66 -13.16 59.56
N PHE I 66 -66.39 -12.80 59.43
CA PHE I 66 -66.03 -11.38 59.39
C PHE I 66 -66.44 -10.65 58.13
N ASP I 67 -66.46 -9.32 58.23
CA ASP I 67 -66.77 -8.45 57.11
C ASP I 67 -65.43 -8.08 56.51
N ILE I 68 -65.26 -8.33 55.22
CA ILE I 68 -63.99 -8.00 54.60
C ILE I 68 -64.05 -6.72 53.79
N PHE I 69 -62.95 -5.99 53.80
CA PHE I 69 -62.79 -4.75 53.06
C PHE I 69 -61.67 -5.05 52.07
N LEU I 70 -62.06 -5.31 50.82
CA LEU I 70 -61.08 -5.61 49.79
C LEU I 70 -60.44 -4.29 49.42
N ASP I 71 -59.19 -4.12 49.82
CA ASP I 71 -58.45 -2.87 49.60
C ASP I 71 -57.43 -3.05 48.49
N LEU I 72 -57.93 -2.85 47.27
CA LEU I 72 -57.11 -2.99 46.08
C LEU I 72 -56.95 -1.67 45.36
N LYS I 73 -57.62 -0.63 45.88
CA LYS I 73 -57.56 0.72 45.33
C LYS I 73 -57.47 0.77 43.82
N PHE I 74 -58.49 0.21 43.17
CA PHE I 74 -58.56 0.18 41.72
C PHE I 74 -58.30 1.61 41.19
N HIS I 75 -57.48 1.70 40.15
CA HIS I 75 -57.10 2.98 39.54
C HIS I 75 -56.71 2.65 38.09
N ASP I 76 -57.73 2.45 37.26
CA ASP I 76 -57.54 2.05 35.86
C ASP I 76 -58.42 2.87 34.93
N ILE I 77 -58.58 2.36 33.70
CA ILE I 77 -59.47 3.01 32.73
C ILE I 77 -60.88 2.66 33.20
N PRO I 78 -61.84 3.55 32.94
CA PRO I 78 -63.23 3.33 33.34
C PRO I 78 -63.72 1.89 33.15
N ASN I 79 -63.46 1.34 31.98
CA ASN I 79 -63.93 -0.01 31.71
C ASN I 79 -63.39 -0.99 32.74
N THR I 80 -62.07 -1.01 32.93
CA THR I 80 -61.45 -1.94 33.88
C THR I 80 -62.03 -1.76 35.29
N ALA I 81 -62.06 -0.51 35.73
CA ALA I 81 -62.58 -0.17 37.05
C ALA I 81 -63.90 -0.85 37.31
N ALA I 82 -64.88 -0.57 36.46
CA ALA I 82 -66.21 -1.13 36.62
C ALA I 82 -66.18 -2.66 36.66
N HIS I 83 -65.40 -3.28 35.79
CA HIS I 83 -65.36 -4.73 35.80
C HIS I 83 -64.78 -5.24 37.09
N ALA I 84 -63.73 -4.57 37.53
CA ALA I 84 -63.04 -4.95 38.76
C ALA I 84 -64.01 -4.84 39.93
N VAL I 85 -64.65 -3.68 40.07
CA VAL I 85 -65.59 -3.45 41.16
C VAL I 85 -66.61 -4.55 41.23
N ALA I 86 -67.16 -4.92 40.09
CA ALA I 86 -68.17 -5.96 40.05
C ALA I 86 -67.59 -7.32 40.45
N ALA I 87 -66.33 -7.58 40.10
CA ALA I 87 -65.71 -8.86 40.47
C ALA I 87 -65.68 -8.93 41.99
N ALA I 88 -65.53 -7.76 42.61
CA ALA I 88 -65.50 -7.67 44.05
C ALA I 88 -66.92 -7.91 44.55
N ALA I 89 -67.89 -7.27 43.91
CA ALA I 89 -69.29 -7.44 44.29
C ALA I 89 -69.66 -8.92 44.22
N ASP I 90 -68.97 -9.67 43.35
CA ASP I 90 -69.22 -11.11 43.24
C ASP I 90 -68.64 -11.87 44.42
N LEU I 91 -67.46 -11.44 44.89
CA LEU I 91 -66.78 -12.08 46.04
C LEU I 91 -67.64 -11.97 47.29
N GLY I 92 -68.51 -10.95 47.31
CA GLY I 92 -69.40 -10.74 48.44
C GLY I 92 -68.87 -9.79 49.49
N VAL I 93 -67.67 -9.26 49.27
CA VAL I 93 -67.04 -8.36 50.21
C VAL I 93 -67.95 -7.26 50.67
N TRP I 94 -67.69 -6.84 51.90
CA TRP I 94 -68.43 -5.81 52.62
C TRP I 94 -68.20 -4.40 52.05
N MSE I 95 -66.94 -4.10 51.73
CA MSE I 95 -66.53 -2.81 51.21
C MSE I 95 -65.39 -2.96 50.22
O MSE I 95 -64.52 -3.83 50.39
CB MSE I 95 -66.12 -1.92 52.40
CG MSE I 95 -65.19 -0.76 52.06
SE MSE I 95 -64.95 0.53 53.50
CE MSE I 95 -63.75 -0.45 54.59
N VAL I 96 -65.40 -2.13 49.18
CA VAL I 96 -64.36 -2.18 48.15
C VAL I 96 -63.78 -0.81 47.86
N ASN I 97 -62.52 -0.81 47.46
CA ASN I 97 -61.69 0.36 47.19
C ASN I 97 -61.55 0.85 45.75
N VAL I 98 -61.36 2.15 45.59
CA VAL I 98 -61.15 2.79 44.30
C VAL I 98 -60.39 4.11 44.54
N HIS I 99 -59.53 4.51 43.61
CA HIS I 99 -58.74 5.75 43.74
C HIS I 99 -59.46 6.96 43.17
N ALA I 100 -59.72 7.99 43.97
CA ALA I 100 -60.40 9.19 43.44
C ALA I 100 -59.58 9.85 42.33
N SER I 101 -58.26 9.81 42.46
CA SER I 101 -57.35 10.41 41.48
C SER I 101 -57.57 9.82 40.08
N GLY I 102 -58.46 8.83 40.01
CA GLY I 102 -58.74 8.17 38.74
C GLY I 102 -59.78 8.86 37.89
N GLY I 103 -60.36 9.94 38.42
CA GLY I 103 -61.34 10.68 37.65
C GLY I 103 -62.80 10.36 37.81
N ALA I 104 -63.63 11.34 37.45
CA ALA I 104 -65.08 11.23 37.54
C ALA I 104 -65.64 10.11 36.69
N ARG I 105 -65.26 10.11 35.42
CA ARG I 105 -65.75 9.10 34.51
C ARG I 105 -65.56 7.73 35.12
N MSE I 106 -64.32 7.45 35.54
CA MSE I 106 -64.00 6.16 36.14
C MSE I 106 -64.86 5.84 37.33
O MSE I 106 -65.44 4.77 37.42
CB MSE I 106 -62.54 6.12 36.56
CG MSE I 106 -62.15 4.76 37.12
SE MSE I 106 -60.59 4.81 38.18
CE MSE I 106 -61.42 5.32 39.82
N MSE I 107 -64.94 6.78 38.27
CA MSE I 107 -65.74 6.56 39.47
C MSE I 107 -67.18 6.24 39.10
O MSE I 107 -67.73 5.24 39.55
CB MSE I 107 -65.68 7.76 40.39
CG MSE I 107 -64.34 7.89 41.13
SE MSE I 107 -64.37 8.97 42.71
CE MSE I 107 -63.57 10.56 41.98
N THR I 108 -67.79 7.10 38.28
CA THR I 108 -69.17 6.89 37.88
C THR I 108 -69.30 5.50 37.27
N ALA I 109 -68.29 5.11 36.50
CA ALA I 109 -68.32 3.80 35.88
C ALA I 109 -68.44 2.74 36.95
N ALA I 110 -67.63 2.86 38.00
CA ALA I 110 -67.64 1.91 39.09
C ALA I 110 -69.01 1.85 39.76
N ARG I 111 -69.53 3.02 40.13
CA ARG I 111 -70.83 3.08 40.77
C ARG I 111 -71.84 2.25 40.02
N GLU I 112 -72.01 2.59 38.75
CA GLU I 112 -72.96 1.91 37.90
C GLU I 112 -72.75 0.40 37.89
N ALA I 113 -71.51 -0.05 37.76
CA ALA I 113 -71.23 -1.48 37.75
C ALA I 113 -71.84 -2.21 38.94
N LEU I 114 -72.22 -1.46 39.98
CA LEU I 114 -72.79 -2.08 41.18
C LEU I 114 -74.31 -2.14 41.26
N VAL I 115 -74.99 -1.24 40.53
CA VAL I 115 -76.46 -1.23 40.53
C VAL I 115 -77.03 -2.65 40.36
N PRO I 116 -76.40 -3.47 39.50
CA PRO I 116 -76.86 -4.85 39.27
C PRO I 116 -76.89 -5.73 40.51
N PHE I 117 -76.17 -5.35 41.57
CA PHE I 117 -76.14 -6.14 42.79
C PHE I 117 -77.03 -5.56 43.88
N GLY I 118 -77.51 -4.33 43.62
CA GLY I 118 -78.40 -3.63 44.53
C GLY I 118 -78.06 -3.57 46.01
N LYS I 119 -78.88 -4.24 46.81
CA LYS I 119 -78.72 -4.26 48.26
C LYS I 119 -77.50 -5.09 48.68
N ASP I 120 -77.05 -6.00 47.82
CA ASP I 120 -75.89 -6.82 48.13
C ASP I 120 -74.58 -6.18 47.70
N ALA I 121 -74.66 -4.96 47.20
CA ALA I 121 -73.48 -4.26 46.73
C ALA I 121 -72.57 -3.85 47.87
N PRO I 122 -71.26 -4.02 47.70
CA PRO I 122 -70.36 -3.61 48.77
C PRO I 122 -70.34 -2.10 48.83
N LEU I 123 -69.69 -1.56 49.84
CA LEU I 123 -69.62 -0.11 49.96
C LEU I 123 -68.53 0.36 49.03
N LEU I 124 -68.84 1.39 48.26
CA LEU I 124 -67.89 1.92 47.33
C LEU I 124 -67.27 3.19 47.87
N ILE I 125 -65.97 3.13 48.12
CA ILE I 125 -65.26 4.28 48.66
C ILE I 125 -64.02 4.55 47.85
N ALA I 126 -63.68 5.83 47.75
CA ALA I 126 -62.51 6.24 46.99
C ALA I 126 -61.40 6.79 47.87
N VAL I 127 -60.17 6.39 47.57
CA VAL I 127 -59.02 6.86 48.32
C VAL I 127 -58.67 8.24 47.81
N THR I 128 -58.55 9.20 48.71
CA THR I 128 -58.20 10.55 48.30
C THR I 128 -56.68 10.64 48.20
N VAL I 129 -56.04 11.22 49.23
CA VAL I 129 -54.58 11.34 49.26
C VAL I 129 -54.12 10.29 50.25
N LEU I 130 -53.09 9.52 49.90
CA LEU I 130 -52.63 8.48 50.81
C LEU I 130 -52.04 9.05 52.09
N THR I 131 -52.43 8.44 53.22
CA THR I 131 -51.97 8.91 54.52
C THR I 131 -50.46 8.97 54.64
N SER I 132 -49.73 8.25 53.80
CA SER I 132 -48.29 8.27 53.88
C SER I 132 -47.69 9.48 53.16
N MSE I 133 -48.51 10.47 52.84
CA MSE I 133 -47.99 11.62 52.13
C MSE I 133 -48.13 12.98 52.79
O MSE I 133 -49.07 13.23 53.55
CB MSE I 133 -48.61 11.71 50.73
CG MSE I 133 -48.24 10.54 49.82
SE MSE I 133 -48.84 10.80 48.01
CE MSE I 133 -50.69 10.23 48.17
N GLU I 134 -47.16 13.85 52.47
CA GLU I 134 -47.09 15.21 52.96
C GLU I 134 -46.92 16.10 51.74
N ALA I 135 -47.14 17.40 51.88
CA ALA I 135 -47.01 18.31 50.75
C ALA I 135 -45.64 18.15 50.10
N SER I 136 -44.66 17.71 50.87
CA SER I 136 -43.32 17.50 50.36
C SER I 136 -43.28 16.38 49.33
N ASP I 137 -44.23 15.44 49.42
CA ASP I 137 -44.28 14.32 48.47
C ASP I 137 -45.09 14.71 47.25
N LEU I 138 -46.20 15.41 47.49
CA LEU I 138 -47.07 15.86 46.41
C LEU I 138 -46.30 16.85 45.57
N VAL I 139 -45.25 17.42 46.15
CA VAL I 139 -44.45 18.40 45.44
C VAL I 139 -43.66 17.76 44.29
N ASP I 140 -43.17 16.53 44.49
CA ASP I 140 -42.41 15.87 43.44
C ASP I 140 -43.27 15.73 42.19
N LEU I 141 -44.58 15.85 42.37
CA LEU I 141 -45.52 15.78 41.26
C LEU I 141 -45.89 17.25 41.08
N GLY I 142 -46.50 17.62 39.97
CA GLY I 142 -46.86 19.02 39.77
C GLY I 142 -47.92 19.54 40.76
N MSE I 143 -47.80 19.15 42.02
CA MSE I 143 -48.74 19.53 43.06
C MSE I 143 -48.27 20.67 43.97
O MSE I 143 -47.29 20.51 44.71
CB MSE I 143 -49.08 18.33 43.93
CG MSE I 143 -50.30 18.49 44.83
SE MSE I 143 -51.95 18.37 43.81
CE MSE I 143 -51.77 16.55 43.20
N THR I 144 -48.96 21.80 43.91
CA THR I 144 -48.63 22.96 44.73
C THR I 144 -49.54 23.01 45.94
N LEU I 145 -50.69 22.35 45.82
CA LEU I 145 -51.70 22.28 46.89
C LEU I 145 -51.11 21.76 48.19
N SER I 146 -51.90 21.00 48.93
CA SER I 146 -51.42 20.44 50.19
C SER I 146 -52.26 19.22 50.50
N PRO I 147 -51.75 18.34 51.36
CA PRO I 147 -52.54 17.14 51.70
C PRO I 147 -53.99 17.51 51.90
N ALA I 148 -54.33 17.95 53.11
CA ALA I 148 -55.70 18.31 53.44
C ALA I 148 -56.45 19.00 52.29
N ASP I 149 -55.83 20.00 51.67
CA ASP I 149 -56.50 20.70 50.59
C ASP I 149 -56.93 19.72 49.51
N TYR I 150 -55.93 19.17 48.82
CA TYR I 150 -56.11 18.22 47.74
C TYR I 150 -57.12 17.12 48.06
N ALA I 151 -56.86 16.39 49.14
CA ALA I 151 -57.75 15.32 49.53
C ALA I 151 -59.20 15.80 49.46
N GLU I 152 -59.45 17.03 49.92
CA GLU I 152 -60.80 17.58 49.90
C GLU I 152 -61.38 17.67 48.50
N ARG I 153 -60.59 18.18 47.55
CA ARG I 153 -61.08 18.29 46.18
C ARG I 153 -61.52 16.91 45.69
N LEU I 154 -60.64 15.93 45.85
CA LEU I 154 -60.95 14.55 45.45
C LEU I 154 -62.23 14.11 46.14
N ALA I 155 -62.29 14.30 47.45
CA ALA I 155 -63.45 13.92 48.23
C ALA I 155 -64.72 14.51 47.65
N ALA I 156 -64.66 15.77 47.22
CA ALA I 156 -65.82 16.45 46.66
C ALA I 156 -66.28 15.76 45.39
N LEU I 157 -65.32 15.48 44.51
CA LEU I 157 -65.59 14.83 43.25
C LEU I 157 -66.18 13.44 43.51
N THR I 158 -65.69 12.80 44.57
CA THR I 158 -66.17 11.47 44.97
C THR I 158 -67.62 11.55 45.41
N GLN I 159 -67.94 12.62 46.14
CA GLN I 159 -69.28 12.88 46.63
C GLN I 159 -70.18 12.96 45.41
N LYS I 160 -69.87 13.91 44.55
CA LYS I 160 -70.64 14.15 43.33
C LYS I 160 -70.96 12.90 42.53
N CYS I 161 -69.99 12.01 42.37
CA CYS I 161 -70.22 10.80 41.59
C CYS I 161 -71.15 9.78 42.24
N GLY I 162 -71.53 10.03 43.49
CA GLY I 162 -72.45 9.13 44.18
C GLY I 162 -71.86 7.99 44.99
N LEU I 163 -70.56 8.04 45.24
CA LEU I 163 -69.93 7.00 46.03
C LEU I 163 -70.38 7.16 47.49
N ASP I 164 -70.28 6.07 48.25
CA ASP I 164 -70.71 6.05 49.65
C ASP I 164 -69.77 6.77 50.62
N GLY I 165 -68.47 6.71 50.38
CA GLY I 165 -67.52 7.36 51.26
C GLY I 165 -66.19 7.67 50.62
N VAL I 166 -65.23 8.05 51.45
CA VAL I 166 -63.90 8.40 50.97
C VAL I 166 -62.86 7.86 51.95
N VAL I 167 -61.59 7.80 51.54
CA VAL I 167 -60.55 7.35 52.45
C VAL I 167 -59.57 8.49 52.61
N CYS I 168 -59.26 8.82 53.86
CA CYS I 168 -58.34 9.91 54.16
C CYS I 168 -57.73 9.76 55.55
N SER I 169 -56.90 10.74 55.90
CA SER I 169 -56.27 10.75 57.22
C SER I 169 -57.33 11.25 58.17
N ALA I 170 -57.27 10.82 59.44
CA ALA I 170 -58.25 11.28 60.40
C ALA I 170 -58.10 12.78 60.64
N GLN I 171 -57.01 13.36 60.14
CA GLN I 171 -56.75 14.79 60.30
C GLN I 171 -57.53 15.63 59.32
N GLU I 172 -58.56 15.04 58.71
CA GLU I 172 -59.39 15.75 57.75
C GLU I 172 -60.85 15.36 58.01
N ALA I 173 -61.01 14.37 58.87
CA ALA I 173 -62.31 13.83 59.24
C ALA I 173 -63.26 14.87 59.84
N VAL I 174 -62.75 16.07 60.08
CA VAL I 174 -63.59 17.09 60.66
C VAL I 174 -64.03 18.06 59.58
N ARG I 175 -63.07 18.63 58.86
CA ARG I 175 -63.40 19.56 57.79
C ARG I 175 -64.30 18.84 56.78
N PHE I 176 -64.08 17.53 56.62
CA PHE I 176 -64.87 16.72 55.69
C PHE I 176 -66.24 16.43 56.25
N LYS I 177 -66.29 15.67 57.35
CA LYS I 177 -67.54 15.30 57.99
C LYS I 177 -68.40 16.55 58.05
N GLN I 178 -67.71 17.68 58.12
CA GLN I 178 -68.33 19.00 58.14
C GLN I 178 -68.94 19.29 56.77
N VAL I 179 -68.08 19.50 55.78
CA VAL I 179 -68.49 19.81 54.42
C VAL I 179 -69.28 18.72 53.67
N PHE I 180 -69.26 17.49 54.18
CA PHE I 180 -69.96 16.42 53.49
C PHE I 180 -71.08 15.73 54.27
N GLY I 181 -71.17 16.03 55.57
CA GLY I 181 -72.23 15.44 56.38
C GLY I 181 -72.00 14.05 56.91
N GLN I 182 -72.78 13.68 57.93
CA GLN I 182 -72.66 12.37 58.55
C GLN I 182 -72.95 11.25 57.57
N GLU I 183 -73.46 11.61 56.41
CA GLU I 183 -73.79 10.62 55.39
C GLU I 183 -72.53 10.09 54.72
N PHE I 184 -71.73 11.01 54.19
CA PHE I 184 -70.49 10.63 53.53
C PHE I 184 -69.56 9.93 54.51
N LYS I 185 -69.55 8.61 54.47
CA LYS I 185 -68.71 7.82 55.36
C LYS I 185 -67.22 8.09 55.18
N LEU I 186 -66.49 8.08 56.28
CA LEU I 186 -65.05 8.32 56.27
C LEU I 186 -64.30 7.14 56.88
N VAL I 187 -63.26 6.71 56.19
CA VAL I 187 -62.42 5.60 56.67
C VAL I 187 -60.99 6.12 56.77
N THR I 188 -60.44 6.08 57.99
CA THR I 188 -59.11 6.61 58.24
C THR I 188 -58.05 5.62 58.71
N PRO I 189 -56.96 5.52 57.96
CA PRO I 189 -55.84 4.62 58.28
C PRO I 189 -54.79 5.56 58.88
N GLY I 190 -53.56 5.06 59.05
CA GLY I 190 -52.52 5.91 59.62
C GLY I 190 -52.90 6.25 61.05
N ILE I 191 -53.21 5.20 61.80
CA ILE I 191 -53.62 5.30 63.18
C ILE I 191 -52.55 4.75 64.11
N ARG I 192 -51.77 5.64 64.70
CA ARG I 192 -50.70 5.25 65.61
C ARG I 192 -51.08 5.64 67.04
N PRO I 193 -51.27 4.65 67.92
CA PRO I 193 -51.61 4.91 69.30
C PRO I 193 -50.36 5.21 70.17
N GLN I 194 -50.09 6.51 70.35
CA GLN I 194 -48.96 7.05 71.14
C GLN I 194 -47.79 6.11 71.47
N GLY I 195 -46.57 6.58 71.18
CA GLY I 195 -45.40 5.77 71.45
C GLY I 195 -45.46 4.53 70.57
N SER I 196 -45.92 4.75 69.35
CA SER I 196 -46.06 3.71 68.35
C SER I 196 -45.30 4.16 67.12
N GLU I 197 -44.44 3.28 66.60
CA GLU I 197 -43.63 3.58 65.44
C GLU I 197 -44.52 4.00 64.26
N ALA I 198 -44.18 5.12 63.63
CA ALA I 198 -44.95 5.64 62.49
C ALA I 198 -44.53 4.95 61.19
N GLY I 199 -43.25 5.03 60.85
CA GLY I 199 -42.76 4.44 59.63
C GLY I 199 -43.02 5.35 58.46
N ASP I 200 -43.52 4.77 57.37
CA ASP I 200 -43.82 5.54 56.18
C ASP I 200 -45.07 6.39 56.36
N GLN I 201 -45.76 6.14 57.47
CA GLN I 201 -46.99 6.85 57.80
C GLN I 201 -46.66 8.31 58.08
N ARG I 202 -47.61 9.21 57.80
CA ARG I 202 -47.38 10.64 58.06
C ARG I 202 -48.57 11.33 58.76
N ARG I 203 -49.64 11.65 58.02
CA ARG I 203 -50.81 12.27 58.63
C ARG I 203 -51.45 11.31 59.64
N ILE I 204 -50.78 11.15 60.78
CA ILE I 204 -51.24 10.24 61.83
C ILE I 204 -52.20 10.83 62.86
N MSE I 205 -52.65 9.97 63.76
CA MSE I 205 -53.57 10.32 64.83
C MSE I 205 -53.76 9.05 65.63
O MSE I 205 -53.47 7.96 65.15
CB MSE I 205 -54.89 10.79 64.24
CG MSE I 205 -55.77 11.53 65.21
SE MSE I 205 -56.50 13.11 64.38
CE MSE I 205 -54.85 14.14 64.27
N THR I 206 -54.25 9.17 66.86
CA THR I 206 -54.44 7.99 67.68
C THR I 206 -55.88 7.56 67.64
N PRO I 207 -56.15 6.30 67.99
CA PRO I 207 -57.52 5.79 67.99
C PRO I 207 -58.46 6.81 68.60
N GLU I 208 -58.06 7.30 69.76
CA GLU I 208 -58.83 8.30 70.50
C GLU I 208 -59.16 9.50 69.61
N GLN I 209 -58.19 10.37 69.43
CA GLN I 209 -58.40 11.57 68.62
C GLN I 209 -59.05 11.28 67.26
N ALA I 210 -58.91 10.05 66.79
CA ALA I 210 -59.52 9.67 65.51
C ALA I 210 -61.02 9.63 65.73
N LEU I 211 -61.46 8.81 66.68
CA LEU I 211 -62.88 8.69 67.01
C LEU I 211 -63.44 10.08 67.27
N SER I 212 -62.56 10.99 67.66
CA SER I 212 -62.96 12.36 67.96
C SER I 212 -63.44 13.13 66.74
N ALA I 213 -62.63 13.16 65.69
CA ALA I 213 -62.98 13.88 64.47
C ALA I 213 -64.29 13.41 63.83
N GLY I 214 -64.68 12.18 64.15
CA GLY I 214 -65.94 11.66 63.63
C GLY I 214 -65.80 10.55 62.59
N VAL I 215 -64.58 10.03 62.42
CA VAL I 215 -64.32 8.99 61.45
C VAL I 215 -65.27 7.81 61.67
N ASP I 216 -65.80 7.27 60.57
CA ASP I 216 -66.72 6.13 60.63
C ASP I 216 -65.99 4.84 60.94
N TYR I 217 -64.84 4.64 60.32
CA TYR I 217 -64.05 3.45 60.56
C TYR I 217 -62.59 3.86 60.52
N MSE I 218 -61.74 3.07 61.18
CA MSE I 218 -60.33 3.36 61.22
C MSE I 218 -59.52 2.09 60.95
O MSE I 218 -59.91 0.98 61.35
CB MSE I 218 -59.96 3.97 62.56
CG MSE I 218 -60.43 3.17 63.78
SE MSE I 218 -60.12 4.05 65.49
CE MSE I 218 -58.26 3.61 65.66
N VAL I 219 -58.40 2.25 60.27
CA VAL I 219 -57.59 1.11 59.92
C VAL I 219 -56.33 1.03 60.77
N ILE I 220 -56.26 0.01 61.60
CA ILE I 220 -55.07 -0.15 62.41
C ILE I 220 -54.31 -1.32 61.80
N GLY I 221 -53.08 -1.02 61.37
CA GLY I 221 -52.26 -2.04 60.76
C GLY I 221 -51.28 -2.70 61.72
N ARG I 222 -50.05 -2.22 61.68
CA ARG I 222 -48.99 -2.78 62.49
C ARG I 222 -49.16 -2.68 64.03
N PRO I 223 -49.61 -1.53 64.54
CA PRO I 223 -49.80 -1.37 65.98
C PRO I 223 -50.38 -2.63 66.59
N VAL I 224 -51.33 -3.23 65.89
CA VAL I 224 -51.96 -4.45 66.36
C VAL I 224 -51.26 -5.72 65.91
N THR I 225 -50.73 -5.71 64.71
CA THR I 225 -50.08 -6.90 64.17
C THR I 225 -48.60 -7.05 64.50
N GLN I 226 -47.93 -5.94 64.77
CA GLN I 226 -46.50 -5.97 65.09
C GLN I 226 -46.29 -5.73 66.58
N SER I 227 -47.17 -6.32 67.38
CA SER I 227 -47.09 -6.19 68.82
C SER I 227 -47.33 -7.56 69.41
N VAL I 228 -46.45 -7.99 70.30
CA VAL I 228 -46.59 -9.30 70.94
C VAL I 228 -48.03 -9.39 71.43
N ASP I 229 -48.59 -10.61 71.35
CA ASP I 229 -49.99 -10.82 71.74
C ASP I 229 -50.84 -9.66 71.21
N PRO I 230 -51.14 -9.69 69.90
CA PRO I 230 -51.94 -8.68 69.20
C PRO I 230 -53.41 -8.72 69.63
N ALA I 231 -53.95 -9.94 69.76
CA ALA I 231 -55.35 -10.13 70.17
C ALA I 231 -55.61 -9.22 71.34
N GLN I 232 -54.63 -9.17 72.24
CA GLN I 232 -54.69 -8.35 73.43
C GLN I 232 -54.80 -6.87 73.05
N THR I 233 -53.83 -6.40 72.28
CA THR I 233 -53.78 -5.01 71.84
C THR I 233 -55.09 -4.57 71.19
N LEU I 234 -55.82 -5.51 70.58
CA LEU I 234 -57.09 -5.16 69.95
C LEU I 234 -58.08 -4.83 71.05
N LYS I 235 -58.30 -5.78 71.95
CA LYS I 235 -59.22 -5.57 73.09
C LYS I 235 -58.88 -4.26 73.77
N ALA I 236 -57.58 -4.02 73.89
CA ALA I 236 -57.09 -2.79 74.50
C ALA I 236 -57.68 -1.61 73.74
N ILE I 237 -57.20 -1.42 72.51
CA ILE I 237 -57.63 -0.31 71.66
C ILE I 237 -59.15 -0.13 71.61
N ASN I 238 -59.88 -1.23 71.76
CA ASN I 238 -61.34 -1.17 71.76
C ASN I 238 -61.80 -0.40 72.98
N ALA I 239 -61.54 -1.00 74.15
CA ALA I 239 -61.91 -0.37 75.41
C ALA I 239 -61.45 1.09 75.33
N SER I 240 -60.20 1.28 74.93
CA SER I 240 -59.62 2.62 74.80
C SER I 240 -60.61 3.56 74.13
N LEU I 241 -61.37 3.01 73.20
CA LEU I 241 -62.35 3.78 72.43
C LEU I 241 -63.75 3.69 73.02
N GLN I 242 -63.86 3.91 74.33
CA GLN I 242 -65.15 3.84 74.98
C GLN I 242 -65.23 4.82 76.14
N VAL J 12 -39.61 -17.52 24.71
CA VAL J 12 -39.55 -16.09 24.26
C VAL J 12 -40.29 -15.83 22.94
N THR J 13 -40.91 -14.67 22.86
CA THR J 13 -41.66 -14.25 21.68
C THR J 13 -40.91 -13.06 21.11
N ASN J 14 -41.43 -12.51 20.00
CA ASN J 14 -40.79 -11.37 19.36
C ASN J 14 -41.73 -10.20 19.22
N SER J 15 -43.02 -10.50 19.19
CA SER J 15 -44.03 -9.46 19.05
C SER J 15 -43.99 -8.54 20.25
N PRO J 16 -44.15 -7.23 19.99
CA PRO J 16 -44.15 -6.24 21.07
C PRO J 16 -45.56 -6.24 21.65
N VAL J 17 -46.30 -7.29 21.33
CA VAL J 17 -47.68 -7.41 21.75
C VAL J 17 -47.98 -8.20 23.00
N VAL J 18 -48.75 -7.52 23.85
CA VAL J 18 -49.21 -8.07 25.08
C VAL J 18 -50.72 -7.91 24.95
N VAL J 19 -51.44 -9.02 25.01
CA VAL J 19 -52.88 -8.98 24.90
C VAL J 19 -53.49 -8.91 26.28
N ALA J 20 -54.34 -7.90 26.47
CA ALA J 20 -55.03 -7.72 27.72
C ALA J 20 -56.14 -8.76 27.88
N LEU J 21 -55.91 -9.75 28.73
CA LEU J 21 -56.91 -10.78 28.99
C LEU J 21 -57.95 -10.25 29.99
N ASP J 22 -58.95 -9.49 29.54
CA ASP J 22 -59.96 -8.96 30.45
C ASP J 22 -61.33 -9.66 30.35
N TYR J 23 -61.33 -10.98 30.52
CA TYR J 23 -62.55 -11.80 30.49
C TYR J 23 -63.18 -11.95 31.88
N HIS J 24 -64.51 -12.08 31.94
CA HIS J 24 -65.21 -12.26 33.20
C HIS J 24 -65.47 -13.74 33.40
N ASN J 25 -64.79 -14.57 32.60
CA ASN J 25 -64.95 -16.01 32.67
C ASN J 25 -63.63 -16.72 32.37
N ARG J 26 -63.25 -17.64 33.23
CA ARG J 26 -61.99 -18.34 33.06
C ARG J 26 -61.89 -19.15 31.77
N ASP J 27 -62.93 -19.93 31.46
CA ASP J 27 -62.95 -20.75 30.25
C ASP J 27 -62.87 -19.87 29.02
N ASP J 28 -63.80 -18.92 28.95
CA ASP J 28 -63.89 -17.97 27.86
C ASP J 28 -62.44 -17.55 27.52
N ALA J 29 -61.70 -17.17 28.55
CA ALA J 29 -60.33 -16.73 28.38
C ALA J 29 -59.40 -17.85 27.99
N LEU J 30 -59.41 -18.94 28.75
CA LEU J 30 -58.53 -20.06 28.43
C LEU J 30 -58.75 -20.54 27.00
N ALA J 31 -59.94 -20.31 26.46
CA ALA J 31 -60.25 -20.70 25.09
C ALA J 31 -59.25 -19.97 24.22
N PHE J 32 -59.38 -18.65 24.19
CA PHE J 32 -58.49 -17.81 23.41
C PHE J 32 -57.03 -18.21 23.60
N VAL J 33 -56.60 -18.36 24.83
CA VAL J 33 -55.20 -18.70 25.09
C VAL J 33 -54.71 -19.92 24.33
N ASP J 34 -55.46 -21.01 24.40
CA ASP J 34 -55.08 -22.25 23.71
C ASP J 34 -54.96 -22.06 22.20
N LYS J 35 -55.77 -21.17 21.64
CA LYS J 35 -55.75 -20.87 20.21
C LYS J 35 -54.41 -20.25 19.82
N ILE J 36 -53.79 -19.49 20.72
CA ILE J 36 -52.51 -18.86 20.42
C ILE J 36 -51.32 -19.61 21.03
N ASP J 37 -50.13 -19.02 20.93
CA ASP J 37 -48.91 -19.62 21.45
C ASP J 37 -47.91 -18.51 21.79
N PRO J 38 -47.18 -18.67 22.91
CA PRO J 38 -46.17 -17.71 23.39
C PRO J 38 -45.52 -16.89 22.30
N ARG J 39 -44.86 -17.59 21.38
CA ARG J 39 -44.17 -17.00 20.24
C ARG J 39 -44.97 -15.84 19.61
N ASP J 40 -46.30 -15.94 19.70
CA ASP J 40 -47.20 -14.92 19.14
C ASP J 40 -47.31 -13.63 19.94
N CYS J 41 -47.38 -13.75 21.27
CA CYS J 41 -47.51 -12.58 22.13
C CYS J 41 -47.35 -12.90 23.62
N ARG J 42 -47.44 -11.86 24.45
CA ARG J 42 -47.37 -12.00 25.89
C ARG J 42 -48.77 -11.72 26.44
N LEU J 43 -49.06 -12.26 27.62
CA LEU J 43 -50.36 -12.04 28.23
C LEU J 43 -50.31 -11.05 29.41
N LYS J 44 -51.37 -10.28 29.58
CA LYS J 44 -51.46 -9.30 30.67
C LYS J 44 -52.70 -9.51 31.54
N VAL J 45 -52.50 -10.03 32.75
CA VAL J 45 -53.62 -10.23 33.69
C VAL J 45 -53.77 -8.93 34.49
N GLY J 46 -55.00 -8.50 34.73
CA GLY J 46 -55.19 -7.25 35.45
C GLY J 46 -56.25 -7.28 36.54
N LYS J 47 -56.66 -6.11 36.98
CA LYS J 47 -57.63 -6.05 38.06
C LYS J 47 -58.83 -6.96 37.94
N GLU J 48 -59.55 -6.88 36.84
CA GLU J 48 -60.73 -7.73 36.66
C GLU J 48 -60.44 -9.21 36.86
N MSE J 49 -59.65 -9.79 35.97
CA MSE J 49 -59.37 -11.20 36.06
C MSE J 49 -58.65 -11.64 37.31
O MSE J 49 -58.83 -12.79 37.73
CB MSE J 49 -58.62 -11.67 34.83
CG MSE J 49 -59.51 -11.82 33.60
SE MSE J 49 -58.82 -13.08 32.32
CE MSE J 49 -59.56 -14.72 33.05
N PHE J 50 -57.84 -10.77 37.91
CA PHE J 50 -57.13 -11.16 39.11
C PHE J 50 -58.09 -11.19 40.31
N THR J 51 -58.96 -10.20 40.39
CA THR J 51 -59.93 -10.15 41.48
C THR J 51 -60.82 -11.37 41.42
N LEU J 52 -60.84 -12.04 40.28
CA LEU J 52 -61.69 -13.21 40.10
C LEU J 52 -61.00 -14.54 40.28
N PHE J 53 -59.77 -14.67 39.80
CA PHE J 53 -59.11 -15.96 39.91
C PHE J 53 -57.77 -15.98 40.61
N GLY J 54 -57.39 -14.82 41.16
CA GLY J 54 -56.14 -14.72 41.89
C GLY J 54 -54.88 -15.15 41.17
N PRO J 55 -53.78 -15.31 41.89
CA PRO J 55 -52.51 -15.72 41.28
C PRO J 55 -52.58 -17.14 40.74
N GLN J 56 -53.61 -17.87 41.15
CA GLN J 56 -53.74 -19.24 40.70
C GLN J 56 -53.81 -19.27 39.16
N PHE J 57 -54.66 -18.40 38.63
CA PHE J 57 -54.85 -18.27 37.19
C PHE J 57 -53.57 -17.82 36.53
N VAL J 58 -52.74 -17.06 37.24
CA VAL J 58 -51.48 -16.60 36.66
C VAL J 58 -50.55 -17.79 36.49
N ARG J 59 -50.66 -18.74 37.41
CA ARG J 59 -49.80 -19.91 37.34
C ARG J 59 -50.17 -20.74 36.12
N GLU J 60 -51.47 -20.85 35.85
CA GLU J 60 -51.95 -21.59 34.70
C GLU J 60 -51.40 -21.01 33.40
N LEU J 61 -51.51 -19.69 33.23
CA LEU J 61 -51.01 -19.05 32.02
C LEU J 61 -49.50 -19.26 31.91
N GLN J 62 -48.84 -19.35 33.05
CA GLN J 62 -47.39 -19.56 33.04
C GLN J 62 -47.07 -21.02 32.77
N GLN J 63 -47.95 -21.91 33.22
CA GLN J 63 -47.79 -23.35 33.02
C GLN J 63 -47.77 -23.61 31.51
N ARG J 64 -48.52 -22.78 30.78
CA ARG J 64 -48.59 -22.90 29.33
C ARG J 64 -47.40 -22.19 28.68
N GLY J 65 -46.49 -21.64 29.47
CA GLY J 65 -45.31 -21.00 28.92
C GLY J 65 -45.26 -19.51 28.63
N PHE J 66 -46.39 -18.81 28.66
CA PHE J 66 -46.37 -17.38 28.36
C PHE J 66 -45.75 -16.52 29.45
N ASP J 67 -45.40 -15.29 29.07
CA ASP J 67 -44.85 -14.31 29.99
C ASP J 67 -46.03 -13.49 30.45
N ILE J 68 -46.23 -13.40 31.76
CA ILE J 68 -47.36 -12.63 32.26
C ILE J 68 -46.94 -11.27 32.77
N PHE J 69 -47.82 -10.31 32.57
CA PHE J 69 -47.65 -8.93 33.02
C PHE J 69 -48.77 -8.73 34.02
N LEU J 70 -48.43 -8.79 35.31
CA LEU J 70 -49.43 -8.61 36.34
C LEU J 70 -49.70 -7.12 36.40
N ASP J 71 -50.88 -6.72 35.94
CA ASP J 71 -51.25 -5.31 35.86
C ASP J 71 -52.25 -4.97 36.95
N LEU J 72 -51.70 -4.66 38.11
CA LEU J 72 -52.49 -4.32 39.28
C LEU J 72 -52.29 -2.88 39.70
N LYS J 73 -51.40 -2.19 38.99
CA LYS J 73 -51.09 -0.78 39.23
C LYS J 73 -51.12 -0.39 40.70
N PHE J 74 -50.27 -1.03 41.48
CA PHE J 74 -50.17 -0.76 42.90
C PHE J 74 -50.05 0.76 43.11
N HIS J 75 -50.80 1.29 44.08
CA HIS J 75 -50.82 2.71 44.38
C HIS J 75 -51.23 2.82 45.85
N ASP J 76 -50.29 2.54 46.75
CA ASP J 76 -50.54 2.53 48.19
C ASP J 76 -49.44 3.27 48.96
N ILE J 77 -49.38 3.01 50.27
CA ILE J 77 -48.34 3.61 51.09
C ILE J 77 -47.07 2.82 50.76
N PRO J 78 -45.92 3.47 50.85
CA PRO J 78 -44.64 2.81 50.54
C PRO J 78 -44.53 1.38 51.06
N ASN J 79 -44.89 1.17 52.32
CA ASN J 79 -44.78 -0.15 52.88
C ASN J 79 -45.57 -1.17 52.07
N THR J 80 -46.87 -0.89 51.86
CA THR J 80 -47.71 -1.81 51.10
C THR J 80 -47.14 -2.09 49.70
N ALA J 81 -46.81 -1.02 49.00
CA ALA J 81 -46.26 -1.11 47.67
C ALA J 81 -45.17 -2.16 47.60
N ALA J 82 -44.13 -1.94 48.39
CA ALA J 82 -42.99 -2.85 48.40
C ALA J 82 -43.41 -4.30 48.68
N HIS J 83 -44.29 -4.50 49.64
CA HIS J 83 -44.70 -5.85 49.94
C HIS J 83 -45.43 -6.46 48.78
N ALA J 84 -46.29 -5.66 48.17
CA ALA J 84 -47.07 -6.10 47.03
C ALA J 84 -46.14 -6.50 45.90
N VAL J 85 -45.24 -5.60 45.54
CA VAL J 85 -44.30 -5.86 44.45
C VAL J 85 -43.60 -7.17 44.66
N ALA J 86 -43.12 -7.41 45.86
CA ALA J 86 -42.42 -8.65 46.15
C ALA J 86 -43.33 -9.86 46.04
N ALA J 87 -44.61 -9.71 46.39
CA ALA J 87 -45.53 -10.84 46.29
C ALA J 87 -45.63 -11.23 44.82
N ALA J 88 -45.49 -10.22 43.96
CA ALA J 88 -45.54 -10.44 42.53
C ALA J 88 -44.25 -11.14 42.13
N ALA J 89 -43.12 -10.63 42.64
CA ALA J 89 -41.81 -11.24 42.36
C ALA J 89 -41.85 -12.72 42.76
N ASP J 90 -42.67 -13.06 43.75
CA ASP J 90 -42.80 -14.45 44.18
C ASP J 90 -43.59 -15.28 43.17
N LEU J 91 -44.63 -14.68 42.58
CA LEU J 91 -45.48 -15.34 41.58
C LEU J 91 -44.65 -15.73 40.37
N GLY J 92 -43.55 -15.00 40.15
CA GLY J 92 -42.66 -15.27 39.03
C GLY J 92 -42.96 -14.48 37.77
N VAL J 93 -43.99 -13.62 37.85
CA VAL J 93 -44.39 -12.81 36.72
C VAL J 93 -43.23 -12.11 36.05
N TRP J 94 -43.41 -11.91 34.76
CA TRP J 94 -42.45 -11.28 33.86
C TRP J 94 -42.30 -9.77 34.10
N MSE J 95 -43.43 -9.10 34.32
CA MSE J 95 -43.47 -7.66 34.52
C MSE J 95 -44.60 -7.31 35.49
O MSE J 95 -45.66 -7.94 35.49
CB MSE J 95 -43.69 -6.98 33.16
CG MSE J 95 -44.28 -5.57 33.21
SE MSE J 95 -44.21 -4.61 31.53
CE MSE J 95 -45.65 -5.46 30.64
N VAL J 96 -44.35 -6.30 36.32
CA VAL J 96 -45.33 -5.86 37.31
C VAL J 96 -45.53 -4.35 37.28
N ASN J 97 -46.75 -3.95 37.63
CA ASN J 97 -47.25 -2.58 37.63
C ASN J 97 -47.21 -1.77 38.92
N VAL J 98 -47.07 -0.45 38.78
CA VAL J 98 -47.08 0.48 39.89
C VAL J 98 -47.47 1.87 39.35
N HIS J 99 -48.18 2.67 40.16
CA HIS J 99 -48.63 4.00 39.73
C HIS J 99 -47.60 5.08 40.06
N ALA J 100 -47.11 5.82 39.06
CA ALA J 100 -46.13 6.88 39.34
C ALA J 100 -46.72 7.96 40.26
N SER J 101 -48.02 8.23 40.10
CA SER J 101 -48.71 9.24 40.91
C SER J 101 -48.62 8.92 42.40
N GLY J 102 -48.02 7.78 42.71
CA GLY J 102 -47.88 7.36 44.10
C GLY J 102 -46.67 7.93 44.81
N GLY J 103 -45.85 8.69 44.08
CA GLY J 103 -44.70 9.31 44.70
C GLY J 103 -43.37 8.58 44.66
N ALA J 104 -42.31 9.37 44.82
CA ALA J 104 -40.94 8.89 44.80
C ALA J 104 -40.66 7.88 45.90
N ARG J 105 -41.00 8.24 47.12
CA ARG J 105 -40.76 7.36 48.24
C ARG J 105 -41.32 5.98 47.94
N MSE J 106 -42.59 5.95 47.54
CA MSE J 106 -43.24 4.69 47.25
C MSE J 106 -42.51 3.92 46.16
O MSE J 106 -42.23 2.73 46.33
CB MSE J 106 -44.67 4.93 46.79
CG MSE J 106 -45.40 3.63 46.52
SE MSE J 106 -46.94 3.85 45.43
CE MSE J 106 -46.05 3.77 43.74
N MSE J 107 -42.23 4.57 45.04
CA MSE J 107 -41.55 3.90 43.95
C MSE J 107 -40.22 3.32 44.42
O MSE J 107 -39.97 2.13 44.22
CB MSE J 107 -41.32 4.85 42.78
CG MSE J 107 -42.59 5.15 42.00
SE MSE J 107 -42.33 5.83 40.23
CE MSE J 107 -42.69 7.69 40.57
N THR J 108 -39.40 4.15 45.06
CA THR J 108 -38.10 3.67 45.53
C THR J 108 -38.32 2.48 46.43
N ALA J 109 -39.37 2.52 47.24
CA ALA J 109 -39.67 1.42 48.12
C ALA J 109 -39.85 0.15 47.31
N ALA J 110 -40.64 0.25 46.24
CA ALA J 110 -40.89 -0.89 45.38
C ALA J 110 -39.59 -1.43 44.78
N ARG J 111 -38.80 -0.55 44.18
CA ARG J 111 -37.56 -0.97 43.57
C ARG J 111 -36.76 -1.84 44.52
N GLU J 112 -36.49 -1.28 45.70
CA GLU J 112 -35.73 -1.99 46.71
C GLU J 112 -36.31 -3.36 47.03
N ALA J 113 -37.62 -3.43 47.22
CA ALA J 113 -38.25 -4.71 47.53
C ALA J 113 -37.87 -5.81 46.54
N LEU J 114 -37.34 -5.43 45.38
CA LEU J 114 -36.99 -6.41 44.36
C LEU J 114 -35.54 -6.87 44.35
N VAL J 115 -34.63 -6.05 44.87
CA VAL J 115 -33.21 -6.41 44.92
C VAL J 115 -33.01 -7.86 45.42
N PRO J 116 -33.81 -8.28 46.40
CA PRO J 116 -33.72 -9.65 46.95
C PRO J 116 -33.94 -10.76 45.91
N PHE J 117 -34.56 -10.43 44.78
CA PHE J 117 -34.83 -11.45 43.76
C PHE J 117 -33.84 -11.35 42.60
N GLY J 118 -33.07 -10.27 42.61
CA GLY J 118 -32.05 -10.03 41.59
C GLY J 118 -32.40 -10.21 40.13
N LYS J 119 -31.79 -11.22 39.51
CA LYS J 119 -32.00 -11.51 38.10
C LYS J 119 -33.40 -12.06 37.82
N ASP J 120 -34.04 -12.62 38.84
CA ASP J 120 -35.39 -13.17 38.68
C ASP J 120 -36.48 -12.14 38.94
N ALA J 121 -36.07 -10.90 39.16
CA ALA J 121 -37.02 -9.83 39.43
C ALA J 121 -37.82 -9.46 38.20
N PRO J 122 -39.14 -9.25 38.37
CA PRO J 122 -39.92 -8.88 37.20
C PRO J 122 -39.55 -7.45 36.82
N LEU J 123 -40.07 -6.99 35.70
CA LEU J 123 -39.78 -5.64 35.27
C LEU J 123 -40.68 -4.72 36.03
N LEU J 124 -40.09 -3.66 36.57
CA LEU J 124 -40.86 -2.72 37.34
C LEU J 124 -41.14 -1.47 36.52
N ILE J 125 -42.41 -1.25 36.24
CA ILE J 125 -42.83 -0.12 35.45
C ILE J 125 -43.94 0.64 36.15
N ALA J 126 -43.94 1.96 35.96
CA ALA J 126 -44.95 2.80 36.58
C ALA J 126 -45.89 3.42 35.57
N VAL J 127 -47.17 3.42 35.90
CA VAL J 127 -48.19 3.99 35.04
C VAL J 127 -48.16 5.49 35.24
N THR J 128 -48.05 6.24 34.14
CA THR J 128 -48.04 7.69 34.25
C THR J 128 -49.48 8.19 34.26
N VAL J 129 -49.98 8.67 33.12
CA VAL J 129 -51.36 9.15 33.02
C VAL J 129 -52.10 8.06 32.27
N LEU J 130 -53.27 7.67 32.75
CA LEU J 130 -54.02 6.62 32.07
C LEU J 130 -54.46 7.02 30.67
N THR J 131 -54.27 6.11 29.71
CA THR J 131 -54.65 6.39 28.33
C THR J 131 -56.08 6.81 28.14
N SER J 132 -56.94 6.49 29.11
CA SER J 132 -58.34 6.86 28.98
C SER J 132 -58.59 8.31 29.41
N MSE J 133 -57.54 9.11 29.53
CA MSE J 133 -57.73 10.48 29.96
C MSE J 133 -57.27 11.58 29.03
O MSE J 133 -56.31 11.41 28.27
CB MSE J 133 -57.07 10.69 31.32
CG MSE J 133 -57.70 9.89 32.45
SE MSE J 133 -57.01 10.37 34.18
CE MSE J 133 -55.37 9.33 34.20
N GLU J 134 -57.98 12.71 29.12
CA GLU J 134 -57.70 13.91 28.34
C GLU J 134 -57.61 15.06 29.34
N ALA J 135 -57.07 16.19 28.93
CA ALA J 135 -56.93 17.33 29.83
C ALA J 135 -58.27 17.66 30.47
N SER J 136 -59.35 17.33 29.78
CA SER J 136 -60.69 17.59 30.28
C SER J 136 -60.98 16.76 31.52
N ASP J 137 -60.32 15.61 31.67
CA ASP J 137 -60.53 14.75 32.83
C ASP J 137 -59.61 15.17 33.97
N LEU J 138 -58.37 15.50 33.61
CA LEU J 138 -57.38 15.94 34.59
C LEU J 138 -57.85 17.25 35.18
N VAL J 139 -58.73 17.93 34.46
CA VAL J 139 -59.24 19.20 34.93
C VAL J 139 -60.13 19.05 36.16
N ASP J 140 -60.93 17.99 36.22
CA ASP J 140 -61.81 17.77 37.35
C ASP J 140 -60.99 17.69 38.63
N LEU J 141 -59.69 17.44 38.47
CA LEU J 141 -58.77 17.37 39.60
C LEU J 141 -58.04 18.71 39.47
N GLY J 142 -57.31 19.13 40.49
CA GLY J 142 -56.60 20.40 40.39
C GLY J 142 -55.48 20.41 39.36
N MSE J 143 -55.73 19.79 38.20
CA MSE J 143 -54.74 19.70 37.13
C MSE J 143 -54.94 20.69 35.99
O MSE J 143 -55.93 20.63 35.27
CB MSE J 143 -54.75 18.28 36.55
CG MSE J 143 -53.55 17.93 35.68
SE MSE J 143 -51.96 17.63 36.74
CE MSE J 143 -52.60 16.08 37.72
N THR J 144 -53.97 21.59 35.83
CA THR J 144 -54.02 22.60 34.76
C THR J 144 -53.16 22.14 33.59
N LEU J 145 -52.21 21.26 33.89
CA LEU J 145 -51.27 20.70 32.91
C LEU J 145 -52.01 20.08 31.72
N SER J 146 -51.47 19.00 31.18
CA SER J 146 -52.11 18.32 30.06
C SER J 146 -51.62 16.90 30.04
N PRO J 147 -52.35 16.01 29.37
CA PRO J 147 -51.91 14.61 29.33
C PRO J 147 -50.41 14.54 29.11
N ALA J 148 -50.01 14.60 27.84
CA ALA J 148 -48.60 14.53 27.48
C ALA J 148 -47.67 15.24 28.46
N ASP J 149 -48.00 16.47 28.84
CA ASP J 149 -47.15 17.19 29.78
C ASP J 149 -46.95 16.39 31.05
N TYR J 150 -48.04 16.28 31.80
CA TYR J 150 -48.07 15.57 33.08
C TYR J 150 -47.40 14.21 33.03
N ALA J 151 -47.86 13.36 32.12
CA ALA J 151 -47.29 12.03 32.00
C ALA J 151 -45.75 12.13 32.00
N GLU J 152 -45.21 13.12 31.31
CA GLU J 152 -43.76 13.29 31.24
C GLU J 152 -43.15 13.55 32.62
N ARG J 153 -43.75 14.43 33.40
CA ARG J 153 -43.22 14.70 34.73
C ARG J 153 -43.14 13.39 35.52
N LEU J 154 -44.24 12.65 35.55
CA LEU J 154 -44.28 11.38 36.24
C LEU J 154 -43.16 10.48 35.71
N ALA J 155 -43.10 10.36 34.40
CA ALA J 155 -42.10 9.53 33.75
C ALA J 155 -40.70 9.89 34.22
N ALA J 156 -40.44 11.19 34.36
CA ALA J 156 -39.12 11.65 34.81
C ALA J 156 -38.82 11.16 36.21
N LEU J 157 -39.80 11.34 37.10
CA LEU J 157 -39.68 10.92 38.48
C LEU J 157 -39.46 9.41 38.54
N THR J 158 -40.12 8.69 37.63
CA THR J 158 -40.02 7.24 37.54
C THR J 158 -38.60 6.85 37.13
N GLN J 159 -38.04 7.61 36.21
CA GLN J 159 -36.69 7.40 35.71
C GLN J 159 -35.76 7.52 36.91
N LYS J 160 -35.80 8.68 37.55
CA LYS J 160 -34.97 8.97 38.70
C LYS J 160 -34.96 7.88 39.76
N CYS J 161 -36.12 7.33 40.07
CA CYS J 161 -36.19 6.30 41.10
C CYS J 161 -35.56 4.96 40.72
N GLY J 162 -35.17 4.83 39.45
CA GLY J 162 -34.53 3.60 39.01
C GLY J 162 -35.40 2.50 38.44
N LEU J 163 -36.65 2.83 38.15
CA LEU J 163 -37.56 1.83 37.58
C LEU J 163 -37.11 1.55 36.14
N ASP J 164 -37.51 0.38 35.62
CA ASP J 164 -37.14 -0.04 34.27
C ASP J 164 -37.88 0.67 33.14
N GLY J 165 -39.15 0.99 33.35
CA GLY J 165 -39.93 1.65 32.32
C GLY J 165 -41.11 2.42 32.84
N VAL J 166 -41.96 2.85 31.93
CA VAL J 166 -43.16 3.62 32.27
C VAL J 166 -44.33 3.17 31.39
N VAL J 167 -45.55 3.52 31.77
CA VAL J 167 -46.70 3.17 30.95
C VAL J 167 -47.36 4.46 30.53
N CYS J 168 -47.59 4.58 29.22
CA CYS J 168 -48.21 5.78 28.66
C CYS J 168 -48.88 5.51 27.32
N SER J 169 -49.45 6.56 26.74
CA SER J 169 -50.08 6.45 25.43
C SER J 169 -48.95 6.43 24.43
N ALA J 170 -49.16 5.78 23.28
CA ALA J 170 -48.11 5.74 22.28
C ALA J 170 -47.88 7.15 21.71
N GLN J 171 -48.78 8.08 22.04
CA GLN J 171 -48.66 9.46 21.56
C GLN J 171 -47.67 10.27 22.37
N GLU J 172 -46.81 9.58 23.12
CA GLU J 172 -45.80 10.24 23.95
C GLU J 172 -44.50 9.45 23.81
N ALA J 173 -44.63 8.28 23.18
CA ALA J 173 -43.50 7.36 22.99
C ALA J 173 -42.34 7.98 22.21
N VAL J 174 -42.54 9.19 21.69
CA VAL J 174 -41.48 9.81 20.93
C VAL J 174 -40.77 10.84 21.80
N ARG J 175 -41.54 11.78 22.34
CA ARG J 175 -40.95 12.80 23.20
C ARG J 175 -40.23 12.11 24.37
N PHE J 176 -40.79 10.98 24.80
CA PHE J 176 -40.21 10.21 25.90
C PHE J 176 -38.97 9.45 25.46
N LYS J 177 -39.15 8.50 24.56
CA LYS J 177 -38.05 7.68 24.03
C LYS J 177 -36.90 8.63 23.74
N GLN J 178 -37.28 9.86 23.41
CA GLN J 178 -36.34 10.94 23.12
C GLN J 178 -35.63 11.35 24.42
N VAL J 179 -36.39 11.98 25.32
CA VAL J 179 -35.88 12.47 26.60
C VAL J 179 -35.38 11.40 27.58
N PHE J 180 -35.72 10.13 27.35
CA PHE J 180 -35.31 9.09 28.27
C PHE J 180 -34.41 7.99 27.69
N GLY J 181 -34.29 7.97 26.36
CA GLY J 181 -33.43 6.97 25.74
C GLY J 181 -34.03 5.60 25.50
N GLN J 182 -33.40 4.84 24.62
CA GLN J 182 -33.86 3.49 24.28
C GLN J 182 -33.85 2.57 25.49
N GLU J 183 -33.23 3.03 26.57
CA GLU J 183 -33.14 2.25 27.79
C GLU J 183 -34.47 2.20 28.51
N PHE J 184 -35.00 3.38 28.81
CA PHE J 184 -36.27 3.49 29.50
C PHE J 184 -37.38 2.86 28.66
N LYS J 185 -37.73 1.62 28.98
CA LYS J 185 -38.76 0.91 28.26
C LYS J 185 -40.13 1.58 28.33
N LEU J 186 -40.87 1.52 27.22
CA LEU J 186 -42.19 2.11 27.15
C LEU J 186 -43.24 1.07 26.79
N VAL J 187 -44.34 1.07 27.52
CA VAL J 187 -45.44 0.13 27.26
C VAL J 187 -46.69 0.96 27.01
N THR J 188 -47.26 0.81 25.81
CA THR J 188 -48.43 1.59 25.41
C THR J 188 -49.72 0.83 25.13
N PRO J 189 -50.78 1.18 25.86
CA PRO J 189 -52.08 0.54 25.69
C PRO J 189 -52.89 1.57 24.89
N GLY J 190 -54.20 1.38 24.78
CA GLY J 190 -55.00 2.32 24.02
C GLY J 190 -54.60 2.24 22.56
N ILE J 191 -54.58 1.01 22.06
CA ILE J 191 -54.19 0.70 20.69
C ILE J 191 -55.39 0.25 19.88
N ARG J 192 -55.93 1.16 19.09
CA ARG J 192 -57.08 0.87 18.25
C ARG J 192 -56.67 0.84 16.78
N PRO J 193 -56.75 -0.33 16.14
CA PRO J 193 -56.39 -0.48 14.74
C PRO J 193 -57.54 -0.06 13.80
N GLN J 194 -57.49 1.19 13.33
CA GLN J 194 -58.46 1.82 12.42
C GLN J 194 -59.83 1.16 12.26
N GLY J 195 -60.88 1.97 12.40
CA GLY J 195 -62.24 1.45 12.28
C GLY J 195 -62.47 0.46 13.39
N SER J 196 -61.93 0.82 14.56
CA SER J 196 -62.03 0.01 15.77
C SER J 196 -62.63 0.90 16.85
N GLU J 197 -63.67 0.40 17.51
CA GLU J 197 -64.34 1.14 18.57
C GLU J 197 -63.35 1.56 19.64
N ALA J 198 -63.37 2.84 20.01
CA ALA J 198 -62.47 3.37 21.04
C ALA J 198 -63.02 3.11 22.45
N GLY J 199 -64.22 3.59 22.72
CA GLY J 199 -64.82 3.42 24.02
C GLY J 199 -64.31 4.47 24.98
N ASP J 200 -63.94 4.03 26.18
CA ASP J 200 -63.42 4.94 27.19
C ASP J 200 -62.00 5.37 26.87
N GLN J 201 -61.43 4.72 25.86
CA GLN J 201 -60.07 5.01 25.42
C GLN J 201 -60.01 6.41 24.81
N ARG J 202 -58.87 7.08 24.93
CA ARG J 202 -58.72 8.43 24.37
C ARG J 202 -57.41 8.62 23.57
N ARG J 203 -56.29 8.81 24.25
CA ARG J 203 -55.01 8.98 23.56
C ARG J 203 -54.66 7.68 22.80
N ILE J 204 -55.37 7.45 21.70
CA ILE J 204 -55.19 6.25 20.89
C ILE J 204 -54.15 6.35 19.78
N MSE J 205 -53.95 5.22 19.10
CA MSE J 205 -53.00 5.09 18.01
C MSE J 205 -53.15 3.66 17.50
O MSE J 205 -53.72 2.81 18.20
CB MSE J 205 -51.59 5.32 18.52
CG MSE J 205 -50.57 5.57 17.45
SE MSE J 205 -49.45 7.07 17.93
CE MSE J 205 -50.77 8.48 17.77
N THR J 206 -52.68 3.40 16.29
CA THR J 206 -52.83 2.06 15.75
C THR J 206 -51.54 1.29 15.93
N PRO J 207 -51.63 -0.05 15.87
CA PRO J 207 -50.42 -0.87 16.03
C PRO J 207 -49.27 -0.28 15.24
N GLU J 208 -49.56 0.03 13.98
CA GLU J 208 -48.58 0.61 13.08
C GLU J 208 -47.93 1.85 13.69
N GLN J 209 -48.64 2.97 13.65
CA GLN J 209 -48.11 4.21 14.19
C GLN J 209 -47.53 4.07 15.60
N ALA J 210 -47.96 3.04 16.33
CA ALA J 210 -47.44 2.81 17.67
C ALA J 210 -45.99 2.34 17.51
N LEU J 211 -45.81 1.24 16.78
CA LEU J 211 -44.48 0.71 16.52
C LEU J 211 -43.59 1.81 15.98
N SER J 212 -44.21 2.82 15.38
CA SER J 212 -43.49 3.94 14.80
C SER J 212 -42.79 4.80 15.84
N ALA J 213 -43.54 5.26 16.83
CA ALA J 213 -42.98 6.12 17.89
C ALA J 213 -41.82 5.48 18.65
N GLY J 214 -41.76 4.15 18.62
CA GLY J 214 -40.68 3.44 19.28
C GLY J 214 -41.07 2.66 20.52
N VAL J 215 -42.37 2.53 20.76
CA VAL J 215 -42.87 1.81 21.92
C VAL J 215 -42.25 0.40 22.00
N ASP J 216 -41.85 0.00 23.20
CA ASP J 216 -41.26 -1.31 23.41
C ASP J 216 -42.31 -2.42 23.36
N TYR J 217 -43.45 -2.17 23.99
CA TYR J 217 -44.53 -3.15 23.98
C TYR J 217 -45.83 -2.38 23.88
N MSE J 218 -46.86 -3.04 23.38
CA MSE J 218 -48.16 -2.42 23.24
C MSE J 218 -49.25 -3.36 23.75
O MSE J 218 -49.17 -4.59 23.61
CB MSE J 218 -48.39 -2.04 21.79
CG MSE J 218 -48.16 -3.18 20.79
SE MSE J 218 -48.29 -2.64 18.91
CE MSE J 218 -50.20 -2.62 18.79
N VAL J 219 -50.28 -2.78 24.35
CA VAL J 219 -51.35 -3.56 24.90
C VAL J 219 -52.60 -3.49 24.06
N ILE J 220 -52.96 -4.62 23.46
CA ILE J 220 -54.16 -4.65 22.68
C ILE J 220 -55.18 -5.42 23.50
N GLY J 221 -56.29 -4.73 23.81
CA GLY J 221 -57.33 -5.34 24.59
C GLY J 221 -58.46 -5.93 23.79
N ARG J 222 -59.53 -5.16 23.68
CA ARG J 222 -60.72 -5.58 22.96
C ARG J 222 -60.57 -5.87 21.46
N PRO J 223 -59.86 -5.00 20.72
CA PRO J 223 -59.66 -5.22 19.29
C PRO J 223 -59.44 -6.68 18.98
N VAL J 224 -58.67 -7.34 19.83
CA VAL J 224 -58.36 -8.76 19.65
C VAL J 224 -59.36 -9.68 20.33
N THR J 225 -59.85 -9.27 21.49
CA THR J 225 -60.76 -10.11 22.25
C THR J 225 -62.24 -9.95 21.92
N GLN J 226 -62.61 -8.78 21.40
CA GLN J 226 -64.00 -8.52 21.04
C GLN J 226 -64.19 -8.56 19.53
N SER J 227 -63.52 -9.52 18.90
CA SER J 227 -63.60 -9.68 17.46
C SER J 227 -63.72 -11.17 17.19
N VAL J 228 -64.70 -11.54 16.39
CA VAL J 228 -64.93 -12.94 16.05
C VAL J 228 -63.57 -13.51 15.65
N ASP J 229 -63.34 -14.77 15.98
CA ASP J 229 -62.05 -15.42 15.71
C ASP J 229 -60.92 -14.42 16.00
N PRO J 230 -60.59 -14.25 17.29
CA PRO J 230 -59.55 -13.35 17.78
C PRO J 230 -58.15 -13.86 17.42
N ALA J 231 -57.94 -15.16 17.57
CA ALA J 231 -56.65 -15.80 17.24
C ALA J 231 -56.20 -15.26 15.91
N GLN J 232 -57.16 -15.15 15.00
CA GLN J 232 -56.91 -14.64 13.66
C GLN J 232 -56.42 -13.20 13.73
N THR J 233 -57.23 -12.34 14.34
CA THR J 233 -56.90 -10.94 14.48
C THR J 233 -55.51 -10.71 15.06
N LEU J 234 -55.02 -11.64 15.87
CA LEU J 234 -53.70 -11.50 16.45
C LEU J 234 -52.68 -11.69 15.33
N LYS J 235 -52.73 -12.83 14.66
CA LYS J 235 -51.83 -13.12 13.54
C LYS J 235 -51.83 -11.94 12.58
N ALA J 236 -53.03 -11.41 12.37
CA ALA J 236 -53.21 -10.26 11.50
C ALA J 236 -52.31 -9.14 12.00
N ILE J 237 -52.69 -8.56 13.14
CA ILE J 237 -51.98 -7.45 13.76
C ILE J 237 -50.46 -7.65 13.81
N ASN J 238 -50.04 -8.91 13.92
CA ASN J 238 -48.61 -9.22 13.96
C ASN J 238 -48.00 -8.89 12.61
N ALA J 239 -48.43 -9.62 11.60
CA ALA J 239 -47.96 -9.40 10.24
C ALA J 239 -48.02 -7.89 9.98
N SER J 240 -49.16 -7.30 10.29
CA SER J 240 -49.38 -5.87 10.12
C SER J 240 -48.17 -5.08 10.61
N LEU J 241 -47.55 -5.60 11.66
CA LEU J 241 -46.39 -4.96 12.27
C LEU J 241 -45.07 -5.53 11.75
N GLN J 242 -44.95 -5.63 10.44
CA GLN J 242 -43.73 -6.17 9.85
C GLN J 242 -43.44 -5.52 8.51
N VAL K 12 21.26 -26.95 45.40
CA VAL K 12 21.65 -25.51 45.57
C VAL K 12 22.49 -25.26 46.84
N THR K 13 23.45 -24.35 46.72
CA THR K 13 24.33 -23.98 47.81
C THR K 13 24.01 -22.54 48.14
N ASN K 14 24.71 -21.99 49.13
CA ASN K 14 24.49 -20.60 49.54
C ASN K 14 25.75 -19.78 49.49
N SER K 15 26.88 -20.46 49.61
CA SER K 15 28.17 -19.78 49.56
C SER K 15 28.38 -19.12 48.22
N PRO K 16 28.93 -17.91 48.23
CA PRO K 16 29.19 -17.18 46.99
C PRO K 16 30.51 -17.72 46.44
N VAL K 17 30.90 -18.87 46.97
CA VAL K 17 32.16 -19.49 46.61
C VAL K 17 32.16 -20.54 45.54
N VAL K 18 33.07 -20.31 44.60
CA VAL K 18 33.30 -21.19 43.48
C VAL K 18 34.77 -21.49 43.62
N VAL K 19 35.11 -22.76 43.79
CA VAL K 19 36.50 -23.15 43.92
C VAL K 19 37.05 -23.52 42.56
N ALA K 20 38.16 -22.88 42.20
CA ALA K 20 38.82 -23.15 40.95
C ALA K 20 39.55 -24.50 41.01
N LEU K 21 39.00 -25.50 40.35
CA LEU K 21 39.62 -26.82 40.31
C LEU K 21 40.74 -26.84 39.25
N ASP K 22 41.94 -26.35 39.58
CA ASP K 22 43.03 -26.33 38.61
C ASP K 22 44.11 -27.39 38.85
N TYR K 23 43.70 -28.66 38.93
CA TYR K 23 44.60 -29.80 39.14
C TYR K 23 45.11 -30.39 37.81
N HIS K 24 46.32 -30.93 37.81
CA HIS K 24 46.89 -31.55 36.62
C HIS K 24 46.67 -33.05 36.70
N ASN K 25 45.80 -33.46 37.62
CA ASN K 25 45.50 -34.88 37.82
C ASN K 25 44.04 -35.06 38.22
N ARG K 26 43.36 -35.97 37.54
CA ARG K 26 41.95 -36.20 37.81
C ARG K 26 41.65 -36.68 39.23
N ASP K 27 42.41 -37.68 39.69
CA ASP K 27 42.22 -38.23 41.04
C ASP K 27 42.47 -37.16 42.09
N ASP K 28 43.65 -36.56 42.00
CA ASP K 28 44.06 -35.49 42.90
C ASP K 28 42.84 -34.59 43.12
N ALA K 29 42.21 -34.20 42.02
CA ALA K 29 41.05 -33.32 42.08
C ALA K 29 39.83 -34.01 42.65
N LEU K 30 39.48 -35.17 42.10
CA LEU K 30 38.32 -35.87 42.61
C LEU K 30 38.42 -36.13 44.10
N ALA K 31 39.65 -36.20 44.61
CA ALA K 31 39.87 -36.40 46.04
C ALA K 31 39.18 -35.25 46.74
N PHE K 32 39.71 -34.05 46.54
CA PHE K 32 39.15 -32.86 47.11
C PHE K 32 37.64 -32.80 46.99
N VAL K 33 37.13 -33.05 45.79
CA VAL K 33 35.69 -32.97 45.56
C VAL K 33 34.88 -33.82 46.53
N ASP K 34 35.25 -35.09 46.68
CA ASP K 34 34.53 -35.98 47.58
C ASP K 34 34.52 -35.50 49.02
N LYS K 35 35.60 -34.83 49.42
CA LYS K 35 35.72 -34.28 50.77
C LYS K 35 34.66 -33.21 51.01
N ILE K 36 34.27 -32.48 49.97
CA ILE K 36 33.27 -31.43 50.13
C ILE K 36 31.88 -31.87 49.64
N ASP K 37 30.95 -30.92 49.62
CA ASP K 37 29.57 -31.21 49.19
C ASP K 37 28.94 -29.93 48.62
N PRO K 38 28.16 -30.04 47.53
CA PRO K 38 27.49 -28.93 46.86
C PRO K 38 27.16 -27.76 47.79
N ARG K 39 26.34 -28.05 48.79
CA ARG K 39 25.93 -27.06 49.79
C ARG K 39 27.07 -26.12 50.21
N ASP K 40 28.30 -26.64 50.17
CA ASP K 40 29.48 -25.88 50.56
C ASP K 40 29.96 -24.85 49.53
N CYS K 41 29.93 -25.23 48.25
CA CYS K 41 30.39 -24.33 47.18
C CYS K 41 30.08 -24.85 45.79
N ARG K 42 30.46 -24.06 44.78
CA ARG K 42 30.29 -24.43 43.39
C ARG K 42 31.69 -24.69 42.81
N LEU K 43 31.75 -25.51 41.76
CA LEU K 43 33.03 -25.82 41.15
C LEU K 43 33.25 -25.10 39.81
N LYS K 44 34.49 -24.74 39.53
CA LYS K 44 34.83 -24.05 38.27
C LYS K 44 35.91 -24.79 37.48
N VAL K 45 35.51 -25.44 36.38
CA VAL K 45 36.49 -26.13 35.52
C VAL K 45 36.99 -25.12 34.49
N GLY K 46 38.28 -25.14 34.20
CA GLY K 46 38.84 -24.17 33.27
C GLY K 46 39.78 -24.73 32.22
N LYS K 47 40.53 -23.83 31.59
CA LYS K 47 41.42 -24.27 30.54
C LYS K 47 42.27 -25.49 30.86
N GLU K 48 43.04 -25.44 31.93
CA GLU K 48 43.90 -26.56 32.29
C GLU K 48 43.15 -27.89 32.36
N MSE K 49 42.27 -28.02 33.32
CA MSE K 49 41.55 -29.26 33.48
C MSE K 49 40.69 -29.68 32.34
O MSE K 49 40.48 -30.88 32.13
CB MSE K 49 40.74 -29.25 34.76
CG MSE K 49 41.59 -29.45 36.02
SE MSE K 49 40.59 -30.17 37.51
CE MSE K 49 40.76 -32.05 37.10
N PHE K 50 40.16 -28.72 31.57
CA PHE K 50 39.31 -29.09 30.43
C PHE K 50 40.18 -29.62 29.29
N THR K 51 41.31 -28.99 29.05
CA THR K 51 42.21 -29.44 27.99
C THR K 51 42.68 -30.85 28.28
N LEU K 52 42.52 -31.27 29.53
CA LEU K 52 42.99 -32.60 29.95
C LEU K 52 41.91 -33.66 30.00
N PHE K 53 40.72 -33.30 30.46
CA PHE K 53 39.70 -34.33 30.59
C PHE K 53 38.38 -34.05 29.86
N GLY K 54 38.36 -32.96 29.11
CA GLY K 54 37.18 -32.61 28.35
C GLY K 54 35.87 -32.48 29.10
N PRO K 55 34.74 -32.43 28.40
CA PRO K 55 33.44 -32.29 29.05
C PRO K 55 33.08 -33.54 29.85
N GLN K 56 33.81 -34.62 29.60
CA GLN K 56 33.54 -35.86 30.30
C GLN K 56 33.65 -35.62 31.82
N PHE K 57 34.76 -34.99 32.20
CA PHE K 57 35.03 -34.66 33.59
C PHE K 57 33.97 -33.71 34.13
N VAL K 58 33.40 -32.88 33.28
CA VAL K 58 32.37 -31.95 33.74
C VAL K 58 31.12 -32.75 34.10
N ARG K 59 30.90 -33.84 33.38
CA ARG K 59 29.72 -34.65 33.64
C ARG K 59 29.86 -35.31 35.01
N GLU K 60 31.08 -35.77 35.31
CA GLU K 60 31.35 -36.40 36.59
C GLU K 60 31.05 -35.45 37.75
N LEU K 61 31.57 -34.22 37.67
CA LEU K 61 31.33 -33.25 38.73
C LEU K 61 29.84 -32.96 38.85
N GLN K 62 29.14 -33.05 37.74
CA GLN K 62 27.70 -32.79 37.76
C GLN K 62 26.95 -34.00 38.28
N GLN K 63 27.50 -35.18 38.02
CA GLN K 63 26.90 -36.44 38.47
C GLN K 63 26.87 -36.40 40.01
N ARG K 64 27.86 -35.74 40.59
CA ARG K 64 27.95 -35.59 42.04
C ARG K 64 27.06 -34.45 42.53
N GLY K 65 26.33 -33.79 41.62
CA GLY K 65 25.43 -32.74 42.03
C GLY K 65 25.86 -31.27 42.03
N PHE K 66 27.15 -30.98 41.90
CA PHE K 66 27.58 -29.59 41.93
C PHE K 66 27.23 -28.79 40.68
N ASP K 67 27.28 -27.47 40.82
CA ASP K 67 27.03 -26.54 39.73
C ASP K 67 28.39 -26.22 39.15
N ILE K 68 28.56 -26.45 37.85
CA ILE K 68 29.84 -26.17 37.24
C ILE K 68 29.85 -24.87 36.48
N PHE K 69 31.00 -24.20 36.52
CA PHE K 69 31.23 -22.95 35.81
C PHE K 69 32.33 -23.29 34.82
N LEU K 70 31.94 -23.48 33.56
CA LEU K 70 32.91 -23.80 32.53
C LEU K 70 33.62 -22.51 32.21
N ASP K 71 34.88 -22.42 32.61
CA ASP K 71 35.68 -21.21 32.43
C ASP K 71 36.69 -21.40 31.31
N LEU K 72 36.22 -21.15 30.10
CA LEU K 72 37.03 -21.29 28.92
C LEU K 72 37.27 -19.96 28.23
N LYS K 73 36.66 -18.92 28.78
CA LYS K 73 36.80 -17.55 28.28
C LYS K 73 36.89 -17.45 26.77
N PHE K 74 35.85 -17.93 26.10
CA PHE K 74 35.79 -17.91 24.65
C PHE K 74 36.13 -16.48 24.16
N HIS K 75 36.96 -16.41 23.13
CA HIS K 75 37.42 -15.14 22.56
C HIS K 75 37.79 -15.44 21.11
N ASP K 76 36.77 -15.56 20.26
CA ASP K 76 36.95 -15.91 18.85
C ASP K 76 36.10 -15.02 17.95
N ILE K 77 35.93 -15.48 16.70
CA ILE K 77 35.08 -14.75 15.75
C ILE K 77 33.65 -15.04 16.20
N PRO K 78 32.75 -14.08 15.97
CA PRO K 78 31.34 -14.24 16.37
C PRO K 78 30.77 -15.63 16.12
N ASN K 79 31.01 -16.17 14.93
CA ASN K 79 30.47 -17.48 14.62
C ASN K 79 30.94 -18.51 15.62
N THR K 80 32.26 -18.63 15.81
CA THR K 80 32.81 -19.61 16.74
C THR K 80 32.24 -19.44 18.15
N ALA K 81 32.28 -18.21 18.63
CA ALA K 81 31.78 -17.89 19.96
C ALA K 81 30.42 -18.51 20.19
N ALA K 82 29.47 -18.13 19.35
CA ALA K 82 28.10 -18.62 19.48
C ALA K 82 28.04 -20.15 19.48
N HIS K 83 28.79 -20.79 18.59
CA HIS K 83 28.74 -22.23 18.56
C HIS K 83 29.29 -22.82 19.83
N ALA K 84 30.38 -22.22 20.30
CA ALA K 84 31.03 -22.67 21.51
C ALA K 84 30.06 -22.56 22.68
N VAL K 85 29.50 -21.36 22.86
CA VAL K 85 28.57 -21.12 23.96
C VAL K 85 27.49 -22.16 23.98
N ALA K 86 26.91 -22.45 22.83
CA ALA K 86 25.86 -23.45 22.76
C ALA K 86 26.34 -24.85 23.11
N ALA K 87 27.59 -25.16 22.77
CA ALA K 87 28.13 -26.49 23.08
C ALA K 87 28.16 -26.60 24.61
N ALA K 88 28.37 -25.47 25.26
CA ALA K 88 28.40 -25.43 26.71
C ALA K 88 26.97 -25.60 27.19
N ALA K 89 26.04 -24.87 26.57
CA ALA K 89 24.62 -24.99 26.95
C ALA K 89 24.18 -26.44 26.83
N ASP K 90 24.82 -27.20 25.93
CA ASP K 90 24.50 -28.62 25.77
C ASP K 90 25.02 -29.45 26.94
N LEU K 91 26.22 -29.11 27.43
CA LEU K 91 26.85 -29.81 28.54
C LEU K 91 25.99 -29.69 29.79
N GLY K 92 25.19 -28.63 29.85
CA GLY K 92 24.31 -28.40 30.98
C GLY K 92 24.89 -27.53 32.07
N VAL K 93 26.12 -27.06 31.86
CA VAL K 93 26.80 -26.22 32.83
C VAL K 93 25.94 -25.08 33.33
N TRP K 94 26.23 -24.72 34.57
CA TRP K 94 25.54 -23.68 35.32
C TRP K 94 25.86 -22.26 34.80
N MSE K 95 27.13 -22.03 34.49
CA MSE K 95 27.61 -20.74 34.02
C MSE K 95 28.75 -20.93 33.03
O MSE K 95 29.57 -21.85 33.17
CB MSE K 95 28.07 -19.92 35.23
CG MSE K 95 29.06 -18.80 34.93
SE MSE K 95 29.37 -17.58 36.41
CE MSE K 95 30.50 -18.66 37.47
N VAL K 96 28.79 -20.06 32.01
CA VAL K 96 29.83 -20.14 30.99
C VAL K 96 30.48 -18.79 30.74
N ASN K 97 31.74 -18.86 30.35
CA ASN K 97 32.64 -17.73 30.11
C ASN K 97 32.82 -17.20 28.69
N VAL K 98 33.08 -15.91 28.58
CA VAL K 98 33.34 -15.24 27.31
C VAL K 98 34.16 -13.97 27.60
N HIS K 99 35.06 -13.60 26.68
CA HIS K 99 35.91 -12.41 26.85
C HIS K 99 35.26 -11.14 26.31
N ALA K 100 35.05 -10.12 27.14
CA ALA K 100 34.44 -8.88 26.65
C ALA K 100 35.31 -8.21 25.57
N SER K 101 36.62 -8.34 25.70
CA SER K 101 37.57 -7.76 24.74
C SER K 101 37.32 -8.30 23.33
N GLY K 102 36.39 -9.23 23.22
CA GLY K 102 36.08 -9.84 21.93
C GLY K 102 35.07 -9.05 21.10
N GLY K 103 34.56 -7.96 21.65
CA GLY K 103 33.63 -7.14 20.92
C GLY K 103 32.14 -7.40 21.06
N ALA K 104 31.37 -6.35 20.73
CA ALA K 104 29.92 -6.38 20.81
C ALA K 104 29.30 -7.44 19.92
N ARG K 105 29.69 -7.42 18.65
CA ARG K 105 29.14 -8.37 17.71
C ARG K 105 29.26 -9.78 18.28
N MSE K 106 30.47 -10.14 18.69
CA MSE K 106 30.72 -11.45 19.24
C MSE K 106 29.83 -11.76 20.43
O MSE K 106 29.19 -12.81 20.48
CB MSE K 106 32.17 -11.59 19.67
CG MSE K 106 32.47 -12.99 20.18
SE MSE K 106 34.04 -13.07 21.24
CE MSE K 106 33.24 -12.56 22.91
N MSE K 107 29.80 -10.85 21.40
CA MSE K 107 28.99 -11.07 22.58
C MSE K 107 27.54 -11.29 22.20
O MSE K 107 26.93 -12.28 22.61
CB MSE K 107 29.12 -9.89 23.55
CG MSE K 107 30.46 -9.87 24.29
SE MSE K 107 30.47 -8.84 25.90
CE MSE K 107 31.37 -7.27 25.23
N THR K 108 26.98 -10.37 21.41
CA THR K 108 25.59 -10.49 21.00
C THR K 108 25.39 -11.84 20.34
N ALA K 109 26.37 -12.27 19.55
CA ALA K 109 26.27 -13.56 18.90
C ALA K 109 26.09 -14.65 19.94
N ALA K 110 26.90 -14.61 20.99
CA ALA K 110 26.83 -15.60 22.06
C ALA K 110 25.45 -15.58 22.71
N ARG K 111 25.00 -14.41 23.12
CA ARG K 111 23.71 -14.29 23.76
C ARG K 111 22.65 -15.03 22.97
N GLU K 112 22.51 -14.64 21.72
CA GLU K 112 21.53 -15.25 20.85
C GLU K 112 21.65 -16.76 20.78
N ALA K 113 22.86 -17.27 20.65
CA ALA K 113 23.07 -18.72 20.59
C ALA K 113 22.41 -19.46 21.75
N LEU K 114 22.06 -18.73 22.81
CA LEU K 114 21.45 -19.34 23.99
C LEU K 114 19.93 -19.31 24.06
N VAL K 115 19.31 -18.36 23.38
CA VAL K 115 17.84 -18.27 23.36
C VAL K 115 17.19 -19.65 23.14
N PRO K 116 17.77 -20.47 22.26
CA PRO K 116 17.24 -21.81 21.98
C PRO K 116 17.15 -22.73 23.21
N PHE K 117 17.89 -22.42 24.27
CA PHE K 117 17.87 -23.26 25.47
C PHE K 117 17.01 -22.65 26.56
N GLY K 118 16.61 -21.39 26.35
CA GLY K 118 15.75 -20.68 27.28
C GLY K 118 16.08 -20.69 28.76
N LYS K 119 15.22 -21.34 29.53
CA LYS K 119 15.38 -21.41 30.98
C LYS K 119 16.54 -22.31 31.39
N ASP K 120 16.95 -23.22 30.50
CA ASP K 120 18.06 -24.13 30.78
C ASP K 120 19.40 -23.55 30.37
N ALA K 121 19.39 -22.30 29.91
CA ALA K 121 20.62 -21.65 29.46
C ALA K 121 21.54 -21.33 30.62
N PRO K 122 22.84 -21.57 30.45
CA PRO K 122 23.76 -21.26 31.54
C PRO K 122 23.85 -19.74 31.64
N LEU K 123 24.53 -19.27 32.67
CA LEU K 123 24.69 -17.84 32.84
C LEU K 123 25.81 -17.40 31.93
N LEU K 124 25.55 -16.33 31.20
CA LEU K 124 26.55 -15.83 30.29
C LEU K 124 27.22 -14.60 30.87
N ILE K 125 28.52 -14.74 31.13
CA ILE K 125 29.29 -13.67 31.69
C ILE K 125 30.55 -13.43 30.90
N ALA K 126 30.97 -12.17 30.84
CA ALA K 126 32.16 -11.81 30.10
C ALA K 126 33.29 -11.35 31.00
N VAL K 127 34.50 -11.80 30.70
CA VAL K 127 35.67 -11.43 31.46
C VAL K 127 36.10 -10.06 30.99
N THR K 128 36.27 -9.13 31.92
CA THR K 128 36.71 -7.79 31.55
C THR K 128 38.24 -7.78 31.47
N VAL K 129 38.89 -7.27 32.52
CA VAL K 129 40.36 -7.24 32.55
C VAL K 129 40.75 -8.35 33.51
N LEU K 130 41.73 -9.16 33.15
CA LEU K 130 42.14 -10.26 34.01
C LEU K 130 42.74 -9.76 35.32
N THR K 131 42.32 -10.38 36.43
CA THR K 131 42.80 -9.99 37.74
C THR K 131 44.31 -10.01 37.88
N SER K 132 44.99 -10.75 37.01
CA SER K 132 46.44 -10.80 37.09
C SER K 132 47.10 -9.61 36.41
N MSE K 133 46.35 -8.56 36.11
CA MSE K 133 46.94 -7.43 35.44
C MSE K 133 46.87 -6.08 36.15
O MSE K 133 45.94 -5.80 36.91
CB MSE K 133 46.33 -7.26 34.05
CG MSE K 133 46.64 -8.41 33.12
SE MSE K 133 46.06 -8.06 31.31
CE MSE K 133 44.18 -8.54 31.44
N GLU K 134 47.89 -5.26 35.87
CA GLU K 134 48.03 -3.92 36.41
C GLU K 134 48.27 -3.01 35.21
N ALA K 135 48.11 -1.70 35.39
CA ALA K 135 48.30 -0.76 34.29
C ALA K 135 49.66 -0.99 33.63
N SER K 136 50.60 -1.50 34.40
CA SER K 136 51.94 -1.77 33.88
C SER K 136 51.92 -2.86 32.82
N ASP K 137 50.92 -3.75 32.88
CA ASP K 137 50.82 -4.82 31.90
C ASP K 137 50.02 -4.35 30.69
N LEU K 138 48.96 -3.59 30.94
CA LEU K 138 48.13 -3.06 29.87
C LEU K 138 48.95 -2.09 29.07
N VAL K 139 50.03 -1.60 29.67
CA VAL K 139 50.89 -0.65 28.99
C VAL K 139 51.64 -1.29 27.83
N ASP K 140 52.07 -2.55 27.99
CA ASP K 140 52.80 -3.23 26.92
C ASP K 140 51.94 -3.28 25.66
N LEU K 141 50.63 -3.10 25.84
CA LEU K 141 49.69 -3.06 24.72
C LEU K 141 49.41 -1.57 24.60
N GLY K 142 48.82 -1.13 23.49
CA GLY K 142 48.54 0.29 23.35
C GLY K 142 47.51 0.83 24.33
N MSE K 143 47.61 0.39 25.59
CA MSE K 143 46.67 0.81 26.64
C MSE K 143 47.21 1.88 27.58
O MSE K 143 48.17 1.64 28.32
CB MSE K 143 46.27 -0.41 27.47
CG MSE K 143 45.06 -0.21 28.36
SE MSE K 143 43.40 -0.20 27.34
CE MSE K 143 43.50 -2.01 26.67
N THR K 144 46.59 3.05 27.55
CA THR K 144 46.98 4.17 28.41
C THR K 144 46.06 4.22 29.63
N LEU K 145 44.87 3.64 29.48
CA LEU K 145 43.86 3.59 30.54
C LEU K 145 44.41 2.99 31.83
N SER K 146 43.58 2.25 32.55
CA SER K 146 44.03 1.63 33.78
C SER K 146 43.12 0.45 34.05
N PRO K 147 43.56 -0.49 34.89
CA PRO K 147 42.72 -1.64 35.18
C PRO K 147 41.27 -1.20 35.39
N ALA K 148 40.96 -0.79 36.61
CA ALA K 148 39.62 -0.36 36.95
C ALA K 148 38.91 0.42 35.83
N ASP K 149 39.59 1.40 35.24
CA ASP K 149 38.96 2.16 34.17
C ASP K 149 38.48 1.25 33.07
N TYR K 150 39.46 0.67 32.37
CA TYR K 150 39.22 -0.23 31.25
C TYR K 150 38.16 -1.29 31.53
N ALA K 151 38.37 -2.07 32.58
CA ALA K 151 37.41 -3.09 32.95
C ALA K 151 35.99 -2.53 32.88
N GLU K 152 35.81 -1.31 33.39
CA GLU K 152 34.50 -0.69 33.38
C GLU K 152 33.93 -0.51 31.98
N ARG K 153 34.76 -0.01 31.04
CA ARG K 153 34.27 0.16 29.68
C ARG K 153 33.76 -1.17 29.15
N LEU K 154 34.58 -2.21 29.28
CA LEU K 154 34.19 -3.54 28.83
C LEU K 154 32.88 -3.93 29.50
N ALA K 155 32.83 -3.79 30.82
CA ALA K 155 31.65 -4.14 31.58
C ALA K 155 30.41 -3.44 31.02
N ALA K 156 30.55 -2.18 30.64
CA ALA K 156 29.43 -1.42 30.08
C ALA K 156 28.94 -2.04 28.79
N LEU K 157 29.90 -2.34 27.91
CA LEU K 157 29.60 -2.95 26.62
C LEU K 157 28.92 -4.30 26.84
N THR K 158 29.37 -5.01 27.88
CA THR K 158 28.82 -6.32 28.23
C THR K 158 27.36 -6.17 28.68
N GLN K 159 27.10 -5.10 29.44
CA GLN K 159 25.78 -4.79 29.93
C GLN K 159 24.88 -4.62 28.71
N LYS K 160 25.26 -3.65 27.88
CA LYS K 160 24.51 -3.33 26.67
C LYS K 160 24.12 -4.54 25.82
N CYS K 161 25.04 -5.48 25.65
CA CYS K 161 24.75 -6.65 24.83
C CYS K 161 23.76 -7.64 25.44
N GLY K 162 23.39 -7.41 26.70
CA GLY K 162 22.41 -8.26 27.34
C GLY K 162 22.93 -9.46 28.12
N LEU K 163 24.23 -9.49 28.39
CA LEU K 163 24.80 -10.60 29.14
C LEU K 163 24.35 -10.47 30.60
N ASP K 164 24.38 -11.58 31.34
CA ASP K 164 23.96 -11.61 32.73
C ASP K 164 24.92 -10.97 33.73
N GLY K 165 26.22 -11.11 33.49
CA GLY K 165 27.20 -10.54 34.39
C GLY K 165 28.55 -10.29 33.76
N VAL K 166 29.53 -9.98 34.60
CA VAL K 166 30.88 -9.70 34.13
C VAL K 166 31.89 -10.33 35.12
N VAL K 167 33.14 -10.45 34.70
CA VAL K 167 34.15 -10.99 35.60
C VAL K 167 35.19 -9.91 35.79
N CYS K 168 35.51 -9.64 37.05
CA CYS K 168 36.49 -8.61 37.40
C CYS K 168 37.09 -8.83 38.78
N SER K 169 37.97 -7.92 39.17
CA SER K 169 38.59 -7.98 40.49
C SER K 169 37.56 -7.46 41.45
N ALA K 170 37.59 -7.93 42.70
CA ALA K 170 36.63 -7.45 43.67
C ALA K 170 36.86 -5.97 43.96
N GLN K 171 37.99 -5.44 43.49
CA GLN K 171 38.33 -4.02 43.70
C GLN K 171 37.60 -3.10 42.74
N GLU K 172 36.54 -3.62 42.11
CA GLU K 172 35.75 -2.84 41.16
C GLU K 172 34.29 -3.16 41.41
N ALA K 173 34.06 -4.16 42.24
CA ALA K 173 32.73 -4.63 42.59
C ALA K 173 31.84 -3.56 43.22
N VAL K 174 32.42 -2.40 43.49
CA VAL K 174 31.63 -1.34 44.11
C VAL K 174 31.26 -0.32 43.05
N ARG K 175 32.25 0.21 42.35
CA ARG K 175 31.97 1.19 41.32
C ARG K 175 31.04 0.56 40.28
N PHE K 176 31.19 -0.75 40.08
CA PHE K 176 30.36 -1.49 39.12
C PHE K 176 28.96 -1.73 39.67
N LYS K 177 28.87 -2.51 40.74
CA LYS K 177 27.60 -2.84 41.38
C LYS K 177 26.81 -1.53 41.47
N GLN K 178 27.56 -0.44 41.57
CA GLN K 178 27.02 0.90 41.64
C GLN K 178 26.42 1.27 40.28
N VAL K 179 27.30 1.46 39.30
CA VAL K 179 26.92 1.84 37.94
C VAL K 179 26.08 0.82 37.16
N PHE K 180 26.02 -0.42 37.63
CA PHE K 180 25.26 -1.44 36.89
C PHE K 180 24.10 -2.08 37.66
N GLY K 181 24.02 -1.82 38.96
CA GLY K 181 22.93 -2.37 39.75
C GLY K 181 23.08 -3.79 40.24
N GLN K 182 22.28 -4.14 41.24
CA GLN K 182 22.31 -5.48 41.82
C GLN K 182 21.97 -6.56 40.81
N GLU K 183 21.48 -6.13 39.65
CA GLU K 183 21.11 -7.06 38.59
C GLU K 183 22.33 -7.64 37.92
N PHE K 184 23.19 -6.76 37.42
CA PHE K 184 24.40 -7.18 36.75
C PHE K 184 25.29 -7.96 37.71
N LYS K 185 25.23 -9.29 37.63
CA LYS K 185 26.02 -10.14 38.49
C LYS K 185 27.52 -9.95 38.33
N LEU K 186 28.25 -10.05 39.44
CA LEU K 186 29.69 -9.89 39.43
C LEU K 186 30.37 -11.11 40.00
N VAL K 187 31.40 -11.60 39.31
CA VAL K 187 32.16 -12.76 39.76
C VAL K 187 33.62 -12.33 39.88
N THR K 188 34.16 -12.43 41.09
CA THR K 188 35.53 -11.99 41.37
C THR K 188 36.52 -13.06 41.80
N PRO K 189 37.60 -13.19 41.05
CA PRO K 189 38.67 -14.16 41.36
C PRO K 189 39.77 -13.31 41.98
N GLY K 190 40.97 -13.87 42.14
CA GLY K 190 42.05 -13.10 42.74
C GLY K 190 41.69 -12.79 44.18
N ILE K 191 41.32 -13.85 44.89
CA ILE K 191 40.91 -13.76 46.28
C ILE K 191 41.94 -14.41 47.19
N ARG K 192 42.76 -13.58 47.81
CA ARG K 192 43.80 -14.05 48.72
C ARG K 192 43.44 -13.69 50.16
N PRO K 193 43.19 -14.70 51.00
CA PRO K 193 42.86 -14.47 52.40
C PRO K 193 44.11 -14.26 53.27
N GLN K 194 44.47 -13.00 53.50
CA GLN K 194 45.62 -12.53 54.30
C GLN K 194 46.73 -13.54 54.60
N GLY K 195 47.97 -13.14 54.33
CA GLY K 195 49.10 -14.03 54.58
C GLY K 195 48.97 -15.23 53.67
N SER K 196 48.53 -14.94 52.45
CA SER K 196 48.34 -15.95 51.42
C SER K 196 49.13 -15.50 50.19
N GLU K 197 49.93 -16.41 49.67
CA GLU K 197 50.77 -16.12 48.51
C GLU K 197 49.92 -15.61 47.34
N ALA K 198 50.31 -14.49 46.75
CA ALA K 198 49.58 -13.91 45.62
C ALA K 198 49.97 -14.58 44.30
N GLY K 199 51.25 -14.55 43.98
CA GLY K 199 51.72 -15.14 42.74
C GLY K 199 51.52 -14.16 41.59
N ASP K 200 50.98 -14.68 40.48
CA ASP K 200 50.73 -13.86 39.31
C ASP K 200 49.53 -12.96 39.53
N GLN K 201 48.82 -13.19 40.62
CA GLN K 201 47.64 -12.42 40.96
C GLN K 201 48.04 -10.99 41.30
N ARG K 202 47.16 -10.03 41.04
CA ARG K 202 47.46 -8.63 41.35
C ARG K 202 46.31 -7.90 42.07
N ARG K 203 45.27 -7.49 41.34
CA ARG K 203 44.13 -6.82 41.96
C ARG K 203 43.43 -7.78 42.93
N ILE K 204 44.08 -8.01 44.08
CA ILE K 204 43.57 -8.93 45.09
C ILE K 204 42.64 -8.32 46.14
N MSE K 205 42.14 -9.18 47.01
CA MSE K 205 41.23 -8.80 48.08
C MSE K 205 40.96 -10.09 48.85
O MSE K 205 41.20 -11.19 48.34
CB MSE K 205 39.95 -8.24 47.51
CG MSE K 205 39.09 -7.50 48.50
SE MSE K 205 38.47 -5.83 47.72
CE MSE K 205 40.18 -4.91 47.65
N THR K 206 40.47 -9.98 50.07
CA THR K 206 40.22 -11.18 50.86
C THR K 206 38.75 -11.52 50.80
N PRO K 207 38.41 -12.78 51.11
CA PRO K 207 37.02 -13.21 51.09
C PRO K 207 36.13 -12.16 51.72
N GLU K 208 36.56 -11.73 52.91
CA GLU K 208 35.83 -10.71 53.67
C GLU K 208 35.58 -9.47 52.83
N GLN K 209 36.60 -8.64 52.67
CA GLN K 209 36.47 -7.41 51.90
C GLN K 209 35.81 -7.61 50.54
N ALA K 210 35.87 -8.84 50.01
CA ALA K 210 35.25 -9.15 48.73
C ALA K 210 33.74 -9.11 48.94
N LEU K 211 33.26 -9.93 49.86
CA LEU K 211 31.84 -9.97 50.18
C LEU K 211 31.35 -8.56 50.49
N SER K 212 32.28 -7.72 50.92
CA SER K 212 31.96 -6.34 51.26
C SER K 212 31.52 -5.51 50.07
N ALA K 213 32.35 -5.49 49.01
CA ALA K 213 32.05 -4.71 47.81
C ALA K 213 30.70 -5.09 47.16
N GLY K 214 30.24 -6.30 47.44
CA GLY K 214 28.97 -6.74 46.89
C GLY K 214 29.05 -7.81 45.82
N VAL K 215 30.24 -8.39 45.63
CA VAL K 215 30.43 -9.42 44.63
C VAL K 215 29.42 -10.56 44.81
N ASP K 216 28.86 -11.03 43.70
CA ASP K 216 27.89 -12.11 43.72
C ASP K 216 28.54 -13.45 43.99
N TYR K 217 29.69 -13.69 43.36
CA TYR K 217 30.41 -14.94 43.58
C TYR K 217 31.88 -14.62 43.54
N MSE K 218 32.68 -15.46 44.18
CA MSE K 218 34.11 -15.26 44.24
C MSE K 218 34.84 -16.56 43.94
O MSE K 218 34.38 -17.66 44.30
CB MSE K 218 34.51 -14.70 45.60
CG MSE K 218 33.97 -15.52 46.78
SE MSE K 218 34.33 -14.71 48.53
CE MSE K 218 36.15 -15.27 48.69
N VAL K 219 35.97 -16.44 43.26
CA VAL K 219 36.72 -17.61 42.88
C VAL K 219 37.97 -17.79 43.72
N ILE K 220 37.98 -18.84 44.53
CA ILE K 220 39.15 -19.10 45.32
C ILE K 220 39.85 -20.28 44.68
N GLY K 221 41.09 -20.05 44.28
CA GLY K 221 41.86 -21.09 43.63
C GLY K 221 42.79 -21.83 44.56
N ARG K 222 44.05 -21.43 44.55
CA ARG K 222 45.08 -22.06 45.35
C ARG K 222 44.90 -22.01 46.89
N PRO K 223 44.52 -20.84 47.43
CA PRO K 223 44.33 -20.73 48.88
C PRO K 223 43.68 -21.96 49.43
N VAL K 224 42.70 -22.50 48.71
CA VAL K 224 41.98 -23.69 49.15
C VAL K 224 42.62 -24.99 48.67
N THR K 225 43.16 -24.96 47.46
CA THR K 225 43.75 -26.17 46.89
C THR K 225 45.22 -26.42 47.21
N GLN K 226 45.95 -25.35 47.52
CA GLN K 226 47.36 -25.48 47.84
C GLN K 226 47.58 -25.29 49.34
N SER K 227 46.67 -25.86 50.13
CA SER K 227 46.75 -25.78 51.57
C SER K 227 46.42 -27.16 52.10
N VAL K 228 47.27 -27.66 52.99
CA VAL K 228 47.05 -28.98 53.59
C VAL K 228 45.60 -29.01 54.06
N ASP K 229 44.98 -30.18 53.95
CA ASP K 229 43.58 -30.33 54.32
C ASP K 229 42.79 -29.10 53.82
N PRO K 230 42.49 -29.08 52.51
CA PRO K 230 41.75 -28.00 51.85
C PRO K 230 40.29 -27.97 52.27
N ALA K 231 39.68 -29.16 52.37
CA ALA K 231 38.28 -29.29 52.76
C ALA K 231 38.06 -28.40 53.97
N GLN K 232 39.03 -28.43 54.87
CA GLN K 232 39.00 -27.65 56.09
C GLN K 232 38.98 -26.16 55.75
N THR K 233 39.99 -25.72 54.99
CA THR K 233 40.12 -24.32 54.60
C THR K 233 38.83 -23.78 53.96
N LEU K 234 38.06 -24.65 53.32
CA LEU K 234 36.83 -24.22 52.69
C LEU K 234 35.84 -23.86 53.80
N LYS K 235 35.56 -24.83 54.68
CA LYS K 235 34.65 -24.62 55.81
C LYS K 235 35.06 -23.34 56.54
N ALA K 236 36.37 -23.18 56.67
CA ALA K 236 36.93 -22.01 57.32
C ALA K 236 36.40 -20.77 56.60
N ILE K 237 36.90 -20.56 55.38
CA ILE K 237 36.54 -19.41 54.56
C ILE K 237 35.04 -19.14 54.52
N ASN K 238 34.24 -20.19 54.63
CA ASN K 238 32.79 -20.05 54.63
C ASN K 238 32.37 -19.30 55.87
N ALA K 239 32.59 -19.94 57.02
CA ALA K 239 32.25 -19.34 58.29
C ALA K 239 32.79 -17.90 58.27
N SER K 240 34.05 -17.77 57.87
CA SER K 240 34.70 -16.47 57.79
C SER K 240 33.78 -15.45 57.14
N LEU K 241 32.98 -15.92 56.19
CA LEU K 241 32.06 -15.08 55.45
C LEU K 241 30.65 -15.11 56.04
N GLN K 242 30.55 -14.92 57.35
CA GLN K 242 29.25 -14.94 57.99
C GLN K 242 29.23 -14.00 59.18
N VAL L 12 53.85 -36.11 7.14
CA VAL L 12 54.00 -34.67 6.74
C VAL L 12 53.28 -34.34 5.42
N THR L 13 52.72 -33.13 5.37
CA THR L 13 52.00 -32.63 4.22
C THR L 13 52.82 -31.47 3.67
N ASN L 14 52.35 -30.86 2.59
CA ASN L 14 53.05 -29.73 1.99
C ASN L 14 52.17 -28.51 1.87
N SER L 15 50.87 -28.73 1.83
CA SER L 15 49.93 -27.64 1.73
C SER L 15 50.00 -26.76 2.95
N PRO L 16 49.93 -25.44 2.75
CA PRO L 16 49.98 -24.48 3.85
C PRO L 16 48.57 -24.42 4.43
N VAL L 17 47.77 -25.42 4.07
CA VAL L 17 46.39 -25.47 4.48
C VAL L 17 46.03 -26.27 5.70
N VAL L 18 45.30 -25.59 6.58
CA VAL L 18 44.79 -26.15 7.79
C VAL L 18 43.31 -25.89 7.65
N VAL L 19 42.53 -26.97 7.68
CA VAL L 19 41.09 -26.84 7.55
C VAL L 19 40.47 -26.78 8.94
N ALA L 20 39.69 -25.73 9.16
CA ALA L 20 39.01 -25.55 10.43
C ALA L 20 37.83 -26.52 10.54
N LEU L 21 38.00 -27.56 11.37
CA LEU L 21 36.94 -28.54 11.59
C LEU L 21 35.92 -27.99 12.60
N ASP L 22 34.98 -27.15 12.16
CA ASP L 22 33.99 -26.60 13.09
C ASP L 22 32.59 -27.20 12.96
N TYR L 23 32.51 -28.53 13.10
CA TYR L 23 31.25 -29.28 13.03
C TYR L 23 30.60 -29.43 14.42
N HIS L 24 29.27 -29.50 14.47
CA HIS L 24 28.55 -29.67 15.72
C HIS L 24 28.20 -31.15 15.87
N ASN L 25 28.84 -31.98 15.06
CA ASN L 25 28.59 -33.42 15.08
C ASN L 25 29.87 -34.18 14.76
N ARG L 26 30.20 -35.16 15.58
CA ARG L 26 31.42 -35.92 15.40
C ARG L 26 31.49 -36.69 14.07
N ASP L 27 30.41 -37.41 13.74
CA ASP L 27 30.35 -38.18 12.50
C ASP L 27 30.47 -37.26 11.30
N ASP L 28 29.59 -36.27 11.26
CA ASP L 28 29.58 -35.28 10.20
C ASP L 28 31.04 -34.93 9.89
N ALA L 29 31.80 -34.63 10.93
CA ALA L 29 33.19 -34.25 10.77
C ALA L 29 34.06 -35.42 10.34
N LEU L 30 33.98 -36.53 11.07
CA LEU L 30 34.80 -37.68 10.72
C LEU L 30 34.57 -38.10 9.28
N ALA L 31 33.39 -37.79 8.75
CA ALA L 31 33.06 -38.12 7.36
C ALA L 31 34.11 -37.42 6.51
N PHE L 32 34.05 -36.09 6.52
CA PHE L 32 34.99 -35.28 5.78
C PHE L 32 36.42 -35.77 5.94
N VAL L 33 36.84 -35.99 7.19
CA VAL L 33 38.22 -36.41 7.43
C VAL L 33 38.64 -37.63 6.64
N ASP L 34 37.83 -38.69 6.67
CA ASP L 34 38.14 -39.91 5.93
C ASP L 34 38.29 -39.69 4.44
N LYS L 35 37.52 -38.73 3.91
CA LYS L 35 37.57 -38.40 2.49
C LYS L 35 38.94 -37.83 2.12
N ILE L 36 39.60 -37.14 3.05
CA ILE L 36 40.91 -36.57 2.77
C ILE L 36 42.05 -37.41 3.36
N ASP L 37 43.27 -36.88 3.28
CA ASP L 37 44.46 -37.56 3.78
C ASP L 37 45.53 -36.54 4.16
N PRO L 38 46.24 -36.77 5.29
CA PRO L 38 47.29 -35.89 5.79
C PRO L 38 48.00 -35.07 4.72
N ARG L 39 48.62 -35.78 3.79
CA ARG L 39 49.34 -35.18 2.67
C ARG L 39 48.61 -33.96 2.07
N ASP L 40 47.29 -33.99 2.17
CA ASP L 40 46.45 -32.92 1.62
C ASP L 40 46.40 -31.64 2.48
N CYS L 41 46.32 -31.80 3.79
CA CYS L 41 46.26 -30.65 4.70
C CYS L 41 46.38 -31.03 6.18
N ARG L 42 46.35 -30.01 7.03
CA ARG L 42 46.42 -30.20 8.48
C ARG L 42 45.03 -29.85 9.04
N LEU L 43 44.70 -30.42 10.18
CA LEU L 43 43.41 -30.14 10.80
C LEU L 43 43.52 -29.20 12.01
N LYS L 44 42.49 -28.37 12.21
CA LYS L 44 42.46 -27.43 13.32
C LYS L 44 41.21 -27.58 14.19
N VAL L 45 41.37 -28.17 15.38
CA VAL L 45 40.23 -28.32 16.31
C VAL L 45 40.17 -27.05 17.15
N GLY L 46 38.96 -26.55 17.41
CA GLY L 46 38.82 -25.32 18.17
C GLY L 46 37.77 -25.33 19.25
N LYS L 47 37.42 -24.15 19.72
CA LYS L 47 36.46 -24.06 20.80
C LYS L 47 35.21 -24.91 20.64
N GLU L 48 34.49 -24.74 19.55
CA GLU L 48 33.27 -25.52 19.33
C GLU L 48 33.47 -27.02 19.49
N MSE L 49 34.23 -27.60 18.58
CA MSE L 49 34.43 -29.03 18.63
C MSE L 49 35.12 -29.57 19.86
O MSE L 49 34.87 -30.72 20.25
CB MSE L 49 35.16 -29.52 17.38
CG MSE L 49 34.27 -29.58 16.15
SE MSE L 49 34.89 -30.83 14.83
CE MSE L 49 34.05 -32.45 15.50
N PHE L 50 35.97 -28.75 20.49
CA PHE L 50 36.66 -29.23 21.70
C PHE L 50 35.69 -29.24 22.88
N THR L 51 34.87 -28.20 22.99
CA THR L 51 33.91 -28.13 24.08
C THR L 51 32.94 -29.31 23.98
N LEU L 52 32.90 -29.94 22.82
CA LEU L 52 31.98 -31.04 22.60
C LEU L 52 32.59 -32.42 22.73
N PHE L 53 33.82 -32.60 22.26
CA PHE L 53 34.40 -33.93 22.33
C PHE L 53 35.74 -34.05 23.03
N GLY L 54 36.18 -32.93 23.62
CA GLY L 54 37.43 -32.92 24.36
C GLY L 54 38.67 -33.39 23.62
N PRO L 55 39.76 -33.65 24.35
CA PRO L 55 41.00 -34.10 23.72
C PRO L 55 40.85 -35.50 23.14
N GLN L 56 39.78 -36.19 23.52
CA GLN L 56 39.58 -37.53 23.02
C GLN L 56 39.50 -37.50 21.48
N PHE L 57 38.70 -36.58 20.97
CA PHE L 57 38.54 -36.39 19.54
C PHE L 57 39.85 -35.99 18.90
N VAL L 58 40.71 -35.30 19.64
CA VAL L 58 42.00 -34.90 19.07
C VAL L 58 42.86 -36.13 18.88
N ARG L 59 42.69 -37.11 19.76
CA ARG L 59 43.48 -38.32 19.65
C ARG L 59 43.08 -39.09 18.41
N GLU L 60 41.77 -39.10 18.13
CA GLU L 60 41.25 -39.78 16.95
C GLU L 60 41.84 -39.20 15.68
N LEU L 61 41.81 -37.87 15.55
CA LEU L 61 42.35 -37.22 14.36
C LEU L 61 43.84 -37.51 14.24
N GLN L 62 44.50 -37.68 15.39
CA GLN L 62 45.93 -37.97 15.37
C GLN L 62 46.18 -39.44 15.06
N GLN L 63 45.24 -40.29 15.48
CA GLN L 63 45.32 -41.72 15.23
C GLN L 63 45.32 -41.94 13.72
N ARG L 64 44.62 -41.05 13.00
CA ARG L 64 44.57 -41.11 11.56
C ARG L 64 45.80 -40.45 10.93
N GLY L 65 46.73 -39.99 11.75
CA GLY L 65 47.94 -39.39 11.22
C GLY L 65 48.08 -37.90 10.98
N PHE L 66 47.00 -37.14 11.01
CA PHE L 66 47.09 -35.70 10.78
C PHE L 66 47.75 -34.91 11.90
N ASP L 67 48.18 -33.70 11.56
CA ASP L 67 48.77 -32.77 12.50
C ASP L 67 47.65 -31.91 12.99
N ILE L 68 47.44 -31.85 14.30
CA ILE L 68 46.36 -31.03 14.82
C ILE L 68 46.85 -29.72 15.38
N PHE L 69 46.02 -28.69 15.20
CA PHE L 69 46.28 -27.35 15.70
C PHE L 69 45.16 -27.12 16.70
N LEU L 70 45.48 -27.23 17.99
CA LEU L 70 44.49 -27.03 19.02
C LEU L 70 44.32 -25.53 19.13
N ASP L 71 43.17 -25.05 18.67
CA ASP L 71 42.87 -23.62 18.65
C ASP L 71 41.88 -23.26 19.74
N LEU L 72 42.45 -23.02 20.92
CA LEU L 72 41.67 -22.67 22.09
C LEU L 72 41.95 -21.26 22.56
N LYS L 73 42.89 -20.60 21.87
CA LYS L 73 43.27 -19.21 22.16
C LYS L 73 43.26 -18.87 23.64
N PHE L 74 44.07 -19.59 24.41
CA PHE L 74 44.18 -19.36 25.83
C PHE L 74 44.38 -17.86 26.09
N HIS L 75 43.67 -17.32 27.08
CA HIS L 75 43.73 -15.91 27.42
C HIS L 75 43.30 -15.84 28.90
N ASP L 76 44.23 -16.18 29.78
CA ASP L 76 43.98 -16.23 31.23
C ASP L 76 45.11 -15.58 32.01
N ILE L 77 45.14 -15.88 33.31
CA ILE L 77 46.22 -15.37 34.17
C ILE L 77 47.45 -16.22 33.81
N PRO L 78 48.64 -15.64 33.92
CA PRO L 78 49.87 -16.36 33.60
C PRO L 78 49.89 -17.81 34.06
N ASN L 79 49.52 -18.04 35.32
CA ASN L 79 49.55 -19.39 35.85
C ASN L 79 48.71 -20.32 34.99
N THR L 80 47.43 -19.96 34.79
CA THR L 80 46.53 -20.81 33.99
C THR L 80 47.09 -21.08 32.59
N ALA L 81 47.49 -20.01 31.92
CA ALA L 81 48.04 -20.10 30.58
C ALA L 81 49.08 -21.19 30.49
N ALA L 82 50.13 -21.07 31.29
CA ALA L 82 51.21 -22.04 31.27
C ALA L 82 50.71 -23.46 31.51
N HIS L 83 49.80 -23.64 32.46
CA HIS L 83 49.32 -24.98 32.72
C HIS L 83 48.57 -25.51 31.54
N ALA L 84 47.75 -24.64 30.96
CA ALA L 84 46.95 -25.00 29.79
C ALA L 84 47.86 -25.42 28.65
N VAL L 85 48.82 -24.56 28.31
CA VAL L 85 49.75 -24.84 27.23
C VAL L 85 50.36 -26.19 27.39
N ALA L 86 50.82 -26.49 28.59
CA ALA L 86 51.45 -27.78 28.84
C ALA L 86 50.48 -28.94 28.69
N ALA L 87 49.21 -28.73 29.04
CA ALA L 87 48.22 -29.80 28.90
C ALA L 87 48.11 -30.12 27.42
N ALA L 88 48.31 -29.10 26.59
CA ALA L 88 48.25 -29.28 25.16
C ALA L 88 49.51 -30.03 24.74
N ALA L 89 50.66 -29.61 25.28
CA ALA L 89 51.93 -30.29 24.97
C ALA L 89 51.81 -31.76 25.33
N ASP L 90 50.95 -32.09 26.29
CA ASP L 90 50.75 -33.49 26.69
C ASP L 90 49.92 -34.24 25.64
N LEU L 91 48.92 -33.55 25.07
CA LEU L 91 48.05 -34.15 24.04
C LEU L 91 48.86 -34.54 22.82
N GLY L 92 49.99 -33.87 22.64
CA GLY L 92 50.87 -34.15 21.51
C GLY L 92 50.62 -33.29 20.28
N VAL L 93 49.65 -32.39 20.38
CA VAL L 93 49.29 -31.53 19.28
C VAL L 93 50.50 -30.86 18.64
N TRP L 94 50.34 -30.61 17.35
CA TRP L 94 51.33 -30.01 16.47
C TRP L 94 51.56 -28.52 16.77
N MSE L 95 50.47 -27.80 16.99
CA MSE L 95 50.50 -26.37 17.25
C MSE L 95 49.40 -25.97 18.23
O MSE L 95 48.30 -26.55 18.20
CB MSE L 95 50.34 -25.63 15.92
CG MSE L 95 49.84 -24.19 16.02
SE MSE L 95 49.96 -23.18 14.36
CE MSE L 95 48.47 -23.92 13.43
N VAL L 96 49.71 -25.01 19.09
CA VAL L 96 48.74 -24.55 20.09
C VAL L 96 48.63 -23.03 20.11
N ASN L 97 47.43 -22.57 20.47
CA ASN L 97 47.02 -21.18 20.50
C ASN L 97 47.09 -20.41 21.83
N VAL L 98 47.32 -19.10 21.73
CA VAL L 98 47.36 -18.21 22.88
C VAL L 98 47.04 -16.78 22.38
N HIS L 99 46.38 -15.97 23.20
CA HIS L 99 46.00 -14.59 22.82
C HIS L 99 47.09 -13.59 23.18
N ALA L 100 47.63 -12.86 22.22
CA ALA L 100 48.66 -11.86 22.54
C ALA L 100 48.12 -10.78 23.48
N SER L 101 46.85 -10.43 23.32
CA SER L 101 46.22 -9.41 24.16
C SER L 101 46.27 -9.78 25.64
N GLY L 102 46.82 -10.96 25.92
CA GLY L 102 46.92 -11.43 27.29
C GLY L 102 48.16 -10.95 28.03
N GLY L 103 49.02 -10.23 27.33
CA GLY L 103 50.21 -9.69 27.96
C GLY L 103 51.49 -10.49 27.90
N ALA L 104 52.60 -9.77 28.10
CA ALA L 104 53.94 -10.33 28.07
C ALA L 104 54.15 -11.39 29.12
N ARG L 105 53.83 -11.04 30.37
CA ARG L 105 54.02 -11.97 31.45
C ARG L 105 53.38 -13.30 31.11
N MSE L 106 52.11 -13.25 30.71
CA MSE L 106 51.39 -14.46 30.37
C MSE L 106 52.07 -15.24 29.25
O MSE L 106 52.29 -16.45 29.39
CB MSE L 106 49.97 -14.13 29.91
CG MSE L 106 49.16 -15.37 29.61
SE MSE L 106 47.66 -15.03 28.52
CE MSE L 106 48.54 -15.11 26.83
N MSE L 107 52.40 -14.57 28.16
CA MSE L 107 53.05 -15.24 27.06
C MSE L 107 54.33 -15.91 27.51
O MSE L 107 54.53 -17.11 27.27
CB MSE L 107 53.33 -14.27 25.91
CG MSE L 107 52.08 -13.88 25.15
SE MSE L 107 52.40 -13.16 23.39
CE MSE L 107 52.13 -11.29 23.79
N THR L 108 55.20 -15.15 28.17
CA THR L 108 56.46 -15.71 28.64
C THR L 108 56.18 -16.92 29.49
N ALA L 109 55.12 -16.84 30.30
CA ALA L 109 54.76 -17.96 31.15
C ALA L 109 54.51 -19.19 30.30
N ALA L 110 53.75 -19.01 29.22
CA ALA L 110 53.43 -20.10 28.32
C ALA L 110 54.69 -20.70 27.71
N ARG L 111 55.53 -19.84 27.15
CA ARG L 111 56.76 -20.31 26.53
C ARG L 111 57.49 -21.26 27.45
N GLU L 112 57.80 -20.76 28.64
CA GLU L 112 58.51 -21.53 29.62
C GLU L 112 57.85 -22.88 29.91
N ALA L 113 56.54 -22.89 30.09
CA ALA L 113 55.83 -24.13 30.36
C ALA L 113 56.15 -25.22 29.34
N LEU L 114 56.71 -24.84 28.19
CA LEU L 114 57.02 -25.81 27.14
C LEU L 114 58.44 -26.34 27.11
N VAL L 115 59.39 -25.59 27.67
CA VAL L 115 60.78 -26.04 27.71
C VAL L 115 60.89 -27.50 28.16
N PRO L 116 60.07 -27.92 29.13
CA PRO L 116 60.09 -29.30 29.63
C PRO L 116 59.80 -30.37 28.56
N PHE L 117 59.20 -29.97 27.44
CA PHE L 117 58.89 -30.94 26.39
C PHE L 117 59.88 -30.86 25.23
N GLY L 118 60.71 -29.82 25.27
CA GLY L 118 61.74 -29.61 24.27
C GLY L 118 61.40 -29.72 22.80
N LYS L 119 61.94 -30.74 22.15
CA LYS L 119 61.73 -30.97 20.73
C LYS L 119 60.30 -31.44 20.43
N ASP L 120 59.62 -31.99 21.43
CA ASP L 120 58.26 -32.46 21.25
C ASP L 120 57.22 -31.37 21.53
N ALA L 121 57.70 -30.17 21.80
CA ALA L 121 56.80 -29.06 22.09
C ALA L 121 56.03 -28.60 20.88
N PRO L 122 54.74 -28.33 21.05
CA PRO L 122 53.97 -27.87 19.90
C PRO L 122 54.43 -26.46 19.57
N LEU L 123 53.95 -25.93 18.45
CA LEU L 123 54.31 -24.59 18.07
C LEU L 123 53.46 -23.63 18.87
N LEU L 124 54.11 -22.64 19.43
CA LEU L 124 53.39 -21.67 20.24
C LEU L 124 53.18 -20.39 19.46
N ILE L 125 51.92 -20.08 19.19
CA ILE L 125 51.58 -18.90 18.42
C ILE L 125 50.51 -18.10 19.15
N ALA L 126 50.58 -16.79 19.00
CA ALA L 126 49.63 -15.91 19.64
C ALA L 126 48.71 -15.21 18.65
N VAL L 127 47.45 -15.14 18.98
CA VAL L 127 46.47 -14.48 18.13
C VAL L 127 46.57 -13.00 18.37
N THR L 128 46.72 -12.23 17.31
CA THR L 128 46.82 -10.77 17.45
C THR L 128 45.40 -10.20 17.49
N VAL L 129 44.95 -9.65 16.36
CA VAL L 129 43.60 -9.10 16.28
C VAL L 129 42.81 -10.12 15.49
N LEU L 130 41.60 -10.45 15.94
CA LEU L 130 40.80 -11.44 15.23
C LEU L 130 40.39 -10.97 13.84
N THR L 131 40.53 -11.85 12.85
CA THR L 131 40.19 -11.52 11.48
C THR L 131 38.77 -11.01 11.31
N SER L 132 37.89 -11.30 12.25
CA SER L 132 36.52 -10.84 12.14
C SER L 132 36.35 -9.41 12.62
N MSE L 133 37.44 -8.68 12.76
CA MSE L 133 37.33 -7.30 13.24
C MSE L 133 37.86 -6.20 12.34
O MSE L 133 38.80 -6.40 11.58
CB MSE L 133 37.99 -7.17 14.62
CG MSE L 133 37.31 -7.97 15.71
SE MSE L 133 38.03 -7.59 17.45
CE MSE L 133 39.60 -8.73 17.45
N GLU L 134 37.22 -5.04 12.46
CA GLU L 134 37.56 -3.83 11.72
C GLU L 134 37.71 -2.72 12.78
N ALA L 135 38.32 -1.61 12.39
CA ALA L 135 38.51 -0.51 13.33
C ALA L 135 37.19 -0.13 13.98
N SER L 136 36.10 -0.38 13.27
CA SER L 136 34.78 -0.05 13.77
C SER L 136 34.43 -0.90 14.99
N ASP L 137 35.03 -2.09 15.10
CA ASP L 137 34.76 -2.97 16.24
C ASP L 137 35.70 -2.64 17.38
N LEU L 138 36.96 -2.37 17.06
CA LEU L 138 37.97 -2.02 18.04
C LEU L 138 37.57 -0.70 18.68
N VAL L 139 36.73 0.04 17.98
CA VAL L 139 36.29 1.33 18.48
C VAL L 139 35.39 1.19 19.70
N ASP L 140 34.53 0.17 19.71
CA ASP L 140 33.63 -0.03 20.85
C ASP L 140 34.45 -0.19 22.13
N LEU L 141 35.72 -0.53 21.96
CA LEU L 141 36.64 -0.68 23.09
C LEU L 141 37.45 0.61 23.00
N GLY L 142 38.19 0.97 24.04
CA GLY L 142 38.97 2.20 23.99
C GLY L 142 40.10 2.17 22.96
N MSE L 143 39.82 1.62 21.77
CA MSE L 143 40.81 1.49 20.71
C MSE L 143 40.67 2.53 19.60
O MSE L 143 39.67 2.55 18.88
CB MSE L 143 40.72 0.09 20.08
CG MSE L 143 41.90 -0.29 19.21
SE MSE L 143 43.47 -0.72 20.27
CE MSE L 143 42.74 -2.26 21.19
N THR L 144 41.68 3.38 19.46
CA THR L 144 41.69 4.42 18.44
C THR L 144 42.54 3.96 17.25
N LEU L 145 43.44 3.01 17.52
CA LEU L 145 44.34 2.44 16.53
C LEU L 145 43.57 1.90 15.32
N SER L 146 44.05 0.81 14.75
CA SER L 146 43.39 0.20 13.61
C SER L 146 43.80 -1.25 13.54
N PRO L 147 43.01 -2.08 12.84
CA PRO L 147 43.38 -3.49 12.76
C PRO L 147 44.87 -3.64 12.52
N ALA L 148 45.28 -3.57 11.27
CA ALA L 148 46.68 -3.70 10.91
C ALA L 148 47.65 -3.09 11.93
N ASP L 149 47.39 -1.85 12.34
CA ASP L 149 48.28 -1.20 13.30
C ASP L 149 48.42 -2.06 14.55
N TYR L 150 47.32 -2.13 15.29
CA TYR L 150 47.25 -2.87 16.54
C TYR L 150 47.84 -4.28 16.45
N ALA L 151 47.34 -5.07 15.52
CA ALA L 151 47.84 -6.42 15.35
C ALA L 151 49.37 -6.41 15.37
N GLU L 152 49.97 -5.42 14.70
CA GLU L 152 51.42 -5.34 14.65
C GLU L 152 52.05 -5.16 16.03
N ARG L 153 51.49 -4.27 16.84
CA ARG L 153 52.03 -4.08 18.18
C ARG L 153 52.03 -5.41 18.93
N LEU L 154 50.89 -6.09 18.94
CA LEU L 154 50.78 -7.39 19.59
C LEU L 154 51.85 -8.32 19.03
N ALA L 155 51.90 -8.41 17.70
CA ALA L 155 52.87 -9.26 17.03
C ALA L 155 54.28 -9.00 17.53
N ALA L 156 54.62 -7.73 17.71
CA ALA L 156 55.96 -7.35 18.17
C ALA L 156 56.22 -7.91 19.57
N LEU L 157 55.25 -7.70 20.45
CA LEU L 157 55.34 -8.17 21.82
C LEU L 157 55.47 -9.69 21.83
N THR L 158 54.77 -10.33 20.89
CA THR L 158 54.80 -11.80 20.75
C THR L 158 56.18 -12.26 20.33
N GLN L 159 56.79 -11.49 19.44
CA GLN L 159 58.14 -11.76 18.94
C GLN L 159 59.06 -11.74 20.16
N LYS L 160 59.08 -10.59 20.82
CA LYS L 160 59.93 -10.39 21.99
C LYS L 160 59.87 -11.51 23.01
N CYS L 161 58.68 -12.01 23.31
CA CYS L 161 58.54 -13.07 24.30
C CYS L 161 59.10 -14.43 23.87
N GLY L 162 59.49 -14.54 22.60
CA GLY L 162 60.07 -15.79 22.12
C GLY L 162 59.13 -16.81 21.52
N LEU L 163 57.90 -16.41 21.23
CA LEU L 163 56.95 -17.33 20.63
C LEU L 163 57.38 -17.59 19.18
N ASP L 164 56.92 -18.71 18.62
CA ASP L 164 57.26 -19.12 17.27
C ASP L 164 56.57 -18.33 16.15
N GLY L 165 55.31 -17.94 16.37
CA GLY L 165 54.59 -17.20 15.36
C GLY L 165 53.45 -16.38 15.91
N VAL L 166 52.63 -15.87 15.00
CA VAL L 166 51.48 -15.05 15.37
C VAL L 166 50.29 -15.41 14.47
N VAL L 167 49.08 -15.00 14.86
CA VAL L 167 47.92 -15.26 14.02
C VAL L 167 47.34 -13.92 13.63
N CYS L 168 47.11 -13.74 12.34
CA CYS L 168 46.57 -12.50 11.82
C CYS L 168 45.90 -12.69 10.46
N SER L 169 45.39 -11.59 9.91
CA SER L 169 44.75 -11.63 8.60
C SER L 169 45.89 -11.66 7.59
N ALA L 170 45.65 -12.27 6.43
CA ALA L 170 46.70 -12.33 5.43
C ALA L 170 47.01 -10.93 4.91
N GLN L 171 46.17 -9.95 5.27
CA GLN L 171 46.36 -8.56 4.84
C GLN L 171 47.40 -7.84 5.67
N GLU L 172 48.21 -8.61 6.40
CA GLU L 172 49.26 -8.03 7.25
C GLU L 172 50.50 -8.90 7.09
N ALA L 173 50.32 -10.03 6.42
CA ALA L 173 51.38 -11.00 6.20
C ALA L 173 52.58 -10.43 5.44
N VAL L 174 52.46 -9.19 4.98
CA VAL L 174 53.55 -8.61 4.24
C VAL L 174 54.31 -7.65 5.14
N ARG L 175 53.60 -6.69 5.71
CA ARG L 175 54.24 -5.72 6.60
C ARG L 175 54.91 -6.49 7.75
N PHE L 176 54.30 -7.61 8.15
CA PHE L 176 54.83 -8.44 9.23
C PHE L 176 56.02 -9.26 8.76
N LYS L 177 55.79 -10.17 7.82
CA LYS L 177 56.85 -11.03 7.28
C LYS L 177 58.05 -10.14 7.01
N GLN L 178 57.74 -8.88 6.73
CA GLN L 178 58.75 -7.85 6.48
C GLN L 178 59.47 -7.52 7.78
N VAL L 179 58.74 -6.88 8.70
CA VAL L 179 59.27 -6.46 10.00
C VAL L 179 59.70 -7.59 10.95
N PHE L 180 59.29 -8.82 10.68
CA PHE L 180 59.64 -9.92 11.57
C PHE L 180 60.47 -11.04 10.95
N GLY L 181 60.61 -11.04 9.63
CA GLY L 181 61.41 -12.06 8.97
C GLY L 181 60.74 -13.38 8.69
N GLN L 182 61.32 -14.16 7.78
CA GLN L 182 60.79 -15.46 7.40
C GLN L 182 60.75 -16.41 8.57
N GLU L 183 61.38 -16.02 9.68
CA GLU L 183 61.42 -16.86 10.87
C GLU L 183 60.08 -16.84 11.59
N PHE L 184 59.63 -15.65 11.91
CA PHE L 184 58.35 -15.49 12.61
C PHE L 184 57.22 -16.02 11.74
N LYS L 185 56.80 -17.25 12.03
CA LYS L 185 55.72 -17.89 11.28
C LYS L 185 54.41 -17.14 11.37
N LEU L 186 53.67 -17.13 10.27
CA LEU L 186 52.37 -16.45 10.20
C LEU L 186 51.28 -17.42 9.80
N VAL L 187 50.17 -17.38 10.52
CA VAL L 187 49.02 -18.24 10.24
C VAL L 187 47.82 -17.34 10.00
N THR L 188 47.24 -17.42 8.80
CA THR L 188 46.13 -16.56 8.42
C THR L 188 44.80 -17.24 8.12
N PRO L 189 43.76 -16.85 8.86
CA PRO L 189 42.42 -17.40 8.66
C PRO L 189 41.68 -16.31 7.89
N GLY L 190 40.36 -16.42 7.77
CA GLY L 190 39.61 -15.41 7.04
C GLY L 190 40.02 -15.47 5.59
N ILE L 191 39.96 -16.68 5.05
CA ILE L 191 40.34 -16.97 3.68
C ILE L 191 39.12 -17.32 2.84
N ARG L 192 38.64 -16.36 2.08
CA ARG L 192 37.48 -16.55 1.22
C ARG L 192 37.91 -16.56 -0.25
N PRO L 193 37.75 -17.71 -0.92
CA PRO L 193 38.11 -17.83 -2.33
C PRO L 193 36.99 -17.32 -3.25
N GLN L 194 37.12 -16.06 -3.68
CA GLN L 194 36.19 -15.34 -4.57
C GLN L 194 34.78 -15.92 -4.76
N GLY L 195 33.77 -15.05 -4.59
CA GLY L 195 32.40 -15.49 -4.74
C GLY L 195 32.10 -16.50 -3.65
N SER L 196 32.65 -16.22 -2.48
CA SER L 196 32.50 -17.06 -1.30
C SER L 196 31.95 -16.16 -0.19
N GLU L 197 30.88 -16.63 0.45
CA GLU L 197 30.25 -15.88 1.53
C GLU L 197 31.26 -15.56 2.62
N ALA L 198 31.31 -14.28 3.03
CA ALA L 198 32.23 -13.84 4.08
C ALA L 198 31.68 -14.11 5.48
N GLY L 199 30.49 -13.58 5.75
CA GLY L 199 29.88 -13.76 7.05
C GLY L 199 30.44 -12.77 8.05
N ASP L 200 30.78 -13.27 9.23
CA ASP L 200 31.34 -12.43 10.28
C ASP L 200 32.80 -12.06 9.96
N GLN L 201 33.34 -12.71 8.94
CA GLN L 201 34.71 -12.49 8.51
C GLN L 201 34.84 -11.08 7.96
N ARG L 202 36.02 -10.47 8.10
CA ARG L 202 36.25 -9.12 7.57
C ARG L 202 37.56 -8.97 6.79
N ARG L 203 38.70 -8.87 7.48
CA ARG L 203 39.99 -8.76 6.80
C ARG L 203 40.27 -10.05 6.00
N ILE L 204 39.55 -10.20 4.89
CA ILE L 204 39.66 -11.38 4.04
C ILE L 204 40.72 -11.31 2.94
N MSE L 205 40.85 -12.43 2.22
CA MSE L 205 41.80 -12.57 1.14
C MSE L 205 41.57 -13.97 0.58
O MSE L 205 40.95 -14.81 1.24
CB MSE L 205 43.22 -12.44 1.66
CG MSE L 205 44.26 -12.21 0.60
SE MSE L 205 45.47 -10.79 1.14
CE MSE L 205 44.21 -9.31 1.02
N THR L 206 42.03 -14.22 -0.63
CA THR L 206 41.81 -15.54 -1.21
C THR L 206 43.05 -16.38 -1.07
N PRO L 207 42.89 -17.70 -1.17
CA PRO L 207 44.04 -18.61 -1.04
C PRO L 207 45.23 -18.06 -1.80
N GLU L 208 44.96 -17.69 -3.05
CA GLU L 208 45.98 -17.14 -3.93
C GLU L 208 46.70 -15.96 -3.28
N GLN L 209 46.05 -14.80 -3.28
CA GLN L 209 46.65 -13.61 -2.70
C GLN L 209 47.21 -13.82 -1.30
N ALA L 210 46.72 -14.85 -0.60
CA ALA L 210 47.23 -15.16 0.74
C ALA L 210 48.64 -15.70 0.57
N LEU L 211 48.76 -16.78 -0.21
CA LEU L 211 50.06 -17.38 -0.47
C LEU L 211 51.02 -16.32 -0.98
N SER L 212 50.46 -15.26 -1.55
CA SER L 212 51.25 -14.15 -2.09
C SER L 212 51.99 -13.37 -1.02
N ALA L 213 51.26 -12.91 -0.01
CA ALA L 213 51.85 -12.11 1.08
C ALA L 213 52.98 -12.85 1.81
N GLY L 214 52.96 -14.18 1.73
CA GLY L 214 54.00 -14.96 2.38
C GLY L 214 53.56 -15.75 3.59
N VAL L 215 52.25 -15.82 3.83
CA VAL L 215 51.72 -16.55 4.97
C VAL L 215 52.24 -17.99 4.99
N ASP L 216 52.62 -18.45 6.18
CA ASP L 216 53.13 -19.81 6.36
C ASP L 216 52.02 -20.84 6.27
N TYR L 217 50.89 -20.55 6.90
CA TYR L 217 49.76 -21.46 6.85
C TYR L 217 48.51 -20.62 6.79
N MSE L 218 47.44 -21.21 6.25
CA MSE L 218 46.18 -20.51 6.13
C MSE L 218 45.03 -21.40 6.60
O MSE L 218 45.05 -22.62 6.42
CB MSE L 218 45.98 -20.07 4.69
CG MSE L 218 46.14 -21.19 3.66
SE MSE L 218 46.06 -20.58 1.81
CE MSE L 218 44.15 -20.45 1.66
N VAL L 219 44.05 -20.77 7.22
CA VAL L 219 42.92 -21.53 7.75
C VAL L 219 41.69 -21.35 6.91
N ILE L 220 41.26 -22.44 6.26
CA ILE L 220 40.07 -22.37 5.48
C ILE L 220 39.00 -23.10 6.28
N GLY L 221 37.93 -22.38 6.60
CA GLY L 221 36.86 -22.95 7.36
C GLY L 221 35.70 -23.44 6.53
N ARG L 222 34.67 -22.61 6.44
CA ARG L 222 33.46 -22.94 5.72
C ARG L 222 33.60 -23.19 4.19
N PRO L 223 34.37 -22.33 3.50
CA PRO L 223 34.56 -22.52 2.05
C PRO L 223 34.69 -23.98 1.71
N VAL L 224 35.43 -24.71 2.53
CA VAL L 224 35.65 -26.13 2.31
C VAL L 224 34.60 -27.02 2.96
N THR L 225 34.14 -26.63 4.13
CA THR L 225 33.17 -27.44 4.86
C THR L 225 31.70 -27.17 4.53
N GLN L 226 31.39 -25.97 4.04
CA GLN L 226 30.03 -25.62 3.70
C GLN L 226 29.84 -25.61 2.18
N SER L 227 30.46 -26.57 1.52
CA SER L 227 30.39 -26.69 0.08
C SER L 227 30.17 -28.16 -0.23
N VAL L 228 29.17 -28.44 -1.05
CA VAL L 228 28.89 -29.82 -1.44
C VAL L 228 30.20 -30.45 -1.86
N ASP L 229 30.36 -31.74 -1.56
CA ASP L 229 31.61 -32.44 -1.86
C ASP L 229 32.80 -31.53 -1.52
N PRO L 230 33.12 -31.41 -0.23
CA PRO L 230 34.22 -30.59 0.29
C PRO L 230 35.59 -31.16 -0.09
N ALA L 231 35.72 -32.50 0.02
CA ALA L 231 36.96 -33.19 -0.32
C ALA L 231 37.46 -32.63 -1.63
N GLN L 232 36.51 -32.44 -2.54
CA GLN L 232 36.79 -31.90 -3.87
C GLN L 232 37.36 -30.50 -3.75
N THR L 233 36.60 -29.62 -3.10
CA THR L 233 37.01 -28.23 -2.93
C THR L 233 38.41 -28.10 -2.33
N LEU L 234 38.83 -29.09 -1.56
CA LEU L 234 40.16 -29.04 -0.96
C LEU L 234 41.18 -29.24 -2.08
N LYS L 235 41.06 -30.36 -2.79
CA LYS L 235 41.96 -30.67 -3.92
C LYS L 235 42.02 -29.46 -4.83
N ALA L 236 40.86 -28.85 -5.03
CA ALA L 236 40.76 -27.67 -5.87
C ALA L 236 41.70 -26.61 -5.33
N ILE L 237 41.35 -26.05 -4.17
CA ILE L 237 42.14 -25.00 -3.53
C ILE L 237 43.63 -25.29 -3.47
N ASN L 238 43.98 -26.58 -3.40
CA ASN L 238 45.39 -26.97 -3.37
C ASN L 238 46.02 -26.63 -4.70
N ALA L 239 45.55 -27.31 -5.75
CA ALA L 239 46.05 -27.06 -7.08
C ALA L 239 46.07 -25.55 -7.29
N SER L 240 44.96 -24.91 -6.97
CA SER L 240 44.82 -23.46 -7.10
C SER L 240 46.08 -22.76 -6.58
N LEU L 241 46.66 -23.35 -5.55
CA LEU L 241 47.85 -22.80 -4.91
C LEU L 241 49.14 -23.42 -5.44
N GLN L 242 49.26 -23.49 -6.76
CA GLN L 242 50.45 -24.08 -7.36
C GLN L 242 50.78 -23.40 -8.67
N VAL M 12 -36.74 43.09 -32.00
CA VAL M 12 -38.08 42.53 -31.68
C VAL M 12 -38.65 41.65 -32.81
N THR M 13 -39.35 40.59 -32.40
CA THR M 13 -39.97 39.66 -33.33
C THR M 13 -41.46 39.79 -33.14
N ASN M 14 -42.24 39.03 -33.90
CA ASN M 14 -43.70 39.08 -33.80
C ASN M 14 -44.30 37.73 -33.50
N SER M 15 -43.58 36.68 -33.88
CA SER M 15 -44.05 35.33 -33.64
C SER M 15 -44.18 35.06 -32.15
N PRO M 16 -45.25 34.37 -31.76
CA PRO M 16 -45.47 34.04 -30.35
C PRO M 16 -44.63 32.80 -30.06
N VAL M 17 -43.69 32.54 -30.95
CA VAL M 17 -42.85 31.38 -30.85
C VAL M 17 -41.50 31.52 -30.20
N VAL M 18 -41.29 30.60 -29.26
CA VAL M 18 -40.06 30.49 -28.53
C VAL M 18 -39.67 29.06 -28.79
N VAL M 19 -38.49 28.87 -29.39
CA VAL M 19 -38.02 27.54 -29.68
C VAL M 19 -37.15 27.05 -28.55
N ALA M 20 -37.49 25.89 -28.02
CA ALA M 20 -36.73 25.29 -26.95
C ALA M 20 -35.41 24.71 -27.48
N LEU M 21 -34.30 25.40 -27.20
CA LEU M 21 -32.99 24.94 -27.62
C LEU M 21 -32.49 23.84 -26.66
N ASP M 22 -32.92 22.59 -26.83
CA ASP M 22 -32.47 21.52 -25.94
C ASP M 22 -31.45 20.56 -26.56
N TYR M 23 -30.34 21.11 -27.06
CA TYR M 23 -29.25 20.35 -27.66
C TYR M 23 -28.18 19.94 -26.63
N HIS M 24 -27.53 18.80 -26.85
CA HIS M 24 -26.49 18.32 -25.94
C HIS M 24 -25.14 18.72 -26.54
N ASN M 25 -25.16 19.62 -27.51
CA ASN M 25 -23.95 20.07 -28.17
C ASN M 25 -24.08 21.54 -28.58
N ARG M 26 -23.08 22.33 -28.24
CA ARG M 26 -23.12 23.75 -28.52
C ARG M 26 -23.19 24.08 -30.02
N ASP M 27 -22.33 23.44 -30.82
CA ASP M 27 -22.30 23.67 -32.26
C ASP M 27 -23.64 23.28 -32.89
N ASP M 28 -24.03 22.04 -32.64
CA ASP M 28 -25.27 21.49 -33.12
C ASP M 28 -26.33 22.60 -32.99
N ALA M 29 -26.40 23.20 -31.81
CA ALA M 29 -27.38 24.23 -31.55
C ALA M 29 -27.06 25.52 -32.28
N LEU M 30 -25.84 26.01 -32.15
CA LEU M 30 -25.49 27.25 -32.84
C LEU M 30 -25.74 27.15 -34.34
N ALA M 31 -25.72 25.93 -34.87
CA ALA M 31 -25.99 25.70 -36.29
C ALA M 31 -27.38 26.25 -36.54
N PHE M 32 -28.37 25.59 -35.94
CA PHE M 32 -29.74 25.99 -36.07
C PHE M 32 -29.92 27.48 -35.89
N VAL M 33 -29.35 28.04 -34.83
CA VAL M 33 -29.51 29.46 -34.56
C VAL M 33 -29.15 30.35 -35.74
N ASP M 34 -27.97 30.13 -36.32
CA ASP M 34 -27.52 30.93 -37.45
C ASP M 34 -28.47 30.85 -38.65
N LYS M 35 -29.11 29.70 -38.81
CA LYS M 35 -30.06 29.50 -39.90
C LYS M 35 -31.27 30.42 -39.74
N ILE M 36 -31.64 30.73 -38.50
CA ILE M 36 -32.79 31.62 -38.27
C ILE M 36 -32.37 33.05 -37.93
N ASP M 37 -33.35 33.88 -37.55
CA ASP M 37 -33.10 35.28 -37.22
C ASP M 37 -34.18 35.75 -36.23
N PRO M 38 -33.78 36.57 -35.24
CA PRO M 38 -34.67 37.12 -34.20
C PRO M 38 -36.10 37.28 -34.66
N ARG M 39 -36.29 38.11 -35.69
CA ARG M 39 -37.59 38.40 -36.28
C ARG M 39 -38.47 37.14 -36.39
N ASP M 40 -37.84 35.99 -36.55
CA ASP M 40 -38.55 34.71 -36.68
C ASP M 40 -39.09 34.14 -35.37
N CYS M 41 -38.31 34.23 -34.30
CA CYS M 41 -38.73 33.69 -33.00
C CYS M 41 -37.80 34.08 -31.86
N ARG M 42 -38.16 33.63 -30.65
CA ARG M 42 -37.35 33.87 -29.47
C ARG M 42 -36.75 32.52 -29.05
N LEU M 43 -35.62 32.57 -28.35
CA LEU M 43 -34.98 31.34 -27.91
C LEU M 43 -35.17 31.07 -26.41
N LYS M 44 -35.26 29.79 -26.05
CA LYS M 44 -35.43 29.40 -24.64
C LYS M 44 -34.35 28.42 -24.18
N VAL M 45 -33.41 28.90 -23.36
CA VAL M 45 -32.36 28.04 -22.81
C VAL M 45 -32.89 27.43 -21.52
N GLY M 46 -32.63 26.16 -21.28
CA GLY M 46 -33.14 25.52 -20.09
C GLY M 46 -32.16 24.65 -19.32
N LYS M 47 -32.69 23.82 -18.44
CA LYS M 47 -31.82 23.01 -17.62
C LYS M 47 -30.70 22.29 -18.35
N GLU M 48 -31.03 21.52 -19.36
CA GLU M 48 -30.01 20.79 -20.10
C GLU M 48 -28.87 21.68 -20.60
N MSE M 49 -29.19 22.56 -21.53
CA MSE M 49 -28.16 23.41 -22.09
C MSE M 49 -27.48 24.34 -21.12
O MSE M 49 -26.31 24.69 -21.34
CB MSE M 49 -28.71 24.20 -23.28
CG MSE M 49 -28.86 23.34 -24.54
SE MSE M 49 -28.81 24.40 -26.15
CE MSE M 49 -26.88 24.46 -26.43
N PHE M 50 -28.17 24.76 -20.06
CA PHE M 50 -27.53 25.66 -19.11
C PHE M 50 -26.54 24.88 -18.24
N THR M 51 -26.92 23.69 -17.82
CA THR M 51 -26.04 22.87 -17.00
C THR M 51 -24.77 22.55 -17.77
N LEU M 52 -24.83 22.74 -19.09
CA LEU M 52 -23.67 22.43 -19.94
C LEU M 52 -22.83 23.62 -20.33
N PHE M 53 -23.45 24.76 -20.61
CA PHE M 53 -22.66 25.89 -21.04
C PHE M 53 -22.82 27.18 -20.24
N GLY M 54 -23.59 27.09 -19.16
CA GLY M 54 -23.79 28.23 -18.29
C GLY M 54 -24.32 29.50 -18.94
N PRO M 55 -24.26 30.63 -18.22
CA PRO M 55 -24.76 31.89 -18.76
C PRO M 55 -23.90 32.38 -19.92
N GLN M 56 -22.73 31.79 -20.07
CA GLN M 56 -21.85 32.19 -21.16
C GLN M 56 -22.57 32.02 -22.50
N PHE M 57 -23.17 30.85 -22.67
CA PHE M 57 -23.92 30.52 -23.87
C PHE M 57 -25.11 31.44 -24.03
N VAL M 58 -25.66 31.93 -22.93
CA VAL M 58 -26.80 32.84 -23.02
C VAL M 58 -26.32 34.16 -23.59
N ARG M 59 -25.09 34.53 -23.29
CA ARG M 59 -24.56 35.79 -23.79
C ARG M 59 -24.39 35.70 -25.30
N GLU M 60 -23.94 34.55 -25.77
CA GLU M 60 -23.75 34.32 -27.19
C GLU M 60 -25.06 34.49 -27.95
N LEU M 61 -26.12 33.83 -27.47
CA LEU M 61 -27.41 33.93 -28.13
C LEU M 61 -27.90 35.38 -28.11
N GLN M 62 -27.52 36.11 -27.07
CA GLN M 62 -27.94 37.50 -26.96
C GLN M 62 -27.07 38.38 -27.86
N GLN M 63 -25.81 37.98 -28.03
CA GLN M 63 -24.87 38.71 -28.88
C GLN M 63 -25.44 38.71 -30.30
N ARG M 64 -26.14 37.64 -30.65
CA ARG M 64 -26.75 37.51 -31.96
C ARG M 64 -28.09 38.26 -32.01
N GLY M 65 -28.47 38.92 -30.91
CA GLY M 65 -29.71 39.68 -30.91
C GLY M 65 -31.02 39.09 -30.42
N PHE M 66 -31.10 37.78 -30.23
CA PHE M 66 -32.36 37.17 -29.79
C PHE M 66 -32.72 37.46 -28.34
N ASP M 67 -33.99 37.25 -28.02
CA ASP M 67 -34.51 37.40 -26.67
C ASP M 67 -34.44 36.04 -26.05
N ILE M 68 -33.78 35.91 -24.92
CA ILE M 68 -33.68 34.62 -24.28
C ILE M 68 -34.64 34.47 -23.12
N PHE M 69 -35.13 33.25 -22.95
CA PHE M 69 -36.04 32.88 -21.87
C PHE M 69 -35.26 31.85 -21.08
N LEU M 70 -34.69 32.28 -19.95
CA LEU M 70 -33.92 31.38 -19.12
C LEU M 70 -34.94 30.52 -18.38
N ASP M 71 -35.02 29.25 -18.77
CA ASP M 71 -35.99 28.32 -18.21
C ASP M 71 -35.31 27.36 -17.25
N LEU M 72 -35.19 27.82 -16.01
CA LEU M 72 -34.55 27.05 -14.96
C LEU M 72 -35.54 26.67 -13.87
N LYS M 73 -36.77 27.14 -14.02
CA LYS M 73 -37.86 26.85 -13.08
C LYS M 73 -37.42 26.77 -11.64
N PHE M 74 -36.85 27.87 -11.14
CA PHE M 74 -36.40 27.95 -9.77
C PHE M 74 -37.52 27.45 -8.84
N HIS M 75 -37.14 26.63 -7.85
CA HIS M 75 -38.08 26.05 -6.91
C HIS M 75 -37.26 25.74 -5.65
N ASP M 76 -36.98 26.78 -4.87
CA ASP M 76 -36.14 26.67 -3.67
C ASP M 76 -36.76 27.40 -2.50
N ILE M 77 -35.93 27.66 -1.48
CA ILE M 77 -36.39 28.43 -0.32
C ILE M 77 -36.44 29.88 -0.81
N PRO M 78 -37.35 30.67 -0.24
CA PRO M 78 -37.50 32.07 -0.63
C PRO M 78 -36.18 32.80 -0.86
N ASN M 79 -35.25 32.66 0.07
CA ASN M 79 -33.99 33.35 -0.07
C ASN M 79 -33.30 32.99 -1.38
N THR M 80 -33.11 31.68 -1.62
CA THR M 80 -32.45 31.23 -2.85
C THR M 80 -33.15 31.75 -4.10
N ALA M 81 -34.46 31.58 -4.14
CA ALA M 81 -35.27 32.01 -5.26
C ALA M 81 -34.94 33.43 -5.66
N ALA M 82 -35.11 34.35 -4.71
CA ALA M 82 -34.85 35.75 -4.97
C ALA M 82 -33.44 36.00 -5.49
N HIS M 83 -32.45 35.34 -4.89
CA HIS M 83 -31.09 35.55 -5.34
C HIS M 83 -30.92 35.06 -6.76
N ALA M 84 -31.50 33.89 -7.02
CA ALA M 84 -31.43 33.29 -8.34
C ALA M 84 -32.05 34.22 -9.37
N VAL M 85 -33.29 34.63 -9.11
CA VAL M 85 -33.99 35.50 -10.03
C VAL M 85 -33.15 36.70 -10.39
N ALA M 86 -32.56 37.32 -9.39
CA ALA M 86 -31.73 38.49 -9.64
C ALA M 86 -30.49 38.16 -10.46
N ALA M 87 -29.93 36.97 -10.28
CA ALA M 87 -28.74 36.58 -11.05
C ALA M 87 -29.16 36.55 -12.51
N ALA M 88 -30.41 36.20 -12.75
CA ALA M 88 -30.94 36.13 -14.09
C ALA M 88 -31.11 37.56 -14.58
N ALA M 89 -31.68 38.42 -13.72
CA ALA M 89 -31.87 39.82 -14.07
C ALA M 89 -30.51 40.44 -14.44
N ASP M 90 -29.43 39.91 -13.89
CA ASP M 90 -28.10 40.40 -14.21
C ASP M 90 -27.66 39.95 -15.60
N LEU M 91 -28.01 38.71 -15.97
CA LEU M 91 -27.66 38.15 -17.27
C LEU M 91 -28.29 38.97 -18.39
N GLY M 92 -29.40 39.64 -18.06
CA GLY M 92 -30.09 40.47 -19.02
C GLY M 92 -31.23 39.78 -19.76
N VAL M 93 -31.44 38.50 -19.44
CA VAL M 93 -32.48 37.71 -20.08
C VAL M 93 -33.81 38.42 -20.14
N TRP M 94 -34.54 38.08 -21.19
CA TRP M 94 -35.85 38.62 -21.51
C TRP M 94 -36.96 38.16 -20.55
N MSE M 95 -36.91 36.87 -20.21
CA MSE M 95 -37.90 36.25 -19.34
C MSE M 95 -37.25 35.15 -18.50
O MSE M 95 -36.35 34.45 -18.97
CB MSE M 95 -39.03 35.68 -20.22
CG MSE M 95 -39.86 34.56 -19.57
SE MSE M 95 -41.46 34.09 -20.55
CE MSE M 95 -40.69 33.07 -21.94
N VAL M 96 -37.71 35.03 -17.26
CA VAL M 96 -37.17 34.03 -16.34
C VAL M 96 -38.27 33.23 -15.66
N ASN M 97 -37.92 31.99 -15.35
CA ASN M 97 -38.79 30.97 -14.76
C ASN M 97 -38.78 30.76 -13.25
N VAL M 98 -39.92 30.34 -12.71
CA VAL M 98 -40.08 30.03 -11.30
C VAL M 98 -41.26 29.06 -11.15
N HIS M 99 -41.20 28.14 -10.18
CA HIS M 99 -42.26 27.15 -9.97
C HIS M 99 -43.34 27.66 -9.01
N ALA M 100 -44.60 27.73 -9.44
CA ALA M 100 -45.66 28.19 -8.53
C ALA M 100 -45.80 27.28 -7.31
N SER M 101 -45.59 25.98 -7.51
CA SER M 101 -45.68 25.00 -6.43
C SER M 101 -44.73 25.33 -5.28
N GLY M 102 -43.93 26.37 -5.48
CA GLY M 102 -42.97 26.77 -4.47
C GLY M 102 -43.52 27.68 -3.39
N GLY M 103 -44.79 28.06 -3.53
CA GLY M 103 -45.41 28.90 -2.53
C GLY M 103 -45.40 30.40 -2.72
N ALA M 104 -46.34 31.04 -2.04
CA ALA M 104 -46.51 32.49 -2.09
C ALA M 104 -45.30 33.25 -1.59
N ARG M 105 -44.82 32.88 -0.41
CA ARG M 105 -43.68 33.55 0.17
C ARG M 105 -42.55 33.59 -0.84
N MSE M 106 -42.23 32.42 -1.39
CA MSE M 106 -41.15 32.32 -2.36
C MSE M 106 -41.38 33.21 -3.56
O MSE M 106 -40.49 33.97 -3.94
CB MSE M 106 -41.00 30.88 -2.85
CG MSE M 106 -39.84 30.73 -3.81
SE MSE M 106 -39.95 29.17 -4.88
CE MSE M 106 -41.09 29.88 -6.24
N MSE M 107 -42.56 33.12 -4.16
CA MSE M 107 -42.85 33.94 -5.32
C MSE M 107 -42.69 35.41 -5.01
O MSE M 107 -41.97 36.13 -5.72
CB MSE M 107 -44.26 33.65 -5.84
CG MSE M 107 -44.38 32.32 -6.55
SE MSE M 107 -45.90 32.15 -7.71
CE MSE M 107 -47.03 31.08 -6.57
N THR M 108 -43.34 35.87 -3.94
CA THR M 108 -43.24 37.27 -3.56
C THR M 108 -41.78 37.64 -3.40
N ALA M 109 -41.00 36.73 -2.83
CA ALA M 109 -39.59 36.98 -2.65
C ALA M 109 -38.94 37.27 -3.99
N ALA M 110 -39.25 36.45 -4.99
CA ALA M 110 -38.70 36.61 -6.33
C ALA M 110 -39.09 37.97 -6.90
N ARG M 111 -40.38 38.28 -6.88
CA ARG M 111 -40.86 39.54 -7.40
C ARG M 111 -40.03 40.69 -6.90
N GLU M 112 -39.97 40.81 -5.58
CA GLU M 112 -39.23 41.86 -4.94
C GLU M 112 -37.77 41.92 -5.40
N ALA M 113 -37.11 40.77 -5.47
CA ALA M 113 -35.72 40.75 -5.91
C ALA M 113 -35.51 41.48 -7.25
N LEU M 114 -36.59 41.71 -7.98
CA LEU M 114 -36.49 42.37 -9.29
C LEU M 114 -36.71 43.87 -9.31
N VAL M 115 -37.44 44.39 -8.32
CA VAL M 115 -37.69 45.83 -8.25
C VAL M 115 -36.41 46.64 -8.49
N PRO M 116 -35.27 46.18 -7.96
CA PRO M 116 -33.98 46.87 -8.14
C PRO M 116 -33.55 47.05 -9.60
N PHE M 117 -34.13 46.27 -10.51
CA PHE M 117 -33.75 46.36 -11.92
C PHE M 117 -34.79 47.13 -12.73
N GLY M 118 -35.94 47.37 -12.09
CA GLY M 118 -37.02 48.13 -12.70
C GLY M 118 -37.49 47.78 -14.09
N LYS M 119 -37.25 48.69 -15.02
CA LYS M 119 -37.65 48.53 -16.41
C LYS M 119 -36.82 47.46 -17.13
N ASP M 120 -35.62 47.18 -16.61
CA ASP M 120 -34.75 46.19 -17.22
C ASP M 120 -34.99 44.79 -16.66
N ALA M 121 -35.99 44.66 -15.81
CA ALA M 121 -36.30 43.38 -15.20
C ALA M 121 -36.89 42.40 -16.20
N PRO M 122 -36.46 41.14 -16.15
CA PRO M 122 -37.02 40.17 -17.09
C PRO M 122 -38.45 39.90 -16.67
N LEU M 123 -39.17 39.16 -17.50
CA LEU M 123 -40.54 38.83 -17.17
C LEU M 123 -40.52 37.68 -16.20
N LEU M 124 -41.29 37.83 -15.14
CA LEU M 124 -41.33 36.79 -14.13
C LEU M 124 -42.59 35.96 -14.27
N ILE M 125 -42.40 34.69 -14.59
CA ILE M 125 -43.52 33.79 -14.78
C ILE M 125 -43.31 32.52 -13.98
N ALA M 126 -44.41 31.96 -13.51
CA ALA M 126 -44.36 30.75 -12.72
C ALA M 126 -44.98 29.56 -13.44
N VAL M 127 -44.30 28.42 -13.33
CA VAL M 127 -44.78 27.20 -13.95
C VAL M 127 -45.85 26.62 -13.06
N THR M 128 -47.01 26.33 -13.62
CA THR M 128 -48.08 25.74 -12.83
C THR M 128 -47.89 24.23 -12.79
N VAL M 129 -48.65 23.50 -13.60
CA VAL M 129 -48.52 22.04 -13.67
C VAL M 129 -47.77 21.77 -14.96
N LEU M 130 -46.77 20.88 -14.91
CA LEU M 130 -45.99 20.60 -16.11
C LEU M 130 -46.84 19.93 -17.19
N THR M 131 -46.70 20.39 -18.42
CA THR M 131 -47.46 19.84 -19.55
C THR M 131 -47.30 18.34 -19.71
N SER M 132 -46.24 17.77 -19.16
CA SER M 132 -46.04 16.34 -19.30
C SER M 132 -46.84 15.55 -18.27
N MSE M 133 -47.81 16.18 -17.61
CA MSE M 133 -48.58 15.48 -16.61
C MSE M 133 -50.08 15.38 -16.81
O MSE M 133 -50.71 16.25 -17.41
CB MSE M 133 -48.33 16.08 -15.23
CG MSE M 133 -46.89 15.93 -14.75
SE MSE M 133 -46.67 16.49 -12.92
CE MSE M 133 -46.49 18.41 -13.15
N GLU M 134 -50.63 14.27 -16.29
CA GLU M 134 -52.05 13.95 -16.34
C GLU M 134 -52.46 13.65 -14.90
N ALA M 135 -53.76 13.64 -14.64
CA ALA M 135 -54.24 13.35 -13.28
C ALA M 135 -53.65 12.05 -12.77
N SER M 136 -53.32 11.15 -13.70
CA SER M 136 -52.74 9.88 -13.33
C SER M 136 -51.36 10.04 -12.70
N ASP M 137 -50.67 11.13 -13.04
CA ASP M 137 -49.34 11.38 -12.49
C ASP M 137 -49.45 12.13 -11.17
N LEU M 138 -50.37 13.10 -11.13
CA LEU M 138 -50.60 13.88 -9.92
C LEU M 138 -51.14 12.97 -8.85
N VAL M 139 -51.68 11.83 -9.27
CA VAL M 139 -52.23 10.87 -8.32
C VAL M 139 -51.14 10.22 -7.47
N ASP M 140 -49.98 9.94 -8.06
CA ASP M 140 -48.89 9.31 -7.31
C ASP M 140 -48.52 10.19 -6.12
N LEU M 141 -48.90 11.46 -6.20
CA LEU M 141 -48.66 12.41 -5.11
C LEU M 141 -50.04 12.52 -4.48
N GLY M 142 -50.14 13.07 -3.28
CA GLY M 142 -51.45 13.18 -2.64
C GLY M 142 -52.41 14.13 -3.36
N MSE M 143 -52.42 14.07 -4.70
CA MSE M 143 -53.27 14.92 -5.52
C MSE M 143 -54.53 14.25 -6.05
O MSE M 143 -54.45 13.30 -6.85
CB MSE M 143 -52.46 15.46 -6.71
CG MSE M 143 -53.10 16.62 -7.44
SE MSE M 143 -52.95 18.27 -6.44
CE MSE M 143 -51.02 18.41 -6.44
N THR M 144 -55.69 14.73 -5.61
CA THR M 144 -56.97 14.19 -6.04
C THR M 144 -57.55 15.08 -7.15
N LEU M 145 -57.10 16.33 -7.18
CA LEU M 145 -57.53 17.33 -8.16
C LEU M 145 -57.35 16.82 -9.59
N SER M 146 -57.00 17.72 -10.49
CA SER M 146 -56.79 17.34 -11.89
C SER M 146 -55.89 18.37 -12.52
N PRO M 147 -55.24 18.03 -13.64
CA PRO M 147 -54.37 19.00 -14.28
C PRO M 147 -55.01 20.38 -14.29
N ALA M 148 -55.85 20.61 -15.29
CA ALA M 148 -56.53 21.90 -15.43
C ALA M 148 -56.95 22.53 -14.09
N ASP M 149 -57.58 21.75 -13.22
CA ASP M 149 -58.01 22.29 -11.94
C ASP M 149 -56.82 22.89 -11.20
N TYR M 150 -55.94 22.01 -10.77
CA TYR M 150 -54.74 22.37 -10.02
C TYR M 150 -53.97 23.54 -10.62
N ALA M 151 -53.59 23.40 -11.88
CA ALA M 151 -52.86 24.47 -12.55
C ALA M 151 -53.53 25.81 -12.26
N GLU M 152 -54.86 25.84 -12.31
CA GLU M 152 -55.59 27.08 -12.07
C GLU M 152 -55.35 27.64 -10.66
N ARG M 153 -55.39 26.78 -9.65
CA ARG M 153 -55.14 27.26 -8.28
C ARG M 153 -53.78 27.94 -8.23
N LEU M 154 -52.76 27.24 -8.73
CA LEU M 154 -51.40 27.79 -8.76
C LEU M 154 -51.42 29.12 -9.49
N ALA M 155 -52.01 29.13 -10.67
CA ALA M 155 -52.09 30.34 -11.47
C ALA M 155 -52.68 31.49 -10.69
N ALA M 156 -53.71 31.21 -9.90
CA ALA M 156 -54.36 32.24 -9.09
C ALA M 156 -53.40 32.82 -8.07
N LEU M 157 -52.71 31.93 -7.37
CA LEU M 157 -51.73 32.32 -6.36
C LEU M 157 -50.63 33.15 -7.02
N THR M 158 -50.28 32.76 -8.24
CA THR M 158 -49.24 33.46 -9.01
C THR M 158 -49.70 34.88 -9.34
N GLN M 159 -50.97 34.99 -9.69
CA GLN M 159 -51.59 36.28 -10.01
C GLN M 159 -51.44 37.15 -8.78
N LYS M 160 -52.01 36.69 -7.67
CA LYS M 160 -51.98 37.41 -6.42
C LYS M 160 -50.61 37.95 -6.03
N CYS M 161 -49.56 37.15 -6.20
CA CYS M 161 -48.23 37.60 -5.82
C CYS M 161 -47.63 38.69 -6.71
N GLY M 162 -48.32 39.00 -7.81
CA GLY M 162 -47.86 40.06 -8.69
C GLY M 162 -46.95 39.67 -9.84
N LEU M 163 -46.86 38.38 -10.12
CA LEU M 163 -46.02 37.93 -11.23
C LEU M 163 -46.69 38.33 -12.54
N ASP M 164 -45.91 38.42 -13.61
CA ASP M 164 -46.39 38.83 -14.93
C ASP M 164 -47.22 37.77 -15.67
N GLY M 165 -46.86 36.51 -15.52
CA GLY M 165 -47.58 35.46 -16.20
C GLY M 165 -47.46 34.10 -15.56
N VAL M 166 -47.91 33.08 -16.26
CA VAL M 166 -47.87 31.71 -15.76
C VAL M 166 -47.50 30.77 -16.92
N VAL M 167 -47.09 29.54 -16.60
CA VAL M 167 -46.78 28.58 -17.66
C VAL M 167 -47.73 27.42 -17.49
N CYS M 168 -48.38 27.05 -18.60
CA CYS M 168 -49.34 25.95 -18.59
C CYS M 168 -49.54 25.37 -19.98
N SER M 169 -50.42 24.37 -20.06
CA SER M 169 -50.74 23.74 -21.33
C SER M 169 -51.68 24.70 -22.04
N ALA M 170 -51.68 24.69 -23.36
CA ALA M 170 -52.55 25.58 -24.09
C ALA M 170 -54.01 25.17 -23.87
N GLN M 171 -54.21 24.00 -23.27
CA GLN M 171 -55.56 23.49 -22.99
C GLN M 171 -56.18 24.12 -21.76
N GLU M 172 -55.60 25.24 -21.32
CA GLU M 172 -56.10 25.94 -20.13
C GLU M 172 -56.07 27.43 -20.44
N ALA M 173 -55.43 27.76 -21.56
CA ALA M 173 -55.26 29.14 -22.01
C ALA M 173 -56.58 29.88 -22.22
N VAL M 174 -57.69 29.17 -22.10
CA VAL M 174 -58.97 29.81 -22.29
C VAL M 174 -59.61 30.09 -20.95
N ARG M 175 -59.76 29.06 -20.14
CA ARG M 175 -60.34 29.23 -18.82
C ARG M 175 -59.51 30.25 -18.04
N PHE M 176 -58.20 30.26 -18.30
CA PHE M 176 -57.28 31.18 -17.63
C PHE M 176 -57.40 32.59 -18.19
N LYS M 177 -57.05 32.75 -19.46
CA LYS M 177 -57.12 34.04 -20.14
C LYS M 177 -58.46 34.67 -19.76
N GLN M 178 -59.42 33.80 -19.51
CA GLN M 178 -60.76 34.18 -19.09
C GLN M 178 -60.71 34.75 -17.68
N VAL M 179 -60.44 33.87 -16.71
CA VAL M 179 -60.38 34.23 -15.30
C VAL M 179 -59.26 35.19 -14.89
N PHE M 180 -58.27 35.39 -15.75
CA PHE M 180 -57.16 36.27 -15.40
C PHE M 180 -56.96 37.49 -16.30
N GLY M 181 -57.65 37.52 -17.43
CA GLY M 181 -57.53 38.66 -18.34
C GLY M 181 -56.35 38.66 -19.29
N GLN M 182 -56.46 39.49 -20.33
CA GLN M 182 -55.41 39.59 -21.33
C GLN M 182 -54.11 40.08 -20.74
N GLU M 183 -54.17 40.53 -19.49
CA GLU M 183 -52.98 41.03 -18.81
C GLU M 183 -52.06 39.89 -18.41
N PHE M 184 -52.61 38.95 -17.66
CA PHE M 184 -51.85 37.80 -17.20
C PHE M 184 -51.35 37.00 -18.39
N LYS M 185 -50.10 37.21 -18.76
CA LYS M 185 -49.50 36.51 -19.89
C LYS M 185 -49.45 35.01 -19.70
N LEU M 186 -49.66 34.28 -20.80
CA LEU M 186 -49.63 32.82 -20.78
C LEU M 186 -48.60 32.28 -21.75
N VAL M 187 -47.80 31.33 -21.29
CA VAL M 187 -46.78 30.70 -22.12
C VAL M 187 -47.05 29.20 -22.13
N THR M 188 -47.31 28.66 -23.31
CA THR M 188 -47.66 27.24 -23.45
C THR M 188 -46.70 26.37 -24.25
N PRO M 189 -46.19 25.32 -23.62
CA PRO M 189 -45.28 24.38 -24.26
C PRO M 189 -46.16 23.17 -24.58
N GLY M 190 -45.55 22.04 -24.96
CA GLY M 190 -46.34 20.86 -25.28
C GLY M 190 -47.16 21.17 -26.51
N ILE M 191 -46.47 21.65 -27.54
CA ILE M 191 -47.07 22.02 -28.81
C ILE M 191 -46.66 21.07 -29.90
N ARG M 192 -47.55 20.14 -30.22
CA ARG M 192 -47.30 19.14 -31.27
C ARG M 192 -48.17 19.43 -32.48
N PRO M 193 -47.55 19.78 -33.61
CA PRO M 193 -48.28 20.08 -34.84
C PRO M 193 -48.62 18.79 -35.63
N GLN M 194 -49.84 18.29 -35.41
CA GLN M 194 -50.41 17.07 -36.04
C GLN M 194 -49.44 16.07 -36.70
N GLY M 195 -49.58 14.80 -36.33
CA GLY M 195 -48.71 13.79 -36.90
C GLY M 195 -47.29 14.06 -36.45
N SER M 196 -47.20 14.49 -35.19
CA SER M 196 -45.93 14.82 -34.56
C SER M 196 -45.84 14.00 -33.28
N GLU M 197 -44.72 13.31 -33.11
CA GLU M 197 -44.49 12.47 -31.95
C GLU M 197 -44.67 13.28 -30.66
N ALA M 198 -45.46 12.76 -29.72
CA ALA M 198 -45.71 13.43 -28.45
C ALA M 198 -44.59 13.16 -27.44
N GLY M 199 -44.35 11.89 -27.17
CA GLY M 199 -43.33 11.51 -26.20
C GLY M 199 -43.86 11.62 -24.79
N ASP M 200 -43.06 12.22 -23.92
CA ASP M 200 -43.46 12.39 -22.53
C ASP M 200 -44.51 13.49 -22.39
N GLN M 201 -44.75 14.20 -23.49
CA GLN M 201 -45.72 15.27 -23.52
C GLN M 201 -47.12 14.70 -23.35
N ARG M 202 -48.03 15.46 -22.76
CA ARG M 202 -49.41 15.00 -22.58
C ARG M 202 -50.48 16.05 -22.98
N ARG M 203 -50.72 17.05 -22.12
CA ARG M 203 -51.69 18.09 -22.45
C ARG M 203 -51.21 18.87 -23.68
N ILE M 204 -51.31 18.24 -24.85
CA ILE M 204 -50.86 18.83 -26.10
C ILE M 204 -51.90 19.67 -26.85
N MSE M 205 -51.45 20.26 -27.95
CA MSE M 205 -52.27 21.09 -28.82
C MSE M 205 -51.37 21.51 -29.97
O MSE M 205 -50.14 21.40 -29.87
CB MSE M 205 -52.75 22.32 -28.06
CG MSE M 205 -53.88 23.05 -28.71
SE MSE M 205 -55.23 23.50 -27.40
CE MSE M 205 -55.87 21.69 -27.05
N THR M 206 -51.94 21.95 -31.07
CA THR M 206 -51.13 22.33 -32.21
C THR M 206 -50.96 23.83 -32.24
N PRO M 207 -49.93 24.31 -32.95
CA PRO M 207 -49.67 25.74 -33.04
C PRO M 207 -50.98 26.49 -33.25
N GLU M 208 -51.74 26.00 -34.23
CA GLU M 208 -53.02 26.59 -34.59
C GLU M 208 -53.93 26.71 -33.36
N GLN M 209 -54.52 25.59 -32.96
CA GLN M 209 -55.42 25.60 -31.81
C GLN M 209 -54.84 26.30 -30.58
N ALA M 210 -53.51 26.39 -30.52
CA ALA M 210 -52.87 27.06 -29.39
C ALA M 210 -53.15 28.56 -29.54
N LEU M 211 -52.75 29.12 -30.67
CA LEU M 211 -52.98 30.52 -30.95
C LEU M 211 -54.45 30.83 -30.76
N SER M 212 -55.29 29.81 -30.88
CA SER M 212 -56.72 29.96 -30.73
C SER M 212 -57.14 30.31 -29.31
N ALA M 213 -56.70 29.51 -28.34
CA ALA M 213 -57.06 29.74 -26.93
C ALA M 213 -56.64 31.12 -26.42
N GLY M 214 -55.65 31.72 -27.09
CA GLY M 214 -55.20 33.05 -26.69
C GLY M 214 -53.83 33.11 -26.05
N VAL M 215 -53.09 32.01 -26.10
CA VAL M 215 -51.76 31.95 -25.52
C VAL M 215 -50.88 33.08 -26.05
N ASP M 216 -50.12 33.70 -25.16
CA ASP M 216 -49.24 34.80 -25.51
C ASP M 216 -47.99 34.31 -26.24
N TYR M 217 -47.43 33.21 -25.76
CA TYR M 217 -46.25 32.63 -26.41
C TYR M 217 -46.38 31.13 -26.30
N MSE M 218 -45.72 30.43 -27.21
CA MSE M 218 -45.76 28.98 -27.22
C MSE M 218 -44.35 28.42 -27.41
O MSE M 218 -43.51 28.99 -28.11
CB MSE M 218 -46.69 28.51 -28.33
CG MSE M 218 -46.40 29.10 -29.71
SE MSE M 218 -47.71 28.63 -31.08
CE MSE M 218 -47.04 26.88 -31.47
N VAL M 219 -44.10 27.29 -26.76
CA VAL M 219 -42.79 26.69 -26.82
C VAL M 219 -42.78 25.46 -27.70
N ILE M 220 -42.07 25.56 -28.82
CA ILE M 220 -41.96 24.41 -29.69
C ILE M 220 -40.56 23.87 -29.50
N GLY M 221 -40.49 22.61 -29.07
CA GLY M 221 -39.22 21.97 -28.85
C GLY M 221 -38.73 21.12 -29.99
N ARG M 222 -38.96 19.83 -29.87
CA ARG M 222 -38.52 18.87 -30.87
C ARG M 222 -39.12 19.02 -32.28
N PRO M 223 -40.44 19.25 -32.39
CA PRO M 223 -41.06 19.39 -33.70
C PRO M 223 -40.18 20.18 -34.64
N VAL M 224 -39.55 21.22 -34.12
CA VAL M 224 -38.66 22.07 -34.91
C VAL M 224 -37.22 21.60 -34.92
N THR M 225 -36.76 21.08 -33.80
CA THR M 225 -35.37 20.66 -33.68
C THR M 225 -35.09 19.21 -34.11
N GLN M 226 -36.10 18.36 -34.05
CA GLN M 226 -35.93 16.96 -34.44
C GLN M 226 -36.58 16.69 -35.79
N SER M 227 -36.43 17.65 -36.69
CA SER M 227 -37.00 17.55 -38.02
C SER M 227 -35.93 18.02 -38.98
N VAL M 228 -35.66 17.22 -40.01
CA VAL M 228 -34.67 17.58 -41.02
C VAL M 228 -34.96 19.01 -41.43
N ASP M 229 -33.90 19.77 -41.72
CA ASP M 229 -34.06 21.18 -42.09
C ASP M 229 -35.13 21.83 -41.18
N PRO M 230 -34.73 22.14 -39.94
CA PRO M 230 -35.60 22.75 -38.92
C PRO M 230 -35.93 24.21 -39.27
N ALA M 231 -34.92 24.95 -39.75
CA ALA M 231 -35.11 26.35 -40.13
C ALA M 231 -36.38 26.44 -40.96
N GLN M 232 -36.54 25.46 -41.84
CA GLN M 232 -37.69 25.37 -42.71
C GLN M 232 -38.96 25.23 -41.88
N THR M 233 -39.00 24.18 -41.05
CA THR M 233 -40.15 23.92 -40.21
C THR M 233 -40.58 25.13 -39.38
N LEU M 234 -39.64 26.01 -39.07
CA LEU M 234 -39.98 27.20 -38.31
C LEU M 234 -40.80 28.12 -39.20
N LYS M 235 -40.24 28.49 -40.35
CA LYS M 235 -40.93 29.36 -41.31
C LYS M 235 -42.32 28.78 -41.57
N ALA M 236 -42.36 27.45 -41.67
CA ALA M 236 -43.61 26.76 -41.90
C ALA M 236 -44.58 27.14 -40.79
N ILE M 237 -44.30 26.65 -39.58
CA ILE M 237 -45.14 26.89 -38.40
C ILE M 237 -45.54 28.34 -38.23
N ASN M 238 -44.69 29.26 -38.68
CA ASN M 238 -44.99 30.69 -38.59
C ASN M 238 -46.16 31.00 -39.49
N ALA M 239 -45.93 30.83 -40.79
CA ALA M 239 -46.97 31.07 -41.78
C ALA M 239 -48.23 30.37 -41.29
N SER M 240 -48.09 29.11 -40.90
CA SER M 240 -49.19 28.31 -40.40
C SER M 240 -50.03 29.13 -39.42
N LEU M 241 -49.35 29.98 -38.65
CA LEU M 241 -50.00 30.82 -37.65
C LEU M 241 -50.33 32.20 -38.18
N GLN M 242 -50.96 32.27 -39.34
CA GLN M 242 -51.32 33.54 -39.93
C GLN M 242 -52.61 33.43 -40.72
N VAL N 12 -11.50 12.52 0.03
CA VAL N 12 -12.69 12.21 0.89
C VAL N 12 -12.64 12.90 2.26
N THR N 13 -13.82 13.32 2.73
CA THR N 13 -13.97 14.00 4.01
C THR N 13 -14.77 13.06 4.89
N ASN N 14 -15.02 13.47 6.13
CA ASN N 14 -15.78 12.65 7.06
C ASN N 14 -16.99 13.39 7.61
N SER N 15 -16.91 14.71 7.61
CA SER N 15 -18.01 15.51 8.10
C SER N 15 -19.24 15.31 7.25
N PRO N 16 -20.40 15.24 7.90
CA PRO N 16 -21.68 15.06 7.18
C PRO N 16 -22.09 16.45 6.70
N VAL N 17 -21.13 17.35 6.71
CA VAL N 17 -21.39 18.72 6.34
C VAL N 17 -21.09 19.16 4.93
N VAL N 18 -22.11 19.79 4.37
CA VAL N 18 -22.06 20.33 3.04
C VAL N 18 -22.42 21.79 3.30
N VAL N 19 -21.52 22.69 2.92
CA VAL N 19 -21.76 24.10 3.11
C VAL N 19 -22.37 24.69 1.85
N ALA N 20 -23.51 25.34 2.02
CA ALA N 20 -24.19 25.98 0.90
C ALA N 20 -23.45 27.26 0.50
N LEU N 21 -22.75 27.19 -0.63
CA LEU N 21 -22.04 28.35 -1.15
C LEU N 21 -23.01 29.28 -1.88
N ASP N 22 -23.75 30.13 -1.17
CA ASP N 22 -24.71 31.04 -1.82
C ASP N 22 -24.26 32.50 -1.88
N TYR N 23 -23.08 32.72 -2.46
CA TYR N 23 -22.50 34.07 -2.61
C TYR N 23 -22.90 34.71 -3.96
N HIS N 24 -23.01 36.04 -3.99
CA HIS N 24 -23.36 36.76 -5.21
C HIS N 24 -22.07 37.27 -5.85
N ASN N 25 -20.95 36.75 -5.38
CA ASN N 25 -19.64 37.16 -5.89
C ASN N 25 -18.67 35.97 -5.88
N ARG N 26 -18.01 35.75 -6.99
CA ARG N 26 -17.09 34.64 -7.11
C ARG N 26 -15.92 34.68 -6.13
N ASP N 27 -15.26 35.84 -6.04
CA ASP N 27 -14.11 36.02 -5.14
C ASP N 27 -14.55 35.81 -3.70
N ASP N 28 -15.56 36.56 -3.29
CA ASP N 28 -16.12 36.48 -1.96
C ASP N 28 -16.18 35.00 -1.58
N ALA N 29 -16.73 34.18 -2.48
CA ALA N 29 -16.86 32.76 -2.24
C ALA N 29 -15.53 32.04 -2.27
N LEU N 30 -14.75 32.24 -3.32
CA LEU N 30 -13.46 31.56 -3.40
C LEU N 30 -12.60 31.87 -2.19
N ALA N 31 -12.84 33.02 -1.55
CA ALA N 31 -12.10 33.40 -0.35
C ALA N 31 -12.34 32.29 0.66
N PHE N 32 -13.59 32.19 1.10
CA PHE N 32 -13.99 31.17 2.05
C PHE N 32 -13.42 29.80 1.69
N VAL N 33 -13.59 29.39 0.45
CA VAL N 33 -13.14 28.07 0.03
C VAL N 33 -11.67 27.81 0.36
N ASP N 34 -10.79 28.74 -0.02
CA ASP N 34 -9.36 28.58 0.25
C ASP N 34 -9.04 28.44 1.73
N LYS N 35 -9.84 29.10 2.57
CA LYS N 35 -9.65 29.03 4.02
C LYS N 35 -9.90 27.60 4.53
N ILE N 36 -10.78 26.86 3.87
CA ILE N 36 -11.07 25.49 4.29
C ILE N 36 -10.36 24.45 3.42
N ASP N 37 -10.68 23.17 3.65
CA ASP N 37 -10.08 22.07 2.92
C ASP N 37 -11.04 20.88 2.88
N PRO N 38 -11.14 20.18 1.74
CA PRO N 38 -12.01 19.02 1.53
C PRO N 38 -12.32 18.25 2.80
N ARG N 39 -11.27 17.72 3.41
CA ARG N 39 -11.36 16.96 4.65
C ARG N 39 -12.38 17.55 5.65
N ASP N 40 -12.55 18.87 5.59
CA ASP N 40 -13.45 19.59 6.48
C ASP N 40 -14.93 19.47 6.12
N CYS N 41 -15.25 19.54 4.83
CA CYS N 41 -16.65 19.46 4.37
C CYS N 41 -16.77 19.35 2.85
N ARG N 42 -18.02 19.25 2.40
CA ARG N 42 -18.33 19.19 0.97
C ARG N 42 -19.00 20.51 0.60
N LEU N 43 -18.91 20.89 -0.66
CA LEU N 43 -19.53 22.13 -1.12
C LEU N 43 -20.81 21.90 -1.93
N LYS N 44 -21.76 22.81 -1.81
CA LYS N 44 -23.03 22.71 -2.54
C LYS N 44 -23.33 23.96 -3.37
N VAL N 45 -23.18 23.85 -4.70
CA VAL N 45 -23.48 24.98 -5.59
C VAL N 45 -24.96 24.89 -5.95
N GLY N 46 -25.65 26.03 -5.98
CA GLY N 46 -27.07 26.01 -6.28
C GLY N 46 -27.56 27.04 -7.28
N LYS N 47 -28.86 27.23 -7.30
CA LYS N 47 -29.42 28.17 -8.26
C LYS N 47 -28.72 29.50 -8.37
N GLU N 48 -28.58 30.22 -7.27
CA GLU N 48 -27.92 31.51 -7.31
C GLU N 48 -26.55 31.49 -7.97
N MSE N 49 -25.61 30.82 -7.34
CA MSE N 49 -24.27 30.79 -7.88
C MSE N 49 -24.12 30.14 -9.23
O MSE N 49 -23.21 30.51 -9.98
CB MSE N 49 -23.31 30.14 -6.89
CG MSE N 49 -22.94 31.06 -5.72
SE MSE N 49 -21.24 30.61 -4.93
CE MSE N 49 -20.07 31.61 -6.09
N PHE N 50 -25.00 29.19 -9.57
CA PHE N 50 -24.88 28.55 -10.88
C PHE N 50 -25.40 29.49 -11.96
N THR N 51 -26.49 30.19 -11.69
CA THR N 51 -27.04 31.12 -12.66
C THR N 51 -26.03 32.22 -12.96
N LEU N 52 -25.04 32.35 -12.08
CA LEU N 52 -24.04 33.39 -12.23
C LEU N 52 -22.73 32.94 -12.84
N PHE N 53 -22.26 31.76 -12.49
CA PHE N 53 -20.97 31.34 -13.01
C PHE N 53 -20.96 30.00 -13.75
N GLY N 54 -22.14 29.43 -13.93
CA GLY N 54 -22.26 28.18 -14.66
C GLY N 54 -21.43 27.02 -14.16
N PRO N 55 -21.30 25.95 -14.95
CA PRO N 55 -20.52 24.78 -14.54
C PRO N 55 -19.04 25.10 -14.47
N GLN N 56 -18.65 26.23 -15.05
CA GLN N 56 -17.25 26.60 -15.03
C GLN N 56 -16.76 26.69 -13.58
N PHE N 57 -17.55 27.38 -12.75
CA PHE N 57 -17.25 27.56 -11.35
C PHE N 57 -17.26 26.21 -10.64
N VAL N 58 -18.05 25.27 -11.11
CA VAL N 58 -18.08 23.95 -10.48
C VAL N 58 -16.77 23.25 -10.74
N ARG N 59 -16.17 23.51 -11.90
CA ARG N 59 -14.91 22.87 -12.23
C ARG N 59 -13.82 23.39 -11.31
N GLU N 60 -13.86 24.69 -11.02
CA GLU N 60 -12.89 25.30 -10.14
C GLU N 60 -12.93 24.67 -8.75
N LEU N 61 -14.12 24.55 -8.18
CA LEU N 61 -14.27 23.95 -6.86
C LEU N 61 -13.78 22.51 -6.88
N GLN N 62 -13.94 21.85 -8.03
CA GLN N 62 -13.50 20.48 -8.15
C GLN N 62 -11.99 20.40 -8.36
N GLN N 63 -11.45 21.43 -9.02
CA GLN N 63 -10.02 21.52 -9.29
C GLN N 63 -9.31 21.56 -7.93
N ARG N 64 -9.97 22.16 -6.94
CA ARG N 64 -9.43 22.26 -5.60
C ARG N 64 -9.68 20.97 -4.82
N GLY N 65 -10.29 19.97 -5.46
CA GLY N 65 -10.52 18.70 -4.78
C GLY N 65 -11.81 18.39 -4.05
N PHE N 66 -12.66 19.39 -3.80
CA PHE N 66 -13.91 19.12 -3.08
C PHE N 66 -14.95 18.36 -3.88
N ASP N 67 -15.92 17.80 -3.16
CA ASP N 67 -17.03 17.09 -3.74
C ASP N 67 -18.15 18.10 -3.88
N ILE N 68 -18.66 18.27 -5.09
CA ILE N 68 -19.73 19.24 -5.27
C ILE N 68 -21.09 18.59 -5.35
N PHE N 69 -22.09 19.29 -4.83
CA PHE N 69 -23.47 18.88 -4.84
C PHE N 69 -24.16 19.94 -5.67
N LEU N 70 -24.46 19.61 -6.92
CA LEU N 70 -25.12 20.55 -7.80
C LEU N 70 -26.57 20.55 -7.39
N ASP N 71 -26.99 21.65 -6.77
CA ASP N 71 -28.35 21.78 -6.25
C ASP N 71 -29.18 22.70 -7.13
N LEU N 72 -29.74 22.09 -8.16
CA LEU N 72 -30.56 22.80 -9.13
C LEU N 72 -32.00 22.34 -9.10
N LYS N 73 -32.27 21.35 -8.25
CA LYS N 73 -33.62 20.80 -8.05
C LYS N 73 -34.45 20.76 -9.33
N PHE N 74 -33.94 20.02 -10.31
CA PHE N 74 -34.63 19.86 -11.58
C PHE N 74 -36.10 19.48 -11.30
N HIS N 75 -37.01 20.11 -12.03
CA HIS N 75 -38.45 19.88 -11.88
C HIS N 75 -39.07 20.27 -13.23
N ASP N 76 -38.94 19.37 -14.21
CA ASP N 76 -39.42 19.61 -15.57
C ASP N 76 -40.16 18.40 -16.12
N ILE N 77 -40.32 18.38 -17.44
CA ILE N 77 -40.96 17.24 -18.10
C ILE N 77 -39.91 16.13 -18.08
N PRO N 78 -40.35 14.87 -18.02
CA PRO N 78 -39.43 13.73 -17.99
C PRO N 78 -38.24 13.87 -18.93
N ASN N 79 -38.50 14.25 -20.17
CA ASN N 79 -37.41 14.37 -21.13
C ASN N 79 -36.34 15.33 -20.63
N THR N 80 -36.75 16.56 -20.28
CA THR N 80 -35.79 17.57 -19.80
C THR N 80 -35.00 17.06 -18.59
N ALA N 81 -35.73 16.55 -17.61
CA ALA N 81 -35.13 16.04 -16.39
C ALA N 81 -33.95 15.15 -16.71
N ALA N 82 -34.22 14.08 -17.44
CA ALA N 82 -33.18 13.12 -17.78
C ALA N 82 -32.00 13.76 -18.48
N HIS N 83 -32.26 14.67 -19.40
CA HIS N 83 -31.15 15.31 -20.10
C HIS N 83 -30.34 16.14 -19.14
N ALA N 84 -31.04 16.86 -18.28
CA ALA N 84 -30.40 17.71 -17.29
C ALA N 84 -29.52 16.86 -16.39
N VAL N 85 -30.10 15.83 -15.80
CA VAL N 85 -29.36 14.96 -14.90
C VAL N 85 -28.07 14.49 -15.53
N ALA N 86 -28.15 14.05 -16.77
CA ALA N 86 -26.96 13.57 -17.46
C ALA N 86 -25.95 14.68 -17.68
N ALA N 87 -26.41 15.91 -17.91
CA ALA N 87 -25.48 17.03 -18.12
C ALA N 87 -24.68 17.19 -16.84
N ALA N 88 -25.33 16.89 -15.72
CA ALA N 88 -24.68 16.99 -14.43
C ALA N 88 -23.70 15.84 -14.33
N ALA N 89 -24.14 14.64 -14.72
CA ALA N 89 -23.26 13.46 -14.69
C ALA N 89 -22.02 13.74 -15.53
N ASP N 90 -22.14 14.61 -16.53
CA ASP N 90 -20.99 14.97 -17.37
C ASP N 90 -20.03 15.91 -16.63
N LEU N 91 -20.59 16.83 -15.83
CA LEU N 91 -19.79 17.78 -15.05
C LEU N 91 -18.91 17.04 -14.06
N GLY N 92 -19.34 15.84 -13.67
CA GLY N 92 -18.59 15.02 -12.74
C GLY N 92 -18.99 15.19 -11.28
N VAL N 93 -19.99 16.04 -11.04
CA VAL N 93 -20.46 16.32 -9.69
C VAL N 93 -20.72 15.05 -8.90
N TRP N 94 -20.53 15.21 -7.60
CA TRP N 94 -20.68 14.17 -6.60
C TRP N 94 -22.14 13.75 -6.38
N MSE N 95 -23.01 14.75 -6.32
CA MSE N 95 -24.43 14.54 -6.06
C MSE N 95 -25.26 15.58 -6.82
O MSE N 95 -24.85 16.74 -6.96
CB MSE N 95 -24.68 14.63 -4.55
CG MSE N 95 -26.12 14.97 -4.15
SE MSE N 95 -26.47 14.76 -2.25
CE MSE N 95 -25.64 16.33 -1.59
N VAL N 96 -26.42 15.14 -7.31
CA VAL N 96 -27.31 16.03 -8.06
C VAL N 96 -28.74 15.97 -7.57
N ASN N 97 -29.43 17.09 -7.72
CA ASN N 97 -30.79 17.34 -7.26
C ASN N 97 -31.95 17.16 -8.25
N VAL N 98 -33.10 16.78 -7.71
CA VAL N 98 -34.33 16.62 -8.48
C VAL N 98 -35.53 16.77 -7.52
N HIS N 99 -36.64 17.33 -8.00
CA HIS N 99 -37.83 17.55 -7.17
C HIS N 99 -38.77 16.34 -7.19
N ALA N 100 -39.07 15.74 -6.04
CA ALA N 100 -39.98 14.59 -6.04
C ALA N 100 -41.38 14.98 -6.53
N SER N 101 -41.80 16.20 -6.23
CA SER N 101 -43.11 16.70 -6.66
C SER N 101 -43.26 16.67 -8.18
N GLY N 102 -42.19 16.26 -8.86
CA GLY N 102 -42.21 16.18 -10.31
C GLY N 102 -42.76 14.90 -10.87
N GLY N 103 -43.10 13.96 -9.98
CA GLY N 103 -43.68 12.71 -10.43
C GLY N 103 -42.77 11.53 -10.67
N ALA N 104 -43.39 10.35 -10.64
CA ALA N 104 -42.69 9.09 -10.84
C ALA N 104 -42.05 8.97 -12.20
N ARG N 105 -42.82 9.24 -13.24
CA ARG N 105 -42.31 9.14 -14.59
C ARG N 105 -41.02 9.93 -14.70
N MSE N 106 -41.08 11.20 -14.27
CA MSE N 106 -39.92 12.07 -14.34
C MSE N 106 -38.74 11.50 -13.58
O MSE N 106 -37.62 11.41 -14.12
CB MSE N 106 -40.24 13.43 -13.77
CG MSE N 106 -39.06 14.38 -13.88
SE MSE N 106 -39.19 15.87 -12.71
CE MSE N 106 -38.43 15.02 -11.17
N MSE N 107 -38.96 11.11 -12.34
CA MSE N 107 -37.87 10.55 -11.54
C MSE N 107 -37.25 9.35 -12.22
O MSE N 107 -36.02 9.30 -12.41
CB MSE N 107 -38.36 10.18 -10.14
CG MSE N 107 -38.60 11.39 -9.26
SE MSE N 107 -38.64 11.02 -7.37
CE MSE N 107 -40.54 11.04 -7.10
N THR N 108 -38.09 8.39 -12.62
CA THR N 108 -37.58 7.19 -13.27
C THR N 108 -36.77 7.61 -14.49
N ALA N 109 -37.25 8.63 -15.19
CA ALA N 109 -36.54 9.10 -16.36
C ALA N 109 -35.12 9.52 -15.97
N ALA N 110 -35.01 10.27 -14.88
CA ALA N 110 -33.72 10.73 -14.40
C ALA N 110 -32.81 9.56 -14.07
N ARG N 111 -33.32 8.62 -13.26
CA ARG N 111 -32.53 7.47 -12.88
C ARG N 111 -31.88 6.83 -14.08
N GLU N 112 -32.72 6.46 -15.03
CA GLU N 112 -32.24 5.82 -16.24
C GLU N 112 -31.17 6.63 -16.96
N ALA N 113 -31.37 7.94 -17.08
CA ALA N 113 -30.38 8.78 -17.75
C ALA N 113 -28.98 8.61 -17.18
N LEU N 114 -28.89 8.03 -15.97
CA LEU N 114 -27.59 7.84 -15.33
C LEU N 114 -26.92 6.50 -15.52
N VAL N 115 -27.70 5.46 -15.81
CA VAL N 115 -27.13 4.13 -16.04
C VAL N 115 -25.90 4.18 -16.96
N PRO N 116 -25.95 5.03 -17.99
CA PRO N 116 -24.82 5.17 -18.93
C PRO N 116 -23.50 5.60 -18.29
N PHE N 117 -23.56 6.16 -17.09
CA PHE N 117 -22.33 6.60 -16.42
C PHE N 117 -21.89 5.63 -15.33
N GLY N 118 -22.78 4.67 -15.03
CA GLY N 118 -22.52 3.64 -14.05
C GLY N 118 -21.95 4.02 -12.69
N LYS N 119 -20.71 3.62 -12.45
CA LYS N 119 -20.04 3.88 -11.18
C LYS N 119 -19.66 5.36 -11.03
N ASP N 120 -19.57 6.07 -12.14
CA ASP N 120 -19.23 7.50 -12.10
C ASP N 120 -20.46 8.39 -11.97
N ALA N 121 -21.62 7.77 -11.81
CA ALA N 121 -22.85 8.52 -11.70
C ALA N 121 -22.95 9.25 -10.37
N PRO N 122 -23.42 10.51 -10.41
CA PRO N 122 -23.54 11.22 -9.15
C PRO N 122 -24.70 10.62 -8.37
N LEU N 123 -24.86 11.05 -7.13
CA LEU N 123 -25.93 10.53 -6.32
C LEU N 123 -27.19 11.26 -6.72
N LEU N 124 -28.25 10.49 -6.94
CA LEU N 124 -29.50 11.08 -7.34
C LEU N 124 -30.46 11.15 -6.16
N ILE N 125 -30.79 12.37 -5.77
CA ILE N 125 -31.68 12.59 -4.64
C ILE N 125 -32.79 13.54 -5.02
N ALA N 126 -33.95 13.32 -4.43
CA ALA N 126 -35.11 14.15 -4.72
C ALA N 126 -35.52 14.98 -3.52
N VAL N 127 -35.85 16.24 -3.78
CA VAL N 127 -36.28 17.15 -2.73
C VAL N 127 -37.74 16.86 -2.46
N THR N 128 -38.08 16.64 -1.20
CA THR N 128 -39.46 16.37 -0.85
C THR N 128 -40.17 17.71 -0.64
N VAL N 129 -40.36 18.11 0.62
CA VAL N 129 -41.00 19.40 0.92
C VAL N 129 -39.87 20.31 1.33
N LEU N 130 -39.86 21.54 0.82
CA LEU N 130 -38.78 22.46 1.16
C LEU N 130 -38.80 22.84 2.64
N THR N 131 -37.62 22.83 3.26
CA THR N 131 -37.50 23.15 4.69
C THR N 131 -38.08 24.50 5.06
N SER N 132 -38.23 25.39 4.08
CA SER N 132 -38.78 26.70 4.39
C SER N 132 -40.30 26.69 4.43
N MSE N 133 -40.90 25.51 4.51
CA MSE N 133 -42.36 25.47 4.54
C MSE N 133 -43.01 24.82 5.75
O MSE N 133 -42.46 23.91 6.37
CB MSE N 133 -42.88 24.77 3.28
CG MSE N 133 -42.58 25.52 1.99
SE MSE N 133 -43.46 24.73 0.46
CE MSE N 133 -42.21 23.31 0.04
N GLU N 134 -44.22 25.32 6.05
CA GLU N 134 -45.06 24.85 7.14
C GLU N 134 -46.42 24.55 6.53
N ALA N 135 -47.26 23.83 7.25
CA ALA N 135 -48.60 23.49 6.74
C ALA N 135 -49.32 24.75 6.30
N SER N 136 -48.97 25.87 6.91
CA SER N 136 -49.60 27.14 6.57
C SER N 136 -49.26 27.56 5.15
N ASP N 137 -48.13 27.11 4.63
CA ASP N 137 -47.72 27.45 3.27
C ASP N 137 -48.31 26.47 2.28
N LEU N 138 -48.31 25.19 2.66
CA LEU N 138 -48.85 24.14 1.81
C LEU N 138 -50.35 24.36 1.68
N VAL N 139 -50.90 25.12 2.62
CA VAL N 139 -52.33 25.39 2.59
C VAL N 139 -52.72 26.29 1.42
N ASP N 140 -51.87 27.26 1.08
CA ASP N 140 -52.17 28.16 -0.04
C ASP N 140 -52.36 27.35 -1.32
N LEU N 141 -51.85 26.12 -1.30
CA LEU N 141 -51.99 25.21 -2.43
C LEU N 141 -53.07 24.26 -1.92
N GLY N 142 -53.67 23.46 -2.81
CA GLY N 142 -54.71 22.55 -2.36
C GLY N 142 -54.21 21.45 -1.42
N MSE N 143 -53.31 21.81 -0.50
CA MSE N 143 -52.72 20.86 0.44
C MSE N 143 -53.33 20.89 1.84
O MSE N 143 -53.21 21.89 2.55
CB MSE N 143 -51.22 21.11 0.55
CG MSE N 143 -50.41 20.01 1.22
SE MSE N 143 -50.19 18.48 0.03
CE MSE N 143 -49.16 19.37 -1.34
N THR N 144 -53.96 19.78 2.23
CA THR N 144 -54.57 19.67 3.55
C THR N 144 -53.63 18.91 4.48
N LEU N 145 -52.74 18.12 3.88
CA LEU N 145 -51.76 17.31 4.60
C LEU N 145 -50.93 18.15 5.57
N SER N 146 -49.67 17.80 5.72
CA SER N 146 -48.79 18.56 6.61
C SER N 146 -47.37 18.33 6.16
N PRO N 147 -46.45 19.21 6.56
CA PRO N 147 -45.05 19.02 6.14
C PRO N 147 -44.66 17.56 6.27
N ALA N 148 -44.26 17.16 7.47
CA ALA N 148 -43.84 15.79 7.72
C ALA N 148 -44.66 14.74 6.96
N ASP N 149 -45.98 14.85 7.00
CA ASP N 149 -46.81 13.87 6.29
C ASP N 149 -46.42 13.81 4.83
N TYR N 150 -46.74 14.90 4.13
CA TYR N 150 -46.48 15.04 2.70
C TYR N 150 -45.07 14.62 2.29
N ALA N 151 -44.07 15.22 2.91
CA ALA N 151 -42.70 14.88 2.60
C ALA N 151 -42.54 13.36 2.55
N GLU N 152 -43.16 12.66 3.50
CA GLU N 152 -43.06 11.21 3.54
C GLU N 152 -43.61 10.55 2.29
N ARG N 153 -44.79 10.98 1.83
CA ARG N 153 -45.37 10.40 0.63
C ARG N 153 -44.38 10.54 -0.52
N LEU N 154 -43.88 11.76 -0.73
CA LEU N 154 -42.90 12.01 -1.78
C LEU N 154 -41.71 11.07 -1.60
N ALA N 155 -41.18 11.05 -0.39
CA ALA N 155 -40.04 10.20 -0.08
C ALA N 155 -40.29 8.76 -0.48
N ALA N 156 -41.50 8.27 -0.23
CA ALA N 156 -41.85 6.89 -0.58
C ALA N 156 -41.78 6.68 -2.07
N LEU N 157 -42.38 7.60 -2.82
CA LEU N 157 -42.41 7.54 -4.26
C LEU N 157 -40.97 7.58 -4.80
N THR N 158 -40.14 8.38 -4.13
CA THR N 158 -38.73 8.52 -4.49
C THR N 158 -37.99 7.20 -4.29
N GLN N 159 -38.33 6.52 -3.20
CA GLN N 159 -37.76 5.23 -2.86
C GLN N 159 -38.08 4.29 -4.00
N LYS N 160 -39.38 4.11 -4.24
CA LYS N 160 -39.87 3.24 -5.29
C LYS N 160 -39.18 3.41 -6.63
N CYS N 161 -38.95 4.65 -7.05
CA CYS N 161 -38.32 4.89 -8.35
C CYS N 161 -36.85 4.51 -8.42
N GLY N 162 -36.26 4.15 -7.28
CA GLY N 162 -34.87 3.73 -7.26
C GLY N 162 -33.81 4.78 -7.03
N LEU N 163 -34.23 5.97 -6.58
CA LEU N 163 -33.28 7.03 -6.32
C LEU N 163 -32.49 6.66 -5.05
N ASP N 164 -31.30 7.26 -4.90
CA ASP N 164 -30.42 6.98 -3.76
C ASP N 164 -30.85 7.60 -2.44
N GLY N 165 -31.44 8.79 -2.48
CA GLY N 165 -31.86 9.44 -1.26
C GLY N 165 -32.95 10.46 -1.46
N VAL N 166 -33.21 11.25 -0.41
CA VAL N 166 -34.24 12.28 -0.46
C VAL N 166 -33.72 13.51 0.29
N VAL N 167 -34.38 14.66 0.10
CA VAL N 167 -33.99 15.85 0.83
C VAL N 167 -35.17 16.29 1.66
N CYS N 168 -34.92 16.51 2.95
CA CYS N 168 -35.96 16.91 3.87
C CYS N 168 -35.39 17.62 5.10
N SER N 169 -36.29 18.01 6.01
CA SER N 169 -35.88 18.67 7.24
C SER N 169 -35.38 17.56 8.14
N ALA N 170 -34.45 17.89 9.03
CA ALA N 170 -33.92 16.88 9.92
C ALA N 170 -35.02 16.41 10.89
N GLN N 171 -36.15 17.12 10.91
CA GLN N 171 -37.26 16.77 11.78
C GLN N 171 -38.11 15.64 11.22
N GLU N 172 -37.56 14.92 10.26
CA GLU N 172 -38.26 13.80 9.63
C GLU N 172 -37.26 12.66 9.44
N ALA N 173 -35.99 12.99 9.69
CA ALA N 173 -34.88 12.05 9.54
C ALA N 173 -35.02 10.81 10.41
N VAL N 174 -36.03 10.79 11.27
CA VAL N 174 -36.19 9.65 12.15
C VAL N 174 -37.31 8.76 11.61
N ARG N 175 -38.49 9.35 11.42
CA ARG N 175 -39.60 8.59 10.89
C ARG N 175 -39.21 8.00 9.54
N PHE N 176 -38.37 8.72 8.80
CA PHE N 176 -37.90 8.29 7.48
C PHE N 176 -36.85 7.19 7.62
N LYS N 177 -35.70 7.55 8.19
CA LYS N 177 -34.59 6.62 8.38
C LYS N 177 -35.20 5.31 8.91
N GLN N 178 -36.31 5.47 9.62
CA GLN N 178 -37.08 4.37 10.18
C GLN N 178 -37.74 3.59 9.04
N VAL N 179 -38.74 4.22 8.41
CA VAL N 179 -39.50 3.62 7.33
C VAL N 179 -38.73 3.31 6.04
N PHE N 180 -37.54 3.87 5.88
CA PHE N 180 -36.78 3.63 4.67
C PHE N 180 -35.42 2.95 4.84
N GLY N 181 -34.96 2.84 6.08
CA GLY N 181 -33.69 2.18 6.33
C GLY N 181 -32.43 3.00 6.15
N GLN N 182 -31.34 2.52 6.73
CA GLN N 182 -30.05 3.22 6.66
C GLN N 182 -29.57 3.35 5.23
N GLU N 183 -30.24 2.65 4.32
CA GLU N 183 -29.87 2.69 2.91
C GLU N 183 -30.27 4.00 2.27
N PHE N 184 -31.56 4.32 2.38
CA PHE N 184 -32.08 5.54 1.81
C PHE N 184 -31.42 6.75 2.47
N LYS N 185 -30.42 7.31 1.80
CA LYS N 185 -29.70 8.46 2.30
C LYS N 185 -30.58 9.69 2.51
N LEU N 186 -30.30 10.43 3.57
CA LEU N 186 -31.05 11.63 3.90
C LEU N 186 -30.14 12.85 3.97
N VAL N 187 -30.55 13.94 3.33
CA VAL N 187 -29.78 15.17 3.33
C VAL N 187 -30.69 16.26 3.89
N THR N 188 -30.27 16.86 5.00
CA THR N 188 -31.07 17.88 5.68
C THR N 188 -30.49 19.28 5.77
N PRO N 189 -31.21 20.26 5.23
CA PRO N 189 -30.79 21.66 5.26
C PRO N 189 -31.63 22.28 6.38
N GLY N 190 -31.64 23.61 6.49
CA GLY N 190 -32.41 24.24 7.54
C GLY N 190 -31.82 23.87 8.88
N ILE N 191 -30.51 24.08 8.97
CA ILE N 191 -29.73 23.76 10.16
C ILE N 191 -29.25 25.01 10.84
N ARG N 192 -29.94 25.39 11.91
CA ARG N 192 -29.60 26.58 12.67
C ARG N 192 -29.05 26.19 14.03
N PRO N 193 -27.77 26.49 14.28
CA PRO N 193 -27.13 26.17 15.55
C PRO N 193 -27.41 27.23 16.62
N GLN N 194 -28.43 26.96 17.45
CA GLN N 194 -28.90 27.82 18.56
C GLN N 194 -28.47 29.29 18.57
N GLY N 195 -29.44 30.18 18.74
CA GLY N 195 -29.15 31.60 18.76
C GLY N 195 -28.60 32.00 17.40
N SER N 196 -29.21 31.40 16.38
CA SER N 196 -28.85 31.64 14.99
C SER N 196 -30.13 32.05 14.26
N GLU N 197 -30.03 33.16 13.53
CA GLU N 197 -31.17 33.68 12.79
C GLU N 197 -31.74 32.62 11.84
N ALA N 198 -33.06 32.42 11.90
CA ALA N 198 -33.72 31.43 11.04
C ALA N 198 -34.01 32.00 9.64
N GLY N 199 -34.74 33.10 9.60
CA GLY N 199 -35.08 33.71 8.34
C GLY N 199 -36.28 33.02 7.72
N ASP N 200 -36.18 32.72 6.43
CA ASP N 200 -37.26 32.05 5.72
C ASP N 200 -37.33 30.57 6.10
N GLN N 201 -36.32 30.13 6.84
CA GLN N 201 -36.22 28.75 7.28
C GLN N 201 -37.33 28.45 8.28
N ARG N 202 -37.80 27.21 8.32
CA ARG N 202 -38.86 26.84 9.27
C ARG N 202 -38.57 25.52 10.03
N ARG N 203 -38.77 24.37 9.38
CA ARG N 203 -38.50 23.09 10.02
C ARG N 203 -36.99 22.98 10.33
N ILE N 204 -36.55 23.73 11.34
CA ILE N 204 -35.15 23.77 11.73
C ILE N 204 -34.71 22.73 12.76
N MSE N 205 -33.42 22.73 13.06
CA MSE N 205 -32.80 21.83 14.00
C MSE N 205 -31.33 22.24 14.06
O MSE N 205 -30.84 22.92 13.16
CB MSE N 205 -32.93 20.40 13.52
CG MSE N 205 -32.66 19.36 14.58
SE MSE N 205 -34.03 17.98 14.52
CE MSE N 205 -35.51 19.06 15.17
N THR N 206 -30.62 21.83 15.10
CA THR N 206 -29.22 22.21 15.21
C THR N 206 -28.35 21.07 14.74
N PRO N 207 -27.09 21.39 14.38
CA PRO N 207 -26.16 20.35 13.93
C PRO N 207 -26.28 19.12 14.81
N GLU N 208 -26.23 19.36 16.11
CA GLU N 208 -26.32 18.30 17.10
C GLU N 208 -27.56 17.43 16.87
N GLN N 209 -28.72 17.94 17.28
CA GLN N 209 -29.96 17.20 17.13
C GLN N 209 -30.17 16.64 15.73
N ALA N 210 -29.50 17.23 14.74
CA ALA N 210 -29.61 16.76 13.36
C ALA N 210 -28.89 15.42 13.30
N LEU N 211 -27.61 15.43 13.65
CA LEU N 211 -26.81 14.22 13.66
C LEU N 211 -27.52 13.15 14.48
N SER N 212 -28.37 13.60 15.39
CA SER N 212 -29.12 12.69 16.26
C SER N 212 -30.13 11.85 15.50
N ALA N 213 -31.00 12.50 14.73
CA ALA N 213 -32.04 11.80 13.97
C ALA N 213 -31.48 10.75 12.99
N GLY N 214 -30.21 10.93 12.62
CA GLY N 214 -29.59 9.97 11.71
C GLY N 214 -29.31 10.49 10.31
N VAL N 215 -29.48 11.79 10.10
CA VAL N 215 -29.24 12.38 8.79
C VAL N 215 -27.85 12.03 8.27
N ASP N 216 -27.79 11.70 6.98
CA ASP N 216 -26.53 11.33 6.34
C ASP N 216 -25.66 12.56 6.10
N TYR N 217 -26.27 13.65 5.64
CA TYR N 217 -25.54 14.88 5.40
C TYR N 217 -26.44 16.02 5.78
N MSE N 218 -25.84 17.16 6.10
CA MSE N 218 -26.59 18.33 6.49
C MSE N 218 -26.05 19.56 5.78
O MSE N 218 -24.85 19.69 5.52
CB MSE N 218 -26.53 18.51 8.01
CG MSE N 218 -25.12 18.49 8.59
SE MSE N 218 -25.06 18.53 10.54
CE MSE N 218 -25.35 20.41 10.76
N VAL N 219 -26.96 20.47 5.43
CA VAL N 219 -26.58 21.66 4.70
C VAL N 219 -26.59 22.89 5.59
N ILE N 220 -25.41 23.44 5.82
CA ILE N 220 -25.34 24.64 6.62
C ILE N 220 -25.05 25.77 5.65
N GLY N 221 -25.96 26.73 5.61
CA GLY N 221 -25.81 27.85 4.73
C GLY N 221 -25.21 29.09 5.38
N ARG N 222 -26.07 30.00 5.76
CA ARG N 222 -25.65 31.25 6.37
C ARG N 222 -24.88 31.17 7.71
N PRO N 223 -25.35 30.31 8.64
CA PRO N 223 -24.67 30.17 9.93
C PRO N 223 -23.17 30.21 9.75
N VAL N 224 -22.69 29.55 8.70
CA VAL N 224 -21.25 29.50 8.43
C VAL N 224 -20.77 30.64 7.54
N THR N 225 -21.59 31.04 6.58
CA THR N 225 -21.20 32.08 5.64
C THR N 225 -21.50 33.52 6.08
N GLN N 226 -22.49 33.68 6.94
CA GLN N 226 -22.85 35.00 7.44
C GLN N 226 -22.38 35.21 8.87
N SER N 227 -21.17 34.72 9.14
CA SER N 227 -20.59 34.83 10.46
C SER N 227 -19.13 35.22 10.25
N VAL N 228 -18.70 36.26 10.96
CA VAL N 228 -17.31 36.72 10.86
C VAL N 228 -16.43 35.48 11.00
N ASP N 229 -15.32 35.47 10.27
CA ASP N 229 -14.41 34.33 10.29
C ASP N 229 -15.24 33.03 10.25
N PRO N 230 -15.76 32.68 9.07
CA PRO N 230 -16.57 31.48 8.84
C PRO N 230 -15.75 30.20 8.96
N ALA N 231 -14.54 30.22 8.40
CA ALA N 231 -13.63 29.07 8.45
C ALA N 231 -13.65 28.53 9.86
N GLN N 232 -13.62 29.46 10.80
CA GLN N 232 -13.63 29.14 12.23
C GLN N 232 -14.93 28.41 12.59
N THR N 233 -16.05 29.05 12.30
CA THR N 233 -17.36 28.48 12.59
C THR N 233 -17.52 27.07 12.05
N LEU N 234 -16.81 26.76 10.96
CA LEU N 234 -16.91 25.41 10.39
C LEU N 234 -16.22 24.45 11.35
N LYS N 235 -14.94 24.71 11.64
CA LYS N 235 -14.17 23.87 12.57
C LYS N 235 -14.98 23.69 13.85
N ALA N 236 -15.62 24.77 14.27
CA ALA N 236 -16.43 24.75 15.45
C ALA N 236 -17.50 23.67 15.29
N ILE N 237 -18.46 23.94 14.40
CA ILE N 237 -19.56 23.03 14.12
C ILE N 237 -19.14 21.58 13.94
N ASN N 238 -17.93 21.38 13.43
CA ASN N 238 -17.41 20.02 13.24
C ASN N 238 -17.21 19.38 14.58
N ALA N 239 -16.27 19.94 15.34
CA ALA N 239 -15.98 19.44 16.67
C ALA N 239 -17.31 19.24 17.39
N SER N 240 -18.16 20.27 17.33
CA SER N 240 -19.47 20.24 17.95
C SER N 240 -20.16 18.90 17.68
N LEU N 241 -19.90 18.37 16.48
CA LEU N 241 -20.50 17.12 16.04
C LEU N 241 -19.57 15.92 16.30
N GLN N 242 -19.05 15.83 17.52
CA GLN N 242 -18.16 14.72 17.84
C GLN N 242 -18.30 14.34 19.30
N VAL O 12 59.20 25.57 -50.05
CA VAL O 12 57.84 24.99 -49.85
C VAL O 12 57.38 24.08 -51.01
N THR O 13 56.67 23.01 -50.66
CA THR O 13 56.15 22.06 -51.62
C THR O 13 54.64 22.18 -51.57
N ASN O 14 53.95 21.39 -52.38
CA ASN O 14 52.49 21.42 -52.42
C ASN O 14 51.88 20.06 -52.16
N SER O 15 52.65 19.02 -52.45
CA SER O 15 52.18 17.67 -52.23
C SER O 15 51.92 17.42 -50.77
N PRO O 16 50.83 16.71 -50.47
CA PRO O 16 50.49 16.39 -49.07
C PRO O 16 51.32 15.18 -48.69
N VAL O 17 52.35 14.92 -49.51
CA VAL O 17 53.18 13.77 -49.31
C VAL O 17 54.47 13.93 -48.55
N VAL O 18 54.61 13.03 -47.58
CA VAL O 18 55.77 12.96 -46.74
C VAL O 18 56.21 11.52 -46.96
N VAL O 19 57.43 11.35 -47.45
CA VAL O 19 57.96 10.02 -47.68
C VAL O 19 58.73 9.56 -46.46
N ALA O 20 58.36 8.39 -45.95
CA ALA O 20 59.03 7.81 -44.81
C ALA O 20 60.40 7.26 -45.23
N LEU O 21 61.46 7.96 -44.84
CA LEU O 21 62.82 7.51 -45.14
C LEU O 21 63.25 6.44 -44.14
N ASP O 22 62.86 5.18 -44.32
CA ASP O 22 63.24 4.13 -43.40
C ASP O 22 64.33 3.18 -43.90
N TYR O 23 65.47 3.74 -44.30
CA TYR O 23 66.63 2.99 -44.81
C TYR O 23 67.60 2.60 -43.68
N HIS O 24 68.28 1.47 -43.82
CA HIS O 24 69.25 1.02 -42.83
C HIS O 24 70.64 1.44 -43.30
N ASN O 25 70.68 2.32 -44.28
CA ASN O 25 71.95 2.79 -44.84
C ASN O 25 71.83 4.25 -45.27
N ARG O 26 72.78 5.06 -44.85
CA ARG O 26 72.74 6.48 -45.17
C ARG O 26 72.80 6.80 -46.67
N ASP O 27 73.74 6.16 -47.38
CA ASP O 27 73.89 6.38 -48.82
C ASP O 27 72.63 5.95 -49.55
N ASP O 28 72.24 4.71 -49.32
CA ASP O 28 71.04 4.14 -49.91
C ASP O 28 69.96 5.23 -49.88
N ALA O 29 69.78 5.84 -48.72
CA ALA O 29 68.78 6.87 -48.55
C ALA O 29 69.12 8.15 -49.28
N LEU O 30 70.32 8.66 -49.04
CA LEU O 30 70.72 9.90 -49.71
C LEU O 30 70.59 9.77 -51.22
N ALA O 31 70.69 8.55 -51.73
CA ALA O 31 70.55 8.30 -53.17
C ALA O 31 69.17 8.83 -53.55
N PHE O 32 68.15 8.16 -53.04
CA PHE O 32 66.78 8.53 -53.29
C PHE O 32 66.57 10.03 -53.15
N VAL O 33 67.04 10.60 -52.05
CA VAL O 33 66.83 12.02 -51.81
C VAL O 33 67.28 12.90 -52.95
N ASP O 34 68.51 12.70 -53.43
CA ASP O 34 69.05 13.50 -54.53
C ASP O 34 68.21 13.40 -55.80
N LYS O 35 67.61 12.23 -56.01
CA LYS O 35 66.76 12.01 -57.17
C LYS O 35 65.52 12.90 -57.14
N ILE O 36 65.04 13.23 -55.94
CA ILE O 36 63.86 14.09 -55.81
C ILE O 36 64.22 15.53 -55.46
N ASP O 37 63.21 16.35 -55.18
CA ASP O 37 63.40 17.75 -54.83
C ASP O 37 62.24 18.23 -53.96
N PRO O 38 62.52 19.05 -52.94
CA PRO O 38 61.54 19.61 -51.99
C PRO O 38 60.15 19.75 -52.58
N ARG O 39 60.05 20.55 -53.63
CA ARG O 39 58.80 20.81 -54.34
C ARG O 39 57.94 19.55 -54.50
N ASP O 40 58.61 18.40 -54.60
CA ASP O 40 57.93 17.11 -54.78
C ASP O 40 57.28 16.53 -53.51
N CYS O 41 57.97 16.65 -52.38
CA CYS O 41 57.44 16.12 -51.12
C CYS O 41 58.26 16.55 -49.90
N ARG O 42 57.81 16.09 -48.73
CA ARG O 42 58.51 16.35 -47.47
C ARG O 42 59.08 15.02 -46.99
N LEU O 43 60.15 15.10 -46.20
CA LEU O 43 60.77 13.88 -45.69
C LEU O 43 60.45 13.63 -44.20
N LYS O 44 60.34 12.35 -43.84
CA LYS O 44 60.05 11.97 -42.46
C LYS O 44 61.10 11.01 -41.88
N VAL O 45 61.96 11.53 -40.99
CA VAL O 45 62.97 10.68 -40.34
C VAL O 45 62.33 10.08 -39.09
N GLY O 46 62.60 8.82 -38.82
CA GLY O 46 61.99 8.17 -37.66
C GLY O 46 62.91 7.34 -36.80
N LYS O 47 62.32 6.51 -35.96
CA LYS O 47 63.12 5.71 -35.06
C LYS O 47 64.31 5.01 -35.68
N GLU O 48 64.09 4.21 -36.71
CA GLU O 48 65.19 3.49 -37.35
C GLU O 48 66.35 4.40 -37.75
N MSE O 49 66.10 5.27 -38.72
CA MSE O 49 67.16 6.12 -39.19
C MSE O 49 67.74 7.08 -38.19
O MSE O 49 68.91 7.44 -38.30
CB MSE O 49 66.71 6.89 -40.43
CG MSE O 49 66.69 6.02 -41.69
SE MSE O 49 66.87 7.06 -43.31
CE MSE O 49 68.80 7.15 -43.42
N PHE O 50 66.95 7.49 -37.20
CA PHE O 50 67.48 8.42 -36.20
C PHE O 50 68.41 7.67 -35.23
N THR O 51 68.01 6.47 -34.84
CA THR O 51 68.83 5.68 -33.93
C THR O 51 70.18 5.37 -34.58
N LEU O 52 70.24 5.55 -35.90
CA LEU O 52 71.45 5.24 -36.64
C LEU O 52 72.31 6.44 -36.97
N PHE O 53 71.70 7.57 -37.31
CA PHE O 53 72.50 8.71 -37.70
C PHE O 53 72.26 10.00 -36.93
N GLY O 54 71.40 9.91 -35.92
CA GLY O 54 71.10 11.06 -35.08
C GLY O 54 70.61 12.31 -35.78
N PRO O 55 70.59 13.44 -35.09
CA PRO O 55 70.13 14.69 -35.68
C PRO O 55 71.08 15.19 -36.76
N GLN O 56 72.27 14.61 -36.81
CA GLN O 56 73.23 15.02 -37.81
C GLN O 56 72.63 14.82 -39.21
N PHE O 57 72.07 13.64 -39.42
CA PHE O 57 71.44 13.28 -40.68
C PHE O 57 70.25 14.19 -40.95
N VAL O 58 69.60 14.67 -39.90
CA VAL O 58 68.46 15.56 -40.11
C VAL O 58 68.96 16.90 -40.66
N ARG O 59 70.16 17.28 -40.24
CA ARG O 59 70.72 18.54 -40.71
C ARG O 59 71.02 18.45 -42.20
N GLU O 60 71.53 17.29 -42.61
CA GLU O 60 71.84 17.05 -44.02
C GLU O 60 70.60 17.19 -44.89
N LEU O 61 69.52 16.52 -44.50
CA LEU O 61 68.28 16.59 -45.28
C LEU O 61 67.78 18.03 -45.31
N GLN O 62 68.05 18.79 -44.25
CA GLN O 62 67.61 20.17 -44.20
C GLN O 62 68.53 21.06 -45.02
N GLN O 63 69.81 20.67 -45.07
CA GLN O 63 70.82 21.40 -45.84
C GLN O 63 70.38 21.39 -47.31
N ARG O 64 69.72 20.30 -47.71
CA ARG O 64 69.23 20.15 -49.07
C ARG O 64 67.88 20.87 -49.24
N GLY O 65 67.40 21.53 -48.19
CA GLY O 65 66.16 22.28 -48.30
C GLY O 65 64.82 21.67 -47.93
N PHE O 66 64.74 20.35 -47.74
CA PHE O 66 63.45 19.74 -47.40
C PHE O 66 62.96 20.04 -45.99
N ASP O 67 61.67 19.81 -45.78
CA ASP O 67 61.04 19.97 -44.48
C ASP O 67 61.06 18.60 -43.84
N ILE O 68 61.63 18.51 -42.64
CA ILE O 68 61.69 17.21 -41.99
C ILE O 68 60.64 17.07 -40.92
N PHE O 69 60.15 15.84 -40.78
CA PHE O 69 59.15 15.48 -39.78
C PHE O 69 59.88 14.47 -38.91
N LEU O 70 60.34 14.91 -37.75
CA LEU O 70 61.04 14.03 -36.84
C LEU O 70 59.98 13.17 -36.19
N ASP O 71 59.95 11.89 -36.56
CA ASP O 71 58.95 10.95 -36.08
C ASP O 71 59.56 10.00 -35.06
N LEU O 72 59.56 10.48 -33.81
CA LEU O 72 60.11 9.73 -32.70
C LEU O 72 59.04 9.35 -31.69
N LYS O 73 57.81 9.80 -31.96
CA LYS O 73 56.65 9.51 -31.12
C LYS O 73 56.96 9.45 -29.63
N PHE O 74 57.46 10.56 -29.11
CA PHE O 74 57.80 10.67 -27.70
C PHE O 74 56.61 10.16 -26.87
N HIS O 75 56.91 9.36 -25.86
CA HIS O 75 55.90 8.76 -24.98
C HIS O 75 56.61 8.48 -23.65
N ASP O 76 56.80 9.53 -22.86
CA ASP O 76 57.54 9.44 -21.59
C ASP O 76 56.80 10.19 -20.49
N ILE O 77 57.54 10.47 -19.41
CA ILE O 77 56.97 11.24 -18.30
C ILE O 77 56.94 12.69 -18.80
N PRO O 78 55.97 13.47 -18.33
CA PRO O 78 55.83 14.87 -18.75
C PRO O 78 57.16 15.62 -18.87
N ASN O 79 58.00 15.49 -17.86
CA ASN O 79 59.26 16.20 -17.90
C ASN O 79 60.07 15.83 -19.13
N THR O 80 60.30 14.53 -19.34
CA THR O 80 61.07 14.09 -20.50
C THR O 80 60.47 14.58 -21.82
N ALA O 81 59.17 14.37 -21.96
CA ALA O 81 58.46 14.78 -23.16
C ALA O 81 58.81 16.20 -23.54
N ALA O 82 58.54 17.12 -22.63
CA ALA O 82 58.80 18.54 -22.89
C ALA O 82 60.25 18.80 -23.27
N HIS O 83 61.19 18.17 -22.59
CA HIS O 83 62.57 18.40 -22.92
C HIS O 83 62.88 17.88 -24.30
N ALA O 84 62.34 16.71 -24.61
CA ALA O 84 62.54 16.09 -25.90
C ALA O 84 62.00 16.99 -27.00
N VAL O 85 60.74 17.40 -26.85
CA VAL O 85 60.10 18.25 -27.84
C VAL O 85 60.95 19.45 -28.13
N ALA O 86 61.45 20.10 -27.10
CA ALA O 86 62.27 21.28 -27.29
C ALA O 86 63.58 20.96 -27.99
N ALA O 87 64.15 19.78 -27.75
CA ALA O 87 65.40 19.40 -28.40
C ALA O 87 65.13 19.34 -29.90
N ALA O 88 63.90 18.97 -30.23
CA ALA O 88 63.49 18.88 -31.62
C ALA O 88 63.34 20.30 -32.13
N ALA O 89 62.69 21.17 -31.35
CA ALA O 89 62.51 22.56 -31.72
C ALA O 89 63.87 23.20 -31.98
N ASP O 90 64.91 22.68 -31.33
CA ASP O 90 66.27 23.20 -31.53
C ASP O 90 66.84 22.74 -32.87
N LEU O 91 66.54 21.49 -33.26
CA LEU O 91 67.02 20.92 -34.53
C LEU O 91 66.47 21.72 -35.70
N GLY O 92 65.33 22.37 -35.48
CA GLY O 92 64.70 23.19 -36.51
C GLY O 92 63.65 22.47 -37.34
N VAL O 93 63.43 21.20 -37.03
CA VAL O 93 62.47 20.38 -37.74
C VAL O 93 61.14 21.07 -37.92
N TRP O 94 60.50 20.70 -39.03
CA TRP O 94 59.22 21.22 -39.48
C TRP O 94 58.05 20.75 -38.61
N MSE O 95 58.07 19.46 -38.25
CA MSE O 95 57.02 18.84 -37.47
C MSE O 95 57.61 17.76 -36.56
O MSE O 95 58.56 17.06 -36.94
CB MSE O 95 55.99 18.23 -38.42
CG MSE O 95 55.12 17.11 -37.85
SE MSE O 95 53.61 16.61 -38.97
CE MSE O 95 54.52 15.59 -40.28
N VAL O 96 57.05 17.64 -35.35
CA VAL O 96 57.52 16.65 -34.39
C VAL O 96 56.37 15.84 -33.80
N ASN O 97 56.72 14.61 -33.44
CA ASN O 97 55.82 13.59 -32.93
C ASN O 97 55.69 13.39 -31.42
N VAL O 98 54.52 12.96 -30.98
CA VAL O 98 54.24 12.66 -29.58
C VAL O 98 53.06 11.68 -29.52
N HIS O 99 53.05 10.77 -28.55
CA HIS O 99 51.99 9.77 -28.41
C HIS O 99 50.82 10.27 -27.56
N ALA O 100 49.60 10.31 -28.09
CA ALA O 100 48.46 10.78 -27.29
C ALA O 100 48.22 9.86 -26.08
N SER O 101 48.48 8.57 -26.24
CA SER O 101 48.30 7.60 -25.16
C SER O 101 49.15 7.95 -23.94
N GLY O 102 49.94 9.01 -24.08
CA GLY O 102 50.81 9.43 -22.98
C GLY O 102 50.15 10.35 -21.99
N GLY O 103 48.89 10.70 -22.23
CA GLY O 103 48.16 11.54 -21.31
C GLY O 103 48.17 13.04 -21.50
N ALA O 104 47.16 13.68 -20.91
CA ALA O 104 46.98 15.13 -20.99
C ALA O 104 48.13 15.90 -20.41
N ARG O 105 48.50 15.55 -19.18
CA ARG O 105 49.58 16.24 -18.51
C ARG O 105 50.80 16.29 -19.42
N MSE O 106 51.18 15.13 -19.92
CA MSE O 106 52.34 15.03 -20.79
C MSE O 106 52.21 15.91 -22.02
O MSE O 106 53.11 16.68 -22.34
CB MSE O 106 52.56 13.59 -21.25
CG MSE O 106 53.80 13.46 -22.11
SE MSE O 106 53.81 11.88 -23.16
CE MSE O 106 52.79 12.56 -24.63
N MSE O 107 51.10 15.79 -22.72
CA MSE O 107 50.89 16.60 -23.91
C MSE O 107 51.00 18.07 -23.60
O MSE O 107 51.76 18.79 -24.25
CB MSE O 107 49.54 16.29 -24.55
CG MSE O 107 49.50 14.94 -25.26
SE MSE O 107 48.10 14.73 -26.55
CE MSE O 107 46.89 13.65 -25.50
N THR O 108 50.26 18.52 -22.60
CA THR O 108 50.29 19.94 -22.24
C THR O 108 51.73 20.33 -21.94
N ALA O 109 52.47 19.43 -21.30
CA ALA O 109 53.86 19.72 -21.00
C ALA O 109 54.62 20.00 -22.29
N ALA O 110 54.40 19.17 -23.29
CA ALA O 110 55.07 19.33 -24.57
C ALA O 110 54.72 20.67 -25.21
N ARG O 111 53.42 20.95 -25.29
CA ARG O 111 52.97 22.21 -25.88
C ARG O 111 53.74 23.37 -25.32
N GLU O 112 53.67 23.50 -24.00
CA GLU O 112 54.35 24.57 -23.31
C GLU O 112 55.83 24.65 -23.64
N ALA O 113 56.52 23.52 -23.64
CA ALA O 113 57.94 23.51 -23.96
C ALA O 113 58.26 24.22 -25.27
N LEU O 114 57.24 24.44 -26.10
CA LEU O 114 57.45 25.08 -27.41
C LEU O 114 57.20 26.58 -27.46
N VAL O 115 56.38 27.10 -26.54
CA VAL O 115 56.10 28.54 -26.51
C VAL O 115 57.39 29.37 -26.65
N PRO O 116 58.49 28.93 -26.02
CA PRO O 116 59.77 29.64 -26.09
C PRO O 116 60.34 29.80 -27.51
N PHE O 117 59.85 29.00 -28.45
CA PHE O 117 60.35 29.08 -29.83
C PHE O 117 59.37 29.84 -30.73
N GLY O 118 58.18 30.07 -30.20
CA GLY O 118 57.13 30.80 -30.91
C GLY O 118 56.80 30.43 -32.34
N LYS O 119 57.10 31.34 -33.26
CA LYS O 119 56.83 31.14 -34.67
C LYS O 119 57.74 30.08 -35.31
N ASP O 120 58.89 29.83 -34.68
CA ASP O 120 59.83 28.84 -35.19
C ASP O 120 59.56 27.45 -34.65
N ALA O 121 58.48 27.32 -33.89
CA ALA O 121 58.14 26.03 -33.28
C ALA O 121 57.65 25.04 -34.32
N PRO O 122 58.10 23.78 -34.23
CA PRO O 122 57.64 22.80 -35.20
C PRO O 122 56.19 22.50 -34.90
N LEU O 123 55.55 21.74 -35.78
CA LEU O 123 54.16 21.40 -35.57
C LEU O 123 54.12 20.27 -34.59
N LEU O 124 53.25 20.40 -33.60
CA LEU O 124 53.13 19.37 -32.58
C LEU O 124 51.91 18.53 -32.83
N ILE O 125 52.15 17.26 -33.12
CA ILE O 125 51.07 16.33 -33.39
C ILE O 125 51.22 15.08 -32.56
N ALA O 126 50.08 14.50 -32.19
CA ALA O 126 50.08 13.30 -31.38
C ALA O 126 49.56 12.09 -32.13
N VAL O 127 50.23 10.97 -31.96
CA VAL O 127 49.84 9.73 -32.60
C VAL O 127 48.69 9.15 -31.80
N THR O 128 47.59 8.83 -32.46
CA THR O 128 46.46 8.23 -31.76
C THR O 128 46.68 6.73 -31.68
N VAL O 129 46.01 5.97 -32.55
CA VAL O 129 46.16 4.52 -32.59
C VAL O 129 47.03 4.24 -33.80
N LEU O 130 48.03 3.37 -33.66
CA LEU O 130 48.91 3.10 -34.78
C LEU O 130 48.18 2.39 -35.92
N THR O 131 48.43 2.84 -37.15
CA THR O 131 47.77 2.28 -38.32
C THR O 131 47.96 0.78 -38.45
N SER O 132 48.98 0.23 -37.81
CA SER O 132 49.21 -1.20 -37.91
C SER O 132 48.33 -1.99 -36.94
N MSE O 133 47.31 -1.36 -36.39
CA MSE O 133 46.46 -2.08 -35.44
C MSE O 133 44.99 -2.20 -35.78
O MSE O 133 44.40 -1.34 -36.44
CB MSE O 133 46.58 -1.44 -34.05
CG MSE O 133 47.97 -1.57 -33.44
SE MSE O 133 48.02 -0.99 -31.61
CE MSE O 133 48.19 0.93 -31.85
N GLU O 134 44.41 -3.30 -35.31
CA GLU O 134 43.00 -3.65 -35.47
C GLU O 134 42.47 -3.95 -34.07
N ALA O 135 41.14 -3.97 -33.91
CA ALA O 135 40.56 -4.25 -32.61
C ALA O 135 41.12 -5.54 -32.03
N SER O 136 41.55 -6.44 -32.92
CA SER O 136 42.11 -7.71 -32.49
C SER O 136 43.42 -7.51 -31.74
N ASP O 137 44.13 -6.42 -32.03
CA ASP O 137 45.40 -6.14 -31.36
C ASP O 137 45.15 -5.38 -30.07
N LEU O 138 44.22 -4.42 -30.11
CA LEU O 138 43.87 -3.64 -28.94
C LEU O 138 43.26 -4.55 -27.91
N VAL O 139 42.79 -5.69 -28.36
CA VAL O 139 42.16 -6.65 -27.46
C VAL O 139 43.17 -7.28 -26.51
N ASP O 140 44.39 -7.54 -27.00
CA ASP O 140 45.41 -8.14 -26.14
C ASP O 140 45.66 -7.25 -24.93
N LEU O 141 45.27 -5.98 -25.05
CA LEU O 141 45.41 -5.02 -23.97
C LEU O 141 43.97 -4.93 -23.46
N GLY O 142 43.76 -4.37 -22.27
CA GLY O 142 42.40 -4.27 -21.76
C GLY O 142 41.49 -3.36 -22.58
N MSE O 143 41.60 -3.42 -23.91
CA MSE O 143 40.81 -2.59 -24.81
C MSE O 143 39.61 -3.29 -25.44
O MSE O 143 39.78 -4.23 -26.21
CB MSE O 143 41.71 -2.06 -25.93
CG MSE O 143 41.13 -0.91 -26.73
SE MSE O 143 41.15 0.76 -25.74
CE MSE O 143 43.08 0.92 -25.56
N THR O 144 38.42 -2.82 -25.12
CA THR O 144 37.18 -3.39 -25.66
C THR O 144 36.69 -2.51 -26.81
N LEU O 145 37.13 -1.26 -26.81
CA LEU O 145 36.77 -0.28 -27.85
C LEU O 145 37.09 -0.80 -29.24
N SER O 146 37.50 0.11 -30.13
CA SER O 146 37.84 -0.29 -31.49
C SER O 146 38.78 0.74 -32.05
N PRO O 147 39.51 0.40 -33.10
CA PRO O 147 40.44 1.38 -33.68
C PRO O 147 39.77 2.74 -33.77
N ALA O 148 39.02 2.96 -34.83
CA ALA O 148 38.34 4.23 -35.05
C ALA O 148 37.79 4.87 -33.77
N ASP O 149 37.10 4.08 -32.94
CA ASP O 149 36.56 4.64 -31.71
C ASP O 149 37.66 5.26 -30.87
N TYR O 150 38.52 4.40 -30.35
CA TYR O 150 39.64 4.78 -29.51
C TYR O 150 40.43 5.96 -30.05
N ALA O 151 40.94 5.82 -31.27
CA ALA O 151 41.70 6.89 -31.88
C ALA O 151 40.98 8.22 -31.67
N GLU O 152 39.67 8.24 -31.84
CA GLU O 152 38.90 9.46 -31.67
C GLU O 152 39.01 10.04 -30.27
N ARG O 153 38.90 9.19 -29.25
CA ARG O 153 39.01 9.69 -27.88
C ARG O 153 40.35 10.38 -27.71
N LEU O 154 41.43 9.70 -28.10
CA LEU O 154 42.77 10.27 -28.03
C LEU O 154 42.79 11.60 -28.76
N ALA O 155 42.31 11.58 -29.99
CA ALA O 155 42.29 12.78 -30.82
C ALA O 155 41.61 13.93 -30.10
N ALA O 156 40.51 13.65 -29.39
CA ALA O 156 39.78 14.67 -28.66
C ALA O 156 40.64 15.29 -27.57
N LEU O 157 41.28 14.41 -26.80
CA LEU O 157 42.15 14.82 -25.72
C LEU O 157 43.30 15.66 -26.28
N THR O 158 43.77 15.28 -27.46
CA THR O 158 44.86 15.97 -28.15
C THR O 158 44.41 17.38 -28.54
N GLN O 159 43.16 17.47 -28.99
CA GLN O 159 42.57 18.74 -29.39
C GLN O 159 42.60 19.64 -28.15
N LYS O 160 41.93 19.17 -27.10
CA LYS O 160 41.85 19.91 -25.85
C LYS O 160 43.16 20.48 -25.35
N CYS O 161 44.22 19.69 -25.42
CA CYS O 161 45.52 20.16 -24.93
C CYS O 161 46.18 21.25 -25.78
N GLY O 162 45.59 21.54 -26.93
CA GLY O 162 46.12 22.60 -27.78
C GLY O 162 47.12 22.22 -28.84
N LEU O 163 47.26 20.92 -29.11
CA LEU O 163 48.20 20.48 -30.12
C LEU O 163 47.64 20.86 -31.50
N ASP O 164 48.51 20.94 -32.49
CA ASP O 164 48.14 21.33 -33.85
C ASP O 164 47.40 20.25 -34.65
N GLY O 165 47.76 19.00 -34.46
CA GLY O 165 47.11 17.92 -35.19
C GLY O 165 47.20 16.58 -34.52
N VAL O 166 46.83 15.53 -35.24
CA VAL O 166 46.85 14.18 -34.73
C VAL O 166 47.34 13.23 -35.84
N VAL O 167 47.73 12.01 -35.48
CA VAL O 167 48.15 11.04 -36.49
C VAL O 167 47.21 9.87 -36.40
N CYS O 168 46.66 9.48 -37.55
CA CYS O 168 45.72 8.37 -37.61
C CYS O 168 45.65 7.76 -39.01
N SER O 169 44.79 6.75 -39.15
CA SER O 169 44.60 6.11 -40.43
C SER O 169 43.71 7.04 -41.23
N ALA O 170 43.84 7.02 -42.55
CA ALA O 170 43.01 7.88 -43.37
C ALA O 170 41.55 7.45 -43.27
N GLN O 171 41.31 6.28 -42.68
CA GLN O 171 39.96 5.76 -42.51
C GLN O 171 39.22 6.40 -41.34
N GLU O 172 39.73 7.52 -40.88
CA GLU O 172 39.13 8.24 -39.75
C GLU O 172 39.17 9.73 -40.06
N ALA O 173 39.89 10.06 -41.13
CA ALA O 173 40.08 11.43 -41.58
C ALA O 173 38.77 12.14 -41.91
N VAL O 174 37.66 11.42 -41.88
CA VAL O 174 36.40 12.04 -42.19
C VAL O 174 35.63 12.32 -40.92
N ARG O 175 35.44 11.28 -40.11
CA ARG O 175 34.73 11.47 -38.85
C ARG O 175 35.48 12.51 -38.00
N PHE O 176 36.81 12.53 -38.15
CA PHE O 176 37.65 13.48 -37.42
C PHE O 176 37.55 14.88 -38.00
N LYS O 177 38.02 15.03 -39.24
CA LYS O 177 37.99 16.31 -39.94
C LYS O 177 36.61 16.93 -39.69
N GLN O 178 35.64 16.04 -39.51
CA GLN O 178 34.27 16.41 -39.22
C GLN O 178 34.18 16.99 -37.81
N VAL O 179 34.37 16.13 -36.81
CA VAL O 179 34.31 16.50 -35.40
C VAL O 179 35.38 17.48 -34.91
N PHE O 180 36.44 17.69 -35.68
CA PHE O 180 37.49 18.59 -35.24
C PHE O 180 37.76 19.81 -36.13
N GLY O 181 37.16 19.81 -37.33
CA GLY O 181 37.35 20.94 -38.22
C GLY O 181 38.60 20.95 -39.07
N GLN O 182 38.58 21.76 -40.13
CA GLN O 182 39.71 21.88 -41.04
C GLN O 182 40.95 22.39 -40.34
N GLU O 183 40.77 22.85 -39.11
CA GLU O 183 41.89 23.38 -38.32
C GLU O 183 42.79 22.27 -37.83
N PHE O 184 42.18 21.31 -37.13
CA PHE O 184 42.92 20.19 -36.58
C PHE O 184 43.54 19.38 -37.72
N LYS O 185 44.81 19.61 -37.98
CA LYS O 185 45.52 18.91 -39.04
C LYS O 185 45.57 17.40 -38.83
N LEU O 186 45.47 16.66 -39.94
CA LEU O 186 45.52 15.21 -39.89
C LEU O 186 46.63 14.67 -40.77
N VAL O 187 47.41 13.74 -40.22
CA VAL O 187 48.51 13.12 -40.95
C VAL O 187 48.26 11.62 -40.97
N THR O 188 48.12 11.06 -42.16
CA THR O 188 47.81 9.63 -42.32
C THR O 188 48.84 8.77 -43.03
N PRO O 189 49.31 7.73 -42.33
CA PRO O 189 50.29 6.80 -42.88
C PRO O 189 49.46 5.57 -43.27
N GLY O 190 50.12 4.46 -43.57
CA GLY O 190 49.38 3.26 -43.94
C GLY O 190 48.66 3.53 -45.26
N ILE O 191 49.43 4.01 -46.21
CA ILE O 191 48.94 4.37 -47.53
C ILE O 191 49.46 3.41 -48.59
N ARG O 192 48.62 2.46 -48.97
CA ARG O 192 48.98 1.46 -49.97
C ARG O 192 48.21 1.72 -51.27
N PRO O 193 48.93 2.07 -52.34
CA PRO O 193 48.30 2.34 -53.64
C PRO O 193 48.05 1.04 -54.43
N GLN O 194 46.82 0.52 -54.32
CA GLN O 194 46.34 -0.71 -54.98
C GLN O 194 47.37 -1.70 -55.53
N GLY O 195 47.22 -2.97 -55.17
CA GLY O 195 48.15 -3.98 -55.65
C GLY O 195 49.52 -3.67 -55.08
N SER O 196 49.50 -3.23 -53.83
CA SER O 196 50.71 -2.87 -53.08
C SER O 196 50.69 -3.69 -51.79
N GLU O 197 51.80 -4.35 -51.51
CA GLU O 197 51.93 -5.18 -50.32
C GLU O 197 51.63 -4.35 -49.06
N ALA O 198 50.77 -4.88 -48.20
CA ALA O 198 50.40 -4.19 -46.96
C ALA O 198 51.42 -4.44 -45.85
N GLY O 199 51.66 -5.71 -45.55
CA GLY O 199 52.60 -6.06 -44.50
C GLY O 199 51.94 -5.94 -43.14
N ASP O 200 52.65 -5.32 -42.20
CA ASP O 200 52.13 -5.14 -40.86
C ASP O 200 51.05 -4.06 -40.82
N GLN O 201 50.90 -3.36 -41.94
CA GLN O 201 49.92 -2.31 -42.07
C GLN O 201 48.52 -2.90 -42.03
N ARG O 202 47.55 -2.14 -41.52
CA ARG O 202 46.16 -2.62 -41.46
C ARG O 202 45.13 -1.60 -41.96
N ARG O 203 44.79 -0.60 -41.15
CA ARG O 203 43.83 0.43 -41.57
C ARG O 203 44.41 1.21 -42.76
N ILE O 204 44.43 0.57 -43.93
CA ILE O 204 44.97 1.15 -45.15
C ILE O 204 44.00 1.96 -45.99
N MSE O 205 44.53 2.54 -47.06
CA MSE O 205 43.78 3.36 -47.99
C MSE O 205 44.78 3.76 -49.08
O MSE O 205 45.99 3.69 -48.86
CB MSE O 205 43.22 4.58 -47.30
CG MSE O 205 42.13 5.30 -48.05
SE MSE O 205 40.67 5.73 -46.87
CE MSE O 205 40.02 3.92 -46.56
N THR O 206 44.29 4.19 -50.23
CA THR O 206 45.20 4.58 -51.30
C THR O 206 45.35 6.07 -51.32
N PRO O 207 46.43 6.57 -51.94
CA PRO O 207 46.67 8.00 -52.03
C PRO O 207 45.38 8.72 -52.37
N GLU O 208 44.72 8.21 -53.40
CA GLU O 208 43.46 8.77 -53.88
C GLU O 208 42.45 8.90 -52.74
N GLN O 209 41.84 7.78 -52.37
CA GLN O 209 40.84 7.78 -51.31
C GLN O 209 41.30 8.49 -50.04
N ALA O 210 42.61 8.62 -49.86
CA ALA O 210 43.15 9.31 -48.69
C ALA O 210 42.85 10.79 -48.88
N LEU O 211 43.35 11.34 -49.98
CA LEU O 211 43.12 12.75 -50.30
C LEU O 211 41.63 13.05 -50.24
N SER O 212 40.82 12.01 -50.42
CA SER O 212 39.38 12.13 -50.40
C SER O 212 38.83 12.49 -49.03
N ALA O 213 39.19 11.71 -48.02
CA ALA O 213 38.71 11.95 -46.65
C ALA O 213 39.07 13.34 -46.11
N GLY O 214 40.10 13.95 -46.69
CA GLY O 214 40.49 15.28 -46.28
C GLY O 214 41.80 15.38 -45.52
N VAL O 215 42.56 14.28 -45.50
CA VAL O 215 43.83 14.25 -44.80
C VAL O 215 44.74 15.39 -45.26
N ASP O 216 45.40 16.03 -44.31
CA ASP O 216 46.31 17.15 -44.60
C ASP O 216 47.61 16.65 -45.21
N TYR O 217 48.15 15.58 -44.67
CA TYR O 217 49.38 15.02 -45.20
C TYR O 217 49.27 13.51 -45.09
N MSE O 218 50.02 12.81 -45.94
CA MSE O 218 50.00 11.36 -45.93
C MSE O 218 51.43 10.82 -45.98
O MSE O 218 52.32 11.40 -46.61
CB MSE O 218 49.18 10.86 -47.10
CG MSE O 218 49.59 11.45 -48.46
SE MSE O 218 48.41 10.94 -49.93
CE MSE O 218 49.14 9.20 -50.24
N VAL O 219 51.64 9.70 -45.30
CA VAL O 219 52.96 9.12 -45.24
C VAL O 219 53.07 7.88 -46.10
N ILE O 220 53.87 7.98 -47.15
CA ILE O 220 54.07 6.83 -47.99
C ILE O 220 55.46 6.31 -47.67
N GLY O 221 55.51 5.06 -47.22
CA GLY O 221 56.76 4.45 -46.88
C GLY O 221 57.36 3.59 -47.97
N ARG O 222 57.14 2.29 -47.85
CA ARG O 222 57.69 1.33 -48.80
C ARG O 222 57.21 1.44 -50.27
N PRO O 223 55.90 1.66 -50.49
CA PRO O 223 55.39 1.79 -51.85
C PRO O 223 56.35 2.58 -52.72
N VAL O 224 56.91 3.64 -52.15
CA VAL O 224 57.85 4.48 -52.88
C VAL O 224 59.30 4.04 -52.75
N THR O 225 59.67 3.54 -51.58
CA THR O 225 61.04 3.13 -51.35
C THR O 225 61.39 1.70 -51.73
N GLN O 226 60.39 0.83 -51.74
CA GLN O 226 60.61 -0.57 -52.10
C GLN O 226 60.08 -0.86 -53.50
N SER O 227 60.30 0.09 -54.40
CA SER O 227 59.87 -0.04 -55.77
C SER O 227 61.00 0.44 -56.65
N VAL O 228 61.38 -0.37 -57.64
CA VAL O 228 62.44 -0.01 -58.55
C VAL O 228 62.17 1.42 -59.02
N ASP O 229 63.23 2.19 -59.21
CA ASP O 229 63.09 3.59 -59.61
C ASP O 229 61.94 4.23 -58.80
N PRO O 230 62.22 4.56 -57.53
CA PRO O 230 61.26 5.18 -56.61
C PRO O 230 60.93 6.62 -57.01
N ALA O 231 61.96 7.37 -57.40
CA ALA O 231 61.79 8.77 -57.82
C ALA O 231 60.60 8.83 -58.74
N GLN O 232 60.54 7.84 -59.63
CA GLN O 232 59.46 7.72 -60.60
C GLN O 232 58.12 7.57 -59.88
N THR O 233 58.03 6.53 -59.05
CA THR O 233 56.81 6.25 -58.31
C THR O 233 56.29 7.46 -57.54
N LEU O 234 57.19 8.37 -57.15
CA LEU O 234 56.76 9.56 -56.43
C LEU O 234 56.02 10.45 -57.41
N LYS O 235 56.67 10.82 -58.51
CA LYS O 235 56.06 11.66 -59.53
C LYS O 235 54.71 11.06 -59.91
N ALA O 236 54.69 9.74 -60.01
CA ALA O 236 53.47 9.02 -60.33
C ALA O 236 52.41 9.40 -59.31
N ILE O 237 52.59 8.93 -58.08
CA ILE O 237 51.65 9.16 -56.99
C ILE O 237 51.20 10.61 -56.87
N ASN O 238 52.08 11.54 -57.26
CA ASN O 238 51.75 12.96 -57.21
C ASN O 238 50.66 13.25 -58.21
N ALA O 239 51.01 13.07 -59.48
CA ALA O 239 50.05 13.28 -60.56
C ALA O 239 48.76 12.57 -60.17
N SER O 240 48.89 11.31 -59.76
CA SER O 240 47.76 10.50 -59.35
C SER O 240 46.82 11.30 -58.45
N LEU O 241 47.43 12.18 -57.65
CA LEU O 241 46.69 13.02 -56.71
C LEU O 241 46.38 14.40 -57.29
N GLN O 242 45.85 14.44 -58.50
CA GLN O 242 45.52 15.71 -59.13
C GLN O 242 44.32 15.57 -60.03
N VAL P 12 82.34 -4.34 -15.59
CA VAL P 12 81.10 -4.65 -14.83
C VAL P 12 81.00 -3.95 -13.46
N THR P 13 79.79 -3.54 -13.11
CA THR P 13 79.52 -2.86 -11.86
C THR P 13 78.65 -3.80 -11.03
N ASN P 14 78.28 -3.37 -9.83
CA ASN P 14 77.46 -4.20 -8.95
C ASN P 14 76.20 -3.48 -8.52
N SER P 15 76.25 -2.16 -8.54
CA SER P 15 75.11 -1.36 -8.15
C SER P 15 73.95 -1.58 -9.11
N PRO P 16 72.74 -1.67 -8.57
CA PRO P 16 71.54 -1.89 -9.38
C PRO P 16 71.15 -0.51 -9.92
N VAL P 17 72.09 0.41 -9.84
CA VAL P 17 71.85 1.78 -10.24
C VAL P 17 72.26 2.20 -11.63
N VAL P 18 71.28 2.81 -12.29
CA VAL P 18 71.44 3.34 -13.61
C VAL P 18 71.04 4.79 -13.41
N VAL P 19 71.96 5.70 -13.71
CA VAL P 19 71.67 7.11 -13.55
C VAL P 19 71.18 7.67 -14.87
N ALA P 20 70.01 8.31 -14.81
CA ALA P 20 69.43 8.92 -15.98
C ALA P 20 70.18 10.20 -16.35
N LEU P 21 70.97 10.15 -17.41
CA LEU P 21 71.72 11.31 -17.88
C LEU P 21 70.79 12.22 -18.71
N ASP P 22 69.98 13.06 -18.08
CA ASP P 22 69.08 13.94 -18.81
C ASP P 22 69.51 15.41 -18.86
N TYR P 23 70.73 15.65 -19.33
CA TYR P 23 71.30 17.01 -19.45
C TYR P 23 71.01 17.62 -20.83
N HIS P 24 70.88 18.94 -20.88
CA HIS P 24 70.63 19.64 -22.14
C HIS P 24 71.96 20.17 -22.67
N ASN P 25 73.05 19.67 -22.10
CA ASN P 25 74.39 20.10 -22.50
C ASN P 25 75.38 18.93 -22.39
N ARG P 26 76.13 18.71 -23.44
CA ARG P 26 77.08 17.61 -23.46
C ARG P 26 78.16 17.68 -22.38
N ASP P 27 78.78 18.86 -22.25
CA ASP P 27 79.85 19.05 -21.25
C ASP P 27 79.29 18.85 -19.85
N ASP P 28 78.23 19.59 -19.54
CA ASP P 28 77.56 19.52 -18.27
C ASP P 28 77.50 18.04 -17.88
N ALA P 29 77.04 17.21 -18.81
CA ALA P 29 76.91 15.79 -18.55
C ALA P 29 78.24 15.08 -18.46
N LEU P 30 79.11 15.29 -19.44
CA LEU P 30 80.40 14.64 -19.40
C LEU P 30 81.16 14.96 -18.12
N ALA P 31 80.83 16.11 -17.53
CA ALA P 31 81.46 16.52 -16.27
C ALA P 31 81.15 15.42 -15.28
N PHE P 32 79.87 15.30 -14.94
CA PHE P 32 79.40 14.29 -14.01
C PHE P 32 80.03 12.93 -14.31
N VAL P 33 79.97 12.51 -15.56
CA VAL P 33 80.48 11.19 -15.91
C VAL P 33 81.92 10.95 -15.46
N ASP P 34 82.82 11.89 -15.77
CA ASP P 34 84.22 11.76 -15.38
C ASP P 34 84.40 11.64 -13.86
N LYS P 35 83.53 12.29 -13.10
CA LYS P 35 83.59 12.24 -11.66
C LYS P 35 83.32 10.82 -11.14
N ILE P 36 82.50 10.06 -11.87
CA ILE P 36 82.20 8.69 -11.45
C ILE P 36 83.00 7.64 -12.24
N ASP P 37 82.68 6.37 -12.02
CA ASP P 37 83.36 5.26 -12.70
C ASP P 37 82.41 4.06 -12.80
N PRO P 38 82.45 3.35 -13.95
CA PRO P 38 81.61 2.17 -14.21
C PRO P 38 81.19 1.41 -12.97
N ARG P 39 82.20 0.91 -12.25
CA ARG P 39 82.01 0.15 -11.02
C ARG P 39 80.90 0.75 -10.13
N ASP P 40 80.72 2.06 -10.21
CA ASP P 40 79.72 2.77 -9.42
C ASP P 40 78.28 2.62 -9.91
N CYS P 41 78.08 2.68 -11.22
CA CYS P 41 76.74 2.56 -11.79
C CYS P 41 76.75 2.44 -13.31
N ARG P 42 75.54 2.31 -13.88
CA ARG P 42 75.36 2.23 -15.32
C ARG P 42 74.69 3.54 -15.78
N LEU P 43 74.90 3.91 -17.04
CA LEU P 43 74.31 5.13 -17.55
C LEU P 43 73.10 4.87 -18.47
N LYS P 44 72.13 5.77 -18.45
CA LYS P 44 70.94 5.64 -19.28
C LYS P 44 70.70 6.88 -20.15
N VAL P 45 70.97 6.76 -21.46
CA VAL P 45 70.72 7.87 -22.39
C VAL P 45 69.28 7.75 -22.88
N GLY P 46 68.58 8.87 -22.99
CA GLY P 46 67.19 8.83 -23.40
C GLY P 46 66.78 9.83 -24.45
N LYS P 47 65.47 10.02 -24.59
CA LYS P 47 64.99 10.93 -25.61
C LYS P 47 65.68 12.27 -25.68
N GLU P 48 65.71 13.01 -24.58
CA GLU P 48 66.35 14.31 -24.58
C GLU P 48 67.78 14.30 -25.11
N MSE P 49 68.67 13.65 -24.39
CA MSE P 49 70.05 13.64 -24.81
C MSE P 49 70.33 12.98 -26.13
O MSE P 49 71.29 13.36 -26.80
CB MSE P 49 70.93 13.02 -23.73
CG MSE P 49 71.18 13.95 -22.55
SE MSE P 49 72.80 13.53 -21.59
CE MSE P 49 74.07 14.55 -22.67
N PHE P 50 69.50 12.01 -26.53
CA PHE P 50 69.74 11.36 -27.82
C PHE P 50 69.32 12.28 -28.96
N THR P 51 68.19 12.96 -28.79
CA THR P 51 67.71 13.86 -29.82
C THR P 51 68.73 14.97 -30.04
N LEU P 52 69.63 15.14 -29.08
CA LEU P 52 70.63 16.20 -29.15
C LEU P 52 71.99 15.76 -29.64
N PHE P 53 72.44 14.58 -29.23
CA PHE P 53 73.77 14.18 -29.64
C PHE P 53 73.88 12.84 -30.35
N GLY P 54 72.73 12.25 -30.63
CA GLY P 54 72.69 10.98 -31.35
C GLY P 54 73.49 9.84 -30.76
N PRO P 55 73.70 8.77 -31.54
CA PRO P 55 74.46 7.61 -31.04
C PRO P 55 75.93 7.95 -30.85
N GLN P 56 76.35 9.09 -31.39
CA GLN P 56 77.74 9.49 -31.27
C GLN P 56 78.10 9.60 -29.77
N PHE P 57 77.23 10.29 -29.03
CA PHE P 57 77.39 10.48 -27.60
C PHE P 57 77.35 9.14 -26.88
N VAL P 58 76.61 8.18 -27.41
CA VAL P 58 76.55 6.88 -26.77
C VAL P 58 77.89 6.19 -26.90
N ARG P 59 78.58 6.45 -28.01
CA ARG P 59 79.87 5.83 -28.22
C ARG P 59 80.88 6.37 -27.22
N GLU P 60 80.79 7.67 -26.95
CA GLU P 60 81.67 8.31 -25.99
C GLU P 60 81.51 7.69 -24.61
N LEU P 61 80.27 7.55 -24.14
CA LEU P 61 80.03 6.98 -22.83
C LEU P 61 80.54 5.54 -22.79
N GLN P 62 80.49 4.87 -23.94
CA GLN P 62 80.96 3.49 -24.00
C GLN P 62 82.47 3.45 -24.08
N GLN P 63 83.06 4.47 -24.70
CA GLN P 63 84.51 4.58 -24.84
C GLN P 63 85.10 4.65 -23.42
N ARG P 64 84.34 5.25 -22.51
CA ARG P 64 84.76 5.37 -21.13
C ARG P 64 84.46 4.08 -20.35
N GLY P 65 83.92 3.07 -21.03
CA GLY P 65 83.66 1.80 -20.36
C GLY P 65 82.30 1.48 -19.74
N PHE P 66 81.43 2.47 -19.58
CA PHE P 66 80.12 2.20 -18.97
C PHE P 66 79.16 1.40 -19.85
N ASP P 67 78.15 0.84 -19.21
CA ASP P 67 77.10 0.09 -19.88
C ASP P 67 76.00 1.09 -20.13
N ILE P 68 75.57 1.25 -21.38
CA ILE P 68 74.51 2.20 -21.66
C ILE P 68 73.18 1.52 -21.86
N PHE P 69 72.14 2.21 -21.43
CA PHE P 69 70.76 1.77 -21.56
C PHE P 69 70.12 2.81 -22.46
N LEU P 70 69.95 2.47 -23.73
CA LEU P 70 69.36 3.39 -24.68
C LEU P 70 67.87 3.37 -24.40
N ASP P 71 67.38 4.47 -23.83
CA ASP P 71 65.98 4.58 -23.43
C ASP P 71 65.22 5.47 -24.40
N LEU P 72 64.76 4.85 -25.47
CA LEU P 72 64.02 5.53 -26.52
C LEU P 72 62.59 5.05 -26.59
N LYS P 73 62.26 4.07 -25.76
CA LYS P 73 60.90 3.50 -25.69
C LYS P 73 60.20 3.43 -27.02
N PHE P 74 60.79 2.69 -27.95
CA PHE P 74 60.23 2.50 -29.27
C PHE P 74 58.75 2.10 -29.13
N HIS P 75 57.90 2.71 -29.94
CA HIS P 75 56.45 2.46 -29.91
C HIS P 75 55.95 2.82 -31.31
N ASP P 76 56.17 1.91 -32.26
CA ASP P 76 55.81 2.13 -33.66
C ASP P 76 55.14 0.90 -34.27
N ILE P 77 55.09 0.86 -35.60
CA ILE P 77 54.53 -0.29 -36.29
C ILE P 77 55.60 -1.38 -36.17
N PRO P 78 55.16 -2.65 -36.13
CA PRO P 78 56.10 -3.77 -36.00
C PRO P 78 57.38 -3.62 -36.83
N ASN P 79 57.21 -3.26 -38.10
CA ASN P 79 58.38 -3.13 -38.96
C ASN P 79 59.38 -2.15 -38.38
N THR P 80 58.93 -0.93 -38.08
CA THR P 80 59.82 0.10 -37.53
C THR P 80 60.51 -0.37 -36.25
N ALA P 81 59.71 -0.90 -35.34
CA ALA P 81 60.21 -1.38 -34.07
C ALA P 81 61.42 -2.26 -34.25
N ALA P 82 61.23 -3.34 -35.00
CA ALA P 82 62.31 -4.30 -35.24
C ALA P 82 63.55 -3.62 -35.84
N HIS P 83 63.36 -2.73 -36.79
CA HIS P 83 64.51 -2.08 -37.40
C HIS P 83 65.22 -1.24 -36.38
N ALA P 84 64.43 -0.52 -35.60
CA ALA P 84 64.97 0.35 -34.57
C ALA P 84 65.78 -0.46 -33.58
N VAL P 85 65.17 -1.51 -33.03
CA VAL P 85 65.85 -2.35 -32.06
C VAL P 85 67.18 -2.81 -32.57
N ALA P 86 67.22 -3.26 -33.81
CA ALA P 86 68.47 -3.72 -34.38
C ALA P 86 69.49 -2.60 -34.53
N ALA P 87 69.03 -1.39 -34.81
CA ALA P 87 69.96 -0.26 -34.95
C ALA P 87 70.64 -0.06 -33.61
N ALA P 88 69.90 -0.37 -32.55
CA ALA P 88 70.43 -0.24 -31.20
C ALA P 88 71.42 -1.38 -31.00
N ALA P 89 71.04 -2.59 -31.41
CA ALA P 89 71.92 -3.74 -31.29
C ALA P 89 73.23 -3.45 -32.02
N ASP P 90 73.18 -2.60 -33.04
CA ASP P 90 74.39 -2.22 -33.78
C ASP P 90 75.27 -1.27 -32.96
N LEU P 91 74.63 -0.35 -32.23
CA LEU P 91 75.34 0.62 -31.39
C LEU P 91 76.15 -0.09 -30.32
N GLY P 92 75.69 -1.30 -29.96
CA GLY P 92 76.37 -2.10 -28.95
C GLY P 92 75.84 -1.91 -27.54
N VAL P 93 74.82 -1.07 -27.40
CA VAL P 93 74.23 -0.79 -26.10
C VAL P 93 73.92 -2.05 -25.32
N TRP P 94 73.98 -1.88 -24.01
CA TRP P 94 73.77 -2.92 -23.01
C TRP P 94 72.30 -3.35 -22.91
N MSE P 95 71.40 -2.37 -22.94
CA MSE P 95 69.97 -2.59 -22.82
C MSE P 95 69.19 -1.58 -23.65
O MSE P 95 69.60 -0.42 -23.77
CB MSE P 95 69.58 -2.48 -21.34
CG MSE P 95 68.12 -2.17 -21.06
SE MSE P 95 67.59 -2.37 -19.19
CE MSE P 95 68.34 -0.77 -18.49
N VAL P 96 68.09 -2.03 -24.24
CA VAL P 96 67.27 -1.17 -25.08
C VAL P 96 65.79 -1.26 -24.71
N ASN P 97 65.10 -0.14 -24.93
CA ASN P 97 63.71 0.09 -24.61
C ASN P 97 62.64 -0.12 -25.69
N VAL P 98 61.45 -0.50 -25.25
CA VAL P 98 60.30 -0.70 -26.12
C VAL P 98 59.02 -0.55 -25.27
N HIS P 99 57.94 -0.01 -25.85
CA HIS P 99 56.68 0.19 -25.12
C HIS P 99 55.76 -1.03 -25.22
N ALA P 100 55.38 -1.64 -24.10
CA ALA P 100 54.48 -2.79 -24.15
C ALA P 100 53.13 -2.44 -24.78
N SER P 101 52.66 -1.22 -24.54
CA SER P 101 51.39 -0.73 -25.08
C SER P 101 51.38 -0.80 -26.60
N GLY P 102 52.50 -1.20 -27.18
CA GLY P 102 52.62 -1.28 -28.63
C GLY P 102 52.14 -2.59 -29.22
N GLY P 103 51.73 -3.51 -28.36
CA GLY P 103 51.21 -4.78 -28.83
C GLY P 103 52.16 -5.95 -28.98
N ALA P 104 51.56 -7.13 -28.99
CA ALA P 104 52.29 -8.39 -29.11
C ALA P 104 53.06 -8.51 -30.40
N ARG P 105 52.36 -8.27 -31.51
CA ARG P 105 53.00 -8.37 -32.81
C ARG P 105 54.28 -7.56 -32.82
N MSE P 106 54.16 -6.29 -32.42
CA MSE P 106 55.31 -5.41 -32.39
C MSE P 106 56.44 -5.95 -31.53
O MSE P 106 57.59 -6.02 -31.96
CB MSE P 106 54.92 -4.04 -31.87
CG MSE P 106 56.10 -3.08 -31.89
SE MSE P 106 55.85 -1.58 -30.74
CE MSE P 106 56.47 -2.40 -29.14
N MSE P 107 56.12 -6.33 -30.30
CA MSE P 107 57.14 -6.85 -29.41
C MSE P 107 57.83 -8.05 -30.01
O MSE P 107 59.07 -8.09 -30.09
CB MSE P 107 56.53 -7.23 -28.05
CG MSE P 107 56.18 -6.01 -27.20
SE MSE P 107 56.00 -6.36 -25.32
CE MSE P 107 54.07 -6.36 -25.23
N THR P 108 57.05 -9.03 -30.47
CA THR P 108 57.63 -10.23 -31.05
C THR P 108 58.53 -9.82 -32.21
N ALA P 109 58.10 -8.82 -32.96
CA ALA P 109 58.91 -8.34 -34.07
C ALA P 109 60.28 -7.90 -33.56
N ALA P 110 60.28 -7.14 -32.48
CA ALA P 110 61.52 -6.64 -31.89
C ALA P 110 62.41 -7.80 -31.46
N ARG P 111 61.84 -8.73 -30.69
CA ARG P 111 62.61 -9.87 -30.22
C ARG P 111 63.37 -10.51 -31.35
N GLU P 112 62.64 -10.91 -32.37
CA GLU P 112 63.22 -11.55 -33.53
C GLU P 112 64.35 -10.73 -34.16
N ALA P 113 64.14 -9.43 -34.32
CA ALA P 113 65.16 -8.58 -34.91
C ALA P 113 66.51 -8.72 -34.21
N LEU P 114 66.51 -9.29 -33.00
CA LEU P 114 67.75 -9.44 -32.23
C LEU P 114 68.46 -10.77 -32.35
N VAL P 115 67.72 -11.83 -32.70
CA VAL P 115 68.31 -13.16 -32.85
C VAL P 115 69.62 -13.09 -33.67
N PRO P 116 69.66 -12.26 -34.71
CA PRO P 116 70.86 -12.11 -35.56
C PRO P 116 72.12 -11.66 -34.80
N PHE P 117 71.95 -11.08 -33.61
CA PHE P 117 73.10 -10.61 -32.84
C PHE P 117 73.45 -11.57 -31.71
N GLY P 118 72.56 -12.52 -31.47
CA GLY P 118 72.75 -13.55 -30.46
C GLY P 118 73.19 -13.15 -29.07
N LYS P 119 74.41 -13.53 -28.71
CA LYS P 119 74.97 -13.24 -27.39
C LYS P 119 75.30 -11.76 -27.22
N ASP P 120 75.48 -11.05 -28.33
CA ASP P 120 75.79 -9.62 -28.28
C ASP P 120 74.55 -8.74 -28.27
N ALA P 121 73.39 -9.38 -28.21
CA ALA P 121 72.13 -8.65 -28.21
C ALA P 121 71.91 -7.90 -26.91
N PRO P 122 71.43 -6.66 -27.01
CA PRO P 122 71.18 -5.93 -25.77
C PRO P 122 69.98 -6.54 -25.09
N LEU P 123 69.70 -6.10 -23.87
CA LEU P 123 68.56 -6.62 -23.15
C LEU P 123 67.34 -5.92 -23.67
N LEU P 124 66.31 -6.71 -23.97
CA LEU P 124 65.09 -6.14 -24.49
C LEU P 124 64.04 -6.08 -23.40
N ILE P 125 63.64 -4.86 -23.06
CA ILE P 125 62.67 -4.65 -22.02
C ILE P 125 61.58 -3.72 -22.50
N ALA P 126 60.36 -3.96 -22.01
CA ALA P 126 59.23 -3.14 -22.41
C ALA P 126 58.69 -2.30 -21.25
N VAL P 127 58.38 -1.05 -21.57
CA VAL P 127 57.84 -0.14 -20.58
C VAL P 127 56.37 -0.44 -20.42
N THR P 128 55.92 -0.67 -19.19
CA THR P 128 54.51 -0.94 -18.96
C THR P 128 53.77 0.38 -18.84
N VAL P 129 53.47 0.80 -17.61
CA VAL P 129 52.78 2.07 -17.38
C VAL P 129 53.86 3.01 -16.88
N LEU P 130 53.90 4.24 -17.40
CA LEU P 130 54.93 5.18 -16.97
C LEU P 130 54.77 5.57 -15.51
N THR P 131 55.89 5.58 -14.78
CA THR P 131 55.88 5.92 -13.36
C THR P 131 55.24 7.27 -13.07
N SER P 132 55.18 8.14 -14.06
CA SER P 132 54.58 9.44 -13.82
C SER P 132 53.06 9.42 -13.90
N MSE P 133 52.47 8.23 -13.86
CA MSE P 133 51.02 8.16 -13.97
C MSE P 133 50.27 7.52 -12.82
O MSE P 133 50.77 6.63 -12.13
CB MSE P 133 50.62 7.44 -15.26
CG MSE P 133 51.03 8.18 -16.52
SE MSE P 133 50.29 7.37 -18.11
CE MSE P 133 51.59 5.95 -18.41
N GLU P 134 49.04 8.00 -12.63
CA GLU P 134 48.11 7.53 -11.60
C GLU P 134 46.80 7.20 -12.33
N ALA P 135 45.91 6.47 -11.67
CA ALA P 135 44.64 6.11 -12.29
C ALA P 135 43.93 7.35 -12.81
N SER P 136 44.22 8.48 -12.19
CA SER P 136 43.60 9.73 -12.60
C SER P 136 44.05 10.15 -13.99
N ASP P 137 45.24 9.71 -14.41
CA ASP P 137 45.76 10.05 -15.73
C ASP P 137 45.27 9.04 -16.76
N LEU P 138 45.27 7.76 -16.37
CA LEU P 138 44.81 6.69 -17.25
C LEU P 138 43.34 6.90 -17.50
N VAL P 139 42.68 7.65 -16.63
CA VAL P 139 41.26 7.90 -16.79
C VAL P 139 40.97 8.78 -18.00
N ASP P 140 41.83 9.76 -18.27
CA ASP P 140 41.60 10.64 -19.42
C ASP P 140 41.54 9.81 -20.70
N LEU P 141 42.08 8.60 -20.63
CA LEU P 141 42.05 7.67 -21.77
C LEU P 141 40.94 6.71 -21.34
N GLY P 142 40.43 5.89 -22.26
CA GLY P 142 39.37 4.97 -21.88
C GLY P 142 39.82 3.88 -20.90
N MSE P 143 40.62 4.27 -19.91
CA MSE P 143 41.13 3.33 -18.91
C MSE P 143 40.40 3.38 -17.57
O MSE P 143 40.44 4.38 -16.86
CB MSE P 143 42.62 3.62 -18.67
CG MSE P 143 43.37 2.54 -17.92
SE MSE P 143 43.71 1.00 -19.06
CE MSE P 143 44.86 1.89 -20.35
N THR P 144 39.76 2.27 -17.22
CA THR P 144 39.04 2.16 -15.96
C THR P 144 39.89 1.42 -14.94
N LEU P 145 40.85 0.64 -15.45
CA LEU P 145 41.77 -0.15 -14.63
C LEU P 145 42.50 0.72 -13.61
N SER P 146 43.76 0.40 -13.34
CA SER P 146 44.54 1.18 -12.39
C SER P 146 46.00 0.96 -12.71
N PRO P 147 46.87 1.86 -12.24
CA PRO P 147 48.29 1.69 -12.53
C PRO P 147 48.69 0.23 -12.35
N ALA P 148 48.99 -0.14 -11.11
CA ALA P 148 49.41 -1.51 -10.81
C ALA P 148 48.68 -2.57 -11.63
N ASP P 149 47.35 -2.49 -11.71
CA ASP P 149 46.60 -3.48 -12.47
C ASP P 149 47.12 -3.55 -13.90
N TYR P 150 46.85 -2.48 -14.64
CA TYR P 150 47.24 -2.35 -16.03
C TYR P 150 48.68 -2.75 -16.31
N ALA P 151 49.61 -2.13 -15.61
CA ALA P 151 51.01 -2.45 -15.80
C ALA P 151 51.20 -3.96 -15.81
N GLU P 152 50.52 -4.66 -14.92
CA GLU P 152 50.64 -6.11 -14.85
C GLU P 152 50.19 -6.80 -16.14
N ARG P 153 49.06 -6.38 -16.69
CA ARG P 153 48.60 -7.00 -17.94
C ARG P 153 49.68 -6.85 -19.00
N LEU P 154 50.17 -5.63 -19.18
CA LEU P 154 51.24 -5.37 -20.14
C LEU P 154 52.42 -6.29 -19.85
N ALA P 155 52.85 -6.30 -18.59
CA ALA P 155 53.96 -7.12 -18.18
C ALA P 155 53.77 -8.56 -18.59
N ALA P 156 52.56 -9.06 -18.43
CA ALA P 156 52.25 -10.46 -18.78
C ALA P 156 52.46 -10.69 -20.27
N LEU P 157 51.91 -9.78 -21.07
CA LEU P 157 52.02 -9.86 -22.52
C LEU P 157 53.49 -9.79 -22.92
N THR P 158 54.25 -8.99 -22.18
CA THR P 158 55.68 -8.83 -22.43
C THR P 158 56.42 -10.13 -22.15
N GLN P 159 56.00 -10.80 -21.09
CA GLN P 159 56.56 -12.08 -20.67
C GLN P 159 56.35 -13.03 -21.84
N LYS P 160 55.09 -13.23 -22.19
CA LYS P 160 54.71 -14.13 -23.27
C LYS P 160 55.50 -13.97 -24.55
N CYS P 161 55.74 -12.73 -24.96
CA CYS P 161 56.49 -12.49 -26.19
C CYS P 161 57.97 -12.85 -26.13
N GLY P 162 58.46 -13.19 -24.94
CA GLY P 162 59.85 -13.58 -24.79
C GLY P 162 60.86 -12.50 -24.48
N LEU P 163 60.39 -11.33 -24.09
CA LEU P 163 61.30 -10.24 -23.75
C LEU P 163 61.98 -10.59 -22.41
N ASP P 164 63.13 -9.97 -22.17
CA ASP P 164 63.92 -10.22 -20.96
C ASP P 164 63.36 -9.60 -19.68
N GLY P 165 62.76 -8.41 -19.79
CA GLY P 165 62.23 -7.76 -18.62
C GLY P 165 61.15 -6.75 -18.93
N VAL P 166 60.78 -5.97 -17.92
CA VAL P 166 59.75 -4.95 -18.06
C VAL P 166 60.17 -3.70 -17.29
N VAL P 167 59.52 -2.57 -17.55
CA VAL P 167 59.83 -1.36 -16.80
C VAL P 167 58.57 -0.93 -16.09
N CYS P 168 58.71 -0.69 -14.79
CA CYS P 168 57.58 -0.28 -13.96
C CYS P 168 58.02 0.44 -12.70
N SER P 169 57.04 0.82 -11.89
CA SER P 169 57.32 1.49 -10.62
C SER P 169 57.77 0.41 -9.67
N ALA P 170 58.61 0.76 -8.70
CA ALA P 170 59.08 -0.24 -7.75
C ALA P 170 57.91 -0.70 -6.88
N GLN P 171 56.77 -0.01 -6.98
CA GLN P 171 55.58 -0.37 -6.20
C GLN P 171 54.81 -1.51 -6.82
N GLU P 172 55.46 -2.24 -7.72
CA GLU P 172 54.83 -3.38 -8.40
C GLU P 172 55.86 -4.50 -8.47
N ALA P 173 57.09 -4.16 -8.13
CA ALA P 173 58.22 -5.08 -8.17
C ALA P 173 58.03 -6.32 -7.29
N VAL P 174 56.96 -6.34 -6.52
CA VAL P 174 56.72 -7.48 -5.65
C VAL P 174 55.68 -8.38 -6.27
N ARG P 175 54.51 -7.81 -6.58
CA ARG P 175 53.45 -8.60 -7.19
C ARG P 175 53.98 -9.20 -8.49
N PHE P 176 54.86 -8.47 -9.17
CA PHE P 176 55.46 -8.91 -10.42
C PHE P 176 56.51 -9.98 -10.19
N LYS P 177 57.60 -9.60 -9.52
CA LYS P 177 58.70 -10.52 -9.22
C LYS P 177 58.07 -11.82 -8.74
N GLN P 178 56.89 -11.67 -8.13
CA GLN P 178 56.11 -12.79 -7.62
C GLN P 178 55.55 -13.58 -8.80
N VAL P 179 54.60 -12.98 -9.52
CA VAL P 179 53.95 -13.60 -10.67
C VAL P 179 54.83 -13.91 -11.87
N PHE P 180 56.03 -13.34 -11.93
CA PHE P 180 56.90 -13.58 -13.08
C PHE P 180 58.24 -14.23 -12.79
N GLY P 181 58.59 -14.33 -11.50
CA GLY P 181 59.84 -14.97 -11.13
C GLY P 181 61.09 -14.11 -11.20
N GLN P 182 62.15 -14.58 -10.53
CA GLN P 182 63.42 -13.87 -10.50
C GLN P 182 64.03 -13.74 -11.88
N GLU P 183 63.46 -14.46 -12.83
CA GLU P 183 63.95 -14.43 -14.20
C GLU P 183 63.58 -13.13 -14.90
N PHE P 184 62.29 -12.84 -14.90
CA PHE P 184 61.79 -11.62 -15.52
C PHE P 184 62.38 -10.40 -14.83
N LYS P 185 63.43 -9.83 -15.42
CA LYS P 185 64.08 -8.67 -14.86
C LYS P 185 63.17 -7.45 -14.75
N LEU P 186 63.34 -6.69 -13.67
CA LEU P 186 62.55 -5.49 -13.44
C LEU P 186 63.43 -4.26 -13.31
N VAL P 187 63.06 -3.19 -13.99
CA VAL P 187 63.81 -1.94 -13.93
C VAL P 187 62.84 -0.85 -13.47
N THR P 188 63.15 -0.24 -12.34
CA THR P 188 62.28 0.77 -11.74
C THR P 188 62.83 2.18 -11.62
N PRO P 189 62.13 3.15 -12.23
CA PRO P 189 62.53 4.55 -12.18
C PRO P 189 61.59 5.17 -11.15
N GLY P 190 61.55 6.50 -11.06
CA GLY P 190 60.67 7.13 -10.09
C GLY P 190 61.16 6.77 -8.69
N ILE P 191 62.46 7.01 -8.49
CA ILE P 191 63.13 6.72 -7.24
C ILE P 191 63.53 7.99 -6.53
N ARG P 192 62.73 8.37 -5.53
CA ARG P 192 62.98 9.58 -4.76
C ARG P 192 63.43 9.20 -3.35
N PRO P 193 64.68 9.53 -3.00
CA PRO P 193 65.21 9.23 -1.67
C PRO P 193 64.81 10.30 -0.64
N GLN P 194 63.73 10.02 0.10
CA GLN P 194 63.15 10.89 1.16
C GLN P 194 63.55 12.36 1.19
N GLY P 195 62.55 13.25 1.26
CA GLY P 195 62.82 14.67 1.28
C GLY P 195 63.47 15.05 -0.02
N SER P 196 62.98 14.43 -1.08
CA SER P 196 63.46 14.66 -2.45
C SER P 196 62.24 15.05 -3.29
N GLU P 197 62.38 16.14 -4.02
CA GLU P 197 61.31 16.65 -4.86
C GLU P 197 60.84 15.56 -5.84
N ALA P 198 59.53 15.35 -5.91
CA ALA P 198 58.96 14.34 -6.81
C ALA P 198 58.78 14.88 -8.22
N GLY P 199 58.04 15.97 -8.34
CA GLY P 199 57.80 16.57 -9.64
C GLY P 199 56.68 15.84 -10.35
N ASP P 200 56.89 15.53 -11.63
CA ASP P 200 55.89 14.84 -12.42
C ASP P 200 55.82 13.37 -12.03
N GLN P 201 56.77 12.94 -11.21
CA GLN P 201 56.84 11.57 -10.75
C GLN P 201 55.66 11.27 -9.84
N ARG P 202 55.20 10.02 -9.82
CA ARG P 202 54.07 9.64 -8.96
C ARG P 202 54.31 8.35 -8.16
N ARG P 203 54.18 7.18 -8.82
CA ARG P 203 54.42 5.91 -8.14
C ARG P 203 55.90 5.83 -7.70
N ILE P 204 56.23 6.59 -6.66
CA ILE P 204 57.59 6.66 -6.14
C ILE P 204 57.96 5.64 -5.06
N MSE P 205 59.21 5.67 -4.67
CA MSE P 205 59.76 4.79 -3.65
C MSE P 205 61.21 5.21 -3.48
O MSE P 205 61.77 5.90 -4.34
CB MSE P 205 59.69 3.34 -4.13
CG MSE P 205 59.88 2.33 -3.04
SE MSE P 205 58.55 0.93 -3.20
CE MSE P 205 56.99 1.98 -2.70
N THR P 206 61.83 4.83 -2.37
CA THR P 206 63.21 5.23 -2.15
C THR P 206 64.15 4.11 -2.52
N PRO P 207 65.42 4.43 -2.76
CA PRO P 207 66.40 3.41 -3.13
C PRO P 207 66.22 2.19 -2.25
N GLU P 208 66.16 2.44 -0.94
CA GLU P 208 66.00 1.39 0.05
C GLU P 208 64.79 0.51 -0.27
N GLN P 209 63.60 1.01 0.02
CA GLN P 209 62.38 0.24 -0.23
C GLN P 209 62.30 -0.34 -1.64
N ALA P 210 63.05 0.25 -2.58
CA ALA P 210 63.06 -0.25 -3.95
C ALA P 210 63.81 -1.57 -3.93
N LEU P 211 65.06 -1.53 -3.46
CA LEU P 211 65.87 -2.73 -3.37
C LEU P 211 65.11 -3.80 -2.61
N SER P 212 64.16 -3.36 -1.78
CA SER P 212 63.36 -4.28 -0.97
C SER P 212 62.43 -5.14 -1.80
N ALA P 213 61.62 -4.50 -2.66
CA ALA P 213 60.66 -5.23 -3.50
C ALA P 213 61.32 -6.28 -4.41
N GLY P 214 62.62 -6.09 -4.68
CA GLY P 214 63.34 -7.04 -5.50
C GLY P 214 63.73 -6.55 -6.88
N VAL P 215 63.56 -5.25 -7.13
CA VAL P 215 63.89 -4.66 -8.41
C VAL P 215 65.33 -4.99 -8.81
N ASP P 216 65.53 -5.35 -10.08
CA ASP P 216 66.84 -5.70 -10.60
C ASP P 216 67.71 -4.45 -10.78
N TYR P 217 67.12 -3.39 -11.31
CA TYR P 217 67.85 -2.15 -11.50
C TYR P 217 66.91 -1.02 -11.22
N MSE P 218 67.46 0.14 -10.85
CA MSE P 218 66.65 1.30 -10.55
C MSE P 218 67.23 2.53 -11.23
O MSE P 218 68.46 2.68 -11.38
CB MSE P 218 66.58 1.49 -9.04
CG MSE P 218 67.94 1.51 -8.34
SE MSE P 218 67.82 1.57 -6.39
CE MSE P 218 67.48 3.45 -6.22
N VAL P 219 66.35 3.42 -11.67
CA VAL P 219 66.78 4.61 -12.36
C VAL P 219 66.67 5.84 -11.51
N ILE P 220 67.82 6.42 -11.17
CA ILE P 220 67.79 7.63 -10.38
C ILE P 220 68.15 8.75 -11.34
N GLY P 221 67.23 9.70 -11.46
CA GLY P 221 67.44 10.81 -12.36
C GLY P 221 67.98 12.06 -11.67
N ARG P 222 67.06 12.97 -11.37
CA ARG P 222 67.41 14.23 -10.75
C ARG P 222 68.06 14.18 -9.34
N PRO P 223 67.52 13.33 -8.45
CA PRO P 223 68.08 13.21 -7.10
C PRO P 223 69.59 13.28 -7.15
N VAL P 224 70.18 12.61 -8.13
CA VAL P 224 71.63 12.59 -8.29
C VAL P 224 72.17 13.71 -9.15
N THR P 225 71.44 14.09 -10.17
CA THR P 225 71.89 15.13 -11.09
C THR P 225 71.54 16.56 -10.70
N GLN P 226 70.48 16.72 -9.92
CA GLN P 226 70.04 18.05 -9.49
C GLN P 226 70.39 18.27 -8.02
N SER P 227 71.57 17.80 -7.63
CA SER P 227 72.04 17.94 -6.27
C SER P 227 73.50 18.35 -6.35
N VAL P 228 73.86 19.40 -5.62
CA VAL P 228 75.23 19.89 -5.61
C VAL P 228 76.12 18.67 -5.37
N ASP P 229 77.29 18.66 -5.99
CA ASP P 229 78.21 17.53 -5.90
C ASP P 229 77.41 16.23 -5.97
N PRO P 230 77.00 15.85 -7.20
CA PRO P 230 76.23 14.64 -7.49
C PRO P 230 77.06 13.37 -7.28
N ALA P 231 78.31 13.41 -7.74
CA ALA P 231 79.22 12.27 -7.59
C ALA P 231 79.10 11.75 -6.18
N GLN P 232 79.02 12.69 -5.24
CA GLN P 232 78.90 12.38 -3.83
C GLN P 232 77.59 11.64 -3.58
N THR P 233 76.49 12.25 -3.97
CA THR P 233 75.17 11.67 -3.78
C THR P 233 75.07 10.24 -4.32
N LEU P 234 75.87 9.93 -5.33
CA LEU P 234 75.85 8.58 -5.90
C LEU P 234 76.47 7.64 -4.88
N LYS P 235 77.71 7.93 -4.47
CA LYS P 235 78.41 7.10 -3.47
C LYS P 235 77.50 6.93 -2.26
N ALA P 236 76.81 8.00 -1.91
CA ALA P 236 75.88 7.98 -0.80
C ALA P 236 74.86 6.89 -1.05
N ILE P 237 73.98 7.13 -2.02
CA ILE P 237 72.90 6.20 -2.38
C ILE P 237 73.37 4.75 -2.51
N ASN P 238 74.63 4.56 -2.91
CA ASN P 238 75.19 3.21 -3.05
C ASN P 238 75.27 2.59 -1.67
N ALA P 239 76.13 3.17 -0.84
CA ALA P 239 76.31 2.70 0.52
C ALA P 239 74.93 2.49 1.12
N SER P 240 74.07 3.50 0.97
CA SER P 240 72.71 3.45 1.47
C SER P 240 72.07 2.11 1.15
N LEU P 241 72.44 1.56 0.00
CA LEU P 241 71.90 0.29 -0.47
C LEU P 241 72.81 -0.88 -0.13
N GLN P 242 73.23 -0.96 1.13
CA GLN P 242 74.10 -2.05 1.55
C GLN P 242 73.84 -2.42 3.00
P BMP Q . -23.09 -23.87 -42.33
OP1 BMP Q . -22.42 -25.25 -42.53
OP2 BMP Q . -24.48 -23.75 -42.91
OP3 BMP Q . -22.19 -22.78 -42.90
O5' BMP Q . -23.16 -23.73 -40.73
C5' BMP Q . -23.76 -22.53 -40.20
C4' BMP Q . -23.79 -22.34 -38.73
O4' BMP Q . -24.81 -23.27 -38.01
C3' BMP Q . -22.53 -22.31 -37.88
O3' BMP Q . -22.52 -21.08 -37.06
C2' BMP Q . -22.68 -23.53 -36.92
O2' BMP Q . -22.01 -23.49 -35.74
C1' BMP Q . -24.19 -23.61 -36.75
N1 BMP Q . -24.72 -24.96 -36.21
C2 BMP Q . -24.49 -26.12 -36.96
O2 BMP Q . -23.83 -26.09 -38.12
N3 BMP Q . -24.98 -27.32 -36.44
C4 BMP Q . -25.66 -27.36 -35.24
O4 BMP Q . -26.08 -28.45 -34.82
C5 BMP Q . -25.86 -26.15 -34.52
C6 BMP Q . -25.35 -25.00 -35.09
O1 BMP Q . -25.56 -23.84 -34.40
P BMP R . -17.62 -20.99 -8.42
OP1 BMP R . -18.72 -21.96 -7.94
OP2 BMP R . -16.25 -21.24 -7.84
OP3 BMP R . -18.06 -19.55 -8.14
O5' BMP R . -17.57 -21.24 -10.01
C5' BMP R . -16.60 -20.47 -10.77
C4' BMP R . -16.58 -20.63 -12.24
O4' BMP R . -15.98 -21.99 -12.69
C3' BMP R . -17.78 -20.36 -13.12
O3' BMP R . -17.39 -19.41 -14.20
C2' BMP R . -18.10 -21.72 -13.78
O2' BMP R . -18.79 -21.72 -14.97
C1' BMP R . -16.73 -22.36 -13.88
N1 BMP R . -16.74 -23.89 -14.08
C2 BMP R . -17.32 -24.71 -13.11
O2 BMP R . -17.88 -24.21 -12.00
N3 BMP R . -17.30 -26.09 -13.33
C4 BMP R . -16.74 -26.63 -14.46
O4 BMP R . -16.75 -27.85 -14.62
C5 BMP R . -16.14 -25.75 -15.41
C6 BMP R . -16.20 -24.40 -15.14
O1 BMP R . -15.64 -23.56 -16.07
P BMP S . -10.27 -12.64 16.87
OP1 BMP S . -9.59 -14.01 16.62
OP2 BMP S . -11.66 -12.50 16.29
OP3 BMP S . -9.38 -11.52 16.33
O5' BMP S . -10.35 -12.54 18.48
C5' BMP S . -10.96 -11.36 19.03
C4' BMP S . -10.99 -11.23 20.51
O4' BMP S . -12.01 -12.18 21.19
C3' BMP S . -9.74 -11.21 21.36
O3' BMP S . -9.75 -10.01 22.22
C2' BMP S . -9.89 -12.46 22.28
O2' BMP S . -9.21 -12.45 23.47
C1' BMP S . -11.39 -12.56 22.45
N1 BMP S . -11.90 -13.93 22.94
C2 BMP S . -11.67 -15.07 22.16
O2 BMP S . -11.01 -15.00 21.00
N3 BMP S . -12.15 -16.29 22.64
C4 BMP S . -12.82 -16.37 23.83
O4 BMP S . -13.24 -17.47 24.22
C5 BMP S . -13.05 -15.17 24.59
C6 BMP S . -12.55 -14.01 24.07
O1 BMP S . -12.75 -12.88 24.79
P BMP T . -4.89 -10.68 50.84
OP1 BMP T . -5.98 -11.68 51.29
OP2 BMP T . -3.52 -10.93 51.43
OP3 BMP T . -5.34 -9.26 51.17
O5' BMP T . -4.83 -10.87 49.25
C5' BMP T . -3.88 -10.08 48.52
C4' BMP T . -3.85 -10.20 47.04
O4' BMP T . -3.23 -11.53 46.55
C3' BMP T . -5.06 -9.90 46.16
O3' BMP T . -4.67 -8.91 45.13
C2' BMP T . -5.36 -11.25 45.47
O2' BMP T . -6.04 -11.20 44.28
C1' BMP T . -3.99 -11.87 45.35
N1 BMP T . -3.97 -13.40 45.10
C2 BMP T . -4.55 -14.25 46.05
O2 BMP T . -5.12 -13.78 47.17
N3 BMP T . -4.53 -15.61 45.78
C4 BMP T . -3.95 -16.11 44.64
O4 BMP T . -3.94 -17.33 44.44
C5 BMP T . -3.37 -15.20 43.71
C6 BMP T . -3.43 -13.86 44.03
O1 BMP T . -2.87 -12.99 43.12
P BMP U . 0.47 4.05 -65.45
OP1 BMP U . 1.21 5.33 -65.91
OP2 BMP U . 0.91 2.78 -66.14
OP3 BMP U . -1.03 4.25 -65.62
O5' BMP U . 0.83 3.96 -63.89
C5' BMP U . 0.29 2.84 -63.15
C4' BMP U . 0.56 2.76 -61.69
O4' BMP U . 2.02 2.38 -61.36
C3' BMP U . 0.13 3.85 -60.72
O3' BMP U . -0.65 3.24 -59.63
C2' BMP U . 1.47 4.37 -60.12
O2' BMP U . 1.43 4.96 -58.89
C1' BMP U . 2.34 3.13 -60.16
N1 BMP U . 3.86 3.39 -60.03
C2 BMP U . 4.50 4.16 -61.02
O2 BMP U . 3.83 4.67 -62.04
N3 BMP U . 5.87 4.37 -60.87
C4 BMP U . 6.56 3.84 -59.81
O4 BMP U . 7.78 4.05 -59.72
C5 BMP U . 5.87 3.06 -58.85
C6 BMP U . 4.52 2.89 -59.04
O1 BMP U . 3.86 2.14 -58.11
P BMP V . 4.64 8.11 -31.45
OP1 BMP V . 6.13 7.69 -31.36
OP2 BMP V . 4.32 9.43 -30.79
OP3 BMP V . 3.77 7.01 -30.88
O5' BMP V . 4.39 8.24 -33.03
C5' BMP V . 3.07 8.66 -33.46
C4' BMP V . 2.78 8.72 -34.91
O4' BMP V . 3.47 9.92 -35.61
C3' BMP V . 2.92 7.52 -35.83
O3' BMP V . 1.65 7.34 -36.58
C2' BMP V . 4.02 7.93 -36.84
O2' BMP V . 4.03 7.31 -38.06
C1' BMP V . 3.83 9.43 -36.93
N1 BMP V . 5.03 10.21 -37.51
C2 BMP V . 6.27 10.16 -36.84
O2 BMP V . 6.43 9.45 -35.72
N3 BMP V . 7.32 10.88 -37.39
C4 BMP V . 7.17 11.61 -38.55
O4 BMP V . 8.14 12.23 -39.00
C5 BMP V . 5.89 11.63 -39.18
C6 BMP V . 4.89 10.91 -38.59
O1 BMP V . 3.67 10.94 -39.20
P BMP W . 13.65 15.48 -5.27
OP1 BMP W . 14.40 16.76 -5.69
OP2 BMP W . 14.08 14.22 -5.98
OP3 BMP W . 12.15 15.70 -5.46
O5' BMP W . 13.98 15.35 -3.71
C5' BMP W . 13.42 14.22 -3.00
C4' BMP W . 13.66 14.10 -1.54
O4' BMP W . 15.12 13.70 -1.19
C3' BMP W . 13.23 15.18 -0.55
O3' BMP W . 12.42 14.55 0.52
C2' BMP W . 14.57 15.67 0.08
O2' BMP W . 14.50 16.24 1.32
C1' BMP W . 15.42 14.42 0.04
N1 BMP W . 16.94 14.65 0.18
C2 BMP W . 17.59 15.44 -0.77
O2 BMP W . 16.96 15.98 -1.80
N3 BMP W . 18.97 15.63 -0.61
C4 BMP W . 19.65 15.07 0.45
O4 BMP W . 20.87 15.27 0.57
C5 BMP W . 18.93 14.28 1.39
C6 BMP W . 17.58 14.12 1.17
O1 BMP W . 16.89 13.36 2.07
P BMP X . 17.33 18.81 28.82
OP1 BMP X . 18.81 18.36 28.92
OP2 BMP X . 17.01 20.10 29.51
OP3 BMP X . 16.43 17.69 29.35
O5' BMP X . 17.09 18.97 27.24
C5' BMP X . 15.79 19.40 26.79
C4' BMP X . 15.53 19.50 25.34
O4' BMP X . 16.24 20.72 24.68
C3' BMP X . 15.66 18.32 24.39
O3' BMP X . 14.41 18.17 23.62
C2' BMP X . 16.79 18.75 23.41
O2' BMP X . 16.80 18.16 22.18
C1' BMP X . 16.63 20.25 23.35
N1 BMP X . 17.84 21.03 22.81
C2 BMP X . 19.05 20.94 23.50
O2 BMP X . 19.20 20.21 24.61
N3 BMP X . 20.13 21.67 22.98
C4 BMP X . 20.00 22.42 21.84
O4 BMP X . 20.99 23.05 21.41
C5 BMP X . 18.74 22.48 21.18
C6 BMP X . 17.72 21.75 21.74
O1 BMP X . 16.51 21.81 21.12
P BMP Y . -50.57 0.54 59.12
OP1 BMP Y . -49.45 1.60 58.99
OP2 BMP Y . -51.63 0.86 60.13
OP3 BMP Y . -49.94 -0.81 59.42
O5' BMP Y . -51.22 0.52 57.64
C5' BMP Y . -52.33 -0.38 57.43
C4' BMP Y . -52.91 -0.47 56.07
O4' BMP Y . -53.75 0.79 55.68
C3' BMP Y . -52.10 -0.87 54.85
O3' BMP Y . -52.78 -1.98 54.16
C2' BMP Y . -52.15 0.38 53.92
O2' BMP Y . -51.97 0.18 52.58
C1' BMP Y . -53.51 0.97 54.26
N1 BMP Y . -53.72 2.44 53.85
C2 BMP Y . -52.87 3.42 54.39
O2 BMP Y . -51.91 3.11 55.27
N3 BMP Y . -53.08 4.74 54.00
C4 BMP Y . -54.07 5.07 53.10
O4 BMP Y . -54.22 6.26 52.76
C5 BMP Y . -54.89 4.04 52.57
C6 BMP Y . -54.64 2.76 53.00
O1 BMP Y . -55.44 1.77 52.49
P BMP Z . -58.26 -2.13 25.60
OP1 BMP Z . -59.07 -0.83 25.45
OP2 BMP Z . -57.16 -2.33 24.57
OP3 BMP Z . -59.22 -3.31 25.58
O5' BMP Z . -57.60 -2.00 27.06
C5' BMP Z . -56.75 -3.08 27.50
C4' BMP Z . -56.17 -3.02 28.87
O4' BMP Z . -55.03 -1.98 29.00
C3' BMP Z . -57.02 -2.93 30.11
O3' BMP Z . -56.63 -4.01 31.05
C2' BMP Z . -56.62 -1.57 30.76
O2' BMP Z . -56.82 -1.42 32.10
C1' BMP Z . -55.18 -1.44 30.34
N1 BMP Z . -54.60 -0.01 30.43
C2 BMP Z . -55.17 1.01 29.65
O2 BMP Z . -56.20 0.78 28.84
N3 BMP Z . -54.62 2.29 29.77
C4 BMP Z . -53.56 2.54 30.61
O4 BMP Z . -53.10 3.70 30.68
C5 BMP Z . -53.01 1.47 31.36
C6 BMP Z . -53.60 0.23 31.21
O1 BMP Z . -53.07 -0.80 31.95
P BMP AA . 43.70 -18.56 42.07
OP1 BMP AA . 44.88 -17.56 41.98
OP2 BMP AA . 42.65 -18.21 43.09
OP3 BMP AA . 44.26 -19.96 42.33
O5' BMP AA . 43.05 -18.49 40.60
C5' BMP AA . 41.89 -19.32 40.35
C4' BMP AA . 41.32 -19.33 38.98
O4' BMP AA . 40.56 -18.03 38.63
C3' BMP AA . 42.10 -19.74 37.75
O3' BMP AA . 41.37 -20.79 37.03
C2' BMP AA . 42.13 -18.46 36.87
O2' BMP AA . 42.31 -18.62 35.53
C1' BMP AA . 40.81 -17.81 37.22
N1 BMP AA . 40.70 -16.31 36.85
C2 BMP AA . 41.59 -15.40 37.43
O2 BMP AA . 42.53 -15.79 38.30
N3 BMP AA . 41.45 -14.06 37.08
C4 BMP AA . 40.50 -13.65 36.19
O4 BMP AA . 40.42 -12.44 35.90
C5 BMP AA . 39.62 -14.62 35.63
C6 BMP AA . 39.79 -15.92 36.02
O1 BMP AA . 38.94 -16.84 35.48
P BMP BA . 36.10 -19.72 8.47
OP1 BMP BA . 35.38 -18.37 8.37
OP2 BMP BA . 37.19 -19.95 7.44
OP3 BMP BA . 35.08 -20.85 8.41
O5' BMP BA . 36.77 -19.68 9.94
C5' BMP BA . 37.55 -20.82 10.35
C4' BMP BA . 38.12 -20.83 11.71
O4' BMP BA . 39.32 -19.85 11.88
C3' BMP BA . 37.28 -20.73 12.96
O3' BMP BA . 37.60 -21.86 13.86
C2' BMP BA . 37.74 -19.42 13.65
O2' BMP BA . 37.55 -19.30 14.99
C1' BMP BA . 39.20 -19.35 13.24
N1 BMP BA . 39.86 -17.96 13.37
C2 BMP BA . 39.35 -16.89 12.63
O2 BMP BA . 38.31 -17.03 11.82
N3 BMP BA . 39.96 -15.65 12.80
C4 BMP BA . 41.04 -15.48 13.64
O4 BMP BA . 41.56 -14.36 13.75
C5 BMP BA . 41.52 -16.61 14.36
C6 BMP BA . 40.87 -17.81 14.17
O1 BMP BA . 41.34 -18.88 14.88
P BMP CA . -40.83 19.88 -26.55
OP1 BMP CA . -41.60 18.60 -26.16
OP2 BMP CA . -41.62 20.87 -27.37
OP3 BMP CA . -39.55 19.50 -27.29
O5' BMP CA . -40.46 20.54 -25.14
C5' BMP CA . -39.74 21.79 -25.15
C4' BMP CA . -39.33 22.39 -23.86
O4' BMP CA . -40.52 22.99 -23.07
C3' BMP CA . -38.44 21.67 -22.86
O3' BMP CA . -37.30 22.54 -22.53
C2' BMP CA . -39.32 21.51 -21.60
O2' BMP CA . -38.69 21.38 -20.39
C1' BMP CA . -40.21 22.74 -21.67
N1 BMP CA . -41.49 22.68 -20.81
C2 BMP CA . -42.43 21.69 -21.08
O2 BMP CA . -42.27 20.79 -22.04
N3 BMP CA . -43.57 21.66 -20.28
C4 BMP CA . -43.77 22.59 -19.27
O4 BMP CA . -44.80 22.53 -18.59
C5 BMP CA . -42.78 23.59 -19.05
C6 BMP CA . -41.68 23.56 -19.88
O1 BMP CA . -40.73 24.51 -19.66
P BMP DA . -29.29 28.20 4.81
OP1 BMP DA . -30.60 28.77 5.39
OP2 BMP DA . -28.61 27.17 5.68
OP3 BMP DA . -28.34 29.35 4.51
O5' BMP DA . -29.75 27.52 3.43
C5' BMP DA . -28.74 26.87 2.64
C4' BMP DA . -29.13 26.28 1.33
O4' BMP DA . -29.96 24.97 1.48
C3' BMP DA . -29.75 27.09 0.22
O3' BMP DA . -28.96 26.88 -1.02
C2' BMP DA . -31.16 26.47 0.01
O2' BMP DA . -31.75 26.61 -1.21
C1' BMP DA . -30.91 25.01 0.39
N1 BMP DA . -32.18 24.19 0.71
C2 BMP DA . -32.98 24.59 1.79
O2 BMP DA . -32.69 25.65 2.53
N3 BMP DA . -34.12 23.83 2.04
C4 BMP DA . -34.44 22.73 1.28
O4 BMP DA . -35.46 22.08 1.54
C5 BMP DA . -33.59 22.37 0.20
C6 BMP DA . -32.48 23.16 -0.01
O1 BMP DA . -31.66 22.81 -1.04
P BMP EA . 55.00 2.35 -44.72
OP1 BMP EA . 54.21 1.06 -44.39
OP2 BMP EA . 54.27 3.32 -45.62
OP3 BMP EA . 56.34 1.98 -45.34
O5' BMP EA . 55.23 3.03 -43.28
C5' BMP EA . 55.92 4.30 -43.26
C4' BMP EA . 56.21 4.91 -41.94
O4' BMP EA . 54.95 5.50 -41.26
C3' BMP EA . 57.02 4.21 -40.86
O3' BMP EA . 58.11 5.11 -40.43
C2' BMP EA . 56.03 4.06 -39.67
O2' BMP EA . 56.56 3.94 -38.41
C1' BMP EA . 55.13 5.27 -39.84
N1 BMP EA . 53.78 5.20 -39.09
C2 BMP EA . 52.88 4.19 -39.43
O2 BMP EA . 53.16 3.27 -40.36
N3 BMP EA . 51.68 4.16 -38.73
C4 BMP EA . 51.38 5.09 -37.76
O4 BMP EA . 50.29 5.01 -37.17
C5 BMP EA . 52.33 6.10 -37.47
C6 BMP EA . 53.50 6.08 -38.18
O1 BMP EA . 54.42 7.06 -37.90
P BMP FA . 63.97 11.11 -12.58
OP1 BMP FA . 62.60 11.66 -12.12
OP2 BMP FA . 64.59 10.11 -11.65
OP3 BMP FA . 64.93 12.28 -12.81
O5' BMP FA . 63.63 10.40 -13.98
C5' BMP FA . 64.74 9.76 -14.67
C4' BMP FA . 64.47 9.15 -16.01
O4' BMP FA . 63.65 7.84 -15.92
C3' BMP FA . 63.94 9.94 -17.18
O3' BMP FA . 64.83 9.73 -18.35
C2' BMP FA . 62.57 9.29 -17.50
O2' BMP FA . 62.08 9.42 -18.78
C1' BMP FA . 62.80 7.84 -17.09
N1 BMP FA . 61.52 7.01 -16.87
C2 BMP FA . 60.62 7.41 -15.88
O2 BMP FA . 60.82 8.47 -15.11
N3 BMP FA . 59.47 6.63 -15.71
C4 BMP FA . 59.23 5.51 -16.49
O4 BMP FA . 58.21 4.85 -16.30
C5 BMP FA . 60.19 5.16 -17.48
C6 BMP FA . 61.30 5.96 -17.60
O1 BMP FA . 62.21 5.61 -18.56
#